data_2LVZ
#
_entry.id   2LVZ
#
loop_
_entity.id
_entity.type
_entity.pdbx_description
1 polymer 'Eosinophil cationic protein'
2 branched '2-deoxy-6-O-sulfo-2-(sulfoamino)-alpha-D-glucopyranose-(1-4)-2-O-sulfo-alpha-L-idopyranuronic acid-(1-4)-propan-2-yl 2-deoxy-6-O-sulfo-2-(sulfoamino)-alpha-D-glucopyranoside'
#
_entity_poly.entity_id   1
_entity_poly.type   'polypeptide(L)'
_entity_poly.pdbx_seq_one_letter_code
;RPPQFTRAQWFAIQHISLNPPRCTIAMRAINNYRWRCKNQNTFLRTTFANVVNVCGNQSIRCPHNRTLNNCHRSRFRVPL
LHCDLINPGAQNISNCRYADRPGRRFYVVACDNRDPRDSPRYPVVPVHLDTTI
;
_entity_poly.pdbx_strand_id   A
#
loop_
_chem_comp.id
_chem_comp.type
_chem_comp.name
_chem_comp.formula
IDS L-saccharide, alpha linking '2-O-sulfo-alpha-L-idopyranuronic acid' 'C6 H10 O10 S'
LVZ D-saccharide 'propan-2-yl 2-deoxy-6-O-sulfo-2-(sulfoamino)-alpha-D-glucopyranoside' 'C9 H19 N O11 S2'
SGN D-saccharide, alpha linking 2-deoxy-6-O-sulfo-2-(sulfoamino)-alpha-D-glucopyranose 'C6 H13 N O11 S2'
#
# COMPACT_ATOMS: atom_id res chain seq x y z
N ARG A 1 7.24 -0.39 -16.18
CA ARG A 1 7.16 0.71 -15.21
C ARG A 1 5.82 1.37 -15.53
N PRO A 2 5.08 1.68 -14.45
CA PRO A 2 4.07 2.73 -14.43
C PRO A 2 4.55 4.15 -14.91
N PRO A 3 3.73 5.13 -15.26
CA PRO A 3 4.05 6.42 -15.94
C PRO A 3 5.19 7.21 -15.21
N GLN A 4 5.27 7.13 -13.85
CA GLN A 4 6.23 7.97 -13.11
C GLN A 4 7.18 7.18 -12.08
N PHE A 5 7.11 5.82 -11.97
CA PHE A 5 7.83 4.98 -11.02
C PHE A 5 7.87 3.52 -11.47
N THR A 6 8.65 2.76 -10.77
CA THR A 6 8.46 1.33 -10.86
C THR A 6 7.14 0.89 -10.21
N ARG A 7 6.67 -0.38 -10.44
CA ARG A 7 5.51 -0.97 -9.76
C ARG A 7 5.83 -1.01 -8.25
N ALA A 8 6.98 -1.68 -7.89
CA ALA A 8 7.38 -1.73 -6.50
C ALA A 8 7.54 -0.32 -5.77
N GLN A 9 8.07 0.70 -6.41
CA GLN A 9 8.08 2.04 -5.74
C GLN A 9 6.64 2.61 -5.60
N TRP A 10 5.87 2.48 -6.65
CA TRP A 10 4.50 3.01 -6.71
C TRP A 10 3.66 2.35 -5.60
N PHE A 11 3.84 1.06 -5.39
CA PHE A 11 3.28 0.31 -4.29
C PHE A 11 3.66 0.82 -2.88
N ALA A 12 4.91 1.22 -2.70
CA ALA A 12 5.47 1.82 -1.50
C ALA A 12 4.88 3.25 -1.27
N ILE A 13 4.91 4.08 -2.29
CA ILE A 13 4.41 5.46 -2.29
C ILE A 13 2.91 5.50 -1.87
N GLN A 14 2.05 4.56 -2.09
CA GLN A 14 0.68 4.48 -1.80
C GLN A 14 0.55 3.95 -0.38
N HIS A 15 1.39 2.90 0.02
CA HIS A 15 1.00 2.04 1.20
C HIS A 15 2.08 1.77 2.24
N ILE A 16 3.31 2.14 2.06
CA ILE A 16 4.39 1.77 2.97
C ILE A 16 5.00 3.12 3.53
N SER A 17 4.83 3.42 4.83
CA SER A 17 4.81 4.89 5.31
C SER A 17 5.15 4.82 6.75
N LEU A 18 6.50 4.90 7.01
CA LEU A 18 7.09 4.73 8.36
C LEU A 18 6.76 5.92 9.27
N ASN A 19 6.66 7.10 8.77
CA ASN A 19 6.50 8.36 9.54
C ASN A 19 5.64 9.33 8.68
N PRO A 20 4.36 9.02 8.51
CA PRO A 20 3.46 9.80 7.58
C PRO A 20 3.14 11.24 8.06
N PRO A 21 2.58 12.05 7.17
CA PRO A 21 1.77 13.19 7.54
C PRO A 21 0.31 12.85 7.92
N ARG A 22 -0.56 13.74 8.41
CA ARG A 22 -1.97 13.58 8.68
C ARG A 22 -2.77 13.38 7.32
N CYS A 23 -3.86 12.56 7.41
CA CYS A 23 -4.72 12.05 6.32
C CYS A 23 -5.14 13.05 5.24
N THR A 24 -5.53 14.26 5.57
CA THR A 24 -5.82 15.42 4.63
C THR A 24 -4.76 15.74 3.65
N ILE A 25 -3.46 15.45 4.02
CA ILE A 25 -2.27 15.41 3.18
C ILE A 25 -2.00 14.03 2.60
N ALA A 26 -2.02 13.02 3.48
CA ALA A 26 -1.53 11.68 3.05
C ALA A 26 -2.32 11.11 1.83
N MET A 27 -3.61 11.36 1.77
CA MET A 27 -4.56 11.00 0.71
C MET A 27 -4.20 11.56 -0.71
N ARG A 28 -3.58 12.76 -0.78
CA ARG A 28 -3.15 13.46 -1.98
C ARG A 28 -2.29 12.63 -2.98
N ALA A 29 -1.57 11.65 -2.43
CA ALA A 29 -0.78 10.75 -3.20
C ALA A 29 -1.50 9.83 -4.16
N ILE A 30 -2.89 9.91 -4.12
CA ILE A 30 -3.78 9.34 -5.14
C ILE A 30 -4.98 10.23 -5.37
N ASN A 31 -5.59 10.85 -4.33
CA ASN A 31 -6.87 11.56 -4.50
C ASN A 31 -6.72 12.85 -5.36
N ASN A 32 -5.51 13.44 -5.30
CA ASN A 32 -4.98 14.56 -6.20
C ASN A 32 -4.14 14.04 -7.33
N TYR A 33 -4.33 12.77 -7.70
CA TYR A 33 -3.64 12.24 -8.90
C TYR A 33 -4.58 11.41 -9.87
N ARG A 34 -5.68 10.94 -9.32
CA ARG A 34 -6.76 10.16 -9.97
C ARG A 34 -8.01 10.91 -10.16
N TRP A 35 -8.80 10.46 -11.15
CA TRP A 35 -9.90 11.29 -11.63
C TRP A 35 -11.03 11.71 -10.64
N ARG A 36 -11.13 11.01 -9.53
CA ARG A 36 -11.95 11.16 -8.31
C ARG A 36 -11.18 10.85 -7.00
N CYS A 37 -11.69 11.40 -5.88
CA CYS A 37 -11.43 10.95 -4.57
C CYS A 37 -11.81 9.46 -4.22
N LYS A 38 -10.81 8.62 -3.80
CA LYS A 38 -11.13 7.37 -3.12
C LYS A 38 -11.53 7.52 -1.63
N ASN A 39 -12.57 6.85 -1.29
CA ASN A 39 -13.22 6.87 -0.03
C ASN A 39 -12.26 6.48 1.16
N GLN A 40 -11.39 5.44 1.06
CA GLN A 40 -10.74 4.81 2.25
C GLN A 40 -9.26 4.60 1.83
N ASN A 41 -8.25 4.78 2.68
CA ASN A 41 -6.91 4.18 2.36
C ASN A 41 -6.05 3.75 3.55
N THR A 42 -5.03 2.93 3.34
CA THR A 42 -4.29 2.21 4.42
C THR A 42 -2.77 2.30 4.16
N PHE A 43 -2.05 2.59 5.23
CA PHE A 43 -0.70 3.13 5.18
C PHE A 43 0.06 2.51 6.31
N LEU A 44 0.78 1.38 6.05
CA LEU A 44 1.57 0.62 7.06
C LEU A 44 2.94 1.32 7.61
N ARG A 45 3.00 1.62 8.91
CA ARG A 45 4.15 2.24 9.60
C ARG A 45 5.31 1.17 9.67
N THR A 46 5.77 0.77 8.51
CA THR A 46 6.99 -0.13 8.29
C THR A 46 7.89 0.31 7.10
N THR A 47 9.09 -0.28 7.06
CA THR A 47 10.22 -0.23 6.06
C THR A 47 10.14 -1.14 4.92
N PHE A 48 10.48 -0.69 3.66
CA PHE A 48 10.33 -1.61 2.53
C PHE A 48 11.07 -2.95 2.58
N ALA A 49 12.24 -2.86 3.21
CA ALA A 49 13.11 -3.95 3.58
C ALA A 49 12.43 -5.15 4.27
N ASN A 50 11.52 -4.96 5.24
CA ASN A 50 10.66 -5.98 5.87
C ASN A 50 9.72 -6.60 4.85
N VAL A 51 9.15 -5.73 4.05
CA VAL A 51 8.20 -6.14 2.97
C VAL A 51 8.95 -6.97 1.89
N VAL A 52 10.18 -6.67 1.53
CA VAL A 52 10.96 -7.60 0.69
C VAL A 52 11.28 -8.96 1.26
N ASN A 53 11.44 -8.97 2.59
CA ASN A 53 11.50 -10.22 3.36
C ASN A 53 10.11 -10.92 3.34
N VAL A 54 8.95 -10.27 3.32
CA VAL A 54 7.67 -10.83 3.37
C VAL A 54 7.30 -11.47 2.00
N CYS A 55 7.95 -11.06 0.90
CA CYS A 55 7.99 -11.74 -0.32
C CYS A 55 9.12 -12.77 -0.39
N GLY A 56 9.52 -13.25 0.79
CA GLY A 56 10.32 -14.48 0.87
C GLY A 56 9.84 -15.32 2.08
N ASN A 57 8.67 -15.05 2.69
CA ASN A 57 8.01 -15.89 3.73
C ASN A 57 7.31 -17.04 2.94
N GLN A 58 6.77 -18.06 3.65
CA GLN A 58 5.98 -19.09 2.95
C GLN A 58 4.83 -18.49 2.12
N SER A 59 4.66 -19.07 0.89
CA SER A 59 3.53 -18.72 -0.07
C SER A 59 2.13 -19.16 0.38
N ILE A 60 1.19 -18.16 0.46
CA ILE A 60 -0.28 -18.43 0.67
C ILE A 60 -1.02 -17.89 -0.56
N ARG A 61 -2.38 -17.83 -0.43
CA ARG A 61 -3.23 -17.27 -1.50
C ARG A 61 -4.39 -16.40 -1.05
N CYS A 62 -4.93 -15.50 -1.96
CA CYS A 62 -5.78 -14.41 -1.46
C CYS A 62 -7.12 -14.38 -2.23
N PRO A 63 -8.15 -13.62 -1.83
CA PRO A 63 -9.50 -13.55 -2.44
C PRO A 63 -9.48 -13.29 -3.92
N HIS A 64 -8.56 -12.43 -4.49
CA HIS A 64 -8.64 -11.91 -5.86
C HIS A 64 -7.23 -12.05 -6.39
N ASN A 65 -6.84 -13.30 -6.63
CA ASN A 65 -5.47 -13.75 -6.69
C ASN A 65 -5.18 -14.83 -7.79
N ARG A 66 -6.18 -15.18 -8.61
CA ARG A 66 -5.98 -16.30 -9.51
C ARG A 66 -4.87 -16.11 -10.61
N THR A 67 -4.52 -14.86 -10.98
CA THR A 67 -3.48 -14.60 -12.00
C THR A 67 -2.07 -14.69 -11.41
N LEU A 68 -1.90 -15.13 -10.12
CA LEU A 68 -0.54 -15.53 -9.70
C LEU A 68 -0.55 -16.80 -8.70
N ASN A 69 -1.70 -17.03 -8.07
CA ASN A 69 -1.86 -17.80 -6.84
C ASN A 69 -0.81 -17.68 -5.68
N ASN A 70 -0.30 -16.45 -5.36
CA ASN A 70 0.77 -16.17 -4.50
C ASN A 70 0.57 -14.79 -3.94
N CYS A 71 0.49 -14.70 -2.59
CA CYS A 71 0.51 -13.58 -1.64
C CYS A 71 1.21 -14.02 -0.31
N HIS A 72 1.43 -13.16 0.65
CA HIS A 72 1.99 -13.47 1.94
C HIS A 72 1.57 -12.55 3.08
N ARG A 73 1.65 -13.04 4.30
CA ARG A 73 1.32 -12.24 5.46
C ARG A 73 2.63 -12.07 6.25
N SER A 74 2.62 -10.97 7.01
CA SER A 74 3.68 -10.58 7.80
C SER A 74 3.83 -11.53 9.05
N ARG A 75 5.09 -11.86 9.45
CA ARG A 75 5.37 -12.86 10.52
C ARG A 75 5.21 -12.25 11.92
N PHE A 76 5.29 -10.92 12.12
CA PHE A 76 5.01 -10.27 13.36
C PHE A 76 4.28 -8.95 12.96
N ARG A 77 3.70 -8.28 13.90
CA ARG A 77 2.82 -7.12 13.75
C ARG A 77 3.61 -5.87 13.42
N VAL A 78 2.94 -4.89 12.76
CA VAL A 78 3.48 -3.52 12.64
C VAL A 78 2.42 -2.46 12.90
N PRO A 79 2.77 -1.26 13.36
CA PRO A 79 1.85 -0.10 13.47
C PRO A 79 1.36 0.31 12.07
N LEU A 80 0.37 1.15 11.92
CA LEU A 80 -0.21 1.77 10.73
C LEU A 80 -1.11 3.04 10.94
N LEU A 81 -1.62 3.50 9.80
CA LEU A 81 -2.69 4.46 9.71
C LEU A 81 -3.68 4.12 8.65
N HIS A 82 -4.94 4.50 8.89
CA HIS A 82 -6.05 4.38 7.96
C HIS A 82 -6.66 5.79 7.86
N CYS A 83 -7.26 6.15 6.71
CA CYS A 83 -7.91 7.43 6.43
C CYS A 83 -9.31 7.17 5.81
N ASP A 84 -10.24 8.11 5.98
CA ASP A 84 -11.65 8.00 5.86
C ASP A 84 -12.33 9.32 5.27
N LEU A 85 -12.83 9.29 4.04
CA LEU A 85 -13.52 10.34 3.36
C LEU A 85 -14.89 10.67 4.07
N ILE A 86 -14.95 11.83 4.85
CA ILE A 86 -16.03 12.02 5.84
C ILE A 86 -17.43 12.36 5.23
N ASN A 87 -17.50 12.72 3.91
CA ASN A 87 -18.69 12.95 3.08
C ASN A 87 -18.39 12.37 1.70
N PRO A 88 -18.87 11.14 1.49
CA PRO A 88 -18.88 10.34 0.21
C PRO A 88 -19.41 11.09 -1.04
N GLY A 89 -20.02 12.31 -0.97
CA GLY A 89 -20.57 13.05 -2.11
C GLY A 89 -19.49 13.97 -2.81
N ALA A 90 -18.36 14.24 -2.15
CA ALA A 90 -17.24 14.86 -2.80
C ALA A 90 -16.66 13.83 -3.80
N GLN A 91 -16.39 14.40 -4.98
CA GLN A 91 -15.70 13.73 -6.02
C GLN A 91 -14.38 14.42 -6.44
N ASN A 92 -14.10 15.60 -5.91
CA ASN A 92 -12.92 16.40 -6.22
C ASN A 92 -12.34 17.13 -5.03
N ILE A 93 -11.09 17.54 -5.09
CA ILE A 93 -10.22 18.11 -4.06
C ILE A 93 -10.54 19.49 -3.50
N SER A 94 -11.52 20.17 -4.11
CA SER A 94 -12.13 21.42 -3.68
C SER A 94 -13.16 21.20 -2.54
N ASN A 95 -13.58 19.94 -2.28
CA ASN A 95 -14.58 19.56 -1.35
C ASN A 95 -14.37 18.26 -0.57
N CYS A 96 -13.52 17.35 -1.06
CA CYS A 96 -13.19 16.11 -0.31
C CYS A 96 -12.41 16.47 0.92
N ARG A 97 -12.81 15.77 2.01
CA ARG A 97 -12.56 16.05 3.43
C ARG A 97 -12.41 14.70 4.16
N TYR A 98 -11.43 14.59 5.09
CA TYR A 98 -11.04 13.32 5.64
C TYR A 98 -10.88 13.44 7.16
N ALA A 99 -10.46 12.39 7.85
CA ALA A 99 -9.99 12.29 9.22
C ALA A 99 -9.05 11.04 9.47
N ASP A 100 -8.27 10.95 10.61
CA ASP A 100 -7.21 9.96 10.86
C ASP A 100 -7.72 8.73 11.59
N ARG A 101 -7.14 7.58 11.34
CA ARG A 101 -7.43 6.30 12.16
C ARG A 101 -6.20 5.30 12.43
N PRO A 102 -5.36 5.48 13.43
CA PRO A 102 -4.20 4.71 13.68
C PRO A 102 -4.53 3.40 14.38
N GLY A 103 -3.66 2.43 14.27
CA GLY A 103 -3.86 1.00 14.53
C GLY A 103 -2.56 0.12 14.46
N ARG A 104 -2.53 -1.14 15.05
CA ARG A 104 -1.42 -2.16 14.92
C ARG A 104 -1.84 -3.58 14.72
N ARG A 105 -1.52 -4.04 13.54
CA ARG A 105 -2.09 -5.27 12.91
C ARG A 105 -1.10 -5.95 12.00
N PHE A 106 -1.34 -7.18 11.63
CA PHE A 106 -0.53 -7.79 10.55
C PHE A 106 -1.03 -7.25 9.16
N TYR A 107 -0.38 -7.59 8.05
CA TYR A 107 -0.82 -7.11 6.79
C TYR A 107 -0.57 -8.23 5.73
N VAL A 108 -1.21 -8.14 4.55
CA VAL A 108 -1.16 -9.11 3.49
C VAL A 108 -0.89 -8.55 2.16
N VAL A 109 0.14 -9.10 1.47
CA VAL A 109 0.65 -8.46 0.28
C VAL A 109 0.95 -9.44 -0.85
N ALA A 110 1.00 -9.02 -2.11
CA ALA A 110 1.40 -9.86 -3.27
C ALA A 110 2.68 -9.23 -3.88
N CYS A 111 3.35 -9.97 -4.71
CA CYS A 111 4.75 -9.72 -4.99
C CYS A 111 5.17 -10.36 -6.34
N ASP A 112 6.17 -9.84 -7.06
CA ASP A 112 6.55 -10.29 -8.34
C ASP A 112 8.04 -9.82 -8.50
N ASN A 113 8.61 -10.11 -9.68
CA ASN A 113 9.96 -9.78 -10.03
C ASN A 113 10.48 -8.31 -9.77
N ARG A 114 11.77 -8.18 -9.71
CA ARG A 114 12.52 -6.85 -9.87
C ARG A 114 12.24 -6.11 -11.26
N ASP A 115 12.70 -4.90 -11.31
CA ASP A 115 12.68 -3.97 -12.50
C ASP A 115 14.06 -3.99 -13.22
N PRO A 116 14.15 -4.06 -14.58
CA PRO A 116 15.41 -4.07 -15.27
C PRO A 116 16.43 -3.02 -14.87
N ARG A 117 15.97 -1.83 -14.39
CA ARG A 117 16.87 -0.64 -14.14
C ARG A 117 16.74 -0.28 -12.62
N ASP A 118 16.24 -1.07 -11.67
CA ASP A 118 16.30 -0.68 -10.29
C ASP A 118 16.63 -1.84 -9.34
N SER A 119 17.55 -1.58 -8.40
CA SER A 119 17.82 -2.47 -7.23
C SER A 119 17.79 -3.97 -7.45
N PRO A 120 18.65 -4.45 -8.38
CA PRO A 120 18.74 -5.85 -8.76
C PRO A 120 18.96 -6.83 -7.61
N ARG A 121 19.61 -6.37 -6.51
CA ARG A 121 19.97 -7.13 -5.33
C ARG A 121 18.92 -8.10 -4.76
N TYR A 122 17.64 -7.89 -5.08
CA TYR A 122 16.48 -8.54 -4.54
C TYR A 122 15.72 -9.13 -5.79
N PRO A 123 15.64 -10.46 -6.01
CA PRO A 123 14.94 -11.05 -7.18
C PRO A 123 13.42 -10.87 -7.15
N VAL A 124 12.76 -10.65 -6.01
CA VAL A 124 11.29 -10.58 -5.95
C VAL A 124 10.96 -9.49 -4.96
N VAL A 125 9.98 -8.66 -5.26
CA VAL A 125 9.61 -7.43 -4.57
C VAL A 125 8.08 -7.36 -4.44
N PRO A 126 7.47 -6.72 -3.35
CA PRO A 126 6.02 -6.48 -3.22
C PRO A 126 5.45 -5.49 -4.27
N VAL A 127 4.13 -5.56 -4.43
CA VAL A 127 3.44 -4.91 -5.60
C VAL A 127 1.94 -4.75 -5.41
N HIS A 128 1.27 -5.30 -4.35
CA HIS A 128 -0.13 -5.00 -4.06
C HIS A 128 -0.47 -5.31 -2.61
N LEU A 129 -1.68 -4.92 -2.21
CA LEU A 129 -2.24 -5.00 -0.85
C LEU A 129 -3.71 -5.62 -0.78
N ASP A 130 -3.96 -6.58 0.10
CA ASP A 130 -5.27 -7.26 0.25
C ASP A 130 -5.98 -6.91 1.53
N THR A 131 -5.37 -7.02 2.74
CA THR A 131 -6.04 -6.64 4.01
C THR A 131 -5.06 -6.52 5.24
N THR A 132 -5.64 -6.14 6.37
CA THR A 132 -4.99 -6.10 7.66
C THR A 132 -5.89 -6.65 8.80
N ILE A 133 -5.24 -7.28 9.83
CA ILE A 133 -5.84 -8.14 10.89
C ILE A 133 -5.23 -7.72 12.30
C1A LVZ B . -3.42 -0.50 -11.74
C2A LVZ B . -4.39 0.11 -12.69
O1 LVZ B . -4.01 -0.68 -10.43
C3A LVZ B . -2.74 -1.90 -12.15
N9 LVZ B . -3.11 -1.61 -7.97
C1 LVZ B . -3.75 0.34 -9.35
S19 LVZ B . -1.55 -1.37 -7.53
O1S LVZ B . -1.58 -0.64 -6.29
C2 LVZ B . -3.85 -0.34 -8.03
S29 LVZ B . -6.06 3.84 -11.72
O2S LVZ B . -0.77 -0.79 -8.56
C3 LVZ B . -5.31 -0.48 -7.60
O3 LVZ B . -5.36 -0.73 -6.22
O3S LVZ B . -1.00 -2.67 -7.17
C4 LVZ B . -6.17 0.76 -7.88
O4 LVZ B . -7.58 0.30 -7.62
O4S LVZ B . -7.14 4.81 -11.96
C5 LVZ B . -5.99 1.18 -9.28
O5 LVZ B . -4.57 1.46 -9.41
O5S LVZ B . -5.07 4.36 -10.84
C6 LVZ B . -6.86 2.39 -9.73
O6 LVZ B . -6.62 2.53 -11.17
O6S LVZ B . -5.54 3.43 -13.02
H1A LVZ B . -2.64 0.25 -11.61
H2A LVZ B . -4.10 -0.01 -13.73
H2AA LVZ B . -5.33 -0.44 -12.61
H2B LVZ B . -4.45 1.16 -12.41
H1 LVZ B . -2.71 0.66 -9.38
H2 LVZ B . -3.41 0.33 -7.28
H3A LVZ B . -1.81 -2.03 -11.60
H3AA LVZ B . -3.46 -2.67 -11.91
H3B LVZ B . -2.62 -1.98 -13.23
H3 LVZ B . -5.87 -1.29 -8.07
H4 LVZ B . -5.85 1.51 -7.16
H5 LVZ B . -6.25 0.35 -9.94
H61 LVZ B . -7.91 2.18 -9.52
H62 LVZ B . -6.55 3.32 -9.26
HN9 LVZ B . -3.07 -1.94 -8.92
HO3 LVZ B . -6.26 -1.04 -6.05
C1 IDS B . -8.54 1.28 -6.93
C2 IDS B . -9.96 0.87 -7.28
C3 IDS B . -10.93 0.62 -6.08
C4 IDS B . -10.27 -0.14 -4.81
C5 IDS B . -8.78 -0.05 -4.73
C6 IDS B . -8.08 -0.21 -3.37
O2 IDS B . -10.54 1.93 -8.15
O3 IDS B . -11.97 -0.16 -6.56
O4 IDS B . -10.81 0.16 -3.54
O5 IDS B . -8.26 1.14 -5.44
O6A IDS B . -8.29 -1.30 -2.80
O6B IDS B . -7.26 0.67 -2.95
S IDS B . -11.56 1.55 -9.29
O1S IDS B . -12.84 1.43 -8.66
O2S IDS B . -11.52 2.64 -10.22
O3S IDS B . -11.12 0.34 -9.92
H1 IDS B . -8.45 2.32 -7.20
H2 IDS B . -9.88 -0.09 -7.79
H3 IDS B . -11.31 1.57 -5.72
H4 IDS B . -10.40 -1.21 -4.91
H5 IDS B . -8.56 -0.93 -5.33
HO3 IDS B . -12.07 -0.85 -5.91
C1 SGN B . -12.24 -0.11 -3.32
C2 SGN B . -12.69 0.74 -2.11
C3 SGN B . -11.98 0.18 -0.87
C4 SGN B . -12.30 -1.29 -0.69
C5 SGN B . -11.74 -2.05 -1.91
C6 SGN B . -12.06 -3.51 -1.96
N2 SGN B . -12.38 2.24 -2.21
O3 SGN B . -12.58 0.94 0.25
O4 SGN B . -11.83 -1.74 0.58
O5 SGN B . -12.45 -1.56 -3.07
O6 SGN B . -11.08 -4.34 -2.60
S1 SGN B . -13.59 3.14 -2.99
O1S SGN B . -13.78 2.50 -4.29
O2S SGN B . -14.79 3.12 -2.17
O3S SGN B . -13.13 4.49 -3.14
S2 SGN B . -10.02 -5.06 -1.77
O4S SGN B . -9.05 -5.51 -2.75
O5S SGN B . -10.73 -6.16 -1.17
O6S SGN B . -9.44 -4.09 -0.85
H1 SGN B . -12.83 0.26 -4.15
H2 SGN B . -13.74 0.58 -1.89
H3 SGN B . -10.93 0.47 -0.96
H4 SGN B . -13.39 -1.44 -0.72
H5 SGN B . -10.67 -1.90 -2.01
H61 SGN B . -12.16 -3.78 -0.91
H62 SGN B . -13.03 -3.58 -2.45
HN21 SGN B . -11.70 2.26 -2.96
HO3 SGN B . -13.50 0.68 0.23
HO4 SGN B . -12.33 -2.48 0.93
N ARG A 1 7.65 0.00 -16.98
CA ARG A 1 7.40 0.80 -15.76
C ARG A 1 5.93 1.36 -15.77
N PRO A 2 5.26 1.48 -14.68
CA PRO A 2 4.25 2.61 -14.54
C PRO A 2 4.58 4.03 -15.00
N PRO A 3 3.67 5.00 -15.32
CA PRO A 3 4.03 6.32 -15.88
C PRO A 3 5.08 7.21 -15.15
N GLN A 4 5.32 7.11 -13.81
CA GLN A 4 6.30 7.93 -13.12
C GLN A 4 7.25 7.12 -12.22
N PHE A 5 6.93 5.87 -11.95
CA PHE A 5 7.74 4.97 -11.05
C PHE A 5 7.74 3.57 -11.57
N THR A 6 8.47 2.69 -10.84
CA THR A 6 8.44 1.22 -11.02
C THR A 6 7.24 0.67 -10.20
N ARG A 7 6.77 -0.57 -10.47
CA ARG A 7 5.47 -1.05 -9.85
C ARG A 7 5.55 -1.09 -8.25
N ALA A 8 6.68 -1.60 -7.75
CA ALA A 8 6.94 -1.70 -6.32
C ALA A 8 7.21 -0.35 -5.53
N GLN A 9 7.87 0.58 -6.24
CA GLN A 9 7.90 2.01 -5.90
C GLN A 9 6.45 2.59 -5.81
N TRP A 10 5.52 2.33 -6.73
CA TRP A 10 4.16 2.74 -6.63
C TRP A 10 3.32 1.98 -5.51
N PHE A 11 3.63 0.76 -5.18
CA PHE A 11 3.10 0.04 -3.94
C PHE A 11 3.56 0.65 -2.67
N ALA A 12 4.85 0.99 -2.53
CA ALA A 12 5.54 1.68 -1.44
C ALA A 12 4.90 3.11 -1.20
N ILE A 13 4.88 4.04 -2.21
CA ILE A 13 4.08 5.30 -2.14
C ILE A 13 2.60 4.99 -1.58
N GLN A 14 1.81 4.00 -2.15
CA GLN A 14 0.40 3.89 -1.78
C GLN A 14 0.27 3.28 -0.34
N HIS A 15 1.37 2.72 0.22
CA HIS A 15 1.19 1.85 1.40
C HIS A 15 2.30 1.94 2.54
N ILE A 16 3.49 2.56 2.34
CA ILE A 16 4.73 2.27 3.22
C ILE A 16 5.28 3.66 3.64
N SER A 17 4.98 4.02 4.94
CA SER A 17 5.45 5.29 5.50
C SER A 17 5.54 5.16 7.01
N LEU A 18 6.77 5.33 7.51
CA LEU A 18 7.20 5.21 8.91
C LEU A 18 6.54 6.27 9.76
N ASN A 19 6.36 7.46 9.24
CA ASN A 19 5.91 8.61 9.94
C ASN A 19 4.99 9.51 9.10
N PRO A 20 3.82 8.89 8.73
CA PRO A 20 2.79 9.67 8.01
C PRO A 20 2.48 11.10 8.63
N PRO A 21 1.84 11.93 7.81
CA PRO A 21 1.10 13.13 8.27
C PRO A 21 -0.29 12.81 8.71
N ARG A 22 -1.08 13.89 9.04
CA ARG A 22 -2.54 13.77 9.10
C ARG A 22 -3.12 13.24 7.80
N CYS A 23 -4.10 12.32 7.81
CA CYS A 23 -4.87 11.84 6.60
C CYS A 23 -5.34 12.89 5.58
N THR A 24 -5.74 14.11 6.01
CA THR A 24 -6.12 15.14 5.04
C THR A 24 -5.00 15.52 4.11
N ILE A 25 -3.76 15.40 4.53
CA ILE A 25 -2.55 15.54 3.70
C ILE A 25 -2.15 14.24 2.99
N ALA A 26 -2.25 13.03 3.67
CA ALA A 26 -1.68 11.76 3.13
C ALA A 26 -2.36 11.23 1.89
N MET A 27 -3.66 11.34 1.93
CA MET A 27 -4.55 11.06 0.78
C MET A 27 -4.20 11.89 -0.46
N ARG A 28 -3.48 12.98 -0.37
CA ARG A 28 -2.97 13.74 -1.56
C ARG A 28 -2.00 13.03 -2.45
N ALA A 29 -1.38 11.93 -2.01
CA ALA A 29 -0.47 11.00 -2.74
C ALA A 29 -1.09 10.21 -3.86
N ILE A 30 -2.43 10.12 -3.83
CA ILE A 30 -3.29 9.68 -5.00
C ILE A 30 -4.62 10.46 -5.26
N ASN A 31 -5.33 10.97 -4.29
CA ASN A 31 -6.62 11.64 -4.57
C ASN A 31 -6.28 12.96 -5.32
N ASN A 32 -5.03 13.38 -5.43
CA ASN A 32 -4.64 14.57 -6.21
C ASN A 32 -3.97 14.27 -7.56
N TYR A 33 -3.87 12.99 -8.00
CA TYR A 33 -3.16 12.59 -9.21
C TYR A 33 -4.00 11.60 -9.98
N ARG A 34 -4.77 10.65 -9.37
CA ARG A 34 -5.84 9.99 -9.91
C ARG A 34 -7.03 10.92 -10.15
N TRP A 35 -7.79 10.61 -11.21
CA TRP A 35 -8.96 11.41 -11.73
C TRP A 35 -9.96 11.89 -10.69
N ARG A 36 -10.24 11.07 -9.66
CA ARG A 36 -11.20 11.42 -8.61
C ARG A 36 -10.70 10.88 -7.28
N CYS A 37 -11.42 11.10 -6.21
CA CYS A 37 -11.05 10.69 -4.87
C CYS A 37 -11.35 9.15 -4.54
N LYS A 38 -10.23 8.41 -4.35
CA LYS A 38 -10.35 7.04 -3.70
C LYS A 38 -10.98 7.30 -2.28
N ASN A 39 -11.91 6.47 -1.86
CA ASN A 39 -12.68 6.50 -0.61
C ASN A 39 -11.86 6.19 0.66
N GLN A 40 -11.10 5.07 0.62
CA GLN A 40 -10.30 4.60 1.78
C GLN A 40 -8.93 4.15 1.24
N ASN A 41 -7.90 4.34 2.11
CA ASN A 41 -6.51 3.79 2.02
C ASN A 41 -5.84 3.64 3.39
N THR A 42 -4.79 2.78 3.44
CA THR A 42 -4.09 2.36 4.62
C THR A 42 -2.56 2.17 4.32
N PHE A 43 -1.71 2.55 5.27
CA PHE A 43 -0.23 2.60 5.20
C PHE A 43 0.41 1.94 6.44
N LEU A 44 1.38 1.07 6.19
CA LEU A 44 2.14 0.43 7.25
C LEU A 44 3.30 1.34 7.66
N ARG A 45 3.36 1.52 8.97
CA ARG A 45 4.45 2.25 9.61
C ARG A 45 5.73 1.37 9.75
N THR A 46 6.24 0.87 8.57
CA THR A 46 7.45 -0.08 8.53
C THR A 46 8.29 0.32 7.28
N THR A 47 9.33 -0.48 6.97
CA THR A 47 10.22 -0.35 5.82
C THR A 47 9.85 -1.16 4.56
N PHE A 48 10.15 -0.72 3.36
CA PHE A 48 10.06 -1.52 2.16
C PHE A 48 10.83 -2.87 2.32
N ALA A 49 11.98 -2.80 3.11
CA ALA A 49 12.88 -3.93 3.32
C ALA A 49 12.26 -4.99 4.17
N ASN A 50 11.43 -4.56 5.15
CA ASN A 50 10.56 -5.49 5.93
C ASN A 50 9.43 -6.18 5.07
N VAL A 51 8.87 -5.51 4.08
CA VAL A 51 7.92 -6.11 3.13
C VAL A 51 8.50 -7.09 2.13
N VAL A 52 9.74 -6.93 1.71
CA VAL A 52 10.56 -7.73 0.78
C VAL A 52 11.02 -9.02 1.45
N ASN A 53 11.36 -8.95 2.75
CA ASN A 53 11.33 -10.18 3.55
C ASN A 53 9.97 -10.97 3.51
N VAL A 54 8.84 -10.25 3.53
CA VAL A 54 7.54 -10.91 3.58
C VAL A 54 7.26 -11.52 2.20
N CYS A 55 7.81 -10.99 1.10
CA CYS A 55 7.81 -11.70 -0.18
C CYS A 55 8.60 -12.91 -0.33
N GLY A 56 9.40 -13.24 0.71
CA GLY A 56 10.05 -14.56 0.96
C GLY A 56 9.72 -15.33 2.22
N ASN A 57 8.61 -14.85 2.88
CA ASN A 57 7.88 -15.72 3.86
C ASN A 57 7.27 -16.88 2.95
N GLN A 58 6.59 -17.82 3.58
CA GLN A 58 5.71 -18.84 2.98
C GLN A 58 4.73 -18.26 1.91
N SER A 59 4.39 -19.13 0.91
CA SER A 59 3.25 -18.90 -0.02
C SER A 59 1.83 -19.22 0.49
N ILE A 60 0.93 -18.30 0.18
CA ILE A 60 -0.52 -18.37 0.39
C ILE A 60 -1.27 -17.83 -0.85
N ARG A 61 -2.58 -17.83 -0.93
CA ARG A 61 -3.37 -17.14 -2.03
C ARG A 61 -4.31 -16.09 -1.47
N CYS A 62 -4.81 -15.21 -2.34
CA CYS A 62 -5.59 -14.07 -1.79
C CYS A 62 -6.82 -13.88 -2.69
N PRO A 63 -7.89 -13.18 -2.19
CA PRO A 63 -9.27 -13.21 -2.82
C PRO A 63 -9.55 -12.31 -4.08
N HIS A 64 -8.61 -11.43 -4.41
CA HIS A 64 -8.59 -10.62 -5.67
C HIS A 64 -7.30 -10.74 -6.47
N ASN A 65 -6.61 -11.92 -6.51
CA ASN A 65 -5.18 -12.07 -6.89
C ASN A 65 -4.95 -13.16 -7.98
N ARG A 66 -5.96 -14.02 -8.21
CA ARG A 66 -5.90 -15.32 -8.90
C ARG A 66 -5.23 -15.35 -10.31
N THR A 67 -4.95 -14.18 -10.86
CA THR A 67 -4.23 -14.13 -12.10
C THR A 67 -2.71 -14.35 -11.91
N LEU A 68 -2.20 -14.42 -10.70
CA LEU A 68 -0.94 -15.01 -10.34
C LEU A 68 -1.05 -15.97 -9.15
N ASN A 69 -2.19 -16.11 -8.46
CA ASN A 69 -2.61 -17.09 -7.47
C ASN A 69 -1.51 -17.30 -6.38
N ASN A 70 -0.81 -16.23 -6.01
CA ASN A 70 0.21 -16.24 -4.92
C ASN A 70 0.19 -14.87 -4.27
N CYS A 71 0.21 -14.87 -2.93
CA CYS A 71 0.52 -13.82 -2.04
C CYS A 71 1.29 -14.26 -0.79
N HIS A 72 1.48 -13.31 0.17
CA HIS A 72 2.26 -13.48 1.39
C HIS A 72 1.77 -12.65 2.60
N ARG A 73 2.24 -12.79 3.81
CA ARG A 73 1.74 -12.01 4.96
C ARG A 73 2.84 -11.85 6.01
N SER A 74 2.61 -10.94 6.98
CA SER A 74 3.74 -10.58 7.92
C SER A 74 4.01 -11.70 9.03
N ARG A 75 5.25 -11.95 9.45
CA ARG A 75 5.62 -12.79 10.55
C ARG A 75 5.38 -12.10 11.90
N PHE A 76 5.28 -10.78 12.02
CA PHE A 76 4.88 -10.10 13.22
C PHE A 76 4.11 -8.83 12.84
N ARG A 77 3.37 -8.21 13.84
CA ARG A 77 2.50 -7.02 13.69
C ARG A 77 3.31 -5.77 13.35
N VAL A 78 2.76 -4.79 12.72
CA VAL A 78 3.41 -3.46 12.64
C VAL A 78 2.34 -2.41 12.98
N PRO A 79 2.83 -1.24 13.53
CA PRO A 79 2.07 -0.04 13.55
C PRO A 79 1.65 0.38 12.16
N LEU A 80 0.51 1.10 11.95
CA LEU A 80 -0.08 1.50 10.64
C LEU A 80 -1.01 2.85 10.76
N LEU A 81 -1.42 3.46 9.61
CA LEU A 81 -2.46 4.52 9.53
C LEU A 81 -3.47 4.21 8.44
N HIS A 82 -4.78 4.52 8.76
CA HIS A 82 -5.90 4.50 7.81
C HIS A 82 -6.50 5.90 7.63
N CYS A 83 -6.93 6.20 6.41
CA CYS A 83 -7.67 7.40 5.98
C CYS A 83 -8.92 7.00 5.29
N ASP A 84 -9.89 7.85 5.63
CA ASP A 84 -11.37 7.72 5.53
C ASP A 84 -12.12 8.94 4.95
N LEU A 85 -12.95 8.71 3.90
CA LEU A 85 -13.64 9.78 3.18
C LEU A 85 -14.96 10.04 3.89
N ILE A 86 -14.93 11.10 4.74
CA ILE A 86 -16.01 11.50 5.74
C ILE A 86 -17.30 12.11 5.12
N ASN A 87 -17.40 12.37 3.81
CA ASN A 87 -18.64 12.70 3.07
C ASN A 87 -18.51 12.07 1.63
N PRO A 88 -19.30 11.05 1.37
CA PRO A 88 -19.60 10.35 0.09
C PRO A 88 -19.97 11.19 -1.16
N GLY A 89 -20.64 12.32 -0.81
CA GLY A 89 -20.97 13.34 -1.80
C GLY A 89 -19.83 13.95 -2.62
N ALA A 90 -18.71 14.25 -1.98
CA ALA A 90 -17.50 14.77 -2.47
C ALA A 90 -16.73 13.85 -3.47
N GLN A 91 -16.31 14.27 -4.64
CA GLN A 91 -15.48 13.36 -5.53
C GLN A 91 -14.36 14.00 -6.25
N ASN A 92 -14.26 15.33 -6.12
CA ASN A 92 -13.15 16.14 -6.61
C ASN A 92 -12.36 16.68 -5.50
N ILE A 93 -10.99 16.89 -5.53
CA ILE A 93 -10.14 17.46 -4.52
C ILE A 93 -10.58 18.73 -3.86
N SER A 94 -11.31 19.57 -4.65
CA SER A 94 -11.94 20.84 -4.15
C SER A 94 -12.97 20.60 -3.02
N ASN A 95 -13.52 19.40 -2.88
CA ASN A 95 -14.47 19.16 -1.75
C ASN A 95 -14.22 17.88 -0.91
N CYS A 96 -13.32 17.01 -1.39
CA CYS A 96 -12.82 15.88 -0.63
C CYS A 96 -12.14 16.18 0.70
N ARG A 97 -12.71 15.59 1.82
CA ARG A 97 -12.30 15.81 3.20
C ARG A 97 -12.23 14.52 3.98
N TYR A 98 -11.45 14.55 5.10
CA TYR A 98 -10.88 13.29 5.60
C TYR A 98 -10.73 13.29 7.13
N ALA A 99 -10.76 12.08 7.74
CA ALA A 99 -10.37 11.86 9.11
C ALA A 99 -9.42 10.62 9.28
N ASP A 100 -8.56 10.85 10.34
CA ASP A 100 -7.45 10.00 10.77
C ASP A 100 -7.94 8.83 11.63
N ARG A 101 -7.22 7.76 11.61
CA ARG A 101 -7.48 6.40 12.23
C ARG A 101 -6.21 5.56 12.40
N PRO A 102 -5.44 5.62 13.48
CA PRO A 102 -4.21 4.84 13.67
C PRO A 102 -4.41 3.43 14.28
N GLY A 103 -3.43 2.55 14.19
CA GLY A 103 -3.57 1.21 14.69
C GLY A 103 -2.31 0.40 14.85
N ARG A 104 -2.33 -0.86 15.33
CA ARG A 104 -1.18 -1.77 15.23
C ARG A 104 -1.67 -3.25 15.00
N ARG A 105 -1.37 -3.86 13.81
CA ARG A 105 -2.00 -5.09 13.23
C ARG A 105 -0.95 -5.98 12.44
N PHE A 106 -1.24 -7.24 12.12
CA PHE A 106 -0.55 -7.93 11.05
C PHE A 106 -0.94 -7.46 9.67
N TYR A 107 -0.30 -7.99 8.59
CA TYR A 107 -0.64 -7.46 7.23
C TYR A 107 -0.48 -8.51 6.13
N VAL A 108 -1.17 -8.25 4.97
CA VAL A 108 -1.16 -9.28 3.87
C VAL A 108 -0.99 -8.54 2.52
N VAL A 109 0.13 -8.90 1.84
CA VAL A 109 0.52 -8.26 0.53
C VAL A 109 0.85 -9.29 -0.58
N ALA A 110 0.88 -8.92 -1.85
CA ALA A 110 1.14 -9.86 -2.92
C ALA A 110 2.37 -9.36 -3.75
N CYS A 111 3.22 -10.24 -4.39
CA CYS A 111 4.60 -9.83 -4.82
C CYS A 111 5.06 -10.43 -6.15
N ASP A 112 6.13 -9.88 -6.78
CA ASP A 112 6.46 -10.20 -8.13
C ASP A 112 7.95 -9.94 -8.47
N ASN A 113 8.31 -10.22 -9.70
CA ASN A 113 9.69 -10.01 -10.31
C ASN A 113 10.12 -8.54 -10.01
N ARG A 114 11.42 -8.33 -9.92
CA ARG A 114 12.08 -7.04 -9.98
C ARG A 114 11.71 -6.29 -11.34
N ASP A 115 11.92 -4.95 -11.25
CA ASP A 115 12.13 -4.20 -12.48
C ASP A 115 13.38 -4.51 -13.32
N PRO A 116 13.40 -4.42 -14.65
CA PRO A 116 14.63 -4.63 -15.47
C PRO A 116 15.80 -3.72 -15.19
N ARG A 117 15.49 -2.54 -14.60
CA ARG A 117 16.34 -1.30 -14.63
C ARG A 117 16.28 -0.57 -13.28
N ASP A 118 16.06 -1.22 -12.11
CA ASP A 118 16.16 -0.61 -10.72
C ASP A 118 16.63 -1.65 -9.67
N SER A 119 17.48 -1.31 -8.71
CA SER A 119 17.70 -2.09 -7.47
C SER A 119 17.90 -3.61 -7.71
N PRO A 120 18.83 -4.02 -8.62
CA PRO A 120 19.23 -5.39 -8.93
C PRO A 120 19.28 -6.32 -7.73
N ARG A 121 19.65 -5.87 -6.50
CA ARG A 121 19.83 -6.68 -5.27
C ARG A 121 18.62 -7.49 -4.72
N TYR A 122 17.42 -7.04 -5.12
CA TYR A 122 16.14 -7.66 -4.62
C TYR A 122 15.40 -8.29 -5.78
N PRO A 123 15.56 -9.64 -6.03
CA PRO A 123 15.02 -10.24 -7.28
C PRO A 123 13.46 -10.40 -7.33
N VAL A 124 12.84 -10.42 -6.16
CA VAL A 124 11.33 -10.29 -5.94
C VAL A 124 10.95 -9.23 -4.86
N VAL A 125 9.82 -8.53 -5.11
CA VAL A 125 9.41 -7.31 -4.38
C VAL A 125 7.87 -7.28 -4.18
N PRO A 126 7.27 -6.44 -3.23
CA PRO A 126 5.84 -6.29 -3.07
C PRO A 126 5.23 -5.47 -4.18
N VAL A 127 4.00 -5.79 -4.57
CA VAL A 127 3.23 -5.06 -5.60
C VAL A 127 1.83 -4.52 -5.23
N HIS A 128 1.12 -5.10 -4.18
CA HIS A 128 -0.22 -4.72 -3.72
C HIS A 128 -0.46 -5.04 -2.19
N LEU A 129 -1.54 -4.60 -1.61
CA LEU A 129 -1.94 -4.85 -0.25
C LEU A 129 -3.42 -5.33 -0.29
N ASP A 130 -3.80 -6.16 0.73
CA ASP A 130 -5.11 -6.93 0.71
C ASP A 130 -6.07 -6.64 1.93
N THR A 131 -5.50 -6.74 3.13
CA THR A 131 -6.19 -6.66 4.48
C THR A 131 -5.12 -6.43 5.58
N THR A 132 -5.47 -6.19 6.81
CA THR A 132 -4.58 -6.01 7.97
C THR A 132 -5.39 -6.50 9.21
N ILE A 133 -4.77 -7.28 10.08
CA ILE A 133 -5.55 -8.11 11.04
C ILE A 133 -5.02 -8.01 12.47
C1A LVZ B . -3.24 0.06 -12.46
C2A LVZ B . -4.43 0.69 -13.22
O1 LVZ B . -3.83 -0.37 -11.17
C3A LVZ B . -2.73 -1.27 -13.12
N9 LVZ B . -3.12 -1.47 -8.51
C1 LVZ B . -3.58 0.48 -10.02
S19 LVZ B . -1.50 -1.24 -8.21
O1S LVZ B . -1.46 -0.32 -7.09
C2 LVZ B . -3.88 -0.22 -8.66
S29 LVZ B . -5.85 4.50 -12.00
O2S LVZ B . -0.95 -0.68 -9.36
C3 LVZ B . -5.45 -0.40 -8.48
O3 LVZ B . -5.75 -0.98 -7.17
O3S LVZ B . -0.93 -2.53 -7.90
C4 LVZ B . -6.21 0.90 -8.63
O4 LVZ B . -7.64 0.52 -8.65
O4S LVZ B . -6.83 5.38 -11.32
C5 LVZ B . -5.92 1.53 -10.02
O5 LVZ B . -4.43 1.72 -10.17
O5S LVZ B . -4.53 4.60 -11.45
C6 LVZ B . -6.59 2.83 -10.23
O6 LVZ B . -6.31 3.11 -11.65
O6S LVZ B . -5.82 4.64 -13.43
H1A LVZ B . -2.42 0.76 -12.30
H2A LVZ B . -4.23 0.88 -14.28
H2AA LVZ B . -5.38 0.21 -13.02
H2B LVZ B . -4.59 1.68 -12.78
H1 LVZ B . -2.53 0.73 -9.99
H2 LVZ B . -3.58 0.55 -7.94
H3A LVZ B . -3.59 -1.94 -12.99
H3AA LVZ B . -2.46 -1.15 -14.16
H3B LVZ B . -1.92 -1.75 -12.57
H3 LVZ B . -5.79 -1.01 -9.32
H4 LVZ B . -6.04 1.65 -7.86
H5 LVZ B . -6.22 0.80 -10.77
H61 LVZ B . -7.64 2.61 -10.07
H62 LVZ B . -6.26 3.59 -9.53
HN9 LVZ B . -3.22 -2.12 -9.27
HO3 LVZ B . -6.34 -0.44 -6.64
C1 IDS B . -8.55 1.30 -7.78
C2 IDS B . -10.05 0.93 -7.92
C3 IDS B . -10.89 0.86 -6.63
C4 IDS B . -10.19 -0.09 -5.62
C5 IDS B . -8.72 -0.27 -5.90
C6 IDS B . -8.01 -0.74 -4.63
O2 IDS B . -10.74 1.89 -8.77
O3 IDS B . -12.22 0.36 -6.92
O4 IDS B . -10.43 0.42 -4.23
O5 IDS B . -8.19 1.04 -6.43
O6A IDS B . -8.24 -1.88 -4.19
O6B IDS B . -7.18 0.05 -4.16
S IDS B . -10.98 1.58 -10.18
O1S IDS B . -11.91 0.46 -10.20
O2S IDS B . -11.57 2.81 -10.66
O3S IDS B . -9.73 1.32 -10.86
H1 IDS B . -8.54 2.37 -7.95
H2 IDS B . -10.18 -0.01 -8.47
H3 IDS B . -11.08 1.81 -6.14
H4 IDS B . -10.64 -1.08 -5.53
H5 IDS B . -8.62 -1.07 -6.65
HO3 IDS B . -12.79 0.59 -6.18
C1 SGN B . -11.72 0.19 -3.58
C2 SGN B . -11.98 1.23 -2.47
C3 SGN B . -11.07 0.99 -1.26
C4 SGN B . -11.13 -0.45 -0.78
C5 SGN B . -10.91 -1.42 -1.87
C6 SGN B . -11.19 -2.92 -1.52
N2 SGN B . -11.86 2.65 -2.84
O3 SGN B . -11.71 1.81 -0.21
O4 SGN B . -10.02 -0.57 0.10
O5 SGN B . -11.83 -1.15 -3.00
O6 SGN B . -10.46 -3.84 -2.33
S1 SGN B . -13.13 3.12 -3.59
O1S SGN B . -13.14 2.53 -4.86
O2S SGN B . -14.23 2.93 -2.75
O3S SGN B . -12.93 4.52 -3.71
S2 SGN B . -9.26 -4.56 -1.65
O4S SGN B . -8.64 -5.38 -2.68
O5S SGN B . -9.76 -5.42 -0.61
O6S SGN B . -8.35 -3.53 -1.10
H1 SGN B . -12.40 0.22 -4.43
H2 SGN B . -12.96 1.01 -2.05
H3 SGN B . -10.08 1.41 -1.36
H4 SGN B . -12.07 -0.70 -0.27
H5 SGN B . -9.88 -1.30 -2.22
H61 SGN B . -11.04 -3.13 -0.46
H62 SGN B . -12.21 -3.25 -1.71
HN21 SGN B . -11.13 2.71 -3.53
HO3 SGN B . -12.33 1.29 0.30
HO4 SGN B . -10.18 0.02 0.84
N ARG A 1 6.96 -0.98 -16.17
CA ARG A 1 6.78 0.12 -15.25
C ARG A 1 5.39 0.79 -15.54
N PRO A 2 4.66 1.23 -14.51
CA PRO A 2 3.71 2.29 -14.47
C PRO A 2 4.15 3.60 -15.14
N PRO A 3 3.25 4.49 -15.55
CA PRO A 3 3.55 5.69 -16.31
C PRO A 3 4.57 6.65 -15.65
N GLN A 4 4.81 6.67 -14.36
CA GLN A 4 5.89 7.60 -13.83
C GLN A 4 6.86 6.92 -12.85
N PHE A 5 6.60 5.68 -12.32
CA PHE A 5 7.39 4.99 -11.35
C PHE A 5 7.73 3.60 -11.82
N THR A 6 8.48 2.86 -10.96
CA THR A 6 8.39 1.36 -11.00
C THR A 6 7.15 0.89 -10.25
N ARG A 7 6.73 -0.38 -10.36
CA ARG A 7 5.53 -0.94 -9.66
C ARG A 7 5.69 -0.93 -8.14
N ALA A 8 6.81 -1.48 -7.66
CA ALA A 8 7.10 -1.55 -6.22
C ALA A 8 7.23 -0.13 -5.63
N GLN A 9 7.93 0.80 -6.33
CA GLN A 9 7.98 2.17 -5.81
C GLN A 9 6.61 2.92 -5.75
N TRP A 10 5.74 2.71 -6.72
CA TRP A 10 4.36 3.10 -6.62
C TRP A 10 3.48 2.59 -5.50
N PHE A 11 3.66 1.30 -5.15
CA PHE A 11 3.25 0.68 -3.91
C PHE A 11 3.74 1.44 -2.68
N ALA A 12 5.05 1.79 -2.62
CA ALA A 12 5.64 2.47 -1.55
C ALA A 12 5.02 3.90 -1.34
N ILE A 13 4.81 4.68 -2.49
CA ILE A 13 4.15 6.02 -2.44
C ILE A 13 2.74 6.06 -1.86
N GLN A 14 1.97 4.99 -1.94
CA GLN A 14 0.66 4.83 -1.35
C GLN A 14 0.63 4.05 -0.02
N HIS A 15 1.68 3.18 0.23
CA HIS A 15 1.51 2.26 1.37
C HIS A 15 2.67 2.14 2.31
N ILE A 16 3.76 2.89 2.13
CA ILE A 16 4.89 2.76 3.03
C ILE A 16 5.22 4.15 3.51
N SER A 17 5.30 4.30 4.84
CA SER A 17 5.65 5.54 5.51
C SER A 17 5.90 5.37 6.96
N LEU A 18 7.13 5.73 7.50
CA LEU A 18 7.43 5.53 8.93
C LEU A 18 6.68 6.38 9.95
N ASN A 19 6.26 7.55 9.57
CA ASN A 19 5.52 8.39 10.46
C ASN A 19 4.55 9.29 9.62
N PRO A 20 3.49 8.66 9.10
CA PRO A 20 2.72 9.27 8.02
C PRO A 20 2.00 10.55 8.57
N PRO A 21 1.78 11.53 7.64
CA PRO A 21 1.26 12.87 7.94
C PRO A 21 -0.20 12.73 8.31
N ARG A 22 -0.95 13.82 8.67
CA ARG A 22 -2.48 13.83 8.71
C ARG A 22 -3.09 13.27 7.42
N CYS A 23 -4.11 12.44 7.54
CA CYS A 23 -4.90 11.87 6.40
C CYS A 23 -5.46 12.92 5.41
N THR A 24 -5.68 14.18 5.85
CA THR A 24 -5.99 15.32 4.98
C THR A 24 -4.85 15.56 4.01
N ILE A 25 -3.58 15.26 4.30
CA ILE A 25 -2.48 15.23 3.25
C ILE A 25 -2.27 13.76 2.67
N ALA A 26 -2.36 12.73 3.42
CA ALA A 26 -2.01 11.38 3.03
C ALA A 26 -2.92 10.88 1.87
N MET A 27 -4.21 11.11 1.87
CA MET A 27 -5.08 10.61 0.82
C MET A 27 -4.67 11.18 -0.53
N ARG A 28 -4.16 12.36 -0.51
CA ARG A 28 -3.73 13.07 -1.65
C ARG A 28 -2.76 12.23 -2.50
N ALA A 29 -2.05 11.17 -1.99
CA ALA A 29 -1.17 10.25 -2.73
C ALA A 29 -1.90 9.42 -3.81
N ILE A 30 -3.20 9.54 -3.80
CA ILE A 30 -4.06 8.96 -4.89
C ILE A 30 -5.15 9.89 -5.31
N ASN A 31 -5.77 10.60 -4.37
CA ASN A 31 -6.90 11.49 -4.60
C ASN A 31 -6.49 12.82 -5.28
N ASN A 32 -5.22 13.18 -5.23
CA ASN A 32 -4.55 14.22 -6.00
C ASN A 32 -3.74 13.73 -7.22
N TYR A 33 -3.83 12.41 -7.53
CA TYR A 33 -3.13 11.80 -8.64
C TYR A 33 -4.05 11.00 -9.52
N ARG A 34 -5.31 11.08 -9.33
CA ARG A 34 -6.36 10.47 -10.13
C ARG A 34 -7.44 11.50 -10.33
N TRP A 35 -8.29 11.29 -11.33
CA TRP A 35 -9.39 12.21 -11.62
C TRP A 35 -10.46 12.29 -10.51
N ARG A 36 -10.59 11.30 -9.64
CA ARG A 36 -11.50 11.46 -8.50
C ARG A 36 -10.89 11.02 -7.15
N CYS A 37 -11.58 11.43 -6.11
CA CYS A 37 -11.36 10.97 -4.72
C CYS A 37 -11.74 9.50 -4.55
N LYS A 38 -10.77 8.70 -4.16
CA LYS A 38 -10.91 7.37 -3.54
C LYS A 38 -11.37 7.40 -2.05
N ASN A 39 -12.30 6.50 -1.67
CA ASN A 39 -12.87 6.40 -0.32
C ASN A 39 -11.94 6.00 0.87
N GLN A 40 -11.02 5.08 0.81
CA GLN A 40 -10.12 4.77 1.95
C GLN A 40 -8.64 4.57 1.51
N ASN A 41 -7.62 4.74 2.36
CA ASN A 41 -6.26 4.07 2.16
C ASN A 41 -5.48 3.78 3.42
N THR A 42 -4.65 2.78 3.39
CA THR A 42 -3.78 2.40 4.48
C THR A 42 -2.28 2.58 4.09
N PHE A 43 -1.51 2.90 5.12
CA PHE A 43 -0.10 3.15 5.14
C PHE A 43 0.58 2.36 6.29
N LEU A 44 1.52 1.48 5.99
CA LEU A 44 2.27 0.69 6.91
C LEU A 44 3.51 1.44 7.43
N ARG A 45 3.72 1.46 8.73
CA ARG A 45 4.83 2.09 9.44
C ARG A 45 5.96 1.14 9.66
N THR A 46 6.43 0.46 8.59
CA THR A 46 7.59 -0.49 8.77
C THR A 46 8.56 -0.37 7.61
N THR A 47 9.81 -0.89 7.67
CA THR A 47 10.83 -0.55 6.69
C THR A 47 10.60 -1.35 5.39
N PHE A 48 11.10 -0.84 4.26
CA PHE A 48 10.72 -1.46 2.96
C PHE A 48 11.16 -2.92 2.89
N ALA A 49 12.41 -3.16 3.30
CA ALA A 49 13.01 -4.47 3.42
C ALA A 49 12.24 -5.41 4.38
N ASN A 50 11.48 -4.94 5.40
CA ASN A 50 10.68 -5.96 6.09
C ASN A 50 9.52 -6.54 5.18
N VAL A 51 8.98 -5.68 4.29
CA VAL A 51 7.94 -6.16 3.39
C VAL A 51 8.56 -7.07 2.26
N VAL A 52 9.77 -6.81 1.89
CA VAL A 52 10.49 -7.71 1.03
C VAL A 52 10.80 -9.02 1.79
N ASN A 53 11.17 -8.98 3.08
CA ASN A 53 11.26 -10.22 3.86
C ASN A 53 9.96 -11.02 3.84
N VAL A 54 8.80 -10.39 3.74
CA VAL A 54 7.52 -11.14 3.73
C VAL A 54 7.33 -11.65 2.29
N CYS A 55 7.76 -10.96 1.22
CA CYS A 55 7.93 -11.63 -0.04
C CYS A 55 8.89 -12.87 -0.10
N GLY A 56 9.68 -13.02 0.91
CA GLY A 56 10.57 -14.18 1.24
C GLY A 56 9.93 -15.38 1.91
N ASN A 57 8.87 -15.06 2.59
CA ASN A 57 7.91 -15.92 3.24
C ASN A 57 7.11 -16.73 2.25
N GLN A 58 6.59 -17.84 2.74
CA GLN A 58 5.80 -18.80 1.94
C GLN A 58 4.53 -18.20 1.43
N SER A 59 3.68 -18.93 0.68
CA SER A 59 2.53 -18.32 -0.08
C SER A 59 1.06 -18.88 0.26
N ILE A 60 0.06 -18.03 -0.01
CA ILE A 60 -1.36 -18.19 -0.02
C ILE A 60 -2.01 -17.55 -1.33
N ARG A 61 -3.34 -17.73 -1.50
CA ARG A 61 -4.09 -17.03 -2.53
C ARG A 61 -5.14 -16.13 -1.77
N CYS A 62 -5.64 -15.08 -2.46
CA CYS A 62 -6.36 -13.88 -1.90
C CYS A 62 -7.61 -13.52 -2.70
N PRO A 63 -8.55 -12.69 -2.12
CA PRO A 63 -9.84 -12.58 -2.76
C PRO A 63 -9.94 -12.12 -4.22
N HIS A 64 -8.86 -11.46 -4.77
CA HIS A 64 -8.97 -10.67 -6.02
C HIS A 64 -7.71 -10.67 -6.90
N ASN A 65 -7.06 -11.85 -6.89
CA ASN A 65 -5.59 -12.09 -7.14
C ASN A 65 -5.33 -13.00 -8.38
N ARG A 66 -6.31 -13.11 -9.25
CA ARG A 66 -6.31 -14.15 -10.31
C ARG A 66 -5.08 -14.02 -11.20
N THR A 67 -4.63 -12.82 -11.63
CA THR A 67 -3.43 -12.61 -12.47
C THR A 67 -2.01 -13.05 -11.85
N LEU A 68 -1.94 -13.66 -10.66
CA LEU A 68 -0.76 -14.39 -10.17
C LEU A 68 -1.12 -15.59 -9.26
N ASN A 69 -2.34 -15.72 -8.74
CA ASN A 69 -2.59 -16.82 -7.76
C ASN A 69 -1.51 -16.95 -6.61
N ASN A 70 -1.13 -15.73 -6.13
CA ASN A 70 -0.11 -15.60 -5.06
C ASN A 70 -0.13 -14.28 -4.29
N CYS A 71 -0.28 -14.40 -2.95
CA CYS A 71 -0.02 -13.34 -1.94
C CYS A 71 0.79 -13.99 -0.76
N HIS A 72 1.17 -13.17 0.19
CA HIS A 72 2.09 -13.50 1.33
C HIS A 72 1.69 -12.66 2.58
N ARG A 73 1.81 -13.17 3.77
CA ARG A 73 1.38 -12.51 5.04
C ARG A 73 2.55 -12.39 6.02
N SER A 74 2.50 -11.37 6.91
CA SER A 74 3.64 -10.95 7.79
C SER A 74 3.82 -11.86 9.01
N ARG A 75 4.95 -11.87 9.67
CA ARG A 75 5.24 -12.76 10.84
C ARG A 75 4.86 -12.02 12.14
N PHE A 76 4.60 -10.73 12.13
CA PHE A 76 4.36 -9.91 13.29
C PHE A 76 3.50 -8.73 12.96
N ARG A 77 2.89 -8.12 13.95
CA ARG A 77 2.06 -6.90 13.83
C ARG A 77 2.96 -5.72 13.46
N VAL A 78 2.49 -4.73 12.67
CA VAL A 78 3.23 -3.43 12.58
C VAL A 78 2.31 -2.19 12.80
N PRO A 79 2.83 -1.05 13.23
CA PRO A 79 1.99 0.14 13.26
C PRO A 79 1.71 0.53 11.79
N LEU A 80 0.71 1.40 11.76
CA LEU A 80 -0.05 1.83 10.54
C LEU A 80 -0.89 3.11 10.81
N LEU A 81 -1.21 3.79 9.68
CA LEU A 81 -2.36 4.72 9.60
C LEU A 81 -3.31 4.29 8.52
N HIS A 82 -4.63 4.16 8.86
CA HIS A 82 -5.70 4.23 7.87
C HIS A 82 -6.33 5.56 7.78
N CYS A 83 -6.94 5.77 6.64
CA CYS A 83 -7.48 7.05 6.13
C CYS A 83 -8.78 6.87 5.30
N ASP A 84 -9.70 7.86 5.50
CA ASP A 84 -11.12 7.70 5.38
C ASP A 84 -11.90 8.98 4.87
N LEU A 85 -12.57 8.88 3.71
CA LEU A 85 -13.31 9.94 3.12
C LEU A 85 -14.59 10.29 4.02
N ILE A 86 -14.47 11.08 5.09
CA ILE A 86 -15.54 11.30 6.11
C ILE A 86 -16.94 11.76 5.59
N ASN A 87 -17.06 12.29 4.40
CA ASN A 87 -18.33 12.37 3.63
C ASN A 87 -18.10 11.53 2.34
N PRO A 88 -18.57 10.24 2.26
CA PRO A 88 -18.51 9.50 1.08
C PRO A 88 -19.12 10.16 -0.12
N GLY A 89 -20.13 11.00 0.06
CA GLY A 89 -20.83 11.90 -0.87
C GLY A 89 -19.93 12.94 -1.57
N ALA A 90 -18.58 12.76 -1.72
CA ALA A 90 -17.65 13.64 -2.42
C ALA A 90 -16.66 12.90 -3.40
N GLN A 91 -16.43 13.50 -4.62
CA GLN A 91 -15.49 12.97 -5.62
C GLN A 91 -14.50 13.96 -6.21
N ASN A 92 -14.55 15.30 -5.85
CA ASN A 92 -13.72 16.27 -6.44
C ASN A 92 -12.89 16.92 -5.28
N ILE A 93 -11.54 17.01 -5.46
CA ILE A 93 -10.64 17.66 -4.48
C ILE A 93 -11.06 19.08 -3.99
N SER A 94 -11.88 19.79 -4.78
CA SER A 94 -12.58 20.99 -4.38
C SER A 94 -13.55 20.85 -3.15
N ASN A 95 -13.82 19.61 -2.81
CA ASN A 95 -14.78 19.38 -1.72
C ASN A 95 -14.49 18.18 -0.81
N CYS A 96 -13.59 17.19 -1.27
CA CYS A 96 -13.26 16.02 -0.49
C CYS A 96 -12.68 16.41 0.89
N ARG A 97 -13.00 15.58 1.85
CA ARG A 97 -12.66 15.80 3.30
C ARG A 97 -12.25 14.53 3.97
N TYR A 98 -11.38 14.65 4.95
CA TYR A 98 -10.72 13.41 5.50
C TYR A 98 -10.52 13.33 7.05
N ALA A 99 -9.91 12.22 7.59
CA ALA A 99 -9.49 12.16 9.01
C ALA A 99 -8.75 10.83 9.29
N ASP A 100 -7.94 10.83 10.35
CA ASP A 100 -7.01 9.77 10.78
C ASP A 100 -7.55 8.61 11.58
N ARG A 101 -7.00 7.38 11.36
CA ARG A 101 -7.36 6.14 12.11
C ARG A 101 -6.06 5.31 12.17
N PRO A 102 -5.14 5.64 13.11
CA PRO A 102 -3.89 4.90 13.31
C PRO A 102 -4.15 3.55 13.90
N GLY A 103 -3.13 2.63 14.13
CA GLY A 103 -3.37 1.27 14.70
C GLY A 103 -2.15 0.28 14.64
N ARG A 104 -2.27 -1.01 14.94
CA ARG A 104 -1.26 -2.03 14.89
C ARG A 104 -1.90 -3.36 14.46
N ARG A 105 -1.48 -4.01 13.32
CA ARG A 105 -2.05 -5.24 12.84
C ARG A 105 -1.01 -6.01 12.12
N PHE A 106 -1.25 -7.18 11.71
CA PHE A 106 -0.49 -7.79 10.62
C PHE A 106 -0.87 -7.22 9.25
N TYR A 107 -0.25 -7.67 8.17
CA TYR A 107 -0.53 -7.28 6.75
C TYR A 107 -0.47 -8.48 5.86
N VAL A 108 -1.11 -8.41 4.76
CA VAL A 108 -1.01 -9.32 3.59
C VAL A 108 -0.58 -8.49 2.38
N VAL A 109 0.32 -9.03 1.53
CA VAL A 109 0.83 -8.34 0.32
C VAL A 109 0.92 -9.34 -0.80
N ALA A 110 1.11 -8.85 -2.00
CA ALA A 110 1.49 -9.61 -3.13
C ALA A 110 2.71 -8.97 -3.63
N CYS A 111 3.49 -9.81 -4.32
CA CYS A 111 4.89 -9.54 -4.65
C CYS A 111 5.22 -10.12 -6.00
N ASP A 112 6.35 -9.83 -6.59
CA ASP A 112 6.82 -10.17 -7.99
C ASP A 112 8.39 -10.04 -8.04
N ASN A 113 8.94 -10.65 -9.07
CA ASN A 113 10.25 -10.36 -9.58
C ASN A 113 10.44 -8.78 -9.59
N ARG A 114 11.73 -8.40 -9.51
CA ARG A 114 12.27 -7.02 -9.59
C ARG A 114 12.13 -6.43 -10.96
N ASP A 115 12.17 -5.16 -11.00
CA ASP A 115 12.21 -4.45 -12.32
C ASP A 115 13.42 -4.78 -13.22
N PRO A 116 13.31 -4.85 -14.58
CA PRO A 116 14.46 -5.04 -15.45
C PRO A 116 15.59 -3.98 -15.41
N ARG A 117 15.53 -2.88 -14.58
CA ARG A 117 16.48 -1.78 -14.69
C ARG A 117 16.74 -1.13 -13.31
N ASP A 118 16.05 -1.59 -12.24
CA ASP A 118 16.08 -0.88 -10.88
C ASP A 118 16.28 -1.84 -9.65
N SER A 119 17.09 -1.46 -8.63
CA SER A 119 17.36 -2.27 -7.44
C SER A 119 17.70 -3.77 -7.68
N PRO A 120 18.69 -4.15 -8.52
CA PRO A 120 19.06 -5.59 -8.70
C PRO A 120 19.43 -6.34 -7.44
N ARG A 121 19.52 -5.71 -6.26
CA ARG A 121 20.09 -6.22 -4.99
C ARG A 121 19.30 -7.32 -4.24
N TYR A 122 18.02 -7.59 -4.68
CA TYR A 122 17.10 -8.61 -4.13
C TYR A 122 16.18 -9.21 -5.11
N PRO A 123 15.85 -10.55 -5.01
CA PRO A 123 15.24 -11.22 -6.17
C PRO A 123 13.76 -10.86 -6.39
N VAL A 124 12.99 -10.65 -5.35
CA VAL A 124 11.58 -10.27 -5.38
C VAL A 124 11.20 -9.12 -4.48
N VAL A 125 10.08 -8.42 -4.81
CA VAL A 125 9.60 -7.09 -4.21
C VAL A 125 8.00 -7.08 -4.14
N PRO A 126 7.42 -6.36 -3.15
CA PRO A 126 5.91 -6.32 -2.92
C PRO A 126 5.39 -5.26 -3.91
N VAL A 127 4.18 -5.52 -4.46
CA VAL A 127 3.60 -4.66 -5.52
C VAL A 127 2.19 -4.10 -5.16
N HIS A 128 1.61 -4.69 -4.11
CA HIS A 128 0.24 -4.46 -3.66
C HIS A 128 0.02 -4.76 -2.19
N LEU A 129 -0.64 -3.96 -1.38
CA LEU A 129 -1.18 -4.30 -0.04
C LEU A 129 -2.53 -4.91 -0.22
N ASP A 130 -2.84 -6.14 0.19
CA ASP A 130 -4.13 -6.79 -0.04
C ASP A 130 -5.08 -6.48 1.16
N THR A 131 -4.54 -6.54 2.41
CA THR A 131 -5.33 -6.35 3.67
C THR A 131 -4.41 -6.23 4.91
N THR A 132 -4.92 -5.80 6.01
CA THR A 132 -4.32 -5.60 7.31
C THR A 132 -5.23 -6.06 8.44
N ILE A 133 -4.80 -6.99 9.30
CA ILE A 133 -5.70 -7.83 10.15
C ILE A 133 -5.35 -8.17 11.54
C1A LVZ B . -3.50 -0.59 -12.10
C2A LVZ B . -4.44 -0.71 -13.23
O1 LVZ B . -4.16 -0.78 -10.80
C3A LVZ B . -2.42 -1.65 -12.21
N9 LVZ B . -3.45 -1.11 -8.05
C1 LVZ B . -4.11 0.45 -9.96
S19 LVZ B . -1.80 -0.82 -7.79
O1S LVZ B . -1.74 0.16 -6.69
C2 LVZ B . -4.29 0.07 -8.52
S29 LVZ B . -6.88 3.97 -12.50
O2S LVZ B . -1.15 -0.28 -8.97
C3 LVZ B . -5.72 -0.25 -8.13
O3 LVZ B . -5.68 -0.24 -6.73
O3S LVZ B . -1.32 -2.13 -7.45
C4 LVZ B . -6.68 0.85 -8.65
O4 LVZ B . -8.04 0.37 -8.48
O4S LVZ B . -7.78 4.88 -11.83
C5 LVZ B . -6.46 1.18 -10.08
O5 LVZ B . -5.05 1.50 -10.36
O5S LVZ B . -5.50 4.22 -12.17
C6 LVZ B . -7.31 2.39 -10.61
O6 LVZ B . -7.19 2.51 -12.06
O6S LVZ B . -7.06 3.88 -13.92
H1A LVZ B . -3.06 0.40 -12.21
H2A LVZ B . -3.91 -0.41 -14.14
H2AA LVZ B . -4.75 -1.75 -13.34
H2B LVZ B . -5.26 -0.04 -13.01
H1 LVZ B . -3.10 0.86 -10.03
H2 LVZ B . -3.97 0.94 -7.94
H3A LVZ B . -2.26 -1.76 -13.29
H3AA LVZ B . -1.48 -1.35 -11.74
H3B LVZ B . -2.71 -2.63 -11.82
H3 LVZ B . -6.04 -1.22 -8.49
H4 LVZ B . -6.54 1.79 -8.11
H5 LVZ B . -6.65 0.30 -10.70
H61 LVZ B . -8.30 2.43 -10.16
H62 LVZ B . -6.94 3.31 -10.14
HN9 LVZ B . -3.50 -1.95 -8.62
HO3 LVZ B . -6.56 0.01 -6.40
C1 IDS B . -8.92 1.27 -7.72
C2 IDS B . -10.38 0.81 -7.89
C3 IDS B . -11.25 0.90 -6.59
C4 IDS B . -10.50 0.22 -5.40
C5 IDS B . -8.96 0.16 -5.59
C6 IDS B . -8.18 -0.29 -4.30
O2 IDS B . -10.90 1.61 -8.99
O3 IDS B . -12.52 0.22 -6.83
O4 IDS B . -10.85 0.88 -4.15
O5 IDS B . -8.53 1.35 -6.36
O6A IDS B . -8.52 -1.40 -3.85
O6B IDS B . -7.21 0.36 -3.91
S IDS B . -11.77 1.12 -10.15
O1S IDS B . -12.73 0.20 -9.61
O2S IDS B . -12.40 2.32 -10.67
O3S IDS B . -10.85 0.55 -11.14
H1 IDS B . -8.76 2.26 -8.15
H2 IDS B . -10.18 -0.21 -8.20
H3 IDS B . -11.56 1.91 -6.32
H4 IDS B . -10.92 -0.79 -5.37
H5 IDS B . -8.73 -0.73 -6.17
HO3 IDS B . -12.86 0.47 -7.69
C1 SGN B . -12.19 0.63 -3.76
C2 SGN B . -12.55 1.63 -2.65
C3 SGN B . -11.70 1.37 -1.45
C4 SGN B . -12.05 -0.08 -1.00
C5 SGN B . -11.79 -1.13 -2.10
C6 SGN B . -12.27 -2.56 -1.71
N2 SGN B . -12.38 3.08 -3.02
O3 SGN B . -12.03 2.31 -0.40
O4 SGN B . -10.99 -0.35 0.02
O5 SGN B . -12.47 -0.70 -3.33
O6 SGN B . -11.75 -3.43 -2.77
S1 SGN B . -13.61 3.69 -3.90
O1S SGN B . -13.56 3.22 -5.21
O2S SGN B . -14.88 3.45 -3.24
O3S SGN B . -13.37 5.08 -3.85
S2 SGN B . -11.09 -4.73 -2.29
O4S SGN B . -10.86 -5.54 -3.45
O5S SGN B . -12.03 -5.32 -1.35
O6S SGN B . -9.81 -4.36 -1.63
H1 SGN B . -12.87 0.83 -4.58
H2 SGN B . -13.61 1.55 -2.40
H3 SGN B . -10.64 1.44 -1.65
H4 SGN B . -13.04 -0.28 -0.60
H5 SGN B . -10.75 -1.30 -2.39
H61 SGN B . -11.76 -2.80 -0.79
H62 SGN B . -13.36 -2.62 -1.61
HN21 SGN B . -11.71 3.08 -3.78
HO3 SGN B . -12.98 2.39 -0.31
HO4 SGN B . -11.03 0.24 0.77
N ARG A 1 6.63 1.29 -17.31
CA ARG A 1 6.95 1.69 -15.97
C ARG A 1 6.15 3.01 -15.71
N PRO A 2 5.53 3.17 -14.53
CA PRO A 2 4.75 4.33 -14.17
C PRO A 2 5.31 5.75 -14.55
N PRO A 3 4.43 6.65 -15.08
CA PRO A 3 4.73 8.08 -15.40
C PRO A 3 5.66 8.90 -14.47
N GLN A 4 5.95 8.41 -13.18
CA GLN A 4 6.98 9.05 -12.29
C GLN A 4 7.67 7.98 -11.43
N PHE A 5 7.29 6.68 -11.25
CA PHE A 5 7.89 5.84 -10.21
C PHE A 5 8.09 4.34 -10.73
N THR A 6 8.71 3.43 -9.95
CA THR A 6 8.60 1.99 -10.17
C THR A 6 7.24 1.51 -9.60
N ARG A 7 6.69 0.35 -10.01
CA ARG A 7 5.58 -0.32 -9.29
C ARG A 7 5.83 -0.49 -7.80
N ALA A 8 7.03 -1.02 -7.42
CA ALA A 8 7.50 -1.27 -6.02
C ALA A 8 7.42 0.04 -5.18
N GLN A 9 7.83 1.20 -5.67
CA GLN A 9 7.82 2.52 -4.99
C GLN A 9 6.41 3.17 -5.03
N TRP A 10 5.67 3.07 -6.12
CA TRP A 10 4.30 3.40 -6.18
C TRP A 10 3.41 2.67 -5.15
N PHE A 11 3.63 1.34 -4.93
CA PHE A 11 3.09 0.64 -3.76
C PHE A 11 3.52 1.35 -2.40
N ALA A 12 4.76 1.85 -2.17
CA ALA A 12 5.15 2.46 -0.94
C ALA A 12 4.67 3.91 -0.83
N ILE A 13 4.60 4.66 -1.94
CA ILE A 13 3.95 5.98 -1.92
C ILE A 13 2.50 5.96 -1.54
N GLN A 14 1.83 4.83 -1.83
CA GLN A 14 0.43 4.63 -1.36
C GLN A 14 0.28 3.97 0.06
N HIS A 15 1.20 3.22 0.63
CA HIS A 15 0.91 2.22 1.66
C HIS A 15 2.06 2.16 2.73
N ILE A 16 3.20 2.72 2.48
CA ILE A 16 4.38 2.52 3.39
C ILE A 16 5.12 3.85 3.70
N SER A 17 5.30 4.18 4.98
CA SER A 17 6.17 5.23 5.49
C SER A 17 6.36 5.02 6.94
N LEU A 18 7.47 5.52 7.41
CA LEU A 18 8.01 5.27 8.73
C LEU A 18 7.51 6.19 9.86
N ASN A 19 7.06 7.35 9.49
CA ASN A 19 5.96 8.19 10.06
C ASN A 19 5.23 8.86 8.92
N PRO A 20 4.02 8.35 8.51
CA PRO A 20 3.32 9.00 7.40
C PRO A 20 2.72 10.35 7.87
N PRO A 21 2.29 11.34 6.92
CA PRO A 21 1.44 12.46 7.16
C PRO A 21 0.15 12.18 7.89
N ARG A 22 -0.56 13.16 8.34
CA ARG A 22 -2.03 12.95 8.55
C ARG A 22 -2.73 12.68 7.18
N CYS A 23 -3.85 11.98 7.29
CA CYS A 23 -4.66 11.59 6.13
C CYS A 23 -5.07 12.77 5.26
N THR A 24 -5.19 13.98 5.79
CA THR A 24 -5.43 15.26 5.03
C THR A 24 -4.47 15.55 3.92
N ILE A 25 -3.23 15.06 4.18
CA ILE A 25 -2.11 15.17 3.18
C ILE A 25 -1.83 13.81 2.55
N ALA A 26 -1.59 12.72 3.30
CA ALA A 26 -1.38 11.38 2.90
C ALA A 26 -2.34 11.00 1.71
N MET A 27 -3.64 11.29 1.79
CA MET A 27 -4.67 10.92 0.81
C MET A 27 -4.41 11.57 -0.59
N ARG A 28 -3.87 12.84 -0.60
CA ARG A 28 -3.60 13.59 -1.76
C ARG A 28 -2.65 12.83 -2.68
N ALA A 29 -1.85 11.91 -2.27
CA ALA A 29 -1.05 10.99 -3.12
C ALA A 29 -1.83 10.13 -4.16
N ILE A 30 -3.11 10.13 -4.10
CA ILE A 30 -3.98 9.40 -4.99
C ILE A 30 -5.25 10.11 -5.37
N ASN A 31 -5.79 10.77 -4.42
CA ASN A 31 -7.12 11.44 -4.53
C ASN A 31 -7.01 12.67 -5.52
N ASN A 32 -5.74 13.18 -5.65
CA ASN A 32 -5.38 14.31 -6.41
C ASN A 32 -4.45 13.95 -7.65
N TYR A 33 -4.21 12.66 -7.88
CA TYR A 33 -3.39 12.10 -8.94
C TYR A 33 -4.06 11.06 -9.86
N ARG A 34 -4.95 10.18 -9.40
CA ARG A 34 -6.00 9.57 -10.16
C ARG A 34 -7.21 10.50 -10.38
N TRP A 35 -8.12 10.24 -11.32
CA TRP A 35 -9.23 11.13 -11.75
C TRP A 35 -10.33 11.44 -10.66
N ARG A 36 -10.37 10.63 -9.62
CA ARG A 36 -11.28 10.79 -8.45
C ARG A 36 -10.66 10.43 -7.19
N CYS A 37 -11.30 10.85 -6.06
CA CYS A 37 -11.01 10.52 -4.58
C CYS A 37 -11.26 9.06 -4.26
N LYS A 38 -10.29 8.39 -3.78
CA LYS A 38 -10.43 7.05 -3.18
C LYS A 38 -11.16 7.11 -1.84
N ASN A 39 -12.08 6.17 -1.67
CA ASN A 39 -12.94 6.08 -0.50
C ASN A 39 -12.21 5.52 0.74
N GLN A 40 -11.22 4.60 0.69
CA GLN A 40 -10.41 4.23 1.86
C GLN A 40 -8.87 4.23 1.46
N ASN A 41 -8.02 4.30 2.46
CA ASN A 41 -6.56 3.80 2.30
C ASN A 41 -5.98 3.33 3.70
N THR A 42 -4.79 2.70 3.66
CA THR A 42 -4.13 2.24 4.88
C THR A 42 -2.64 2.41 4.56
N PHE A 43 -1.89 2.87 5.52
CA PHE A 43 -0.43 3.08 5.44
C PHE A 43 0.28 2.30 6.59
N LEU A 44 1.33 1.47 6.37
CA LEU A 44 1.97 0.75 7.44
C LEU A 44 3.37 1.34 7.73
N ARG A 45 3.84 1.18 8.98
CA ARG A 45 5.09 1.71 9.55
C ARG A 45 6.17 0.69 9.65
N THR A 46 6.60 0.17 8.49
CA THR A 46 7.70 -0.79 8.26
C THR A 46 8.45 -0.43 7.00
N THR A 47 9.69 -0.79 6.94
CA THR A 47 10.68 -0.64 5.83
C THR A 47 10.24 -1.39 4.56
N PHE A 48 10.55 -0.84 3.43
CA PHE A 48 10.55 -1.68 2.20
C PHE A 48 11.33 -2.96 2.44
N ALA A 49 12.50 -2.89 3.11
CA ALA A 49 13.26 -4.07 3.44
C ALA A 49 12.49 -5.15 4.22
N ASN A 50 11.59 -4.71 5.12
CA ASN A 50 10.62 -5.62 5.74
C ASN A 50 9.51 -6.19 4.82
N VAL A 51 8.97 -5.42 3.92
CA VAL A 51 7.99 -5.97 2.90
C VAL A 51 8.71 -7.02 2.03
N VAL A 52 9.90 -6.77 1.41
CA VAL A 52 10.74 -7.68 0.63
C VAL A 52 11.09 -8.96 1.43
N ASN A 53 11.32 -8.81 2.74
CA ASN A 53 11.45 -9.98 3.62
C ASN A 53 10.14 -10.83 3.64
N VAL A 54 9.00 -10.17 3.94
CA VAL A 54 7.59 -10.75 3.96
C VAL A 54 7.22 -11.35 2.59
N CYS A 55 7.63 -10.75 1.46
CA CYS A 55 7.42 -11.37 0.15
C CYS A 55 8.14 -12.73 0.01
N GLY A 56 9.12 -13.05 0.87
CA GLY A 56 9.73 -14.39 0.85
C GLY A 56 9.20 -15.37 1.87
N ASN A 57 8.41 -14.99 2.87
CA ASN A 57 7.57 -15.82 3.68
C ASN A 57 6.68 -16.76 2.75
N GLN A 58 6.08 -17.82 3.28
CA GLN A 58 5.33 -18.82 2.47
C GLN A 58 4.22 -18.13 1.71
N SER A 59 3.79 -18.79 0.61
CA SER A 59 2.84 -18.24 -0.39
C SER A 59 1.44 -18.87 -0.18
N ILE A 60 0.43 -18.00 -0.27
CA ILE A 60 -0.95 -18.30 -0.14
C ILE A 60 -1.83 -17.64 -1.26
N ARG A 61 -3.19 -17.70 -1.21
CA ARG A 61 -4.05 -16.88 -2.04
C ARG A 61 -5.00 -15.98 -1.29
N CYS A 62 -5.48 -15.00 -1.97
CA CYS A 62 -6.23 -13.96 -1.34
C CYS A 62 -7.49 -13.61 -2.17
N PRO A 63 -8.40 -12.81 -1.60
CA PRO A 63 -9.69 -12.62 -2.18
C PRO A 63 -9.73 -11.97 -3.59
N HIS A 64 -8.86 -11.06 -3.95
CA HIS A 64 -8.90 -10.23 -5.17
C HIS A 64 -7.61 -10.40 -6.03
N ASN A 65 -7.27 -11.66 -6.36
CA ASN A 65 -5.93 -12.27 -6.45
C ASN A 65 -5.71 -13.11 -7.70
N ARG A 66 -6.67 -13.31 -8.59
CA ARG A 66 -6.49 -14.24 -9.70
C ARG A 66 -5.24 -14.10 -10.61
N THR A 67 -4.75 -12.86 -10.89
CA THR A 67 -3.76 -12.45 -11.93
C THR A 67 -2.36 -12.67 -11.50
N LEU A 68 -2.22 -13.13 -10.23
CA LEU A 68 -0.99 -13.83 -9.77
C LEU A 68 -1.29 -15.10 -8.97
N ASN A 69 -2.52 -15.32 -8.46
CA ASN A 69 -2.89 -16.31 -7.50
C ASN A 69 -1.71 -16.64 -6.49
N ASN A 70 -1.11 -15.54 -5.99
CA ASN A 70 0.03 -15.55 -5.05
C ASN A 70 -0.06 -14.27 -4.15
N CYS A 71 -0.05 -14.41 -2.84
CA CYS A 71 0.08 -13.39 -1.75
C CYS A 71 0.80 -13.96 -0.48
N HIS A 72 1.32 -13.16 0.43
CA HIS A 72 2.19 -13.45 1.62
C HIS A 72 1.74 -12.59 2.79
N ARG A 73 1.92 -13.08 4.03
CA ARG A 73 1.45 -12.48 5.26
C ARG A 73 2.65 -12.29 6.32
N SER A 74 2.67 -11.19 7.03
CA SER A 74 3.68 -10.78 8.00
C SER A 74 3.99 -11.72 9.16
N ARG A 75 5.35 -11.71 9.44
CA ARG A 75 5.84 -12.62 10.58
C ARG A 75 5.46 -12.01 11.94
N PHE A 76 5.00 -10.75 12.03
CA PHE A 76 4.65 -9.90 13.22
C PHE A 76 3.76 -8.66 12.88
N ARG A 77 3.16 -8.00 13.88
CA ARG A 77 2.30 -6.85 13.75
C ARG A 77 3.21 -5.61 13.52
N VAL A 78 2.62 -4.56 12.94
CA VAL A 78 3.35 -3.29 12.73
C VAL A 78 2.46 -2.17 13.12
N PRO A 79 3.00 -1.00 13.58
CA PRO A 79 2.21 0.19 13.72
C PRO A 79 1.72 0.63 12.40
N LEU A 80 0.50 1.22 12.29
CA LEU A 80 -0.04 1.56 10.95
C LEU A 80 -1.05 2.71 11.10
N LEU A 81 -1.52 3.16 9.89
CA LEU A 81 -2.42 4.34 9.87
C LEU A 81 -3.37 4.16 8.65
N HIS A 82 -4.70 3.94 8.99
CA HIS A 82 -5.89 3.86 8.12
C HIS A 82 -6.45 5.30 7.91
N CYS A 83 -7.08 5.42 6.71
CA CYS A 83 -7.66 6.75 6.31
C CYS A 83 -9.00 6.60 5.67
N ASP A 84 -9.87 7.56 5.99
CA ASP A 84 -11.27 7.51 5.66
C ASP A 84 -11.86 8.89 5.17
N LEU A 85 -12.92 8.88 4.36
CA LEU A 85 -13.48 10.01 3.65
C LEU A 85 -14.77 10.40 4.47
N ILE A 86 -15.07 11.65 4.70
CA ILE A 86 -16.16 12.02 5.57
C ILE A 86 -17.54 11.94 4.84
N ASN A 87 -17.56 12.07 3.50
CA ASN A 87 -18.78 12.18 2.69
C ASN A 87 -18.85 11.10 1.65
N PRO A 88 -19.30 9.85 1.87
CA PRO A 88 -19.43 8.73 0.86
C PRO A 88 -20.10 9.01 -0.53
N GLY A 89 -20.22 10.19 -1.04
CA GLY A 89 -20.63 10.56 -2.36
C GLY A 89 -19.78 11.61 -3.05
N ALA A 90 -18.90 12.23 -2.30
CA ALA A 90 -17.77 13.03 -2.76
C ALA A 90 -16.79 12.20 -3.58
N GLN A 91 -16.35 12.70 -4.73
CA GLN A 91 -15.36 12.11 -5.65
C GLN A 91 -14.40 13.21 -6.28
N ASN A 92 -14.52 14.53 -6.09
CA ASN A 92 -13.62 15.55 -6.68
C ASN A 92 -12.83 16.32 -5.58
N ILE A 93 -11.51 16.54 -5.80
CA ILE A 93 -10.53 17.14 -4.94
C ILE A 93 -11.01 18.52 -4.31
N SER A 94 -11.74 19.36 -5.04
CA SER A 94 -12.53 20.54 -4.55
C SER A 94 -13.51 20.28 -3.39
N ASN A 95 -13.94 19.02 -3.11
CA ASN A 95 -15.12 18.72 -2.23
C ASN A 95 -14.87 17.51 -1.22
N CYS A 96 -13.93 16.63 -1.51
CA CYS A 96 -13.43 15.50 -0.69
C CYS A 96 -12.61 15.90 0.57
N ARG A 97 -12.92 15.29 1.78
CA ARG A 97 -12.30 15.54 3.12
C ARG A 97 -12.12 14.19 3.86
N TYR A 98 -11.12 14.21 4.76
CA TYR A 98 -10.58 13.06 5.43
C TYR A 98 -10.49 13.12 6.93
N ALA A 99 -10.25 11.94 7.51
CA ALA A 99 -9.92 11.83 8.98
C ALA A 99 -9.00 10.60 9.14
N ASP A 100 -8.23 10.52 10.24
CA ASP A 100 -7.25 9.49 10.64
C ASP A 100 -7.86 8.34 11.35
N ARG A 101 -7.37 7.09 11.21
CA ARG A 101 -7.74 5.95 12.06
C ARG A 101 -6.49 5.14 12.31
N PRO A 102 -5.57 5.65 13.23
CA PRO A 102 -4.37 4.94 13.58
C PRO A 102 -4.53 3.51 14.20
N GLY A 103 -3.47 2.64 14.13
CA GLY A 103 -3.51 1.23 14.54
C GLY A 103 -2.20 0.42 14.70
N ARG A 104 -2.40 -0.88 15.00
CA ARG A 104 -1.39 -1.95 15.08
C ARG A 104 -1.92 -3.32 14.76
N ARG A 105 -1.65 -3.84 13.59
CA ARG A 105 -2.16 -5.17 13.05
C ARG A 105 -1.10 -6.02 12.28
N PHE A 106 -1.33 -7.28 12.01
CA PHE A 106 -0.52 -8.03 10.98
C PHE A 106 -0.86 -7.51 9.57
N TYR A 107 -0.11 -7.79 8.45
CA TYR A 107 -0.38 -7.38 7.04
C TYR A 107 -0.14 -8.42 5.95
N VAL A 108 -0.82 -8.06 4.83
CA VAL A 108 -0.86 -8.97 3.65
C VAL A 108 -0.55 -8.19 2.38
N VAL A 109 0.31 -8.75 1.54
CA VAL A 109 0.84 -8.11 0.33
C VAL A 109 0.86 -9.06 -0.86
N ALA A 110 0.67 -8.59 -2.06
CA ALA A 110 1.13 -9.34 -3.30
C ALA A 110 2.48 -8.82 -3.72
N CYS A 111 3.21 -9.61 -4.46
CA CYS A 111 4.68 -9.56 -4.73
C CYS A 111 5.04 -10.14 -6.15
N ASP A 112 6.03 -9.60 -6.91
CA ASP A 112 6.24 -9.94 -8.32
C ASP A 112 7.75 -9.78 -8.79
N ASN A 113 8.11 -10.34 -9.95
CA ASN A 113 9.44 -10.30 -10.55
C ASN A 113 10.03 -8.89 -10.55
N ARG A 114 11.29 -8.77 -10.22
CA ARG A 114 11.97 -7.49 -10.40
C ARG A 114 11.75 -6.63 -11.66
N ASP A 115 11.90 -5.32 -11.54
CA ASP A 115 12.04 -4.35 -12.66
C ASP A 115 13.40 -4.57 -13.30
N PRO A 116 13.64 -4.86 -14.61
CA PRO A 116 14.94 -5.12 -15.20
C PRO A 116 16.07 -4.13 -14.89
N ARG A 117 15.79 -2.82 -14.77
CA ARG A 117 16.82 -1.73 -14.73
C ARG A 117 16.93 -1.09 -13.33
N ASP A 118 16.43 -1.72 -12.21
CA ASP A 118 16.36 -1.14 -10.91
C ASP A 118 16.62 -2.13 -9.76
N SER A 119 17.23 -1.70 -8.67
CA SER A 119 17.21 -2.41 -7.33
C SER A 119 17.57 -3.96 -7.26
N PRO A 120 18.73 -4.46 -7.83
CA PRO A 120 18.84 -5.89 -8.13
C PRO A 120 19.35 -6.72 -6.92
N ARG A 121 19.30 -6.27 -5.70
CA ARG A 121 19.77 -7.08 -4.56
C ARG A 121 18.83 -8.26 -4.12
N TYR A 122 17.69 -8.34 -4.91
CA TYR A 122 16.67 -9.35 -4.83
C TYR A 122 16.08 -9.62 -6.24
N PRO A 123 15.52 -10.83 -6.56
CA PRO A 123 14.83 -11.17 -7.79
C PRO A 123 13.33 -10.75 -7.78
N VAL A 124 12.76 -10.45 -6.62
CA VAL A 124 11.32 -10.05 -6.53
C VAL A 124 11.14 -8.81 -5.66
N VAL A 125 9.96 -8.20 -5.74
CA VAL A 125 9.52 -6.92 -5.02
C VAL A 125 8.00 -6.98 -4.68
N PRO A 126 7.55 -6.28 -3.65
CA PRO A 126 6.10 -6.08 -3.31
C PRO A 126 5.33 -5.31 -4.40
N VAL A 127 4.05 -5.56 -4.53
CA VAL A 127 3.34 -4.82 -5.66
C VAL A 127 1.96 -4.33 -5.36
N HIS A 128 1.45 -4.81 -4.25
CA HIS A 128 0.07 -4.49 -3.79
C HIS A 128 -0.14 -4.83 -2.31
N LEU A 129 -0.97 -4.02 -1.61
CA LEU A 129 -1.43 -4.28 -0.22
C LEU A 129 -2.87 -4.82 -0.12
N ASP A 130 -3.11 -5.84 0.67
CA ASP A 130 -4.46 -6.51 0.62
C ASP A 130 -5.31 -6.09 1.82
N THR A 131 -4.71 -6.29 3.04
CA THR A 131 -5.43 -6.05 4.29
C THR A 131 -4.47 -5.89 5.49
N THR A 132 -5.05 -5.46 6.60
CA THR A 132 -4.39 -5.53 7.92
C THR A 132 -5.36 -5.99 8.97
N ILE A 133 -4.89 -6.78 9.93
CA ILE A 133 -5.79 -7.56 10.71
C ILE A 133 -5.41 -7.82 12.16
C1A LVZ B . -3.44 -0.52 -12.17
C2A LVZ B . -4.71 -0.73 -13.11
O1 LVZ B . -3.86 -0.76 -10.81
C3A LVZ B . -2.24 -1.43 -12.54
N9 LVZ B . -2.91 -1.22 -8.03
C1 LVZ B . -3.64 0.41 -9.95
S19 LVZ B . -1.39 -0.74 -7.76
O1S LVZ B . -1.49 0.21 -6.65
C2 LVZ B . -3.73 -0.04 -8.47
S29 LVZ B . -5.84 3.98 -12.14
O2S LVZ B . -0.74 -0.26 -8.93
C3 LVZ B . -5.20 -0.35 -8.08
O3 LVZ B . -5.31 -0.48 -6.63
O3S LVZ B . -0.91 -2.05 -7.30
C4 LVZ B . -6.19 0.69 -8.53
O4 LVZ B . -7.61 0.18 -8.34
O4S LVZ B . -6.84 4.97 -11.90
C5 LVZ B . -6.04 1.20 -9.92
O5 LVZ B . -4.57 1.49 -10.16
O5S LVZ B . -4.64 4.20 -11.39
C6 LVZ B . -6.70 2.46 -10.21
O6 LVZ B . -6.50 2.74 -11.61
O6S LVZ B . -5.60 3.63 -13.53
H1A LVZ B . -3.17 0.53 -12.30
H2A LVZ B . -4.45 -0.39 -14.11
H2AA LVZ B . -4.97 -1.78 -13.26
H2B LVZ B . -5.56 -0.08 -12.82
H1 LVZ B . -2.65 0.87 -10.09
H2 LVZ B . -3.55 0.85 -7.88
H3A LVZ B . -1.91 -1.12 -13.53
H3AA LVZ B . -1.43 -1.29 -11.85
H3B LVZ B . -2.50 -2.49 -12.54
H3 LVZ B . -5.43 -1.33 -8.51
H4 LVZ B . -6.03 1.55 -7.85
H5 LVZ B . -6.45 0.53 -10.68
H61 LVZ B . -7.75 2.49 -9.93
H62 LVZ B . -6.15 3.17 -9.59
HN9 LVZ B . -2.80 -1.87 -8.79
HO3 LVZ B . -5.85 0.25 -6.33
C1 IDS B . -8.42 0.86 -7.38
C2 IDS B . -9.94 0.71 -7.75
C3 IDS B . -10.90 0.50 -6.58
C4 IDS B . -10.47 -0.41 -5.51
C5 IDS B . -8.92 -0.79 -5.61
C6 IDS B . -8.43 -1.60 -4.39
O2 IDS B . -10.36 1.93 -8.46
O3 IDS B . -12.10 0.00 -7.14
O4 IDS B . -10.74 0.23 -4.24
O5 IDS B . -8.14 0.45 -6.01
O6A IDS B . -8.95 -2.67 -4.23
O6B IDS B . -7.34 -1.28 -3.81
S IDS B . -11.04 1.76 -9.85
O1S IDS B . -12.39 1.49 -9.55
O2S IDS B . -10.79 3.01 -10.50
O3S IDS B . -10.34 0.70 -10.52
H1 IDS B . -8.28 1.94 -7.37
H2 IDS B . -9.93 -0.17 -8.38
H3 IDS B . -11.10 1.49 -6.16
H4 IDS B . -11.02 -1.35 -5.55
H5 IDS B . -8.82 -1.47 -6.45
HO3 IDS B . -12.34 0.39 -7.98
C1 SGN B . -12.19 0.07 -3.82
C2 SGN B . -12.45 1.12 -2.72
C3 SGN B . -11.65 0.81 -1.47
C4 SGN B . -11.92 -0.61 -1.03
C5 SGN B . -11.77 -1.74 -2.04
C6 SGN B . -12.44 -2.94 -1.63
N2 SGN B . -12.11 2.42 -3.17
O3 SGN B . -12.11 1.67 -0.42
O4 SGN B . -10.87 -0.87 -0.07
O5 SGN B . -12.47 -1.29 -3.29
O6 SGN B . -11.53 -4.11 -1.86
S1 SGN B . -13.33 3.20 -3.93
O1S SGN B . -13.36 2.62 -5.31
O2S SGN B . -14.56 2.99 -3.19
O3S SGN B . -12.92 4.57 -3.93
S2 SGN B . -10.43 -4.55 -0.75
O4S SGN B . -9.85 -5.81 -1.15
O5S SGN B . -11.19 -4.76 0.52
O6S SGN B . -9.47 -3.43 -0.63
H1 SGN B . -12.85 0.27 -4.66
H2 SGN B . -13.48 1.09 -2.37
H3 SGN B . -10.57 0.90 -1.66
H4 SGN B . -12.84 -0.76 -0.48
H5 SGN B . -10.75 -2.01 -2.30
H61 SGN B . -12.77 -2.99 -0.59
H62 SGN B . -13.34 -3.08 -2.22
HN21 SGN B . -11.45 2.33 -3.94
HO3 SGN B . -12.57 1.18 0.26
HO4 SGN B . -10.98 -0.34 0.72
N ARG A 1 4.70 -0.48 -15.93
CA ARG A 1 5.45 0.65 -15.40
C ARG A 1 4.68 1.95 -15.29
N PRO A 2 4.35 2.46 -14.05
CA PRO A 2 3.66 3.74 -13.71
C PRO A 2 4.33 5.03 -14.28
N PRO A 3 3.62 6.13 -14.48
CA PRO A 3 4.04 7.17 -15.36
C PRO A 3 5.25 7.96 -14.82
N GLN A 4 5.66 7.80 -13.56
CA GLN A 4 6.98 8.27 -13.06
C GLN A 4 7.63 7.30 -11.93
N PHE A 5 7.22 6.01 -11.93
CA PHE A 5 7.65 5.03 -10.92
C PHE A 5 7.93 3.64 -11.55
N THR A 6 8.78 2.87 -10.86
CA THR A 6 8.63 1.38 -10.79
C THR A 6 7.44 0.92 -9.95
N ARG A 7 6.99 -0.34 -10.19
CA ARG A 7 5.87 -0.90 -9.43
C ARG A 7 6.20 -0.95 -7.93
N ALA A 8 7.35 -1.50 -7.50
CA ALA A 8 7.84 -1.47 -6.11
C ALA A 8 7.70 -0.08 -5.48
N GLN A 9 8.21 0.98 -6.12
CA GLN A 9 8.18 2.38 -5.60
C GLN A 9 6.78 2.99 -5.49
N TRP A 10 5.90 2.66 -6.41
CA TRP A 10 4.47 3.08 -6.35
C TRP A 10 3.66 2.18 -5.40
N PHE A 11 3.98 0.84 -5.24
CA PHE A 11 3.42 0.14 -4.07
C PHE A 11 3.80 0.71 -2.68
N ALA A 12 5.03 1.21 -2.55
CA ALA A 12 5.48 1.80 -1.29
C ALA A 12 4.84 3.16 -1.12
N ILE A 13 4.90 4.12 -2.10
CA ILE A 13 4.32 5.51 -1.96
C ILE A 13 2.85 5.42 -1.64
N GLN A 14 2.22 4.39 -2.14
CA GLN A 14 0.76 4.16 -1.80
C GLN A 14 0.44 3.46 -0.41
N HIS A 15 1.36 2.75 0.28
CA HIS A 15 1.02 1.89 1.45
C HIS A 15 2.12 1.67 2.45
N ILE A 16 3.32 2.07 2.12
CA ILE A 16 4.46 1.84 2.96
C ILE A 16 5.28 3.14 3.06
N SER A 17 5.06 3.79 4.23
CA SER A 17 5.30 5.21 4.57
C SER A 17 5.53 5.28 6.05
N LEU A 18 6.83 5.46 6.43
CA LEU A 18 7.37 5.28 7.76
C LEU A 18 7.04 6.42 8.69
N ASN A 19 6.90 7.67 8.26
CA ASN A 19 6.72 8.82 9.23
C ASN A 19 5.74 9.86 8.66
N PRO A 20 4.59 9.44 8.21
CA PRO A 20 3.61 10.14 7.41
C PRO A 20 2.87 11.28 8.08
N PRO A 21 2.24 12.19 7.29
CA PRO A 21 1.39 13.21 7.75
C PRO A 21 -0.01 12.63 8.01
N ARG A 22 -0.93 13.54 8.48
CA ARG A 22 -2.31 13.09 8.71
C ARG A 22 -3.06 12.86 7.36
N CYS A 23 -4.31 12.29 7.43
CA CYS A 23 -5.10 11.97 6.28
C CYS A 23 -5.43 13.27 5.45
N THR A 24 -5.47 14.47 6.06
CA THR A 24 -5.51 15.81 5.43
C THR A 24 -4.51 15.98 4.32
N ILE A 25 -3.36 15.33 4.39
CA ILE A 25 -2.32 15.52 3.34
C ILE A 25 -2.10 14.23 2.57
N ALA A 26 -1.94 13.08 3.27
CA ALA A 26 -1.51 11.77 2.84
C ALA A 26 -2.44 11.20 1.78
N MET A 27 -3.73 11.57 1.75
CA MET A 27 -4.60 11.13 0.63
C MET A 27 -4.25 11.65 -0.74
N ARG A 28 -3.73 12.88 -0.80
CA ARG A 28 -3.60 13.66 -2.07
C ARG A 28 -2.81 12.91 -3.19
N ALA A 29 -1.84 12.05 -2.83
CA ALA A 29 -1.00 11.24 -3.73
C ALA A 29 -1.78 10.27 -4.60
N ILE A 30 -3.05 10.05 -4.29
CA ILE A 30 -3.97 9.24 -5.12
C ILE A 30 -5.22 10.13 -5.31
N ASN A 31 -5.73 10.92 -4.36
CA ASN A 31 -7.05 11.63 -4.56
C ASN A 31 -6.96 12.88 -5.43
N ASN A 32 -5.79 13.52 -5.45
CA ASN A 32 -5.45 14.53 -6.46
C ASN A 32 -4.77 13.99 -7.72
N TYR A 33 -3.92 12.95 -7.64
CA TYR A 33 -3.08 12.37 -8.74
C TYR A 33 -3.92 11.43 -9.68
N ARG A 34 -4.84 10.68 -9.16
CA ARG A 34 -5.84 9.91 -9.93
C ARG A 34 -7.07 10.76 -10.26
N TRP A 35 -7.97 10.38 -11.14
CA TRP A 35 -9.04 11.26 -11.76
C TRP A 35 -10.26 11.69 -10.84
N ARG A 36 -10.39 11.03 -9.71
CA ARG A 36 -11.47 11.09 -8.67
C ARG A 36 -10.83 10.72 -7.32
N CYS A 37 -11.37 11.19 -6.21
CA CYS A 37 -11.22 10.76 -4.83
C CYS A 37 -11.58 9.28 -4.54
N LYS A 38 -10.58 8.53 -3.95
CA LYS A 38 -10.78 7.24 -3.28
C LYS A 38 -11.46 7.35 -1.84
N ASN A 39 -12.28 6.45 -1.40
CA ASN A 39 -13.13 6.48 -0.23
C ASN A 39 -12.31 6.19 1.05
N GLN A 40 -11.25 5.43 1.02
CA GLN A 40 -10.38 4.91 2.06
C GLN A 40 -8.87 4.64 1.58
N ASN A 41 -7.95 4.78 2.54
CA ASN A 41 -6.65 4.10 2.36
C ASN A 41 -5.98 3.62 3.64
N THR A 42 -4.89 2.78 3.59
CA THR A 42 -3.99 2.40 4.73
C THR A 42 -2.49 2.59 4.35
N PHE A 43 -1.69 3.24 5.19
CA PHE A 43 -0.25 3.20 5.12
C PHE A 43 0.38 2.62 6.36
N LEU A 44 1.36 1.72 6.19
CA LEU A 44 2.02 1.14 7.29
C LEU A 44 3.27 1.87 7.49
N ARG A 45 3.50 2.20 8.77
CA ARG A 45 4.76 2.69 9.30
C ARG A 45 5.87 1.71 9.52
N THR A 46 6.25 1.01 8.45
CA THR A 46 7.42 0.10 8.41
C THR A 46 8.33 0.30 7.13
N THR A 47 9.40 -0.40 6.96
CA THR A 47 10.39 -0.09 5.91
C THR A 47 10.11 -1.00 4.71
N PHE A 48 10.52 -0.67 3.51
CA PHE A 48 10.42 -1.45 2.29
C PHE A 48 11.10 -2.88 2.46
N ALA A 49 12.26 -2.98 3.11
CA ALA A 49 12.96 -4.26 3.33
C ALA A 49 12.10 -5.26 4.14
N ASN A 50 11.40 -4.82 5.15
CA ASN A 50 10.40 -5.62 5.91
C ASN A 50 9.41 -6.33 4.94
N VAL A 51 8.96 -5.64 3.93
CA VAL A 51 8.13 -6.23 2.86
C VAL A 51 8.79 -7.31 2.02
N VAL A 52 10.03 -7.05 1.51
CA VAL A 52 10.85 -8.00 0.77
C VAL A 52 11.18 -9.34 1.46
N ASN A 53 11.19 -9.32 2.84
CA ASN A 53 11.20 -10.44 3.79
C ASN A 53 9.86 -11.21 3.75
N VAL A 54 8.72 -10.47 3.93
CA VAL A 54 7.36 -11.02 3.74
C VAL A 54 7.08 -11.67 2.32
N CYS A 55 7.65 -11.12 1.26
CA CYS A 55 7.79 -11.68 -0.13
C CYS A 55 8.61 -12.96 -0.21
N GLY A 56 9.07 -13.57 0.88
CA GLY A 56 9.75 -14.87 0.84
C GLY A 56 9.17 -15.80 1.93
N ASN A 57 8.12 -15.34 2.62
CA ASN A 57 7.27 -16.10 3.49
C ASN A 57 6.39 -17.17 2.81
N GLN A 58 5.77 -18.05 3.58
CA GLN A 58 4.87 -19.00 3.05
C GLN A 58 3.77 -18.48 2.06
N SER A 59 3.54 -19.28 1.07
CA SER A 59 2.72 -18.98 -0.14
C SER A 59 1.30 -19.39 0.08
N ILE A 60 0.38 -18.37 0.08
CA ILE A 60 -1.07 -18.60 0.09
C ILE A 60 -1.84 -17.94 -1.04
N ARG A 61 -3.18 -18.03 -1.04
CA ARG A 61 -4.03 -17.30 -1.98
C ARG A 61 -5.02 -16.47 -1.14
N CYS A 62 -5.69 -15.43 -1.70
CA CYS A 62 -6.47 -14.46 -1.06
C CYS A 62 -7.83 -14.25 -1.80
N PRO A 63 -8.80 -13.60 -1.23
CA PRO A 63 -10.16 -13.44 -1.83
C PRO A 63 -10.32 -12.27 -2.84
N HIS A 64 -9.25 -11.51 -3.23
CA HIS A 64 -9.25 -10.49 -4.36
C HIS A 64 -7.96 -10.61 -5.24
N ASN A 65 -7.51 -11.82 -5.38
CA ASN A 65 -6.18 -12.17 -5.83
C ASN A 65 -6.18 -13.14 -7.03
N ARG A 66 -7.30 -13.54 -7.59
CA ARG A 66 -7.49 -14.70 -8.55
C ARG A 66 -6.67 -14.60 -9.84
N THR A 67 -6.30 -13.36 -10.12
CA THR A 67 -5.39 -13.02 -11.30
C THR A 67 -3.99 -13.46 -11.23
N LEU A 68 -3.54 -13.90 -10.00
CA LEU A 68 -2.34 -14.71 -9.79
C LEU A 68 -2.35 -15.75 -8.71
N ASN A 69 -3.31 -15.92 -7.79
CA ASN A 69 -3.53 -17.10 -6.90
C ASN A 69 -2.25 -17.42 -6.06
N ASN A 70 -1.70 -16.29 -5.55
CA ASN A 70 -0.40 -16.29 -4.93
C ASN A 70 -0.25 -14.96 -4.19
N CYS A 71 -0.42 -15.00 -2.86
CA CYS A 71 -0.14 -13.76 -2.03
C CYS A 71 0.55 -14.22 -0.71
N HIS A 72 0.98 -13.27 0.14
CA HIS A 72 1.73 -13.53 1.44
C HIS A 72 1.32 -12.59 2.62
N ARG A 73 1.43 -12.96 3.89
CA ARG A 73 1.13 -12.15 5.07
C ARG A 73 2.29 -12.12 6.01
N SER A 74 2.39 -11.03 6.82
CA SER A 74 3.48 -10.73 7.69
C SER A 74 3.69 -11.69 8.89
N ARG A 75 4.91 -11.97 9.28
CA ARG A 75 5.30 -12.76 10.49
C ARG A 75 4.76 -12.16 11.79
N PHE A 76 4.69 -10.83 11.87
CA PHE A 76 4.18 -10.12 13.06
C PHE A 76 3.22 -8.96 12.66
N ARG A 77 2.77 -8.21 13.72
CA ARG A 77 2.07 -6.94 13.58
C ARG A 77 3.09 -5.83 13.32
N VAL A 78 2.65 -4.76 12.59
CA VAL A 78 3.41 -3.50 12.48
C VAL A 78 2.52 -2.26 12.73
N PRO A 79 3.05 -1.03 13.08
CA PRO A 79 2.27 0.22 13.16
C PRO A 79 1.80 0.72 11.82
N LEU A 80 0.68 1.47 11.81
CA LEU A 80 0.05 2.01 10.67
C LEU A 80 -0.86 3.30 10.92
N LEU A 81 -1.27 3.84 9.80
CA LEU A 81 -2.41 4.75 9.67
C LEU A 81 -3.50 4.35 8.64
N HIS A 82 -4.75 4.08 9.02
CA HIS A 82 -5.94 4.05 8.14
C HIS A 82 -6.54 5.44 7.97
N CYS A 83 -7.21 5.65 6.86
CA CYS A 83 -7.76 6.95 6.42
C CYS A 83 -9.15 6.77 5.68
N ASP A 84 -9.98 7.83 5.72
CA ASP A 84 -11.37 7.74 5.60
C ASP A 84 -11.95 9.10 5.01
N LEU A 85 -12.78 8.98 3.97
CA LEU A 85 -13.43 10.07 3.32
C LEU A 85 -14.63 10.66 4.12
N ILE A 86 -14.56 11.70 4.94
CA ILE A 86 -15.63 12.21 5.84
C ILE A 86 -17.03 12.56 5.21
N ASN A 87 -17.06 12.80 3.89
CA ASN A 87 -18.28 12.65 3.11
C ASN A 87 -18.04 11.77 1.94
N PRO A 88 -18.64 10.57 1.92
CA PRO A 88 -18.60 9.63 0.74
C PRO A 88 -19.24 10.18 -0.49
N GLY A 89 -20.16 11.16 -0.36
CA GLY A 89 -20.61 11.89 -1.55
C GLY A 89 -19.57 12.66 -2.36
N ALA A 90 -18.36 12.75 -1.85
CA ALA A 90 -17.31 13.69 -2.36
C ALA A 90 -16.50 13.02 -3.55
N GLN A 91 -16.23 13.81 -4.56
CA GLN A 91 -15.60 13.36 -5.79
C GLN A 91 -14.56 14.27 -6.47
N ASN A 92 -14.77 15.59 -6.50
CA ASN A 92 -13.83 16.66 -6.63
C ASN A 92 -13.17 17.11 -5.28
N ILE A 93 -11.85 17.35 -5.40
CA ILE A 93 -11.10 17.91 -4.26
C ILE A 93 -11.66 19.15 -3.47
N SER A 94 -12.65 19.83 -4.02
CA SER A 94 -13.34 20.96 -3.44
C SER A 94 -14.31 20.57 -2.28
N ASN A 95 -14.58 19.27 -2.15
CA ASN A 95 -15.42 18.70 -1.06
C ASN A 95 -14.69 17.59 -0.43
N CYS A 96 -13.73 16.89 -1.04
CA CYS A 96 -13.04 15.72 -0.42
C CYS A 96 -12.13 16.10 0.76
N ARG A 97 -12.37 15.55 1.94
CA ARG A 97 -11.73 15.83 3.24
C ARG A 97 -11.77 14.52 4.03
N TYR A 98 -11.03 14.37 5.14
CA TYR A 98 -10.54 13.05 5.61
C TYR A 98 -10.47 13.09 7.19
N ALA A 99 -10.43 11.91 7.77
CA ALA A 99 -10.13 11.77 9.13
C ALA A 99 -9.42 10.49 9.39
N ASP A 100 -8.73 10.44 10.53
CA ASP A 100 -7.51 9.68 10.79
C ASP A 100 -8.00 8.35 11.51
N ARG A 101 -7.30 7.27 11.31
CA ARG A 101 -7.47 6.11 12.18
C ARG A 101 -6.08 5.38 12.40
N PRO A 102 -5.28 5.80 13.45
CA PRO A 102 -4.03 5.14 13.78
C PRO A 102 -4.25 3.66 14.21
N GLY A 103 -3.26 2.76 14.05
CA GLY A 103 -3.40 1.33 14.47
C GLY A 103 -2.00 0.59 14.50
N ARG A 104 -2.10 -0.75 14.72
CA ARG A 104 -1.04 -1.73 14.87
C ARG A 104 -1.66 -3.08 14.54
N ARG A 105 -1.31 -3.58 13.34
CA ARG A 105 -1.79 -4.87 12.76
C ARG A 105 -0.74 -5.59 11.97
N PHE A 106 -1.00 -6.87 11.68
CA PHE A 106 -0.45 -7.70 10.57
C PHE A 106 -1.03 -7.20 9.19
N TYR A 107 -0.55 -7.68 8.08
CA TYR A 107 -0.91 -7.27 6.72
C TYR A 107 -0.84 -8.34 5.70
N VAL A 108 -1.38 -8.09 4.52
CA VAL A 108 -1.25 -9.11 3.41
C VAL A 108 -0.82 -8.36 2.10
N VAL A 109 0.19 -8.97 1.35
CA VAL A 109 0.81 -8.38 0.16
C VAL A 109 0.92 -9.41 -0.92
N ALA A 110 0.83 -8.91 -2.13
CA ALA A 110 1.29 -9.79 -3.25
C ALA A 110 2.68 -9.28 -3.64
N CYS A 111 3.54 -10.15 -4.20
CA CYS A 111 4.84 -9.82 -4.69
C CYS A 111 5.23 -10.41 -6.09
N ASP A 112 6.39 -9.99 -6.58
CA ASP A 112 6.83 -10.29 -7.98
C ASP A 112 8.36 -10.30 -8.09
N ASN A 113 8.91 -10.86 -9.20
CA ASN A 113 10.33 -11.28 -9.25
C ASN A 113 11.28 -10.10 -9.72
N ARG A 114 12.60 -10.21 -9.66
CA ARG A 114 13.48 -9.10 -9.98
C ARG A 114 13.36 -8.66 -11.46
N ASP A 115 13.15 -7.38 -11.64
CA ASP A 115 13.21 -6.80 -13.03
C ASP A 115 14.65 -6.75 -13.54
N PRO A 116 14.94 -7.25 -14.73
CA PRO A 116 16.32 -7.39 -15.24
C PRO A 116 17.05 -6.01 -15.42
N ARG A 117 16.35 -4.84 -15.40
CA ARG A 117 16.96 -3.48 -15.41
C ARG A 117 16.77 -2.67 -14.08
N ASP A 118 16.29 -3.22 -12.97
CA ASP A 118 16.23 -2.51 -11.66
C ASP A 118 16.43 -3.45 -10.39
N SER A 119 16.97 -2.83 -9.37
CA SER A 119 17.08 -3.37 -7.96
C SER A 119 17.81 -4.75 -7.84
N PRO A 120 18.95 -5.01 -8.53
CA PRO A 120 19.61 -6.35 -8.49
C PRO A 120 20.00 -6.92 -7.08
N ARG A 121 19.97 -6.14 -6.03
CA ARG A 121 20.39 -6.62 -4.69
C ARG A 121 19.35 -7.58 -4.06
N TYR A 122 18.12 -7.65 -4.54
CA TYR A 122 17.12 -8.52 -3.96
C TYR A 122 16.40 -9.40 -5.05
N PRO A 123 16.05 -10.68 -4.80
CA PRO A 123 15.46 -11.50 -5.88
C PRO A 123 13.95 -11.19 -6.21
N VAL A 124 13.30 -10.48 -5.29
CA VAL A 124 11.84 -10.24 -5.38
C VAL A 124 11.44 -8.80 -4.94
N VAL A 125 10.33 -8.16 -5.37
CA VAL A 125 9.78 -6.89 -4.89
C VAL A 125 8.23 -7.02 -4.60
N PRO A 126 7.64 -6.27 -3.69
CA PRO A 126 6.13 -6.24 -3.50
C PRO A 126 5.40 -5.42 -4.56
N VAL A 127 4.12 -5.66 -4.78
CA VAL A 127 3.34 -5.03 -5.85
C VAL A 127 1.90 -4.58 -5.44
N HIS A 128 1.25 -5.16 -4.50
CA HIS A 128 -0.14 -4.93 -3.98
C HIS A 128 -0.36 -5.31 -2.51
N LEU A 129 -1.34 -4.80 -1.74
CA LEU A 129 -1.69 -5.13 -0.38
C LEU A 129 -3.18 -5.31 -0.38
N ASP A 130 -3.65 -6.40 0.17
CA ASP A 130 -5.06 -6.88 0.28
C ASP A 130 -5.89 -6.34 1.48
N THR A 131 -5.29 -6.41 2.69
CA THR A 131 -5.87 -5.94 3.97
C THR A 131 -4.87 -5.82 5.12
N THR A 132 -5.38 -5.53 6.26
CA THR A 132 -4.61 -5.68 7.46
C THR A 132 -5.42 -6.41 8.55
N ILE A 133 -4.80 -7.29 9.41
CA ILE A 133 -5.45 -8.14 10.48
C ILE A 133 -4.86 -8.23 11.86
C1A LVZ B . -2.92 -0.63 -11.82
C2A LVZ B . -3.43 0.51 -12.72
O1 LVZ B . -3.78 -0.67 -10.64
C3A LVZ B . -3.02 -2.01 -12.55
N9 LVZ B . -2.97 -1.28 -7.93
C1 LVZ B . -3.57 0.40 -9.65
S19 LVZ B . -1.43 -1.03 -7.76
O1S LVZ B . -1.31 -0.08 -6.66
C2 LVZ B . -3.72 -0.11 -8.22
S29 LVZ B . -5.80 3.95 -12.16
O2S LVZ B . -0.76 -0.59 -8.95
C3 LVZ B . -5.22 -0.40 -8.05
O3 LVZ B . -5.39 -0.58 -6.61
O3S LVZ B . -1.06 -2.38 -7.36
C4 LVZ B . -6.10 0.87 -8.43
O4 LVZ B . -7.56 0.57 -8.39
O4S LVZ B . -6.63 5.04 -11.77
C5 LVZ B . -5.81 1.36 -9.85
O5 LVZ B . -4.41 1.63 -9.91
O5S LVZ B . -4.47 3.94 -11.62
C6 LVZ B . -6.60 2.60 -10.22
O6 LVZ B . -6.51 2.71 -11.62
O6S LVZ B . -5.83 3.90 -13.59
H1A LVZ B . -1.88 -0.46 -11.49
H2A LVZ B . -4.34 0.10 -13.18
H2AA LVZ B . -3.61 1.42 -12.16
H2B LVZ B . -2.74 0.64 -13.56
H1 LVZ B . -2.55 0.78 -9.69
H2 LVZ B . -3.48 0.68 -7.51
H3A LVZ B . -2.35 -2.11 -13.40
H3AA LVZ B . -2.95 -2.94 -11.99
H3B LVZ B . -3.95 -1.95 -13.13
H3 LVZ B . -5.52 -1.16 -8.78
H4 LVZ B . -5.87 1.61 -7.66
H5 LVZ B . -6.06 0.48 -10.44
H61 LVZ B . -7.66 2.46 -10.01
H62 LVZ B . -6.24 3.47 -9.68
HN9 LVZ B . -2.92 -2.01 -8.62
HO3 LVZ B . -6.30 -0.82 -6.45
C1 IDS B . -8.37 1.47 -7.54
C2 IDS B . -9.84 1.15 -7.82
C3 IDS B . -10.67 1.03 -6.57
C4 IDS B . -10.14 0.17 -5.42
C5 IDS B . -8.66 -0.05 -5.56
C6 IDS B . -7.99 -0.69 -4.33
O2 IDS B . -10.47 2.12 -8.75
O3 IDS B . -11.91 0.48 -7.05
O4 IDS B . -10.47 0.81 -4.17
O5 IDS B . -8.00 1.20 -6.09
O6A IDS B . -8.47 -1.83 -3.95
O6B IDS B . -7.02 -0.09 -3.78
S IDS B . -10.89 1.78 -10.17
O1S IDS B . -12.27 1.39 -10.13
O2S IDS B . -10.71 2.96 -10.99
O3S IDS B . -10.02 0.69 -10.68
H1 IDS B . -8.22 2.53 -7.78
H2 IDS B . -9.86 0.13 -8.20
H3 IDS B . -10.93 1.99 -6.15
H4 IDS B . -10.61 -0.82 -5.53
H5 IDS B . -8.59 -0.84 -6.32
HO3 IDS B . -12.62 0.74 -6.46
C1 SGN B . -11.89 0.52 -3.76
C2 SGN B . -12.42 1.52 -2.74
C3 SGN B . -11.68 1.31 -1.45
C4 SGN B . -11.81 -0.09 -0.94
C5 SGN B . -11.20 -1.06 -2.00
C6 SGN B . -11.47 -2.52 -1.52
N2 SGN B . -12.26 2.89 -3.33
O3 SGN B . -12.31 2.22 -0.55
O4 SGN B . -10.92 -0.17 0.18
O5 SGN B . -11.91 -0.78 -3.27
O6 SGN B . -10.78 -3.58 -2.29
S1 SGN B . -13.55 3.41 -4.23
O1S SGN B . -13.96 2.33 -5.06
O2S SGN B . -13.09 4.59 -4.91
O3S SGN B . -14.57 3.73 -3.28
S2 SGN B . -9.65 -4.44 -1.54
O4S SGN B . -8.97 -5.24 -2.53
O5S SGN B . -10.27 -5.26 -0.52
O6S SGN B . -8.76 -3.49 -0.93
H1 SGN B . -12.53 0.55 -4.64
H2 SGN B . -13.48 1.39 -2.56
H3 SGN B . -10.65 1.58 -1.65
H4 SGN B . -12.84 -0.28 -0.63
H5 SGN B . -10.13 -0.89 -2.09
H61 SGN B . -11.25 -2.68 -0.46
H62 SGN B . -12.52 -2.79 -1.60
HN21 SGN B . -11.46 2.76 -3.93
HO3 SGN B . -11.88 2.23 0.30
HO4 SGN B . -11.35 -0.23 1.04
N ARG A 1 4.32 -0.56 -16.65
CA ARG A 1 5.13 0.23 -15.70
C ARG A 1 4.51 1.54 -15.40
N PRO A 2 4.29 1.95 -14.13
CA PRO A 2 3.77 3.25 -13.80
C PRO A 2 4.42 4.41 -14.59
N PRO A 3 3.68 5.46 -14.96
CA PRO A 3 4.08 6.58 -15.66
C PRO A 3 5.41 7.32 -15.34
N GLN A 4 5.97 7.14 -14.12
CA GLN A 4 7.26 7.78 -13.69
C GLN A 4 8.00 7.04 -12.50
N PHE A 5 7.53 5.78 -12.23
CA PHE A 5 7.97 4.89 -11.18
C PHE A 5 8.00 3.41 -11.76
N THR A 6 8.60 2.51 -11.00
CA THR A 6 8.27 1.05 -11.17
C THR A 6 7.13 0.60 -10.30
N ARG A 7 6.46 -0.56 -10.74
CA ARG A 7 5.40 -1.21 -9.97
C ARG A 7 5.77 -1.45 -8.48
N ALA A 8 7.02 -1.71 -8.09
CA ALA A 8 7.54 -1.88 -6.76
C ALA A 8 7.58 -0.50 -6.01
N GLN A 9 8.05 0.56 -6.70
CA GLN A 9 8.20 1.90 -6.18
C GLN A 9 6.82 2.57 -5.92
N TRP A 10 5.88 2.40 -6.83
CA TRP A 10 4.48 2.87 -6.72
C TRP A 10 3.64 2.12 -5.73
N PHE A 11 3.99 0.85 -5.47
CA PHE A 11 3.47 0.24 -4.23
C PHE A 11 3.97 1.01 -3.03
N ALA A 12 5.30 1.27 -2.94
CA ALA A 12 5.81 2.03 -1.78
C ALA A 12 5.24 3.41 -1.54
N ILE A 13 5.18 4.31 -2.58
CA ILE A 13 4.53 5.62 -2.59
C ILE A 13 3.00 5.66 -2.24
N GLN A 14 2.30 4.65 -2.64
CA GLN A 14 0.90 4.50 -2.17
C GLN A 14 0.77 3.93 -0.75
N HIS A 15 1.75 3.22 -0.12
CA HIS A 15 1.57 2.29 1.05
C HIS A 15 2.58 2.31 2.19
N ILE A 16 3.83 2.59 1.92
CA ILE A 16 5.01 2.46 2.82
C ILE A 16 5.74 3.77 3.08
N SER A 17 5.63 4.14 4.32
CA SER A 17 6.06 5.46 4.81
C SER A 17 6.28 5.28 6.30
N LEU A 18 7.51 5.34 6.83
CA LEU A 18 7.87 5.27 8.26
C LEU A 18 7.29 6.36 9.22
N ASN A 19 6.73 7.50 8.61
CA ASN A 19 6.03 8.50 9.43
C ASN A 19 5.02 9.36 8.66
N PRO A 20 3.95 8.77 8.19
CA PRO A 20 2.89 9.36 7.30
C PRO A 20 2.11 10.43 8.04
N PRO A 21 1.88 11.60 7.46
CA PRO A 21 1.24 12.75 8.11
C PRO A 21 -0.27 12.43 8.38
N ARG A 22 -0.98 13.46 8.90
CA ARG A 22 -2.45 13.50 8.92
C ARG A 22 -2.96 13.11 7.56
N CYS A 23 -4.07 12.31 7.57
CA CYS A 23 -4.74 11.79 6.40
C CYS A 23 -5.36 12.96 5.56
N THR A 24 -5.71 14.09 6.15
CA THR A 24 -5.88 15.40 5.51
C THR A 24 -4.84 15.73 4.39
N ILE A 25 -3.62 15.47 4.70
CA ILE A 25 -2.43 15.60 3.78
C ILE A 25 -2.19 14.24 3.00
N ALA A 26 -2.05 13.10 3.67
CA ALA A 26 -1.60 11.81 3.05
C ALA A 26 -2.56 11.47 1.91
N MET A 27 -3.91 11.61 2.04
CA MET A 27 -4.82 11.31 0.98
C MET A 27 -4.46 11.93 -0.38
N ARG A 28 -3.92 13.13 -0.42
CA ARG A 28 -3.63 13.98 -1.59
C ARG A 28 -2.70 13.32 -2.58
N ALA A 29 -1.82 12.47 -2.07
CA ALA A 29 -0.81 11.67 -2.76
C ALA A 29 -1.42 10.81 -4.01
N ILE A 30 -2.70 10.44 -3.95
CA ILE A 30 -3.42 9.73 -4.94
C ILE A 30 -4.67 10.43 -5.34
N ASN A 31 -5.45 10.95 -4.36
CA ASN A 31 -6.69 11.67 -4.64
C ASN A 31 -6.58 12.89 -5.49
N ASN A 32 -5.33 13.40 -5.73
CA ASN A 32 -5.11 14.55 -6.58
C ASN A 32 -4.24 14.19 -7.85
N TYR A 33 -3.82 12.90 -7.90
CA TYR A 33 -3.03 12.24 -8.91
C TYR A 33 -3.88 11.27 -9.82
N ARG A 34 -5.22 11.06 -9.54
CA ARG A 34 -6.19 10.17 -10.37
C ARG A 34 -7.51 10.82 -10.48
N TRP A 35 -8.43 10.35 -11.28
CA TRP A 35 -9.71 10.98 -11.57
C TRP A 35 -10.59 11.38 -10.41
N ARG A 36 -10.53 10.59 -9.32
CA ARG A 36 -11.56 10.79 -8.29
C ARG A 36 -10.97 10.60 -6.87
N CYS A 37 -11.78 10.96 -5.90
CA CYS A 37 -11.50 10.89 -4.50
C CYS A 37 -11.70 9.42 -4.00
N LYS A 38 -10.64 8.58 -3.76
CA LYS A 38 -10.68 7.21 -3.25
C LYS A 38 -11.19 7.41 -1.84
N ASN A 39 -12.12 6.57 -1.45
CA ASN A 39 -12.74 6.49 -0.08
C ASN A 39 -11.85 6.15 1.08
N GLN A 40 -11.07 5.15 0.90
CA GLN A 40 -10.15 4.63 1.94
C GLN A 40 -8.73 4.50 1.28
N ASN A 41 -7.72 4.50 2.17
CA ASN A 41 -6.37 3.98 1.91
C ASN A 41 -5.49 3.74 3.15
N THR A 42 -4.41 3.04 2.96
CA THR A 42 -3.73 2.51 4.13
C THR A 42 -2.20 2.65 3.93
N PHE A 43 -1.51 3.15 4.94
CA PHE A 43 -0.14 3.65 4.86
C PHE A 43 0.66 3.12 6.11
N LEU A 44 1.64 2.18 5.93
CA LEU A 44 2.16 1.32 7.00
C LEU A 44 3.43 1.90 7.41
N ARG A 45 3.69 1.82 8.74
CA ARG A 45 4.83 2.48 9.44
C ARG A 45 5.99 1.42 9.53
N THR A 46 6.47 1.00 8.39
CA THR A 46 7.54 0.00 8.19
C THR A 46 8.48 0.46 7.02
N THR A 47 9.36 -0.39 6.45
CA THR A 47 10.37 -0.05 5.41
C THR A 47 10.56 -1.12 4.37
N PHE A 48 10.92 -0.65 3.17
CA PHE A 48 10.83 -1.53 1.98
C PHE A 48 11.55 -2.84 2.08
N ALA A 49 12.87 -2.86 2.44
CA ALA A 49 13.63 -4.03 2.85
C ALA A 49 12.87 -4.86 3.94
N ASN A 50 12.27 -4.28 4.98
CA ASN A 50 11.46 -5.07 5.91
C ASN A 50 10.17 -5.62 5.36
N VAL A 51 9.62 -5.06 4.31
CA VAL A 51 8.49 -5.67 3.55
C VAL A 51 8.95 -6.88 2.60
N VAL A 52 10.08 -6.81 1.91
CA VAL A 52 10.61 -7.90 1.05
C VAL A 52 10.82 -9.13 1.96
N ASN A 53 11.13 -9.04 3.25
CA ASN A 53 11.03 -10.27 4.13
C ASN A 53 9.71 -10.96 4.16
N VAL A 54 8.54 -10.34 3.87
CA VAL A 54 7.26 -11.03 3.72
C VAL A 54 7.14 -11.75 2.38
N CYS A 55 7.75 -11.22 1.30
CA CYS A 55 7.77 -11.93 -0.02
C CYS A 55 8.69 -13.20 0.09
N GLY A 56 9.30 -13.48 1.25
CA GLY A 56 10.01 -14.72 1.63
C GLY A 56 9.24 -15.51 2.67
N ASN A 57 8.03 -15.08 3.12
CA ASN A 57 7.23 -15.94 4.04
C ASN A 57 6.49 -17.08 3.27
N GLN A 58 5.66 -17.91 3.92
CA GLN A 58 4.91 -19.03 3.28
C GLN A 58 3.92 -18.48 2.20
N SER A 59 3.52 -19.23 1.18
CA SER A 59 2.43 -18.92 0.22
C SER A 59 1.04 -19.30 0.71
N ILE A 60 0.18 -18.26 0.64
CA ILE A 60 -1.33 -18.49 0.80
C ILE A 60 -2.10 -17.93 -0.39
N ARG A 61 -3.44 -18.09 -0.32
CA ARG A 61 -4.37 -17.74 -1.44
C ARG A 61 -5.43 -16.75 -0.88
N CYS A 62 -5.83 -15.82 -1.70
CA CYS A 62 -6.50 -14.57 -1.33
C CYS A 62 -7.65 -14.18 -2.33
N PRO A 63 -8.66 -13.34 -1.82
CA PRO A 63 -9.86 -13.07 -2.56
C PRO A 63 -9.75 -12.10 -3.75
N HIS A 64 -8.61 -11.38 -3.88
CA HIS A 64 -8.54 -10.35 -4.97
C HIS A 64 -7.18 -10.43 -5.68
N ASN A 65 -6.72 -11.65 -5.89
CA ASN A 65 -5.37 -12.11 -6.16
C ASN A 65 -5.17 -13.04 -7.45
N ARG A 66 -6.31 -13.38 -8.12
CA ARG A 66 -6.51 -14.42 -9.10
C ARG A 66 -5.45 -14.39 -10.24
N THR A 67 -5.02 -13.14 -10.62
CA THR A 67 -3.99 -12.95 -11.64
C THR A 67 -2.57 -13.48 -11.37
N LEU A 68 -2.32 -13.89 -10.07
CA LEU A 68 -1.10 -14.67 -9.84
C LEU A 68 -1.35 -15.86 -8.92
N ASN A 69 -2.44 -15.89 -8.17
CA ASN A 69 -2.92 -16.86 -7.18
C ASN A 69 -1.98 -17.08 -5.94
N ASN A 70 -1.12 -16.17 -5.67
CA ASN A 70 -0.06 -16.24 -4.62
C ASN A 70 0.01 -14.90 -3.83
N CYS A 71 0.00 -14.98 -2.51
CA CYS A 71 0.02 -13.79 -1.65
C CYS A 71 0.67 -14.22 -0.27
N HIS A 72 0.94 -13.31 0.60
CA HIS A 72 1.81 -13.59 1.80
C HIS A 72 1.32 -12.69 2.98
N ARG A 73 1.34 -13.19 4.28
CA ARG A 73 0.90 -12.47 5.50
C ARG A 73 2.08 -12.25 6.37
N SER A 74 2.13 -11.17 7.14
CA SER A 74 3.33 -10.70 7.92
C SER A 74 3.64 -11.64 9.16
N ARG A 75 4.94 -11.79 9.37
CA ARG A 75 5.37 -12.64 10.47
C ARG A 75 4.97 -12.15 11.90
N PHE A 76 4.77 -10.85 11.97
CA PHE A 76 4.43 -10.03 13.16
C PHE A 76 3.40 -8.92 12.88
N ARG A 77 2.92 -8.18 13.88
CA ARG A 77 2.16 -6.92 13.75
C ARG A 77 3.03 -5.71 13.53
N VAL A 78 2.45 -4.72 12.81
CA VAL A 78 3.00 -3.42 12.48
C VAL A 78 2.13 -2.30 13.05
N PRO A 79 2.70 -1.12 13.31
CA PRO A 79 1.92 0.11 13.37
C PRO A 79 1.49 0.35 11.89
N LEU A 80 0.30 0.91 11.70
CA LEU A 80 -0.25 1.35 10.39
C LEU A 80 -1.25 2.50 10.56
N LEU A 81 -1.33 3.26 9.45
CA LEU A 81 -2.37 4.31 9.26
C LEU A 81 -3.36 3.87 8.25
N HIS A 82 -4.64 3.57 8.61
CA HIS A 82 -5.73 3.50 7.67
C HIS A 82 -6.24 4.95 7.65
N CYS A 83 -6.60 5.37 6.51
CA CYS A 83 -7.29 6.61 6.20
C CYS A 83 -8.75 6.36 5.64
N ASP A 84 -9.57 7.37 5.84
CA ASP A 84 -10.93 7.50 5.52
C ASP A 84 -11.28 8.89 4.98
N LEU A 85 -12.52 9.07 4.52
CA LEU A 85 -13.16 10.20 3.80
C LEU A 85 -14.47 10.56 4.53
N ILE A 86 -14.70 11.84 4.98
CA ILE A 86 -15.86 12.16 5.83
C ILE A 86 -17.26 12.16 5.13
N ASN A 87 -17.28 12.22 3.81
CA ASN A 87 -18.50 12.21 3.01
C ASN A 87 -18.25 11.36 1.76
N PRO A 88 -18.82 10.13 1.66
CA PRO A 88 -18.90 9.23 0.40
C PRO A 88 -19.54 9.87 -0.85
N GLY A 89 -20.18 11.01 -0.68
CA GLY A 89 -20.68 11.75 -1.84
C GLY A 89 -19.62 12.53 -2.62
N ALA A 90 -18.73 13.05 -1.81
CA ALA A 90 -17.64 13.91 -2.28
C ALA A 90 -16.84 13.30 -3.45
N GLN A 91 -16.68 14.03 -4.56
CA GLN A 91 -15.99 13.51 -5.83
C GLN A 91 -14.99 14.45 -6.47
N ASN A 92 -14.74 15.65 -5.89
CA ASN A 92 -13.85 16.69 -6.33
C ASN A 92 -13.05 17.08 -5.08
N ILE A 93 -11.73 17.27 -5.17
CA ILE A 93 -10.81 17.66 -4.05
C ILE A 93 -11.19 18.94 -3.31
N SER A 94 -11.97 19.84 -3.94
CA SER A 94 -12.60 21.12 -3.30
C SER A 94 -13.61 20.83 -2.23
N ASN A 95 -14.06 19.58 -2.15
CA ASN A 95 -15.01 19.02 -1.25
C ASN A 95 -14.56 17.79 -0.44
N CYS A 96 -13.92 16.88 -1.11
CA CYS A 96 -13.30 15.71 -0.46
C CYS A 96 -12.33 16.06 0.70
N ARG A 97 -12.57 15.45 1.90
CA ARG A 97 -11.85 15.77 3.17
C ARG A 97 -11.81 14.43 3.95
N TYR A 98 -10.77 14.36 4.79
CA TYR A 98 -10.24 13.09 5.21
C TYR A 98 -10.09 12.96 6.72
N ALA A 99 -9.98 11.71 7.16
CA ALA A 99 -10.00 11.35 8.58
C ALA A 99 -9.00 10.24 8.93
N ASP A 100 -8.39 10.23 10.13
CA ASP A 100 -7.31 9.34 10.54
C ASP A 100 -7.85 8.22 11.33
N ARG A 101 -7.20 7.06 11.02
CA ARG A 101 -7.47 5.78 11.75
C ARG A 101 -6.20 4.88 11.93
N PRO A 102 -5.31 5.29 12.84
CA PRO A 102 -4.17 4.48 13.28
C PRO A 102 -4.43 3.08 13.87
N GLY A 103 -3.46 2.18 13.88
CA GLY A 103 -3.58 0.90 14.56
C GLY A 103 -2.32 -0.10 14.53
N ARG A 104 -2.46 -1.20 15.25
CA ARG A 104 -1.42 -2.26 15.31
C ARG A 104 -1.92 -3.68 14.85
N ARG A 105 -1.43 -4.20 13.71
CA ARG A 105 -2.00 -5.43 13.17
C ARG A 105 -1.09 -6.19 12.24
N PHE A 106 -1.33 -7.42 11.94
CA PHE A 106 -0.72 -8.20 10.82
C PHE A 106 -1.25 -7.57 9.49
N TYR A 107 -0.73 -8.09 8.32
CA TYR A 107 -1.02 -7.53 6.95
C TYR A 107 -0.73 -8.57 5.90
N VAL A 108 -1.14 -8.27 4.64
CA VAL A 108 -1.25 -9.34 3.53
C VAL A 108 -0.93 -8.62 2.18
N VAL A 109 -0.03 -9.17 1.33
CA VAL A 109 0.49 -8.58 0.12
C VAL A 109 0.66 -9.61 -1.01
N ALA A 110 0.94 -9.10 -2.21
CA ALA A 110 1.42 -9.78 -3.35
C ALA A 110 2.67 -9.16 -3.93
N CYS A 111 3.49 -10.06 -4.43
CA CYS A 111 4.90 -9.89 -4.86
C CYS A 111 5.35 -10.50 -6.20
N ASP A 112 6.42 -9.95 -6.66
CA ASP A 112 7.04 -10.25 -7.97
C ASP A 112 8.50 -10.52 -7.89
N ASN A 113 9.03 -11.23 -8.89
CA ASN A 113 10.42 -11.54 -9.00
C ASN A 113 11.18 -10.27 -9.44
N ARG A 114 12.45 -10.05 -9.07
CA ARG A 114 13.31 -8.93 -9.51
C ARG A 114 13.35 -8.54 -10.98
N ASP A 115 13.31 -7.30 -11.22
CA ASP A 115 13.45 -6.79 -12.61
C ASP A 115 14.92 -7.03 -13.08
N PRO A 116 15.10 -7.59 -14.28
CA PRO A 116 16.39 -7.77 -14.84
C PRO A 116 17.19 -6.52 -15.24
N ARG A 117 16.64 -5.33 -15.22
CA ARG A 117 17.22 -4.03 -15.69
C ARG A 117 17.01 -2.89 -14.66
N ASP A 118 16.55 -3.14 -13.43
CA ASP A 118 16.41 -2.21 -12.29
C ASP A 118 16.62 -2.79 -10.91
N SER A 119 17.30 -2.03 -10.04
CA SER A 119 17.42 -2.26 -8.57
C SER A 119 17.80 -3.68 -8.07
N PRO A 120 18.94 -4.24 -8.49
CA PRO A 120 19.52 -5.50 -7.93
C PRO A 120 19.34 -6.04 -6.48
N ARG A 121 19.02 -5.23 -5.47
CA ARG A 121 19.19 -5.49 -4.02
C ARG A 121 18.16 -6.48 -3.57
N TYR A 122 17.02 -6.57 -4.27
CA TYR A 122 15.85 -7.27 -3.79
C TYR A 122 15.44 -8.43 -4.74
N PRO A 123 15.72 -9.72 -4.43
CA PRO A 123 15.29 -10.88 -5.18
C PRO A 123 13.84 -10.98 -5.57
N VAL A 124 12.95 -10.35 -4.82
CA VAL A 124 11.54 -10.32 -4.99
C VAL A 124 11.25 -8.88 -4.43
N VAL A 125 10.20 -8.25 -4.86
CA VAL A 125 9.74 -6.91 -4.58
C VAL A 125 8.16 -6.99 -4.40
N PRO A 126 7.59 -6.20 -3.46
CA PRO A 126 6.19 -6.11 -3.25
C PRO A 126 5.51 -5.21 -4.28
N VAL A 127 4.29 -5.57 -4.75
CA VAL A 127 3.47 -4.81 -5.79
C VAL A 127 1.99 -4.35 -5.43
N HIS A 128 1.40 -4.85 -4.32
CA HIS A 128 -0.05 -4.67 -3.94
C HIS A 128 -0.29 -5.04 -2.44
N LEU A 129 -1.32 -4.41 -1.84
CA LEU A 129 -1.83 -4.61 -0.44
C LEU A 129 -3.34 -5.05 -0.43
N ASP A 130 -3.67 -6.09 0.33
CA ASP A 130 -5.08 -6.58 0.41
C ASP A 130 -5.86 -6.04 1.67
N THR A 131 -5.28 -6.19 2.85
CA THR A 131 -6.00 -6.05 4.12
C THR A 131 -4.99 -6.10 5.27
N THR A 132 -5.40 -5.60 6.45
CA THR A 132 -4.61 -5.63 7.76
C THR A 132 -5.61 -6.24 8.71
N ILE A 133 -5.21 -7.27 9.46
CA ILE A 133 -6.03 -8.12 10.37
C ILE A 133 -5.48 -8.28 11.80
C1A LVZ B . -3.29 -0.52 -12.36
C2A LVZ B . -4.22 0.11 -13.42
O1 LVZ B . -3.92 -0.54 -11.03
C3A LVZ B . -3.00 -1.97 -12.93
N9 LVZ B . -3.34 -1.43 -8.32
C1 LVZ B . -3.65 0.52 -10.03
S19 LVZ B . -1.70 -1.41 -8.11
O1S LVZ B . -1.45 -0.59 -6.95
C2 LVZ B . -3.93 -0.09 -8.59
S29 LVZ B . -5.68 4.74 -11.96
O2S LVZ B . -1.06 -1.04 -9.32
C3 LVZ B . -5.48 -0.13 -8.26
O3 LVZ B . -5.67 -0.34 -6.87
O3S LVZ B . -1.34 -2.82 -7.86
C4 LVZ B . -6.17 1.19 -8.66
O4 LVZ B . -7.62 0.97 -8.55
O4S LVZ B . -6.62 5.70 -11.50
C5 LVZ B . -5.95 1.48 -10.10
O5 LVZ B . -4.48 1.68 -10.21
O5S LVZ B . -4.45 4.87 -11.21
C6 LVZ B . -6.62 2.82 -10.47
O6 LVZ B . -6.25 3.31 -11.79
O6S LVZ B . -5.40 4.88 -13.32
H1A LVZ B . -2.36 0.03 -12.24
H2A LVZ B . -3.75 0.24 -14.39
H2AA LVZ B . -5.08 -0.54 -13.57
H2B LVZ B . -4.59 1.09 -13.13
H1 LVZ B . -2.63 0.88 -9.97
H2 LVZ B . -3.58 0.60 -7.83
H3A LVZ B . -3.93 -2.41 -13.29
H3AA LVZ B . -2.30 -1.96 -13.76
H3B LVZ B . -2.71 -2.50 -12.02
H3 LVZ B . -5.90 -1.00 -8.75
H4 LVZ B . -5.81 2.01 -8.03
H5 LVZ B . -6.27 0.75 -10.84
H61 LVZ B . -7.71 2.78 -10.41
H62 LVZ B . -6.25 3.57 -9.79
HN9 LVZ B . -3.47 -2.04 -9.12
HO3 LVZ B . -6.55 -0.32 -6.50
C1 IDS B . -8.34 1.76 -7.41
C2 IDS B . -9.86 1.79 -7.64
C3 IDS B . -10.64 1.72 -6.35
C4 IDS B . -10.31 0.54 -5.52
C5 IDS B . -8.83 0.12 -5.65
C6 IDS B . -8.18 -0.82 -4.60
O2 IDS B . -10.15 3.02 -8.37
O3 IDS B . -11.96 1.61 -6.76
O4 IDS B . -10.54 0.86 -4.11
O5 IDS B . -8.00 1.25 -6.06
O6A IDS B . -8.63 -2.00 -4.55
O6B IDS B . -7.19 -0.34 -4.01
S IDS B . -11.02 3.04 -9.70
O1S IDS B . -12.36 3.35 -9.24
O2S IDS B . -10.91 1.75 -10.34
O3S IDS B . -10.58 4.18 -10.50
H1 IDS B . -7.93 2.77 -7.49
H2 IDS B . -10.12 0.86 -8.17
H3 IDS B . -10.42 2.62 -5.78
H4 IDS B . -10.92 -0.34 -5.79
H5 IDS B . -8.79 -0.55 -6.51
HO3 IDS B . -12.57 2.14 -6.25
C1 SGN B . -11.91 0.50 -3.66
C2 SGN B . -12.29 1.40 -2.49
C3 SGN B . -11.43 1.08 -1.29
C4 SGN B . -11.48 -0.40 -0.91
C5 SGN B . -11.14 -1.25 -2.07
C6 SGN B . -11.58 -2.66 -1.79
N2 SGN B . -12.24 2.88 -2.68
O3 SGN B . -12.14 1.79 -0.23
O4 SGN B . -10.60 -0.75 0.19
O5 SGN B . -11.98 -0.92 -3.29
O6 SGN B . -10.54 -3.52 -2.23
S1 SGN B . -13.47 3.49 -3.57
O1S SGN B . -13.46 2.88 -4.90
O2S SGN B . -14.61 3.18 -2.79
O3S SGN B . -13.12 4.84 -3.68
S2 SGN B . -9.48 -4.25 -1.31
O4S SGN B . -9.12 -5.40 -2.07
O5S SGN B . -10.14 -4.60 -0.05
O6S SGN B . -8.43 -3.28 -1.15
H1 SGN B . -12.67 0.64 -4.44
H2 SGN B . -13.31 1.24 -2.14
H3 SGN B . -10.39 1.40 -1.42
H4 SGN B . -12.51 -0.68 -0.67
H5 SGN B . -10.06 -1.12 -2.20
H61 SGN B . -11.67 -2.72 -0.70
H62 SGN B . -12.49 -2.79 -2.37
HN21 SGN B . -11.47 2.99 -3.32
HO3 SGN B . -12.60 2.54 -0.60
HO4 SGN B . -11.06 -0.61 1.02
N ARG A 1 3.81 -0.89 -16.31
CA ARG A 1 4.71 0.15 -15.75
C ARG A 1 3.87 1.47 -15.57
N PRO A 2 3.78 1.98 -14.35
CA PRO A 2 3.47 3.40 -14.09
C PRO A 2 4.22 4.47 -14.91
N PRO A 3 3.44 5.53 -15.36
CA PRO A 3 4.03 6.56 -16.22
C PRO A 3 5.32 7.27 -15.76
N GLN A 4 5.73 7.10 -14.52
CA GLN A 4 7.01 7.61 -13.92
C GLN A 4 7.77 6.69 -12.92
N PHE A 5 7.21 5.54 -12.53
CA PHE A 5 7.77 4.66 -11.45
C PHE A 5 7.94 3.20 -11.88
N THR A 6 8.70 2.34 -11.16
CA THR A 6 8.47 0.80 -11.26
C THR A 6 7.19 0.59 -10.50
N ARG A 7 6.55 -0.54 -10.76
CA ARG A 7 5.29 -0.92 -10.02
C ARG A 7 5.50 -1.06 -8.46
N ALA A 8 6.70 -1.40 -8.02
CA ALA A 8 6.90 -1.53 -6.56
C ALA A 8 7.21 -0.19 -5.87
N GLN A 9 7.90 0.74 -6.55
CA GLN A 9 8.04 2.15 -6.11
C GLN A 9 6.60 2.76 -6.01
N TRP A 10 5.72 2.54 -7.00
CA TRP A 10 4.27 2.87 -6.89
C TRP A 10 3.42 2.23 -5.79
N PHE A 11 3.65 0.96 -5.53
CA PHE A 11 3.16 0.38 -4.30
C PHE A 11 3.60 1.18 -3.04
N ALA A 12 4.92 1.53 -3.01
CA ALA A 12 5.46 2.04 -1.77
C ALA A 12 5.01 3.52 -1.51
N ILE A 13 4.89 4.32 -2.58
CA ILE A 13 4.43 5.67 -2.37
C ILE A 13 2.92 5.72 -1.94
N GLN A 14 2.17 4.76 -2.53
CA GLN A 14 0.78 4.53 -2.22
C GLN A 14 0.53 3.98 -0.77
N HIS A 15 1.46 3.29 -0.11
CA HIS A 15 1.19 2.42 1.08
C HIS A 15 2.33 2.25 2.11
N ILE A 16 3.56 2.73 1.90
CA ILE A 16 4.69 2.51 2.76
C ILE A 16 5.16 3.84 3.25
N SER A 17 4.99 4.16 4.52
CA SER A 17 5.88 5.15 5.12
C SER A 17 6.07 4.93 6.64
N LEU A 18 7.40 4.80 7.04
CA LEU A 18 7.83 4.78 8.47
C LEU A 18 7.20 5.80 9.44
N ASN A 19 6.96 6.99 8.90
CA ASN A 19 6.32 8.06 9.65
C ASN A 19 5.35 8.87 8.78
N PRO A 20 4.12 8.39 8.55
CA PRO A 20 3.25 9.12 7.61
C PRO A 20 2.70 10.45 8.23
N PRO A 21 2.03 11.32 7.42
CA PRO A 21 1.42 12.55 7.91
C PRO A 21 -0.03 12.27 8.45
N ARG A 22 -0.57 13.28 9.06
CA ARG A 22 -2.01 13.34 9.24
C ARG A 22 -2.83 13.09 7.94
N CYS A 23 -3.91 12.33 8.04
CA CYS A 23 -4.58 11.89 6.75
C CYS A 23 -5.01 13.02 5.80
N THR A 24 -5.34 14.22 6.33
CA THR A 24 -5.49 15.50 5.49
C THR A 24 -4.48 15.83 4.46
N ILE A 25 -3.26 15.41 4.75
CA ILE A 25 -2.14 15.61 3.80
C ILE A 25 -1.94 14.33 2.97
N ALA A 26 -1.93 13.13 3.68
CA ALA A 26 -1.73 11.78 3.11
C ALA A 26 -2.66 11.50 1.88
N MET A 27 -3.93 11.81 1.77
CA MET A 27 -4.83 11.44 0.73
C MET A 27 -4.39 12.12 -0.63
N ARG A 28 -3.60 13.17 -0.64
CA ARG A 28 -3.48 14.03 -1.84
C ARG A 28 -2.70 13.29 -2.93
N ALA A 29 -1.79 12.40 -2.55
CA ALA A 29 -1.00 11.63 -3.55
C ALA A 29 -1.76 10.74 -4.54
N ILE A 30 -3.02 10.55 -4.27
CA ILE A 30 -3.99 9.78 -5.04
C ILE A 30 -5.27 10.57 -5.30
N ASN A 31 -5.79 11.42 -4.34
CA ASN A 31 -6.97 12.22 -4.63
C ASN A 31 -6.65 13.40 -5.60
N ASN A 32 -5.40 13.89 -5.69
CA ASN A 32 -4.95 14.89 -6.64
C ASN A 32 -4.26 14.24 -7.88
N TYR A 33 -4.42 12.95 -8.07
CA TYR A 33 -3.58 12.16 -9.10
C TYR A 33 -4.44 11.15 -9.85
N ARG A 34 -5.76 10.92 -9.50
CA ARG A 34 -6.68 9.91 -10.11
C ARG A 34 -8.13 10.55 -10.27
N TRP A 35 -9.00 9.86 -11.02
CA TRP A 35 -10.23 10.46 -11.46
C TRP A 35 -11.15 11.06 -10.34
N ARG A 36 -11.11 10.65 -9.06
CA ARG A 36 -11.92 11.15 -7.91
C ARG A 36 -11.17 10.98 -6.58
N CYS A 37 -11.80 11.39 -5.47
CA CYS A 37 -11.26 11.17 -4.16
C CYS A 37 -11.59 9.69 -3.75
N LYS A 38 -10.64 8.89 -3.26
CA LYS A 38 -10.74 7.47 -2.84
C LYS A 38 -11.46 7.48 -1.50
N ASN A 39 -12.31 6.47 -1.33
CA ASN A 39 -13.10 6.37 -0.07
C ASN A 39 -12.20 6.14 1.16
N GLN A 40 -11.39 5.11 1.06
CA GLN A 40 -10.47 4.70 2.14
C GLN A 40 -9.08 4.29 1.60
N ASN A 41 -8.06 4.63 2.35
CA ASN A 41 -6.75 4.07 2.08
C ASN A 41 -5.95 3.74 3.29
N THR A 42 -4.78 3.08 3.22
CA THR A 42 -3.91 2.68 4.29
C THR A 42 -2.49 2.89 3.94
N PHE A 43 -1.67 3.25 4.92
CA PHE A 43 -0.22 3.24 4.84
C PHE A 43 0.46 2.76 6.13
N LEU A 44 1.47 1.84 5.97
CA LEU A 44 2.12 1.04 7.04
C LEU A 44 3.47 1.68 7.42
N ARG A 45 3.71 1.67 8.77
CA ARG A 45 4.89 2.19 9.44
C ARG A 45 5.97 1.10 9.43
N THR A 46 6.42 0.66 8.21
CA THR A 46 7.49 -0.35 8.06
C THR A 46 8.22 -0.14 6.74
N THR A 47 9.42 -0.66 6.54
CA THR A 47 10.36 -0.22 5.44
C THR A 47 10.50 -1.31 4.40
N PHE A 48 10.97 -0.86 3.19
CA PHE A 48 10.86 -1.65 1.99
C PHE A 48 11.63 -2.96 2.09
N ALA A 49 12.72 -3.01 2.86
CA ALA A 49 13.57 -4.15 3.06
C ALA A 49 12.83 -5.12 3.98
N ASN A 50 11.91 -4.64 4.82
CA ASN A 50 11.15 -5.46 5.76
C ASN A 50 9.82 -6.03 5.18
N VAL A 51 9.32 -5.45 4.15
CA VAL A 51 8.17 -5.85 3.39
C VAL A 51 8.73 -6.98 2.40
N VAL A 52 9.95 -6.77 1.83
CA VAL A 52 10.68 -7.80 1.02
C VAL A 52 10.90 -9.08 1.83
N ASN A 53 11.02 -8.97 3.21
CA ASN A 53 11.02 -10.15 4.14
C ASN A 53 9.68 -10.86 4.24
N VAL A 54 8.60 -10.10 3.98
CA VAL A 54 7.30 -10.70 3.79
C VAL A 54 7.13 -11.33 2.38
N CYS A 55 7.66 -10.70 1.32
CA CYS A 55 7.94 -11.45 0.09
C CYS A 55 8.95 -12.67 0.21
N GLY A 56 9.35 -12.93 1.45
CA GLY A 56 9.95 -14.23 1.83
C GLY A 56 9.34 -15.08 2.95
N ASN A 57 7.99 -15.09 2.99
CA ASN A 57 7.33 -16.08 3.92
C ASN A 57 6.58 -17.08 3.06
N GLN A 58 5.88 -18.12 3.65
CA GLN A 58 5.13 -19.15 2.92
C GLN A 58 4.08 -18.60 2.00
N SER A 59 3.86 -19.30 0.92
CA SER A 59 2.90 -19.06 -0.08
C SER A 59 1.53 -19.55 0.39
N ILE A 60 0.62 -18.61 0.51
CA ILE A 60 -0.84 -18.70 0.75
C ILE A 60 -1.68 -18.12 -0.36
N ARG A 61 -3.00 -18.18 -0.34
CA ARG A 61 -3.96 -17.65 -1.38
C ARG A 61 -4.69 -16.43 -0.94
N CYS A 62 -5.07 -15.52 -1.85
CA CYS A 62 -5.85 -14.32 -1.47
C CYS A 62 -6.89 -13.92 -2.58
N PRO A 63 -8.03 -13.31 -2.26
CA PRO A 63 -9.23 -13.20 -3.10
C PRO A 63 -9.00 -12.54 -4.46
N HIS A 64 -7.98 -11.73 -4.65
CA HIS A 64 -7.78 -10.89 -5.83
C HIS A 64 -6.48 -11.08 -6.59
N ASN A 65 -6.02 -12.36 -6.71
CA ASN A 65 -4.62 -12.75 -6.85
C ASN A 65 -4.46 -14.03 -7.71
N ARG A 66 -5.52 -14.70 -8.06
CA ARG A 66 -5.54 -15.91 -8.87
C ARG A 66 -4.80 -15.98 -10.19
N THR A 67 -4.45 -14.92 -10.83
CA THR A 67 -3.56 -14.91 -11.95
C THR A 67 -2.17 -15.53 -11.55
N LEU A 68 -1.58 -15.15 -10.42
CA LEU A 68 -0.34 -15.72 -9.92
C LEU A 68 -0.62 -16.71 -8.74
N ASN A 69 -1.86 -16.59 -8.12
CA ASN A 69 -2.34 -17.36 -7.00
C ASN A 69 -1.33 -17.58 -5.87
N ASN A 70 -0.65 -16.52 -5.58
CA ASN A 70 0.48 -16.46 -4.65
C ASN A 70 0.50 -15.12 -3.79
N CYS A 71 0.13 -15.09 -2.51
CA CYS A 71 0.22 -13.94 -1.64
C CYS A 71 1.02 -14.31 -0.37
N HIS A 72 1.31 -13.39 0.55
CA HIS A 72 1.97 -13.68 1.81
C HIS A 72 1.50 -12.79 2.91
N ARG A 73 1.73 -13.13 4.19
CA ARG A 73 1.36 -12.34 5.40
C ARG A 73 2.61 -11.99 6.22
N SER A 74 2.60 -10.90 7.00
CA SER A 74 3.65 -10.48 7.88
C SER A 74 3.93 -11.45 8.99
N ARG A 75 5.16 -11.46 9.48
CA ARG A 75 5.65 -12.43 10.54
C ARG A 75 4.94 -11.95 11.86
N PHE A 76 4.27 -10.78 11.86
CA PHE A 76 4.02 -9.98 13.12
C PHE A 76 3.13 -8.74 12.94
N ARG A 77 2.67 -8.14 14.03
CA ARG A 77 1.83 -6.93 13.93
C ARG A 77 2.64 -5.70 13.54
N VAL A 78 2.07 -4.76 12.77
CA VAL A 78 2.52 -3.36 12.53
C VAL A 78 1.51 -2.30 12.92
N PRO A 79 2.02 -1.15 13.50
CA PRO A 79 1.25 0.06 13.50
C PRO A 79 1.14 0.61 12.03
N LEU A 80 -0.09 0.98 11.76
CA LEU A 80 -0.54 1.56 10.52
C LEU A 80 -1.39 2.89 10.69
N LEU A 81 -1.48 3.67 9.58
CA LEU A 81 -2.42 4.81 9.43
C LEU A 81 -3.47 4.68 8.33
N HIS A 82 -4.73 4.47 8.69
CA HIS A 82 -5.87 4.46 7.81
C HIS A 82 -6.51 5.86 7.57
N CYS A 83 -6.87 6.16 6.31
CA CYS A 83 -7.40 7.49 5.90
C CYS A 83 -8.74 7.35 5.25
N ASP A 84 -9.59 8.26 5.66
CA ASP A 84 -11.07 8.10 5.58
C ASP A 84 -11.75 9.38 5.07
N LEU A 85 -12.29 9.27 3.84
CA LEU A 85 -13.11 10.21 3.08
C LEU A 85 -14.55 10.17 3.71
N ILE A 86 -14.74 10.98 4.75
CA ILE A 86 -15.93 11.11 5.69
C ILE A 86 -17.32 11.38 5.11
N ASN A 87 -17.48 11.52 3.76
CA ASN A 87 -18.66 12.06 3.16
C ASN A 87 -19.19 11.36 1.82
N PRO A 88 -20.50 10.97 1.71
CA PRO A 88 -20.99 10.25 0.54
C PRO A 88 -21.52 11.14 -0.64
N GLY A 89 -21.20 12.43 -0.67
CA GLY A 89 -21.55 13.28 -1.80
C GLY A 89 -20.30 13.95 -2.32
N ALA A 90 -19.13 13.91 -1.54
CA ALA A 90 -17.82 14.33 -1.99
C ALA A 90 -17.37 13.55 -3.23
N GLN A 91 -16.69 14.16 -4.16
CA GLN A 91 -16.14 13.48 -5.30
C GLN A 91 -14.80 14.00 -5.79
N ASN A 92 -14.48 15.28 -5.51
CA ASN A 92 -13.22 15.94 -5.78
C ASN A 92 -12.64 16.83 -4.67
N ILE A 93 -11.34 16.97 -4.71
CA ILE A 93 -10.45 17.61 -3.81
C ILE A 93 -10.77 19.04 -3.55
N SER A 94 -11.51 19.72 -4.40
CA SER A 94 -12.26 20.97 -4.07
C SER A 94 -13.40 20.72 -3.06
N ASN A 95 -13.53 19.64 -2.40
CA ASN A 95 -14.67 19.47 -1.45
C ASN A 95 -14.45 18.34 -0.42
N CYS A 96 -13.86 17.19 -0.80
CA CYS A 96 -13.28 16.08 0.02
C CYS A 96 -12.58 16.56 1.26
N ARG A 97 -13.16 16.58 2.47
CA ARG A 97 -12.51 16.68 3.85
C ARG A 97 -12.04 15.23 4.28
N TYR A 98 -11.14 15.10 5.32
CA TYR A 98 -10.44 13.85 5.69
C TYR A 98 -10.25 13.73 7.22
N ALA A 99 -10.20 12.45 7.70
CA ALA A 99 -10.00 12.14 9.08
C ALA A 99 -8.98 11.03 9.31
N ASP A 100 -8.19 11.14 10.38
CA ASP A 100 -7.19 10.11 10.84
C ASP A 100 -7.90 8.83 11.44
N ARG A 101 -7.36 7.67 11.23
CA ARG A 101 -7.69 6.40 11.88
C ARG A 101 -6.40 5.53 12.25
N PRO A 102 -5.76 5.66 13.43
CA PRO A 102 -4.64 4.81 13.91
C PRO A 102 -5.11 3.35 14.10
N GLY A 103 -4.27 2.30 13.98
CA GLY A 103 -4.41 0.88 14.40
C GLY A 103 -3.18 0.02 14.48
N ARG A 104 -3.33 -1.21 14.98
CA ARG A 104 -2.25 -2.22 14.98
C ARG A 104 -2.67 -3.63 14.77
N ARG A 105 -2.27 -4.17 13.63
CA ARG A 105 -2.61 -5.51 13.13
C ARG A 105 -1.50 -6.13 12.29
N PHE A 106 -1.57 -7.33 11.82
CA PHE A 106 -0.69 -7.83 10.75
C PHE A 106 -1.26 -7.46 9.34
N TYR A 107 -0.58 -7.75 8.30
CA TYR A 107 -0.96 -7.30 6.92
C TYR A 107 -0.50 -8.35 5.94
N VAL A 108 -1.15 -8.34 4.78
CA VAL A 108 -1.04 -9.35 3.75
C VAL A 108 -0.81 -8.70 2.40
N VAL A 109 0.25 -9.12 1.71
CA VAL A 109 0.64 -8.58 0.34
C VAL A 109 0.85 -9.63 -0.73
N ALA A 110 1.13 -9.22 -1.98
CA ALA A 110 1.58 -10.13 -3.08
C ALA A 110 2.76 -9.47 -3.89
N CYS A 111 3.64 -10.22 -4.47
CA CYS A 111 4.95 -9.82 -4.96
C CYS A 111 5.28 -10.34 -6.37
N ASP A 112 6.54 -10.01 -6.78
CA ASP A 112 7.08 -10.28 -8.14
C ASP A 112 8.62 -10.37 -8.25
N ASN A 113 9.13 -10.79 -9.41
CA ASN A 113 10.62 -10.78 -9.71
C ASN A 113 11.14 -9.32 -9.96
N ARG A 114 12.32 -8.93 -9.54
CA ARG A 114 13.01 -7.63 -9.80
C ARG A 114 12.95 -7.13 -11.24
N ASP A 115 12.94 -5.83 -11.36
CA ASP A 115 13.11 -5.14 -12.63
C ASP A 115 14.51 -5.23 -13.27
N PRO A 116 14.68 -5.43 -14.59
CA PRO A 116 15.94 -5.67 -15.16
C PRO A 116 16.87 -4.51 -15.16
N ARG A 117 16.43 -3.34 -14.68
CA ARG A 117 17.28 -2.13 -14.83
C ARG A 117 17.15 -1.16 -13.64
N ASP A 118 16.48 -1.57 -12.52
CA ASP A 118 16.29 -0.79 -11.31
C ASP A 118 16.56 -1.60 -10.04
N SER A 119 17.38 -1.15 -9.08
CA SER A 119 17.42 -1.68 -7.65
C SER A 119 18.01 -3.10 -7.33
N PRO A 120 19.29 -3.36 -7.60
CA PRO A 120 19.99 -4.63 -7.26
C PRO A 120 19.92 -5.10 -5.74
N ARG A 121 19.49 -4.24 -4.85
CA ARG A 121 19.30 -4.41 -3.42
C ARG A 121 18.30 -5.49 -2.97
N TYR A 122 17.31 -5.93 -3.77
CA TYR A 122 16.25 -6.91 -3.37
C TYR A 122 15.93 -7.97 -4.45
N PRO A 123 15.93 -9.31 -4.14
CA PRO A 123 15.74 -10.36 -5.17
C PRO A 123 14.36 -10.45 -5.76
N VAL A 124 13.36 -10.04 -4.96
CA VAL A 124 11.91 -10.04 -5.24
C VAL A 124 11.38 -8.76 -4.57
N VAL A 125 10.26 -8.21 -5.12
CA VAL A 125 9.63 -7.00 -4.65
C VAL A 125 8.12 -7.05 -4.49
N PRO A 126 7.58 -6.33 -3.51
CA PRO A 126 6.10 -6.24 -3.37
C PRO A 126 5.49 -5.37 -4.49
N VAL A 127 4.25 -5.70 -4.85
CA VAL A 127 3.48 -4.94 -5.81
C VAL A 127 2.02 -4.61 -5.49
N HIS A 128 1.44 -5.25 -4.47
CA HIS A 128 0.10 -4.95 -3.91
C HIS A 128 0.01 -5.29 -2.45
N LEU A 129 -1.00 -4.68 -1.77
CA LEU A 129 -1.39 -4.80 -0.32
C LEU A 129 -2.91 -5.19 -0.25
N ASP A 130 -3.15 -6.44 0.11
CA ASP A 130 -4.56 -6.93 -0.01
C ASP A 130 -5.55 -6.57 1.14
N THR A 131 -5.08 -6.93 2.37
CA THR A 131 -5.83 -6.79 3.62
C THR A 131 -4.94 -6.85 4.91
N THR A 132 -5.46 -6.74 6.11
CA THR A 132 -4.89 -6.68 7.48
C THR A 132 -5.86 -7.29 8.51
N ILE A 133 -5.29 -8.03 9.50
CA ILE A 133 -5.84 -8.91 10.49
C ILE A 133 -5.33 -8.81 11.92
C1A LVZ B . -3.70 -0.48 -12.13
C2A LVZ B . -4.51 0.36 -13.11
O1 LVZ B . -4.37 -0.50 -10.83
C3A LVZ B . -3.65 -1.87 -12.72
N9 LVZ B . -3.44 -1.25 -8.01
C1 LVZ B . -3.95 0.41 -9.82
S19 LVZ B . -1.77 -1.18 -8.07
O1S LVZ B . -1.48 -0.08 -7.20
C2 LVZ B . -4.13 -0.07 -8.35
S29 LVZ B . -5.69 4.38 -12.31
O2S LVZ B . -1.25 -1.00 -9.40
C3 LVZ B . -5.61 -0.04 -7.94
O3 LVZ B . -5.75 -0.36 -6.52
O3S LVZ B . -1.44 -2.49 -7.56
C4 LVZ B . -6.32 1.25 -8.43
O4 LVZ B . -7.81 1.17 -8.32
O4S LVZ B . -6.80 5.25 -12.25
C5 LVZ B . -6.06 1.62 -9.87
O5 LVZ B . -4.59 1.68 -9.95
O5S LVZ B . -4.55 4.76 -11.42
C6 LVZ B . -6.46 3.04 -10.27
O6 LVZ B . -6.21 3.01 -11.74
O6S LVZ B . -5.23 4.16 -13.67
H1A LVZ B . -2.70 -0.04 -12.08
H2A LVZ B . -4.04 0.16 -14.08
H2AA LVZ B . -5.52 -0.02 -13.24
H2B LVZ B . -4.52 1.44 -12.90
H1 LVZ B . -2.92 0.71 -10.02
H2 LVZ B . -3.71 0.75 -7.77
H3A LVZ B . -3.51 -2.57 -11.89
H3AA LVZ B . -4.58 -2.22 -13.16
H3B LVZ B . -2.89 -1.96 -13.50
H3 LVZ B . -6.22 -0.80 -8.45
H4 LVZ B . -6.00 2.11 -7.84
H5 LVZ B . -6.42 0.91 -10.61
H61 LVZ B . -7.54 3.12 -10.13
H62 LVZ B . -5.89 3.77 -9.70
HN9 LVZ B . -3.81 -1.97 -8.60
HO3 LVZ B . -6.67 -0.33 -6.23
C1 IDS B . -8.49 2.02 -7.33
C2 IDS B . -10.03 1.90 -7.54
C3 IDS B . -10.90 1.75 -6.29
C4 IDS B . -10.40 0.66 -5.41
C5 IDS B . -8.89 0.42 -5.53
C6 IDS B . -8.24 -0.21 -4.29
O2 IDS B . -10.46 3.16 -8.31
O3 IDS B . -12.26 1.57 -6.55
O4 IDS B . -10.66 1.00 -4.04
O5 IDS B . -8.14 1.67 -5.91
O6A IDS B . -8.61 -1.37 -3.96
O6B IDS B . -7.18 0.24 -3.81
S IDS B . -10.95 3.02 -9.78
O1S IDS B . -12.21 3.72 -9.87
O2S IDS B . -11.15 1.60 -10.14
O3S IDS B . -9.93 3.67 -10.57
H1 IDS B . -8.35 3.07 -7.54
H2 IDS B . -10.27 0.96 -8.04
H3 IDS B . -10.92 2.65 -5.68
H4 IDS B . -11.03 -0.18 -5.71
H5 IDS B . -8.67 -0.32 -6.31
HO3 IDS B . -12.69 2.41 -6.46
C1 SGN B . -12.07 0.71 -3.60
C2 SGN B . -12.53 1.50 -2.39
C3 SGN B . -11.81 1.02 -1.12
C4 SGN B . -11.86 -0.53 -0.92
C5 SGN B . -11.49 -1.26 -2.23
C6 SGN B . -11.80 -2.76 -2.13
N2 SGN B . -12.33 2.96 -2.66
O3 SGN B . -12.60 1.53 -0.04
O4 SGN B . -11.01 -0.93 0.14
O5 SGN B . -12.23 -0.71 -3.38
O6 SGN B . -10.72 -3.62 -2.71
S1 SGN B . -13.49 3.66 -3.57
O1S SGN B . -13.47 3.08 -4.89
O2S SGN B . -14.71 3.47 -2.78
O3S SGN B . -13.19 5.07 -3.62
S2 SGN B . -9.65 -4.45 -1.87
O4S SGN B . -8.75 -5.19 -2.72
O5S SGN B . -10.44 -5.26 -1.04
O6S SGN B . -8.96 -3.48 -1.08
H1 SGN B . -12.83 0.99 -4.33
H2 SGN B . -13.61 1.37 -2.32
H3 SGN B . -10.80 1.43 -1.11
H4 SGN B . -12.91 -0.72 -0.67
H5 SGN B . -10.45 -1.13 -2.55
H61 SGN B . -12.07 -3.05 -1.10
H62 SGN B . -12.64 -2.88 -2.81
HN21 SGN B . -11.48 3.04 -3.21
HO3 SGN B . -13.51 1.26 -0.17
HO4 SGN B . -11.18 -0.41 0.93
N ARG A 1 4.57 -0.37 -17.00
CA ARG A 1 5.23 0.33 -15.91
C ARG A 1 4.59 1.71 -15.67
N PRO A 2 4.38 2.12 -14.40
CA PRO A 2 3.77 3.36 -14.05
C PRO A 2 4.51 4.56 -14.69
N PRO A 3 3.89 5.72 -15.03
CA PRO A 3 4.47 6.84 -15.80
C PRO A 3 5.77 7.58 -15.39
N GLN A 4 6.30 7.27 -14.24
CA GLN A 4 7.48 7.91 -13.73
C GLN A 4 8.17 7.12 -12.59
N PHE A 5 7.83 5.77 -12.45
CA PHE A 5 8.45 4.96 -11.42
C PHE A 5 8.62 3.54 -11.94
N THR A 6 8.97 2.62 -11.05
CA THR A 6 8.59 1.16 -11.04
C THR A 6 7.33 0.85 -10.28
N ARG A 7 6.81 -0.38 -10.51
CA ARG A 7 5.77 -0.94 -9.67
C ARG A 7 6.10 -0.87 -8.18
N ALA A 8 7.33 -1.27 -7.84
CA ALA A 8 7.76 -1.39 -6.43
C ALA A 8 7.70 0.01 -5.69
N GLN A 9 8.27 0.99 -6.39
CA GLN A 9 8.30 2.33 -5.84
C GLN A 9 6.90 2.94 -5.86
N TRP A 10 5.99 2.65 -6.81
CA TRP A 10 4.59 3.16 -6.81
C TRP A 10 3.71 2.48 -5.85
N PHE A 11 3.92 1.18 -5.65
CA PHE A 11 3.54 0.52 -4.38
C PHE A 11 3.97 1.40 -3.17
N ALA A 12 5.27 1.61 -2.94
CA ALA A 12 5.79 2.16 -1.78
C ALA A 12 5.18 3.56 -1.51
N ILE A 13 5.10 4.41 -2.56
CA ILE A 13 4.44 5.75 -2.53
C ILE A 13 3.01 5.67 -2.13
N GLN A 14 2.33 4.58 -2.40
CA GLN A 14 0.92 4.56 -2.07
C GLN A 14 0.65 3.98 -0.63
N HIS A 15 1.52 3.21 -0.04
CA HIS A 15 1.33 2.43 1.18
C HIS A 15 2.51 2.38 2.26
N ILE A 16 3.72 2.63 1.91
CA ILE A 16 4.91 2.21 2.69
C ILE A 16 5.73 3.52 3.07
N SER A 17 5.28 4.20 4.12
CA SER A 17 5.74 5.55 4.54
C SER A 17 6.08 5.53 6.01
N LEU A 18 7.35 5.68 6.46
CA LEU A 18 7.68 5.34 7.87
C LEU A 18 7.05 6.25 8.99
N ASN A 19 6.74 7.49 8.69
CA ASN A 19 6.09 8.47 9.58
C ASN A 19 5.19 9.51 8.90
N PRO A 20 4.16 9.11 8.16
CA PRO A 20 3.37 10.02 7.35
C PRO A 20 2.79 11.19 8.19
N PRO A 21 2.23 12.19 7.49
CA PRO A 21 1.33 13.27 7.92
C PRO A 21 -0.12 12.76 8.24
N ARG A 22 -1.03 13.66 8.66
CA ARG A 22 -2.50 13.44 8.72
C ARG A 22 -3.14 12.97 7.43
N CYS A 23 -4.19 12.16 7.42
CA CYS A 23 -5.00 11.82 6.29
C CYS A 23 -5.52 12.96 5.35
N THR A 24 -5.79 14.22 5.88
CA THR A 24 -6.05 15.34 5.00
C THR A 24 -4.95 15.51 3.92
N ILE A 25 -3.70 15.44 4.36
CA ILE A 25 -2.58 15.46 3.45
C ILE A 25 -2.21 14.06 2.82
N ALA A 26 -2.18 13.01 3.59
CA ALA A 26 -1.75 11.70 3.11
C ALA A 26 -2.61 11.02 2.04
N MET A 27 -3.93 11.24 2.06
CA MET A 27 -4.83 10.96 0.90
C MET A 27 -4.43 11.72 -0.41
N ARG A 28 -3.80 12.93 -0.31
CA ARG A 28 -3.46 13.67 -1.54
C ARG A 28 -2.49 12.86 -2.42
N ALA A 29 -1.74 11.93 -1.82
CA ALA A 29 -0.75 11.04 -2.55
C ALA A 29 -1.37 10.14 -3.64
N ILE A 30 -2.69 9.93 -3.58
CA ILE A 30 -3.49 9.18 -4.57
C ILE A 30 -4.69 10.02 -5.06
N ASN A 31 -5.31 10.78 -4.13
CA ASN A 31 -6.51 11.54 -4.42
C ASN A 31 -6.22 12.75 -5.26
N ASN A 32 -5.04 13.28 -5.36
CA ASN A 32 -4.67 14.34 -6.29
C ASN A 32 -3.71 13.78 -7.39
N TYR A 33 -3.66 12.44 -7.61
CA TYR A 33 -3.03 11.67 -8.70
C TYR A 33 -3.97 10.78 -9.54
N ARG A 34 -5.26 10.64 -9.21
CA ARG A 34 -6.33 9.89 -9.99
C ARG A 34 -7.62 10.65 -10.11
N TRP A 35 -8.45 10.23 -11.06
CA TRP A 35 -9.66 10.95 -11.43
C TRP A 35 -10.71 11.22 -10.27
N ARG A 36 -10.69 10.44 -9.16
CA ARG A 36 -11.69 10.42 -8.05
C ARG A 36 -11.04 10.26 -6.67
N CYS A 37 -11.72 10.68 -5.56
CA CYS A 37 -11.21 10.48 -4.22
C CYS A 37 -11.51 9.11 -3.67
N LYS A 38 -10.51 8.26 -3.46
CA LYS A 38 -10.65 6.97 -2.76
C LYS A 38 -11.22 7.14 -1.41
N ASN A 39 -12.16 6.30 -1.03
CA ASN A 39 -12.98 6.28 0.21
C ASN A 39 -12.18 5.76 1.44
N GLN A 40 -11.24 4.82 1.24
CA GLN A 40 -10.52 4.14 2.35
C GLN A 40 -9.07 3.90 1.79
N ASN A 41 -8.08 4.03 2.61
CA ASN A 41 -6.68 3.59 2.32
C ASN A 41 -5.96 3.32 3.62
N THR A 42 -4.88 2.57 3.46
CA THR A 42 -4.01 2.16 4.54
C THR A 42 -2.50 2.29 4.16
N PHE A 43 -1.74 2.80 5.12
CA PHE A 43 -0.30 3.21 5.04
C PHE A 43 0.42 2.59 6.23
N LEU A 44 1.74 2.12 6.07
CA LEU A 44 2.27 1.26 7.11
C LEU A 44 3.68 1.72 7.47
N ARG A 45 4.00 1.75 8.74
CA ARG A 45 5.25 2.28 9.31
C ARG A 45 6.33 1.20 9.57
N THR A 46 6.54 0.23 8.64
CA THR A 46 7.65 -0.71 8.49
C THR A 46 8.55 -0.30 7.32
N THR A 47 9.74 -0.84 7.13
CA THR A 47 10.63 -0.45 5.99
C THR A 47 10.45 -1.46 4.79
N PHE A 48 10.89 -1.00 3.56
CA PHE A 48 10.75 -1.71 2.34
C PHE A 48 11.33 -3.10 2.40
N ALA A 49 12.65 -3.24 2.82
CA ALA A 49 13.33 -4.53 3.01
C ALA A 49 12.68 -5.47 4.04
N ASN A 50 12.00 -4.98 5.07
CA ASN A 50 11.06 -5.74 5.93
C ASN A 50 9.83 -6.34 5.19
N VAL A 51 9.29 -5.56 4.25
CA VAL A 51 8.24 -6.05 3.36
C VAL A 51 8.78 -7.01 2.35
N VAL A 52 10.01 -6.87 1.84
CA VAL A 52 10.65 -7.80 0.85
C VAL A 52 10.89 -9.12 1.48
N ASN A 53 11.23 -9.14 2.79
CA ASN A 53 11.16 -10.36 3.53
C ASN A 53 9.75 -10.88 3.74
N VAL A 54 8.66 -10.07 3.79
CA VAL A 54 7.29 -10.66 3.62
C VAL A 54 7.00 -11.29 2.21
N CYS A 55 7.47 -10.72 1.10
CA CYS A 55 7.47 -11.49 -0.18
C CYS A 55 8.09 -12.88 -0.10
N GLY A 56 9.05 -13.04 0.86
CA GLY A 56 9.57 -14.39 1.15
C GLY A 56 8.95 -15.08 2.33
N ASN A 57 7.81 -14.67 2.84
CA ASN A 57 7.08 -15.45 3.79
C ASN A 57 6.18 -16.49 3.00
N GLN A 58 5.66 -17.48 3.73
CA GLN A 58 4.82 -18.54 3.15
C GLN A 58 3.72 -18.06 2.15
N SER A 59 3.36 -18.84 1.15
CA SER A 59 2.54 -18.42 0.00
C SER A 59 1.13 -18.94 0.25
N ILE A 60 0.20 -18.13 -0.14
CA ILE A 60 -1.24 -18.35 0.16
C ILE A 60 -2.13 -17.71 -0.97
N ARG A 61 -3.44 -17.81 -0.85
CA ARG A 61 -4.47 -17.21 -1.76
C ARG A 61 -5.36 -16.14 -1.11
N CYS A 62 -5.88 -15.18 -1.98
CA CYS A 62 -6.62 -13.97 -1.54
C CYS A 62 -7.68 -13.61 -2.57
N PRO A 63 -8.76 -12.95 -2.18
CA PRO A 63 -9.91 -12.87 -3.02
C PRO A 63 -9.84 -11.91 -4.29
N HIS A 64 -8.79 -11.14 -4.35
CA HIS A 64 -8.54 -10.21 -5.43
C HIS A 64 -7.25 -10.46 -6.20
N ASN A 65 -6.83 -11.69 -6.45
CA ASN A 65 -5.41 -12.08 -6.63
C ASN A 65 -5.25 -13.10 -7.73
N ARG A 66 -6.32 -13.56 -8.45
CA ARG A 66 -6.15 -14.58 -9.54
C ARG A 66 -5.16 -14.22 -10.73
N THR A 67 -5.06 -12.99 -11.21
CA THR A 67 -4.13 -12.49 -12.24
C THR A 67 -2.62 -12.99 -12.15
N LEU A 68 -2.23 -13.26 -10.96
CA LEU A 68 -0.92 -13.98 -10.68
C LEU A 68 -1.00 -15.09 -9.65
N ASN A 69 -2.20 -15.41 -9.14
CA ASN A 69 -2.64 -16.46 -8.12
C ASN A 69 -1.55 -16.75 -7.05
N ASN A 70 -1.07 -15.70 -6.40
CA ASN A 70 -0.07 -15.78 -5.32
C ASN A 70 -0.15 -14.44 -4.45
N CYS A 71 -0.33 -14.64 -3.12
CA CYS A 71 -0.23 -13.61 -2.06
C CYS A 71 0.50 -14.14 -0.78
N HIS A 72 0.69 -13.20 0.18
CA HIS A 72 1.39 -13.46 1.47
C HIS A 72 0.96 -12.51 2.59
N ARG A 73 1.19 -12.76 3.83
CA ARG A 73 1.02 -11.86 5.07
C ARG A 73 2.20 -11.77 6.01
N SER A 74 2.36 -10.63 6.72
CA SER A 74 3.51 -10.35 7.54
C SER A 74 3.73 -11.26 8.75
N ARG A 75 4.97 -11.43 9.26
CA ARG A 75 5.31 -12.43 10.27
C ARG A 75 4.87 -12.10 11.70
N PHE A 76 4.68 -10.78 11.85
CA PHE A 76 4.30 -10.07 13.02
C PHE A 76 3.50 -8.77 12.77
N ARG A 77 3.12 -8.11 13.84
CA ARG A 77 2.40 -6.82 13.76
C ARG A 77 3.40 -5.66 13.61
N VAL A 78 2.92 -4.55 13.02
CA VAL A 78 3.68 -3.30 12.96
C VAL A 78 2.79 -2.02 12.95
N PRO A 79 3.25 -0.89 13.53
CA PRO A 79 2.44 0.36 13.52
C PRO A 79 2.02 0.75 12.11
N LEU A 80 0.85 1.35 11.95
CA LEU A 80 0.33 1.87 10.68
C LEU A 80 -0.68 2.96 10.90
N LEU A 81 -1.28 3.32 9.79
CA LEU A 81 -2.28 4.38 9.63
C LEU A 81 -3.35 3.91 8.52
N HIS A 82 -4.62 4.12 8.79
CA HIS A 82 -5.73 3.99 7.90
C HIS A 82 -6.48 5.33 7.83
N CYS A 83 -7.14 5.69 6.69
CA CYS A 83 -7.72 6.98 6.50
C CYS A 83 -9.15 6.87 6.05
N ASP A 84 -10.04 7.87 6.31
CA ASP A 84 -11.46 7.69 5.95
C ASP A 84 -12.02 9.02 5.36
N LEU A 85 -12.59 8.93 4.14
CA LEU A 85 -13.31 9.90 3.39
C LEU A 85 -14.73 10.08 4.11
N ILE A 86 -14.85 11.08 5.01
CA ILE A 86 -15.94 11.10 6.03
C ILE A 86 -17.32 11.08 5.33
N ASN A 87 -17.52 11.52 4.10
CA ASN A 87 -18.73 11.98 3.52
C ASN A 87 -19.08 11.21 2.22
N PRO A 88 -20.03 10.27 2.22
CA PRO A 88 -20.54 9.47 1.05
C PRO A 88 -20.65 10.17 -0.31
N GLY A 89 -21.10 11.48 -0.36
CA GLY A 89 -21.29 12.19 -1.59
C GLY A 89 -20.00 12.74 -2.38
N ALA A 90 -18.92 13.06 -1.64
CA ALA A 90 -17.74 13.73 -2.13
C ALA A 90 -16.90 12.74 -2.98
N GLN A 91 -16.51 13.21 -4.17
CA GLN A 91 -15.54 12.55 -5.13
C GLN A 91 -14.55 13.51 -5.78
N ASN A 92 -14.79 14.80 -5.86
CA ASN A 92 -13.82 15.74 -6.45
C ASN A 92 -12.90 16.37 -5.35
N ILE A 93 -11.56 16.39 -5.64
CA ILE A 93 -10.50 16.99 -4.79
C ILE A 93 -10.85 18.38 -4.14
N SER A 94 -11.70 19.26 -4.75
CA SER A 94 -12.07 20.55 -4.18
C SER A 94 -12.90 20.42 -2.87
N ASN A 95 -13.54 19.27 -2.79
CA ASN A 95 -14.73 19.11 -1.86
C ASN A 95 -14.29 18.09 -0.82
N CYS A 96 -13.53 17.08 -1.22
CA CYS A 96 -13.15 15.98 -0.34
C CYS A 96 -12.46 16.49 1.04
N ARG A 97 -12.92 15.83 2.12
CA ARG A 97 -12.36 16.01 3.54
C ARG A 97 -12.25 14.62 4.10
N TYR A 98 -11.38 14.55 5.10
CA TYR A 98 -10.72 13.25 5.46
C TYR A 98 -10.32 13.17 6.94
N ALA A 99 -10.32 11.96 7.55
CA ALA A 99 -10.08 11.70 8.92
C ALA A 99 -9.28 10.44 9.18
N ASP A 100 -8.40 10.50 10.19
CA ASP A 100 -7.45 9.42 10.45
C ASP A 100 -8.10 8.33 11.28
N ARG A 101 -7.53 7.12 11.21
CA ARG A 101 -7.69 5.99 12.14
C ARG A 101 -6.39 5.25 12.23
N PRO A 102 -5.41 5.63 13.02
CA PRO A 102 -4.13 4.89 13.25
C PRO A 102 -4.42 3.47 13.80
N GLY A 103 -3.33 2.71 14.02
CA GLY A 103 -3.45 1.37 14.71
C GLY A 103 -2.24 0.47 14.50
N ARG A 104 -2.27 -0.82 14.87
CA ARG A 104 -1.13 -1.72 14.67
C ARG A 104 -1.56 -3.15 14.39
N ARG A 105 -1.21 -3.86 13.27
CA ARG A 105 -1.87 -5.18 12.84
C ARG A 105 -0.92 -6.03 11.95
N PHE A 106 -1.13 -7.34 11.77
CA PHE A 106 -0.50 -8.02 10.66
C PHE A 106 -1.10 -7.45 9.34
N TYR A 107 -0.48 -7.64 8.19
CA TYR A 107 -0.89 -7.04 7.00
C TYR A 107 -0.77 -8.03 5.85
N VAL A 108 -1.52 -7.86 4.74
CA VAL A 108 -1.55 -8.82 3.59
C VAL A 108 -1.15 -8.20 2.27
N VAL A 109 -0.31 -8.87 1.48
CA VAL A 109 0.38 -8.27 0.30
C VAL A 109 0.40 -9.24 -0.81
N ALA A 110 0.79 -8.72 -1.99
CA ALA A 110 1.30 -9.55 -3.09
C ALA A 110 2.63 -8.93 -3.67
N CYS A 111 3.52 -9.86 -4.11
CA CYS A 111 4.86 -9.60 -4.62
C CYS A 111 5.07 -10.43 -5.93
N ASP A 112 6.13 -10.01 -6.68
CA ASP A 112 6.59 -10.63 -7.87
C ASP A 112 8.11 -10.59 -8.02
N ASN A 113 8.60 -11.34 -8.94
CA ASN A 113 9.98 -11.49 -9.31
C ASN A 113 10.68 -10.18 -9.77
N ARG A 114 11.93 -10.10 -9.39
CA ARG A 114 12.85 -9.06 -9.84
C ARG A 114 12.63 -8.66 -11.30
N ASP A 115 12.36 -7.40 -11.46
CA ASP A 115 12.37 -6.59 -12.70
C ASP A 115 13.67 -6.81 -13.52
N PRO A 116 13.62 -7.07 -14.83
CA PRO A 116 14.82 -7.29 -15.67
C PRO A 116 15.83 -6.11 -15.79
N ARG A 117 15.56 -4.86 -15.34
CA ARG A 117 16.40 -3.68 -15.43
C ARG A 117 16.50 -2.84 -14.11
N ASP A 118 15.97 -3.29 -12.99
CA ASP A 118 16.02 -2.63 -11.62
C ASP A 118 16.25 -3.49 -10.38
N SER A 119 16.76 -2.87 -9.30
CA SER A 119 17.07 -3.44 -7.97
C SER A 119 17.57 -4.93 -7.91
N PRO A 120 18.68 -5.35 -8.57
CA PRO A 120 19.23 -6.80 -8.38
C PRO A 120 19.36 -7.20 -6.87
N ARG A 121 19.45 -6.27 -5.89
CA ARG A 121 19.51 -6.48 -4.47
C ARG A 121 18.24 -7.17 -3.90
N TYR A 122 17.15 -7.16 -4.60
CA TYR A 122 15.83 -7.71 -4.26
C TYR A 122 15.21 -8.69 -5.25
N PRO A 123 15.40 -10.06 -5.13
CA PRO A 123 15.04 -11.06 -6.13
C PRO A 123 13.48 -11.18 -6.36
N VAL A 124 12.78 -10.67 -5.33
CA VAL A 124 11.37 -10.53 -5.24
C VAL A 124 11.12 -9.12 -4.66
N VAL A 125 9.99 -8.59 -5.02
CA VAL A 125 9.60 -7.28 -4.76
C VAL A 125 8.12 -7.10 -4.63
N PRO A 126 7.59 -6.23 -3.74
CA PRO A 126 6.19 -6.11 -3.49
C PRO A 126 5.50 -5.41 -4.71
N VAL A 127 4.21 -5.68 -4.98
CA VAL A 127 3.36 -4.99 -6.07
C VAL A 127 2.07 -4.46 -5.50
N HIS A 128 1.61 -4.76 -4.30
CA HIS A 128 0.24 -4.44 -3.89
C HIS A 128 0.06 -4.61 -2.33
N LEU A 129 -1.09 -4.21 -1.77
CA LEU A 129 -1.56 -4.31 -0.39
C LEU A 129 -3.05 -4.49 -0.39
N ASP A 130 -3.49 -5.57 0.20
CA ASP A 130 -4.89 -6.02 0.04
C ASP A 130 -5.84 -6.00 1.26
N THR A 131 -5.36 -6.12 2.50
CA THR A 131 -6.10 -5.94 3.74
C THR A 131 -5.23 -6.00 4.95
N THR A 132 -5.68 -5.81 6.16
CA THR A 132 -4.94 -5.98 7.35
C THR A 132 -5.77 -6.57 8.57
N ILE A 133 -5.20 -7.37 9.46
CA ILE A 133 -5.95 -8.15 10.45
C ILE A 133 -5.23 -8.29 11.81
C1A LVZ B . -2.83 -0.43 -12.25
C2A LVZ B . -3.92 -0.14 -13.28
O1 LVZ B . -3.37 -0.34 -10.90
C3A LVZ B . -2.20 -1.83 -12.35
N9 LVZ B . -3.00 -0.85 -8.22
C1 LVZ B . -3.32 0.85 -10.08
S19 LVZ B . -1.45 -0.56 -7.80
O1S LVZ B . -1.04 -1.66 -7.00
C2 LVZ B . -3.75 0.36 -8.69
S29 LVZ B . -5.54 4.74 -12.45
O2S LVZ B . -0.49 -0.36 -8.85
C3 LVZ B . -5.20 -0.03 -8.56
O3 LVZ B . -5.49 -0.22 -7.11
O3S LVZ B . -1.46 0.59 -6.96
C4 LVZ B . -6.06 1.12 -9.04
O4 LVZ B . -7.47 0.77 -8.91
O4S LVZ B . -6.51 5.77 -12.14
C5 LVZ B . -5.70 1.63 -10.40
O5 LVZ B . -4.29 1.90 -10.49
O5S LVZ B . -4.37 4.84 -11.60
C6 LVZ B . -6.57 2.89 -10.88
O6 LVZ B . -6.27 3.31 -12.20
O6S LVZ B . -5.19 4.81 -13.85
H1A LVZ B . -2.00 0.28 -12.26
H2A LVZ B . -3.68 -0.43 -14.31
H2AA LVZ B . -4.82 -0.66 -12.97
H2B LVZ B . -4.14 0.92 -13.41
H1 LVZ B . -2.33 1.31 -10.05
H2 LVZ B . -3.46 1.15 -8.01
H3A LVZ B . -1.34 -1.66 -12.98
H3AA LVZ B . -1.92 -2.23 -11.37
H3B LVZ B . -2.93 -2.51 -12.81
H3 LVZ B . -5.33 -0.96 -9.10
H4 LVZ B . -5.77 1.91 -8.35
H5 LVZ B . -5.89 0.77 -11.06
H61 LVZ B . -7.64 2.68 -10.75
H62 LVZ B . -6.42 3.64 -10.10
HN9 LVZ B . -2.94 -1.59 -8.93
HO3 LVZ B . -6.23 0.34 -6.87
C1 IDS B . -8.29 1.75 -8.17
C2 IDS B . -9.73 1.42 -8.50
C3 IDS B . -10.67 1.45 -7.31
C4 IDS B . -10.18 0.71 -6.05
C5 IDS B . -8.64 0.44 -6.05
C6 IDS B . -8.06 -0.04 -4.72
O2 IDS B . -10.12 2.54 -9.36
O3 IDS B . -11.92 0.82 -7.58
O4 IDS B . -10.60 1.51 -4.84
O5 IDS B . -7.98 1.62 -6.67
O6A IDS B . -8.41 -1.14 -4.27
O6B IDS B . -7.09 0.61 -4.30
S IDS B . -10.57 2.36 -10.81
O1S IDS B . -11.90 1.85 -10.72
O2S IDS B . -10.59 3.68 -11.43
O3S IDS B . -9.74 1.45 -11.52
H1 IDS B . -8.14 2.80 -8.43
H2 IDS B . -9.74 0.48 -9.05
H3 IDS B . -10.72 2.51 -7.07
H4 IDS B . -10.67 -0.25 -5.95
H5 IDS B . -8.44 -0.39 -6.72
HO3 IDS B . -12.44 1.19 -6.87
C1 SGN B . -11.93 1.31 -4.27
C2 SGN B . -12.22 2.25 -3.05
C3 SGN B . -11.45 1.68 -1.84
C4 SGN B . -11.62 0.18 -1.58
C5 SGN B . -11.44 -0.70 -2.83
C6 SGN B . -12.08 -2.08 -2.63
N2 SGN B . -12.07 3.67 -3.31
O3 SGN B . -11.91 2.40 -0.69
O4 SGN B . -10.63 -0.20 -0.63
O5 SGN B . -12.20 -0.08 -3.86
O6 SGN B . -11.09 -2.99 -3.22
S1 SGN B . -13.31 4.32 -4.15
O1S SGN B . -12.95 4.12 -5.56
O2S SGN B . -14.62 3.76 -3.85
O3S SGN B . -13.34 5.69 -3.83
S2 SGN B . -10.46 -4.18 -2.46
O4S SGN B . -9.36 -4.66 -3.26
O5S SGN B . -11.55 -5.15 -2.24
O6S SGN B . -9.97 -3.64 -1.18
H1 SGN B . -12.67 1.60 -5.01
H2 SGN B . -13.28 2.11 -2.83
H3 SGN B . -10.38 1.86 -1.97
H4 SGN B . -12.62 0.02 -1.20
H5 SGN B . -10.42 -0.79 -3.19
H61 SGN B . -12.10 -2.17 -1.55
H62 SGN B . -13.05 -2.21 -3.11
HN21 SGN B . -11.35 3.72 -4.02
HO3 SGN B . -11.43 1.93 0.00
HO4 SGN B . -9.79 -0.49 -1.00
N ARG A 1 3.36 -0.16 -16.78
CA ARG A 1 4.11 0.77 -15.95
C ARG A 1 3.27 1.91 -15.44
N PRO A 2 3.27 2.22 -14.09
CA PRO A 2 2.65 3.46 -13.57
C PRO A 2 3.15 4.63 -14.37
N PRO A 3 2.23 5.60 -14.72
CA PRO A 3 2.57 6.81 -15.39
C PRO A 3 3.91 7.50 -15.05
N GLN A 4 4.34 7.41 -13.78
CA GLN A 4 5.53 8.16 -13.30
C GLN A 4 6.41 7.44 -12.29
N PHE A 5 6.21 6.11 -12.20
CA PHE A 5 6.80 5.25 -11.12
C PHE A 5 7.29 3.92 -11.69
N THR A 6 8.13 3.13 -10.88
CA THR A 6 8.07 1.63 -11.02
C THR A 6 6.89 1.11 -10.24
N ARG A 7 6.48 -0.12 -10.46
CA ARG A 7 5.41 -0.68 -9.64
C ARG A 7 5.76 -0.79 -8.16
N ALA A 8 7.05 -1.03 -7.81
CA ALA A 8 7.39 -1.18 -6.36
C ALA A 8 7.57 0.18 -5.69
N GLN A 9 7.99 1.26 -6.44
CA GLN A 9 7.75 2.57 -5.94
C GLN A 9 6.32 2.95 -5.79
N TRP A 10 5.39 2.59 -6.68
CA TRP A 10 4.00 2.82 -6.48
C TRP A 10 3.46 2.10 -5.19
N PHE A 11 3.81 0.79 -5.05
CA PHE A 11 3.45 0.10 -3.85
C PHE A 11 3.93 0.87 -2.58
N ALA A 12 5.15 1.44 -2.58
CA ALA A 12 5.68 2.12 -1.39
C ALA A 12 4.83 3.34 -1.25
N ILE A 13 4.59 4.14 -2.26
CA ILE A 13 4.10 5.52 -2.14
C ILE A 13 2.73 5.69 -1.42
N GLN A 14 1.84 4.87 -1.85
CA GLN A 14 0.53 4.73 -1.33
C GLN A 14 0.43 4.19 0.12
N HIS A 15 1.34 3.23 0.40
CA HIS A 15 1.13 2.25 1.45
C HIS A 15 2.26 1.96 2.43
N ILE A 16 3.45 2.52 2.25
CA ILE A 16 4.60 2.42 3.20
C ILE A 16 5.16 3.83 3.61
N SER A 17 4.93 4.25 4.83
CA SER A 17 5.47 5.47 5.46
C SER A 17 5.62 5.24 6.96
N LEU A 18 6.85 5.56 7.41
CA LEU A 18 7.38 5.40 8.82
C LEU A 18 6.81 6.39 9.80
N ASN A 19 6.67 7.64 9.40
CA ASN A 19 6.25 8.74 10.28
C ASN A 19 5.26 9.79 9.63
N PRO A 20 4.11 9.38 9.02
CA PRO A 20 3.35 10.24 8.05
C PRO A 20 2.70 11.44 8.69
N PRO A 21 2.26 12.42 7.89
CA PRO A 21 1.38 13.50 8.32
C PRO A 21 -0.06 12.95 8.37
N ARG A 22 -0.94 13.81 8.68
CA ARG A 22 -2.46 13.55 8.72
C ARG A 22 -3.06 13.22 7.38
N CYS A 23 -4.19 12.52 7.24
CA CYS A 23 -4.77 12.10 6.01
C CYS A 23 -5.15 13.14 4.96
N THR A 24 -5.56 14.36 5.48
CA THR A 24 -5.54 15.62 4.66
C THR A 24 -4.32 15.89 3.72
N ILE A 25 -3.13 15.34 4.02
CA ILE A 25 -2.04 15.38 3.09
C ILE A 25 -1.76 13.95 2.53
N ALA A 26 -1.68 12.98 3.46
CA ALA A 26 -1.33 11.63 3.06
C ALA A 26 -2.17 11.09 1.86
N MET A 27 -3.50 11.35 1.90
CA MET A 27 -4.46 10.83 0.86
C MET A 27 -4.15 11.45 -0.50
N ARG A 28 -3.46 12.63 -0.55
CA ARG A 28 -3.21 13.38 -1.81
C ARG A 28 -2.34 12.59 -2.79
N ALA A 29 -1.56 11.66 -2.34
CA ALA A 29 -0.72 10.78 -3.21
C ALA A 29 -1.48 9.97 -4.24
N ILE A 30 -2.77 9.65 -3.94
CA ILE A 30 -3.80 9.24 -4.94
C ILE A 30 -4.95 10.17 -5.22
N ASN A 31 -5.37 11.07 -4.33
CA ASN A 31 -6.54 11.95 -4.43
C ASN A 31 -6.30 13.29 -5.24
N ASN A 32 -5.00 13.70 -5.31
CA ASN A 32 -4.51 14.74 -6.23
C ASN A 32 -3.83 14.18 -7.46
N TYR A 33 -4.11 12.93 -7.82
CA TYR A 33 -3.41 12.12 -8.84
C TYR A 33 -4.47 11.41 -9.65
N ARG A 34 -5.34 10.58 -9.11
CA ARG A 34 -6.49 9.99 -9.82
C ARG A 34 -7.51 11.05 -10.22
N TRP A 35 -8.41 10.73 -11.14
CA TRP A 35 -9.50 11.57 -11.69
C TRP A 35 -10.64 11.87 -10.64
N ARG A 36 -10.60 11.21 -9.45
CA ARG A 36 -11.68 11.20 -8.39
C ARG A 36 -11.03 11.08 -6.93
N CYS A 37 -11.61 11.67 -5.93
CA CYS A 37 -11.19 11.34 -4.53
C CYS A 37 -11.55 9.87 -4.15
N LYS A 38 -10.52 9.19 -3.69
CA LYS A 38 -10.54 7.79 -3.09
C LYS A 38 -11.09 7.80 -1.69
N ASN A 39 -12.02 6.81 -1.48
CA ASN A 39 -12.85 6.81 -0.29
C ASN A 39 -11.96 6.40 0.90
N GLN A 40 -11.27 5.30 0.85
CA GLN A 40 -10.46 4.79 1.99
C GLN A 40 -8.99 4.46 1.66
N ASN A 41 -7.99 4.50 2.51
CA ASN A 41 -6.63 3.98 2.24
C ASN A 41 -5.87 3.65 3.54
N THR A 42 -4.88 2.73 3.45
CA THR A 42 -4.07 2.29 4.64
C THR A 42 -2.59 2.45 4.32
N PHE A 43 -1.85 2.88 5.34
CA PHE A 43 -0.48 3.24 5.23
C PHE A 43 0.32 2.60 6.39
N LEU A 44 1.42 1.84 6.11
CA LEU A 44 2.06 0.99 7.06
C LEU A 44 3.34 1.66 7.54
N ARG A 45 3.69 1.69 8.84
CA ARG A 45 4.97 2.20 9.48
C ARG A 45 6.03 1.14 9.39
N THR A 46 6.45 0.78 8.13
CA THR A 46 7.58 -0.05 7.81
C THR A 46 8.39 0.59 6.72
N THR A 47 9.26 -0.21 6.14
CA THR A 47 10.08 0.18 5.02
C THR A 47 10.16 -1.07 4.02
N PHE A 48 10.21 -0.73 2.70
CA PHE A 48 10.19 -1.68 1.60
C PHE A 48 11.21 -2.74 1.78
N ALA A 49 12.44 -2.35 2.15
CA ALA A 49 13.52 -3.23 2.33
C ALA A 49 13.29 -4.17 3.46
N ASN A 50 12.17 -4.10 4.16
CA ASN A 50 11.75 -5.03 5.17
C ASN A 50 10.44 -5.77 4.87
N VAL A 51 9.73 -5.37 3.75
CA VAL A 51 8.60 -5.95 3.10
C VAL A 51 9.04 -7.06 2.09
N VAL A 52 10.21 -7.00 1.53
CA VAL A 52 10.79 -8.10 0.62
C VAL A 52 10.85 -9.45 1.33
N ASN A 53 11.11 -9.38 2.62
CA ASN A 53 11.18 -10.67 3.40
C ASN A 53 9.84 -11.49 3.60
N VAL A 54 8.70 -10.82 3.54
CA VAL A 54 7.30 -11.37 3.57
C VAL A 54 6.90 -12.23 2.30
N CYS A 55 7.49 -11.84 1.15
CA CYS A 55 7.31 -12.55 -0.12
C CYS A 55 7.95 -13.92 0.08
N GLY A 56 9.05 -14.10 0.90
CA GLY A 56 9.87 -15.30 0.95
C GLY A 56 9.46 -16.26 2.10
N ASN A 57 8.66 -15.75 3.00
CA ASN A 57 7.91 -16.55 3.94
C ASN A 57 7.05 -17.60 3.20
N GLN A 58 6.38 -18.54 3.91
CA GLN A 58 5.48 -19.62 3.33
C GLN A 58 4.38 -19.16 2.37
N SER A 59 4.00 -19.85 1.30
CA SER A 59 2.96 -19.40 0.34
C SER A 59 1.56 -19.68 0.77
N ILE A 60 0.61 -18.78 0.48
CA ILE A 60 -0.83 -18.78 0.71
C ILE A 60 -1.57 -18.26 -0.54
N ARG A 61 -2.89 -18.07 -0.54
CA ARG A 61 -3.80 -17.47 -1.55
C ARG A 61 -4.81 -16.43 -1.02
N CYS A 62 -5.06 -15.36 -1.78
CA CYS A 62 -5.82 -14.24 -1.49
C CYS A 62 -6.91 -13.87 -2.54
N PRO A 63 -8.00 -13.17 -2.17
CA PRO A 63 -9.19 -13.12 -3.00
C PRO A 63 -9.18 -11.94 -4.01
N HIS A 64 -8.04 -11.38 -4.26
CA HIS A 64 -7.85 -10.20 -5.16
C HIS A 64 -6.56 -10.39 -5.99
N ASN A 65 -6.34 -11.67 -6.44
CA ASN A 65 -4.96 -12.15 -6.87
C ASN A 65 -5.01 -13.28 -7.87
N ARG A 66 -6.22 -13.54 -8.44
CA ARG A 66 -6.46 -14.55 -9.51
C ARG A 66 -5.55 -14.45 -10.71
N THR A 67 -4.93 -13.27 -10.85
CA THR A 67 -3.84 -13.03 -11.88
C THR A 67 -2.65 -13.95 -11.85
N LEU A 68 -2.42 -14.51 -10.65
CA LEU A 68 -1.34 -15.49 -10.44
C LEU A 68 -1.58 -16.45 -9.28
N ASN A 69 -2.57 -16.27 -8.40
CA ASN A 69 -2.92 -17.19 -7.30
C ASN A 69 -1.83 -17.54 -6.35
N ASN A 70 -1.08 -16.56 -5.88
CA ASN A 70 -0.03 -16.65 -4.89
C ASN A 70 0.14 -15.28 -4.22
N CYS A 71 -0.05 -15.20 -2.85
CA CYS A 71 0.15 -14.04 -1.94
C CYS A 71 0.87 -14.65 -0.61
N HIS A 72 1.05 -13.78 0.36
CA HIS A 72 1.84 -14.03 1.58
C HIS A 72 1.35 -13.06 2.68
N ARG A 73 1.83 -13.20 3.88
CA ARG A 73 1.54 -12.37 5.09
C ARG A 73 2.71 -12.26 6.13
N SER A 74 2.65 -11.19 6.93
CA SER A 74 3.67 -10.76 7.85
C SER A 74 3.84 -11.65 9.02
N ARG A 75 5.00 -11.72 9.64
CA ARG A 75 5.32 -12.60 10.72
C ARG A 75 4.94 -11.99 12.07
N PHE A 76 4.63 -10.70 12.09
CA PHE A 76 4.45 -9.90 13.26
C PHE A 76 3.74 -8.51 13.00
N ARG A 77 3.35 -7.77 14.06
CA ARG A 77 2.51 -6.59 13.99
C ARG A 77 3.34 -5.36 13.79
N VAL A 78 2.84 -4.40 13.03
CA VAL A 78 3.36 -2.99 12.75
C VAL A 78 2.30 -1.98 13.00
N PRO A 79 2.62 -0.77 13.50
CA PRO A 79 1.82 0.43 13.47
C PRO A 79 1.47 0.76 12.02
N LEU A 80 0.25 1.28 11.75
CA LEU A 80 -0.39 1.78 10.52
C LEU A 80 -1.11 3.11 10.72
N LEU A 81 -1.59 3.69 9.64
CA LEU A 81 -2.72 4.69 9.61
C LEU A 81 -3.76 4.20 8.56
N HIS A 82 -5.00 4.63 8.76
CA HIS A 82 -6.04 4.50 7.75
C HIS A 82 -6.92 5.77 7.60
N CYS A 83 -7.25 6.11 6.38
CA CYS A 83 -7.94 7.34 5.98
C CYS A 83 -9.34 7.07 5.53
N ASP A 84 -10.23 8.01 5.76
CA ASP A 84 -11.68 7.85 5.81
C ASP A 84 -12.40 9.10 5.24
N LEU A 85 -12.63 9.09 3.94
CA LEU A 85 -13.33 10.14 3.27
C LEU A 85 -14.79 10.25 3.86
N ILE A 86 -15.11 11.27 4.62
CA ILE A 86 -16.40 11.46 5.26
C ILE A 86 -17.68 11.54 4.35
N ASN A 87 -17.53 11.64 3.01
CA ASN A 87 -18.58 11.89 2.07
C ASN A 87 -18.58 10.78 0.93
N PRO A 88 -19.69 10.03 0.70
CA PRO A 88 -19.88 9.09 -0.43
C PRO A 88 -19.91 9.79 -1.78
N GLY A 89 -20.06 11.09 -1.80
CA GLY A 89 -20.38 11.91 -2.96
C GLY A 89 -19.23 12.77 -3.48
N ALA A 90 -18.33 13.08 -2.56
CA ALA A 90 -17.23 14.02 -2.92
C ALA A 90 -16.19 13.27 -3.84
N GLN A 91 -15.87 13.85 -4.96
CA GLN A 91 -14.93 13.32 -5.94
C GLN A 91 -14.07 14.45 -6.47
N ASN A 92 -14.28 15.74 -6.04
CA ASN A 92 -13.26 16.82 -6.26
C ASN A 92 -12.59 17.43 -4.97
N ILE A 93 -11.25 17.58 -5.02
CA ILE A 93 -10.39 17.89 -3.82
C ILE A 93 -10.73 19.28 -3.21
N SER A 94 -11.51 20.04 -3.89
CA SER A 94 -12.27 21.21 -3.40
C SER A 94 -13.05 21.05 -2.17
N ASN A 95 -13.54 19.80 -1.97
CA ASN A 95 -14.61 19.51 -0.98
C ASN A 95 -14.35 18.17 -0.18
N CYS A 96 -13.54 17.27 -0.71
CA CYS A 96 -13.24 15.98 -0.02
C CYS A 96 -12.34 16.20 1.24
N ARG A 97 -12.83 15.80 2.40
CA ARG A 97 -12.19 15.87 3.71
C ARG A 97 -12.21 14.50 4.40
N TYR A 98 -11.41 14.35 5.45
CA TYR A 98 -10.99 13.02 5.82
C TYR A 98 -10.89 12.97 7.41
N ALA A 99 -10.88 11.68 7.89
CA ALA A 99 -10.44 11.34 9.27
C ALA A 99 -9.38 10.31 9.39
N ASP A 100 -8.70 10.34 10.50
CA ASP A 100 -7.43 9.66 10.65
C ASP A 100 -7.67 8.53 11.68
N ARG A 101 -7.71 7.31 11.16
CA ARG A 101 -7.77 6.03 12.03
C ARG A 101 -6.41 5.27 12.11
N PRO A 102 -5.53 5.57 13.05
CA PRO A 102 -4.39 4.71 13.40
C PRO A 102 -4.69 3.17 13.58
N GLY A 103 -3.67 2.37 13.75
CA GLY A 103 -3.79 1.05 14.43
C GLY A 103 -2.42 0.26 14.46
N ARG A 104 -2.49 -1.05 14.94
CA ARG A 104 -1.33 -1.93 15.11
C ARG A 104 -1.71 -3.32 14.69
N ARG A 105 -1.31 -3.80 13.51
CA ARG A 105 -1.84 -5.04 12.83
C ARG A 105 -0.88 -5.77 11.91
N PHE A 106 -1.11 -7.12 11.86
CA PHE A 106 -0.41 -7.95 10.83
C PHE A 106 -0.83 -7.48 9.44
N TYR A 107 -0.17 -7.92 8.38
CA TYR A 107 -0.47 -7.45 7.04
C TYR A 107 -0.16 -8.50 5.96
N VAL A 108 -0.87 -8.38 4.83
CA VAL A 108 -0.99 -9.42 3.74
C VAL A 108 -0.81 -8.67 2.44
N VAL A 109 0.03 -9.25 1.60
CA VAL A 109 0.67 -8.61 0.41
C VAL A 109 0.90 -9.69 -0.64
N ALA A 110 1.03 -9.27 -1.94
CA ALA A 110 1.51 -10.15 -3.04
C ALA A 110 2.73 -9.52 -3.72
N CYS A 111 3.44 -10.42 -4.45
CA CYS A 111 4.85 -10.16 -4.90
C CYS A 111 5.09 -10.55 -6.43
N ASP A 112 6.31 -10.37 -6.94
CA ASP A 112 6.83 -10.56 -8.28
C ASP A 112 8.26 -11.08 -8.31
N ASN A 113 8.65 -11.59 -9.51
CA ASN A 113 10.01 -11.94 -9.87
C ASN A 113 10.85 -10.66 -9.81
N ARG A 114 12.16 -10.66 -9.44
CA ARG A 114 13.07 -9.50 -9.72
C ARG A 114 12.90 -8.96 -11.17
N ASP A 115 12.96 -7.66 -11.29
CA ASP A 115 12.67 -6.93 -12.47
C ASP A 115 13.65 -7.28 -13.59
N PRO A 116 13.26 -7.17 -14.87
CA PRO A 116 14.19 -7.25 -16.03
C PRO A 116 15.49 -6.40 -15.92
N ARG A 117 15.45 -5.30 -15.18
CA ARG A 117 16.68 -4.48 -14.77
C ARG A 117 16.68 -3.73 -13.39
N ASP A 118 15.55 -3.23 -12.84
CA ASP A 118 15.45 -2.46 -11.54
C ASP A 118 15.81 -3.22 -10.28
N SER A 119 16.16 -2.53 -9.15
CA SER A 119 16.34 -3.09 -7.79
C SER A 119 17.06 -4.45 -7.63
N PRO A 120 18.21 -4.70 -8.22
CA PRO A 120 18.76 -6.06 -8.23
C PRO A 120 19.33 -6.64 -6.92
N ARG A 121 19.49 -5.79 -5.95
CA ARG A 121 19.58 -6.12 -4.54
C ARG A 121 18.61 -7.14 -4.12
N TYR A 122 17.42 -7.31 -4.70
CA TYR A 122 16.35 -8.27 -4.21
C TYR A 122 15.92 -9.25 -5.28
N PRO A 123 15.82 -10.55 -4.87
CA PRO A 123 15.49 -11.66 -5.83
C PRO A 123 14.04 -11.71 -6.31
N VAL A 124 13.26 -10.95 -5.64
CA VAL A 124 11.79 -10.76 -5.65
C VAL A 124 11.49 -9.27 -5.46
N VAL A 125 10.26 -8.88 -5.78
CA VAL A 125 9.71 -7.62 -5.14
C VAL A 125 8.25 -7.74 -4.66
N PRO A 126 7.82 -7.08 -3.57
CA PRO A 126 6.39 -6.92 -3.16
C PRO A 126 5.77 -5.71 -3.95
N VAL A 127 4.53 -5.94 -4.46
CA VAL A 127 3.93 -5.12 -5.51
C VAL A 127 2.45 -4.90 -5.49
N HIS A 128 1.76 -5.36 -4.45
CA HIS A 128 0.33 -5.10 -4.19
C HIS A 128 0.01 -5.44 -2.69
N LEU A 129 -0.80 -4.53 -2.04
CA LEU A 129 -1.43 -4.65 -0.76
C LEU A 129 -2.78 -5.40 -0.86
N ASP A 130 -3.06 -6.27 0.16
CA ASP A 130 -4.34 -7.03 0.31
C ASP A 130 -5.19 -6.66 1.54
N THR A 131 -4.62 -6.69 2.74
CA THR A 131 -5.37 -6.35 3.96
C THR A 131 -4.39 -6.09 5.18
N THR A 132 -4.94 -5.69 6.32
CA THR A 132 -4.32 -5.71 7.67
C THR A 132 -5.31 -6.34 8.71
N ILE A 133 -4.75 -7.05 9.74
CA ILE A 133 -5.54 -7.82 10.78
C ILE A 133 -5.10 -7.81 12.21
C1A LVZ B . -3.51 -0.76 -11.81
C2A LVZ B . -4.82 -0.47 -12.65
O1 LVZ B . -3.79 -0.91 -10.36
C3A LVZ B . -2.76 -2.07 -12.07
N9 LVZ B . -2.87 -1.41 -7.65
C1 LVZ B . -3.32 0.24 -9.51
S19 LVZ B . -1.27 -1.24 -7.39
O1S LVZ B . -1.11 -0.30 -6.36
C2 LVZ B . -3.48 -0.15 -8.06
S29 LVZ B . -5.72 4.19 -12.01
O2S LVZ B . -0.59 -0.73 -8.59
C3 LVZ B . -5.01 -0.28 -7.75
O3 LVZ B . -5.17 -0.64 -6.36
O3S LVZ B . -0.81 -2.53 -6.92
C4 LVZ B . -5.84 0.98 -8.11
O4 LVZ B . -7.19 0.54 -8.04
O4S LVZ B . -7.00 4.82 -12.13
C5 LVZ B . -5.58 1.37 -9.58
O5 LVZ B . -4.10 1.44 -9.86
O5S LVZ B . -4.80 4.80 -11.05
C6 LVZ B . -6.27 2.65 -10.01
O6 LVZ B . -6.21 2.83 -11.41
O6S LVZ B . -5.11 3.92 -13.32
H1A LVZ B . -2.84 0.09 -11.93
H2A LVZ B . -5.21 0.56 -12.61
H2AA LVZ B . -4.61 -0.79 -13.67
H2B LVZ B . -5.69 -1.05 -12.38
H1 LVZ B . -2.26 0.38 -9.70
H2 LVZ B . -3.36 0.70 -7.38
H3A LVZ B . -1.89 -2.02 -11.40
H3AA LVZ B . -3.42 -2.90 -11.85
H3B LVZ B . -2.44 -2.11 -13.11
H3 LVZ B . -5.37 -1.13 -8.32
H4 LVZ B . -5.65 1.86 -7.49
H5 LVZ B . -5.96 0.56 -10.22
H61 LVZ B . -7.34 2.57 -9.81
H62 LVZ B . -5.80 3.50 -9.48
HN9 LVZ B . -2.89 -1.92 -8.52
HO3 LVZ B . -6.13 -0.71 -6.25
C1 IDS B . -8.13 1.48 -7.30
C2 IDS B . -9.57 1.07 -7.68
C3 IDS B . -10.53 1.02 -6.52
C4 IDS B . -9.96 0.42 -5.20
C5 IDS B . -8.40 0.21 -5.22
C6 IDS B . -7.81 -0.15 -3.81
O2 IDS B . -10.07 2.13 -8.54
O3 IDS B . -11.61 0.11 -6.89
O4 IDS B . -10.38 1.32 -4.11
O5 IDS B . -7.95 1.45 -5.90
O6A IDS B . -8.18 -1.14 -3.13
O6B IDS B . -6.88 0.54 -3.36
S IDS B . -10.31 1.84 -10.08
O1S IDS B . -11.51 1.11 -10.16
O2S IDS B . -10.56 3.13 -10.68
O3S IDS B . -9.16 1.15 -10.62
H1 IDS B . -7.94 2.52 -7.58
H2 IDS B . -9.60 0.09 -8.14
H3 IDS B . -10.94 2.03 -6.36
H4 IDS B . -10.38 -0.57 -5.02
H5 IDS B . -8.17 -0.66 -5.84
HO3 IDS B . -11.36 -0.80 -6.73
C1 SGN B . -11.77 1.18 -3.75
C2 SGN B . -12.15 2.16 -2.64
C3 SGN B . -11.53 1.72 -1.35
C4 SGN B . -11.94 0.28 -1.02
C5 SGN B . -11.53 -0.75 -2.13
C6 SGN B . -12.04 -2.16 -1.85
N2 SGN B . -11.82 3.59 -2.93
O3 SGN B . -12.11 2.62 -0.36
O4 SGN B . -11.17 -0.07 0.21
O5 SGN B . -12.04 -0.22 -3.37
O6 SGN B . -10.85 -3.09 -1.76
S1 SGN B . -12.60 4.14 -4.31
O1S SGN B . -11.85 3.88 -5.50
O2S SGN B . -13.86 3.47 -4.38
O3S SGN B . -12.83 5.55 -4.17
S2 SGN B . -11.01 -4.59 -1.56
O4S SGN B . -11.06 -5.11 -2.89
O5S SGN B . -12.22 -4.78 -0.75
O6S SGN B . -9.85 -5.00 -0.88
H1 SGN B . -12.37 1.41 -4.63
H2 SGN B . -13.23 2.09 -2.62
H3 SGN B . -10.44 1.82 -1.28
H4 SGN B . -12.97 0.00 -0.76
H5 SGN B . -10.45 -0.74 -2.22
H61 SGN B . -12.50 -2.21 -0.86
H62 SGN B . -12.72 -2.49 -2.64
HN21 SGN B . -10.88 3.69 -3.28
HO3 SGN B . -13.05 2.44 -0.29
HO4 SGN B . -11.63 -0.77 0.67
N ARG A 1 5.08 -1.19 -16.32
CA ARG A 1 5.56 -0.10 -15.45
C ARG A 1 4.52 1.05 -15.39
N PRO A 2 4.09 1.38 -14.13
CA PRO A 2 3.24 2.55 -13.90
C PRO A 2 3.70 3.78 -14.71
N PRO A 3 2.75 4.63 -15.17
CA PRO A 3 2.96 5.84 -16.03
C PRO A 3 4.10 6.79 -15.75
N GLN A 4 4.79 6.67 -14.61
CA GLN A 4 5.86 7.57 -14.12
C GLN A 4 6.72 6.98 -12.99
N PHE A 5 6.57 5.71 -12.58
CA PHE A 5 7.40 5.05 -11.52
C PHE A 5 7.56 3.61 -11.83
N THR A 6 8.55 2.97 -11.17
CA THR A 6 8.60 1.52 -11.10
C THR A 6 7.39 0.96 -10.26
N ARG A 7 7.08 -0.36 -10.26
CA ARG A 7 5.94 -0.91 -9.54
C ARG A 7 6.39 -0.98 -8.08
N ALA A 8 7.71 -1.19 -7.84
CA ALA A 8 8.37 -1.12 -6.59
C ALA A 8 8.15 0.28 -5.93
N GLN A 9 8.23 1.34 -6.70
CA GLN A 9 8.01 2.67 -6.29
C GLN A 9 6.46 2.91 -6.07
N TRP A 10 5.53 2.48 -6.92
CA TRP A 10 4.09 2.81 -6.77
C TRP A 10 3.42 2.17 -5.61
N PHE A 11 3.72 0.89 -5.39
CA PHE A 11 3.36 0.14 -4.17
C PHE A 11 3.80 0.84 -2.87
N ALA A 12 5.07 1.29 -2.84
CA ALA A 12 5.59 2.13 -1.80
C ALA A 12 4.85 3.45 -1.65
N ILE A 13 4.74 4.32 -2.66
CA ILE A 13 4.08 5.67 -2.61
C ILE A 13 2.58 5.56 -2.30
N GLN A 14 1.95 4.35 -2.45
CA GLN A 14 0.53 4.29 -2.04
C GLN A 14 0.35 3.89 -0.59
N HIS A 15 1.32 3.34 0.18
CA HIS A 15 1.08 2.31 1.25
C HIS A 15 2.27 2.03 2.19
N ILE A 16 3.51 2.57 2.03
CA ILE A 16 4.61 2.23 2.93
C ILE A 16 5.28 3.52 3.51
N SER A 17 5.01 4.01 4.72
CA SER A 17 5.45 5.30 5.23
C SER A 17 5.67 5.15 6.74
N LEU A 18 6.89 5.11 7.21
CA LEU A 18 7.35 4.87 8.62
C LEU A 18 6.67 5.75 9.71
N ASN A 19 6.45 7.01 9.47
CA ASN A 19 6.18 7.96 10.53
C ASN A 19 5.23 9.06 9.97
N PRO A 20 4.05 8.68 9.38
CA PRO A 20 3.25 9.49 8.39
C PRO A 20 2.60 10.76 8.99
N PRO A 21 2.09 11.64 8.08
CA PRO A 21 1.36 12.86 8.46
C PRO A 21 -0.13 12.63 8.70
N ARG A 22 -0.93 13.75 8.77
CA ARG A 22 -2.34 13.74 8.81
C ARG A 22 -2.91 13.26 7.43
N CYS A 23 -4.08 12.58 7.48
CA CYS A 23 -4.88 12.27 6.24
C CYS A 23 -5.24 13.44 5.26
N THR A 24 -5.27 14.66 5.72
CA THR A 24 -5.26 15.89 4.90
C THR A 24 -4.14 15.90 3.85
N ILE A 25 -2.98 15.36 4.28
CA ILE A 25 -1.67 15.41 3.51
C ILE A 25 -1.55 14.05 2.83
N ALA A 26 -1.64 12.95 3.60
CA ALA A 26 -1.33 11.59 3.17
C ALA A 26 -2.34 11.03 2.05
N MET A 27 -3.61 11.39 2.10
CA MET A 27 -4.60 10.94 1.02
C MET A 27 -4.43 11.60 -0.41
N ARG A 28 -3.65 12.69 -0.49
CA ARG A 28 -3.32 13.43 -1.77
C ARG A 28 -2.67 12.41 -2.67
N ALA A 29 -1.92 11.50 -2.06
CA ALA A 29 -1.07 10.48 -2.72
C ALA A 29 -1.80 9.56 -3.69
N ILE A 30 -3.17 9.50 -3.68
CA ILE A 30 -3.98 8.83 -4.75
C ILE A 30 -5.09 9.78 -5.17
N ASN A 31 -5.60 10.66 -4.31
CA ASN A 31 -6.85 11.43 -4.58
C ASN A 31 -6.69 12.77 -5.35
N ASN A 32 -5.50 13.35 -5.32
CA ASN A 32 -5.09 14.51 -6.13
C ASN A 32 -4.52 14.00 -7.51
N TYR A 33 -4.33 12.70 -7.69
CA TYR A 33 -3.62 11.95 -8.81
C TYR A 33 -4.52 11.12 -9.74
N ARG A 34 -5.72 10.84 -9.18
CA ARG A 34 -6.84 10.25 -9.93
C ARG A 34 -8.06 11.14 -10.00
N TRP A 35 -8.82 10.93 -11.09
CA TRP A 35 -9.94 11.89 -11.39
C TRP A 35 -11.13 12.01 -10.42
N ARG A 36 -11.22 11.19 -9.32
CA ARG A 36 -12.04 11.53 -8.14
C ARG A 36 -11.40 11.03 -6.86
N CYS A 37 -11.93 11.49 -5.72
CA CYS A 37 -11.49 11.14 -4.33
C CYS A 37 -11.65 9.65 -4.01
N LYS A 38 -10.54 8.90 -3.81
CA LYS A 38 -10.72 7.55 -3.20
C LYS A 38 -11.32 7.64 -1.72
N ASN A 39 -12.48 6.99 -1.47
CA ASN A 39 -13.16 6.97 -0.24
C ASN A 39 -12.40 6.49 1.03
N GLN A 40 -11.42 5.52 0.88
CA GLN A 40 -10.51 5.07 1.86
C GLN A 40 -9.12 4.63 1.38
N ASN A 41 -8.11 4.72 2.25
CA ASN A 41 -6.90 4.00 1.96
C ASN A 41 -6.01 3.86 3.17
N THR A 42 -4.93 3.06 3.11
CA THR A 42 -4.14 2.79 4.30
C THR A 42 -2.62 2.87 3.97
N PHE A 43 -1.95 3.23 5.05
CA PHE A 43 -0.49 3.45 5.08
C PHE A 43 0.15 2.76 6.23
N LEU A 44 1.10 1.82 5.91
CA LEU A 44 1.67 0.83 6.86
C LEU A 44 3.00 1.47 7.38
N ARG A 45 3.10 1.57 8.74
CA ARG A 45 4.31 2.13 9.39
C ARG A 45 5.42 1.14 9.38
N THR A 46 6.05 0.90 8.22
CA THR A 46 7.13 -0.12 7.92
C THR A 46 8.07 0.37 6.84
N THR A 47 9.00 -0.50 6.38
CA THR A 47 9.95 -0.18 5.38
C THR A 47 10.19 -1.25 4.31
N PHE A 48 10.21 -0.88 3.03
CA PHE A 48 10.08 -1.70 1.85
C PHE A 48 10.97 -2.94 1.80
N ALA A 49 12.18 -2.84 2.30
CA ALA A 49 13.05 -4.11 2.38
C ALA A 49 12.65 -5.12 3.42
N ASN A 50 12.01 -4.67 4.52
CA ASN A 50 11.37 -5.58 5.37
C ASN A 50 10.24 -6.32 4.64
N VAL A 51 9.42 -5.59 3.84
CA VAL A 51 8.33 -6.20 2.96
C VAL A 51 8.94 -7.16 1.92
N VAL A 52 10.17 -6.96 1.40
CA VAL A 52 10.86 -8.02 0.57
C VAL A 52 11.30 -9.28 1.37
N ASN A 53 11.73 -9.15 2.62
CA ASN A 53 11.84 -10.40 3.37
C ASN A 53 10.49 -11.07 3.55
N VAL A 54 9.32 -10.28 3.64
CA VAL A 54 7.93 -10.91 3.71
C VAL A 54 7.57 -11.62 2.40
N CYS A 55 8.13 -11.16 1.28
CA CYS A 55 8.20 -11.81 -0.03
C CYS A 55 8.95 -13.13 -0.01
N GLY A 56 9.59 -13.45 1.10
CA GLY A 56 10.08 -14.79 1.40
C GLY A 56 9.44 -15.51 2.50
N ASN A 57 8.75 -14.84 3.41
CA ASN A 57 7.82 -15.50 4.35
C ASN A 57 6.75 -16.44 3.64
N GLN A 58 6.09 -17.33 4.38
CA GLN A 58 5.41 -18.50 3.80
C GLN A 58 4.35 -18.20 2.74
N SER A 59 4.06 -19.18 1.90
CA SER A 59 3.12 -19.06 0.77
C SER A 59 1.68 -19.42 1.30
N ILE A 60 0.75 -18.52 0.95
CA ILE A 60 -0.72 -18.56 1.11
C ILE A 60 -1.34 -18.14 -0.16
N ARG A 61 -2.72 -18.17 -0.19
CA ARG A 61 -3.57 -17.78 -1.35
C ARG A 61 -4.55 -16.68 -1.00
N CYS A 62 -4.83 -15.73 -1.92
CA CYS A 62 -5.48 -14.45 -1.59
C CYS A 62 -6.64 -14.23 -2.60
N PRO A 63 -7.72 -13.61 -2.23
CA PRO A 63 -8.99 -13.44 -2.97
C PRO A 63 -8.94 -12.56 -4.23
N HIS A 64 -7.79 -11.97 -4.56
CA HIS A 64 -7.60 -10.91 -5.60
C HIS A 64 -6.33 -11.23 -6.46
N ASN A 65 -6.09 -12.53 -6.67
CA ASN A 65 -4.76 -12.99 -6.98
C ASN A 65 -4.69 -13.97 -8.21
N ARG A 66 -5.68 -14.09 -9.09
CA ARG A 66 -5.72 -14.89 -10.35
C ARG A 66 -4.55 -14.66 -11.29
N THR A 67 -3.75 -13.62 -11.01
CA THR A 67 -2.59 -13.26 -11.82
C THR A 67 -1.47 -14.27 -11.59
N LEU A 68 -1.46 -14.98 -10.44
CA LEU A 68 -0.44 -15.97 -10.03
C LEU A 68 -0.82 -17.11 -9.01
N ASN A 69 -1.89 -16.82 -8.27
CA ASN A 69 -2.43 -17.85 -7.22
C ASN A 69 -1.62 -17.95 -5.91
N ASN A 70 -0.66 -17.01 -5.69
CA ASN A 70 0.27 -16.95 -4.54
C ASN A 70 0.23 -15.53 -3.99
N CYS A 71 0.36 -15.41 -2.67
CA CYS A 71 0.55 -14.26 -1.79
C CYS A 71 1.35 -14.75 -0.54
N HIS A 72 1.49 -13.67 0.25
CA HIS A 72 2.24 -13.72 1.52
C HIS A 72 1.76 -12.71 2.64
N ARG A 73 2.11 -12.77 3.91
CA ARG A 73 1.64 -11.95 5.12
C ARG A 73 2.77 -11.73 6.14
N SER A 74 2.83 -10.66 6.77
CA SER A 74 3.91 -10.25 7.72
C SER A 74 4.09 -11.25 8.88
N ARG A 75 5.35 -11.44 9.19
CA ARG A 75 5.82 -12.15 10.38
C ARG A 75 5.21 -11.62 11.71
N PHE A 76 5.08 -10.31 11.81
CA PHE A 76 4.64 -9.61 13.04
C PHE A 76 3.69 -8.46 12.67
N ARG A 77 2.87 -7.99 13.61
CA ARG A 77 2.03 -6.84 13.45
C ARG A 77 2.95 -5.63 13.31
N VAL A 78 2.34 -4.54 12.76
CA VAL A 78 2.84 -3.16 12.84
C VAL A 78 1.78 -2.12 13.23
N PRO A 79 2.03 -1.04 13.99
CA PRO A 79 1.24 0.21 13.89
C PRO A 79 0.90 0.54 12.44
N LEU A 80 -0.19 1.25 12.22
CA LEU A 80 -0.58 1.82 10.91
C LEU A 80 -1.54 3.02 10.91
N LEU A 81 -1.88 3.54 9.71
CA LEU A 81 -2.80 4.66 9.54
C LEU A 81 -3.81 4.40 8.43
N HIS A 82 -5.06 4.09 8.79
CA HIS A 82 -6.21 4.15 7.84
C HIS A 82 -6.66 5.62 7.56
N CYS A 83 -7.30 5.89 6.39
CA CYS A 83 -7.77 7.22 5.98
C CYS A 83 -9.04 7.07 5.26
N ASP A 84 -9.89 8.07 5.40
CA ASP A 84 -11.32 7.92 5.26
C ASP A 84 -11.96 9.27 4.91
N LEU A 85 -12.67 9.20 3.78
CA LEU A 85 -13.41 10.38 3.31
C LEU A 85 -14.69 10.65 4.20
N ILE A 86 -14.59 11.61 5.05
CA ILE A 86 -15.64 12.15 5.93
C ILE A 86 -16.65 12.99 5.18
N ASN A 87 -16.96 12.68 3.92
CA ASN A 87 -18.09 13.33 3.23
C ASN A 87 -18.74 12.36 2.22
N PRO A 88 -19.94 11.81 2.50
CA PRO A 88 -20.59 10.90 1.61
C PRO A 88 -21.30 11.56 0.38
N GLY A 89 -20.96 12.80 -0.03
CA GLY A 89 -21.32 13.31 -1.30
C GLY A 89 -20.15 14.05 -1.99
N ALA A 90 -19.06 14.40 -1.37
CA ALA A 90 -17.87 14.94 -2.08
C ALA A 90 -17.31 13.95 -3.13
N GLN A 91 -16.73 14.50 -4.19
CA GLN A 91 -16.06 13.69 -5.24
C GLN A 91 -14.82 14.33 -5.82
N ASN A 92 -14.57 15.62 -5.47
CA ASN A 92 -13.50 16.56 -5.94
C ASN A 92 -12.66 17.07 -4.75
N ILE A 93 -11.35 17.18 -4.79
CA ILE A 93 -10.46 17.45 -3.70
C ILE A 93 -10.68 18.86 -3.08
N SER A 94 -11.35 19.78 -3.80
CA SER A 94 -11.99 20.99 -3.18
C SER A 94 -13.02 20.78 -2.05
N ASN A 95 -13.59 19.52 -1.93
CA ASN A 95 -14.61 19.20 -0.93
C ASN A 95 -14.39 17.93 -0.13
N CYS A 96 -13.46 17.18 -0.65
CA CYS A 96 -13.02 15.93 -0.05
C CYS A 96 -12.16 16.21 1.23
N ARG A 97 -12.79 15.91 2.38
CA ARG A 97 -12.20 16.12 3.71
C ARG A 97 -12.06 14.78 4.40
N TYR A 98 -11.02 14.63 5.21
CA TYR A 98 -10.56 13.30 5.67
C TYR A 98 -10.43 13.32 7.17
N ALA A 99 -10.38 12.14 7.76
CA ALA A 99 -10.05 11.86 9.17
C ALA A 99 -8.98 10.78 9.20
N ASP A 100 -8.05 10.95 10.07
CA ASP A 100 -7.15 9.97 10.69
C ASP A 100 -7.93 8.97 11.58
N ARG A 101 -7.96 7.69 11.09
CA ARG A 101 -8.29 6.46 11.83
C ARG A 101 -6.98 5.64 12.00
N PRO A 102 -6.30 5.69 13.16
CA PRO A 102 -5.10 4.91 13.48
C PRO A 102 -5.37 3.39 13.70
N GLY A 103 -4.41 2.45 13.85
CA GLY A 103 -4.50 0.98 14.17
C GLY A 103 -3.14 0.26 14.34
N ARG A 104 -3.20 -1.13 14.50
CA ARG A 104 -2.05 -2.03 14.58
C ARG A 104 -2.56 -3.42 14.17
N ARG A 105 -2.01 -3.92 13.02
CA ARG A 105 -2.47 -5.09 12.29
C ARG A 105 -1.20 -5.71 11.58
N PHE A 106 -1.23 -7.04 11.43
CA PHE A 106 -0.45 -7.81 10.40
C PHE A 106 -0.97 -7.43 9.03
N TYR A 107 -0.24 -7.74 7.93
CA TYR A 107 -0.60 -7.19 6.56
C TYR A 107 -0.17 -8.09 5.47
N VAL A 108 -0.90 -8.03 4.40
CA VAL A 108 -0.94 -9.07 3.38
C VAL A 108 -0.69 -8.50 2.03
N VAL A 109 0.30 -9.03 1.31
CA VAL A 109 0.81 -8.45 0.02
C VAL A 109 0.92 -9.56 -0.99
N ALA A 110 1.18 -9.16 -2.28
CA ALA A 110 1.75 -10.11 -3.30
C ALA A 110 3.08 -9.53 -3.84
N CYS A 111 3.93 -10.36 -4.41
CA CYS A 111 5.25 -10.00 -4.84
C CYS A 111 5.57 -10.53 -6.23
N ASP A 112 6.42 -9.84 -6.93
CA ASP A 112 6.84 -10.20 -8.30
C ASP A 112 8.31 -10.49 -8.41
N ASN A 113 8.82 -11.01 -9.50
CA ASN A 113 10.17 -11.11 -9.86
C ASN A 113 10.87 -9.71 -9.88
N ARG A 114 12.16 -9.75 -9.47
CA ARG A 114 13.14 -8.59 -9.58
C ARG A 114 13.04 -7.77 -10.91
N ASP A 115 13.35 -6.55 -10.88
CA ASP A 115 13.39 -5.65 -12.11
C ASP A 115 14.66 -6.06 -12.98
N PRO A 116 14.66 -6.05 -14.32
CA PRO A 116 15.81 -6.32 -15.13
C PRO A 116 17.05 -5.56 -14.69
N ARG A 117 16.91 -4.42 -14.08
CA ARG A 117 18.04 -3.44 -13.85
C ARG A 117 18.05 -2.94 -12.44
N ASP A 118 16.84 -2.71 -11.83
CA ASP A 118 16.80 -1.85 -10.65
C ASP A 118 16.85 -2.81 -9.40
N SER A 119 17.26 -2.23 -8.32
CA SER A 119 17.31 -2.86 -6.97
C SER A 119 17.86 -4.35 -6.90
N PRO A 120 19.13 -4.60 -7.17
CA PRO A 120 19.64 -5.99 -7.34
C PRO A 120 19.88 -6.88 -6.06
N ARG A 121 19.65 -6.29 -4.93
CA ARG A 121 19.68 -6.96 -3.62
C ARG A 121 18.47 -7.88 -3.34
N TYR A 122 17.39 -7.77 -4.13
CA TYR A 122 16.14 -8.42 -3.98
C TYR A 122 15.97 -9.38 -5.19
N PRO A 123 15.59 -10.66 -4.97
CA PRO A 123 15.14 -11.55 -5.96
C PRO A 123 13.67 -11.42 -6.23
N VAL A 124 12.89 -11.03 -5.23
CA VAL A 124 11.50 -10.78 -5.35
C VAL A 124 11.19 -9.46 -4.59
N VAL A 125 10.25 -8.70 -5.12
CA VAL A 125 9.73 -7.40 -4.60
C VAL A 125 8.19 -7.19 -4.55
N PRO A 126 7.69 -6.39 -3.58
CA PRO A 126 6.26 -6.25 -3.29
C PRO A 126 5.65 -5.27 -4.33
N VAL A 127 4.40 -5.54 -4.72
CA VAL A 127 3.70 -4.98 -5.89
C VAL A 127 2.22 -4.59 -5.62
N HIS A 128 1.58 -5.32 -4.76
CA HIS A 128 0.20 -5.12 -4.36
C HIS A 128 0.05 -5.46 -2.87
N LEU A 129 -1.06 -5.00 -2.23
CA LEU A 129 -1.43 -5.11 -0.80
C LEU A 129 -2.95 -5.48 -0.75
N ASP A 130 -3.43 -6.47 -0.04
CA ASP A 130 -4.79 -6.92 -0.14
C ASP A 130 -5.64 -6.65 1.09
N THR A 131 -5.11 -6.96 2.30
CA THR A 131 -5.85 -6.79 3.59
C THR A 131 -4.80 -6.44 4.74
N THR A 132 -5.30 -6.06 5.92
CA THR A 132 -4.60 -5.92 7.20
C THR A 132 -5.57 -6.55 8.20
N ILE A 133 -4.99 -7.32 9.12
CA ILE A 133 -5.72 -8.15 10.14
C ILE A 133 -5.15 -8.07 11.55
C1A LVZ B . -2.88 -0.67 -11.83
C2A LVZ B . -3.83 -0.13 -12.87
O1 LVZ B . -3.50 -0.76 -10.51
C3A LVZ B . -2.57 -2.12 -12.25
N9 LVZ B . -3.10 -1.56 -7.95
C1 LVZ B . -3.11 0.26 -9.62
S19 LVZ B . -1.56 -1.59 -7.41
O1S LVZ B . -1.44 -1.09 -6.07
C2 LVZ B . -3.60 -0.19 -8.23
S29 LVZ B . -5.65 4.00 -12.67
O2S LVZ B . -0.76 -0.82 -8.29
C3 LVZ B . -5.10 -0.09 -8.08
O3 LVZ B . -5.39 -0.32 -6.68
O3S LVZ B . -1.24 -3.02 -7.56
C4 LVZ B . -5.71 1.23 -8.50
O4 LVZ B . -7.17 0.97 -8.50
O4S LVZ B . -6.43 5.06 -12.15
C5 LVZ B . -5.26 1.48 -9.93
O5 LVZ B . -3.76 1.52 -9.96
O5S LVZ B . -4.26 4.14 -12.27
C6 LVZ B . -5.95 2.73 -10.43
O6 LVZ B . -6.17 2.72 -11.85
O6S LVZ B . -5.81 3.74 -14.12
H1A LVZ B . -1.94 -0.13 -11.80
H2A LVZ B . -3.66 -0.55 -13.86
H2AA LVZ B . -4.85 -0.45 -12.63
H2B LVZ B . -3.78 0.95 -12.81
H1 LVZ B . -2.02 0.35 -9.74
H2 LVZ B . -3.25 0.50 -7.47
H3A LVZ B . -2.07 -2.54 -11.36
H3AA LVZ B . -3.40 -2.75 -12.58
H3B LVZ B . -1.88 -2.08 -13.09
H3 LVZ B . -5.54 -0.86 -8.71
H4 LVZ B . -5.27 2.03 -7.91
H5 LVZ B . -5.58 0.74 -10.65
H61 LVZ B . -6.84 3.10 -9.93
H62 LVZ B . -5.25 3.53 -10.13
HN9 LVZ B . -3.18 -2.17 -8.75
HO3 LVZ B . -6.32 -0.16 -6.49
C1 IDS B . -7.98 1.89 -7.63
C2 IDS B . -9.52 1.87 -8.10
C3 IDS B . -10.50 1.67 -7.00
C4 IDS B . -10.21 0.71 -5.83
C5 IDS B . -8.69 0.28 -5.88
C6 IDS B . -8.19 -0.50 -4.71
O2 IDS B . -9.64 3.16 -8.92
O3 IDS B . -11.70 1.17 -7.53
O4 IDS B . -10.60 1.31 -4.51
O5 IDS B . -7.92 1.48 -6.24
O6A IDS B . -8.69 -1.61 -4.60
O6B IDS B . -7.23 -0.08 -4.10
S IDS B . -10.87 3.35 -10.03
O1S IDS B . -12.08 3.60 -9.35
O2S IDS B . -10.93 2.12 -10.79
O3S IDS B . -10.42 4.43 -10.79
H1 IDS B . -7.61 2.91 -7.76
H2 IDS B . -9.56 1.00 -8.76
H3 IDS B . -10.71 2.64 -6.57
H4 IDS B . -10.71 -0.23 -6.06
H5 IDS B . -8.55 -0.43 -6.70
HO3 IDS B . -11.59 0.61 -8.29
C1 SGN B . -12.00 1.04 -4.08
C2 SGN B . -12.25 1.94 -2.89
C3 SGN B . -11.53 1.59 -1.60
C4 SGN B . -11.62 0.10 -1.22
C5 SGN B . -11.41 -0.86 -2.39
C6 SGN B . -11.97 -2.21 -2.21
N2 SGN B . -12.21 3.40 -3.25
O3 SGN B . -12.10 2.39 -0.55
O4 SGN B . -10.66 -0.26 -0.22
O5 SGN B . -12.20 -0.31 -3.50
O6 SGN B . -11.20 -3.06 -1.30
S1 SGN B . -13.65 3.99 -3.81
O1S SGN B . -13.66 3.67 -5.22
O2S SGN B . -14.76 3.39 -3.13
O3S SGN B . -13.56 5.45 -3.66
S2 SGN B . -11.35 -4.70 -1.27
O4S SGN B . -11.71 -5.09 -2.65
O5S SGN B . -12.31 -4.99 -0.23
O6S SGN B . -10.03 -5.08 -0.84
H1 SGN B . -12.73 1.19 -4.87
H2 SGN B . -13.29 1.77 -2.63
H3 SGN B . -10.47 1.82 -1.65
H4 SGN B . -12.59 -0.04 -0.76
H5 SGN B . -10.36 -0.96 -2.68
H61 SGN B . -13.03 -2.32 -1.97
H62 SGN B . -11.81 -2.69 -3.17
HN21 SGN B . -11.50 3.54 -3.96
HO3 SGN B . -11.36 2.38 0.07
HO4 SGN B . -10.65 -1.22 -0.16
N ARG A 1 4.88 -0.58 -16.99
CA ARG A 1 5.53 0.33 -16.02
C ARG A 1 4.59 1.51 -15.83
N PRO A 2 4.05 1.63 -14.60
CA PRO A 2 3.07 2.66 -14.30
C PRO A 2 3.64 4.12 -14.55
N PRO A 3 2.75 5.14 -14.61
CA PRO A 3 2.88 6.35 -15.51
C PRO A 3 4.25 7.06 -15.52
N GLN A 4 4.83 7.25 -14.32
CA GLN A 4 6.16 7.82 -14.06
C GLN A 4 7.10 7.04 -13.08
N PHE A 5 6.79 5.81 -12.77
CA PHE A 5 7.42 5.13 -11.63
C PHE A 5 7.73 3.68 -11.98
N THR A 6 8.56 2.98 -11.25
CA THR A 6 8.53 1.46 -11.09
C THR A 6 7.41 0.98 -10.17
N ARG A 7 6.94 -0.26 -10.41
CA ARG A 7 5.80 -0.83 -9.66
C ARG A 7 6.03 -0.89 -8.17
N ALA A 8 7.30 -1.19 -7.79
CA ALA A 8 7.83 -1.02 -6.43
C ALA A 8 7.66 0.36 -5.84
N GLN A 9 8.15 1.36 -6.58
CA GLN A 9 7.96 2.71 -6.16
C GLN A 9 6.59 3.09 -5.97
N TRP A 10 5.71 2.97 -7.08
CA TRP A 10 4.32 3.05 -7.06
C TRP A 10 3.63 2.26 -5.93
N PHE A 11 4.19 1.14 -5.42
CA PHE A 11 3.69 0.33 -4.29
C PHE A 11 4.00 1.03 -2.94
N ALA A 12 5.17 1.68 -2.90
CA ALA A 12 5.66 2.18 -1.68
C ALA A 12 5.04 3.58 -1.42
N ILE A 13 4.78 4.40 -2.47
CA ILE A 13 4.04 5.66 -2.45
C ILE A 13 2.60 5.54 -2.01
N GLN A 14 1.94 4.47 -2.39
CA GLN A 14 0.52 4.21 -2.11
C GLN A 14 0.38 3.52 -0.70
N HIS A 15 1.38 2.88 -0.07
CA HIS A 15 1.16 1.97 1.09
C HIS A 15 2.30 1.95 2.19
N ILE A 16 3.54 2.46 2.04
CA ILE A 16 4.73 2.17 2.90
C ILE A 16 5.45 3.49 3.29
N SER A 17 5.41 3.84 4.57
CA SER A 17 5.84 5.13 5.14
C SER A 17 6.14 4.75 6.53
N LEU A 18 7.39 4.71 6.99
CA LEU A 18 7.75 4.68 8.38
C LEU A 18 6.93 5.61 9.26
N ASN A 19 7.00 6.91 8.89
CA ASN A 19 6.38 8.06 9.63
C ASN A 19 5.60 8.98 8.64
N PRO A 20 4.37 8.60 8.16
CA PRO A 20 3.45 9.37 7.28
C PRO A 20 3.04 10.72 7.89
N PRO A 21 2.63 11.75 7.11
CA PRO A 21 1.77 12.79 7.67
C PRO A 21 0.32 12.37 7.81
N ARG A 22 -0.44 13.26 8.48
CA ARG A 22 -1.94 13.22 8.55
C ARG A 22 -2.57 12.87 7.24
N CYS A 23 -3.57 11.99 7.29
CA CYS A 23 -4.41 11.58 6.17
C CYS A 23 -4.87 12.78 5.30
N THR A 24 -5.16 13.97 5.82
CA THR A 24 -5.45 15.17 4.99
C THR A 24 -4.37 15.43 3.97
N ILE A 25 -3.13 15.07 4.16
CA ILE A 25 -2.00 15.23 3.23
C ILE A 25 -1.76 14.03 2.42
N ALA A 26 -1.82 12.86 3.09
CA ALA A 26 -1.28 11.61 2.60
C ALA A 26 -2.14 10.97 1.47
N MET A 27 -3.38 11.38 1.41
CA MET A 27 -4.39 10.93 0.42
C MET A 27 -4.24 11.75 -0.82
N ARG A 28 -3.59 12.96 -0.81
CA ARG A 28 -3.52 13.81 -1.98
C ARG A 28 -2.52 13.12 -2.96
N ALA A 29 -1.65 12.22 -2.44
CA ALA A 29 -0.89 11.30 -3.23
C ALA A 29 -1.71 10.58 -4.24
N ILE A 30 -2.99 10.28 -4.04
CA ILE A 30 -3.76 9.44 -4.98
C ILE A 30 -5.11 10.12 -5.40
N ASN A 31 -5.83 10.79 -4.49
CA ASN A 31 -6.97 11.58 -4.80
C ASN A 31 -6.74 12.81 -5.68
N ASN A 32 -5.51 13.40 -5.59
CA ASN A 32 -5.23 14.61 -6.40
C ASN A 32 -4.27 14.25 -7.50
N TYR A 33 -4.57 13.10 -8.16
CA TYR A 33 -3.71 12.59 -9.31
C TYR A 33 -4.67 11.63 -10.22
N ARG A 34 -5.67 10.95 -9.65
CA ARG A 34 -6.81 10.26 -10.33
C ARG A 34 -7.99 11.20 -10.45
N TRP A 35 -8.87 10.79 -11.35
CA TRP A 35 -9.99 11.60 -11.76
C TRP A 35 -11.07 11.88 -10.69
N ARG A 36 -11.14 11.05 -9.66
CA ARG A 36 -12.06 11.16 -8.45
C ARG A 36 -11.29 10.63 -7.22
N CYS A 37 -11.96 10.74 -6.07
CA CYS A 37 -11.37 10.54 -4.74
C CYS A 37 -11.38 9.03 -4.31
N LYS A 38 -10.26 8.37 -3.94
CA LYS A 38 -10.36 7.10 -3.19
C LYS A 38 -11.00 7.29 -1.86
N ASN A 39 -12.03 6.48 -1.57
CA ASN A 39 -12.77 6.45 -0.33
C ASN A 39 -11.84 6.11 0.91
N GLN A 40 -11.07 5.00 0.78
CA GLN A 40 -10.27 4.45 1.88
C GLN A 40 -8.86 4.11 1.38
N ASN A 41 -7.87 4.19 2.28
CA ASN A 41 -6.58 3.59 2.04
C ASN A 41 -5.93 3.10 3.40
N THR A 42 -4.80 2.36 3.36
CA THR A 42 -3.92 2.02 4.52
C THR A 42 -2.43 2.09 4.21
N PHE A 43 -1.67 2.70 5.17
CA PHE A 43 -0.23 2.83 5.15
C PHE A 43 0.27 1.96 6.38
N LEU A 44 1.26 1.07 6.22
CA LEU A 44 2.00 0.29 7.25
C LEU A 44 3.21 1.14 7.76
N ARG A 45 3.45 1.30 9.07
CA ARG A 45 4.57 1.92 9.75
C ARG A 45 5.82 1.05 9.79
N THR A 46 6.40 0.72 8.66
CA THR A 46 7.59 -0.11 8.40
C THR A 46 8.45 0.30 7.18
N THR A 47 9.54 -0.39 6.90
CA THR A 47 10.56 -0.13 5.85
C THR A 47 10.53 -1.14 4.71
N PHE A 48 10.86 -0.70 3.44
CA PHE A 48 10.74 -1.57 2.28
C PHE A 48 11.53 -2.85 2.35
N ALA A 49 12.75 -2.84 2.93
CA ALA A 49 13.46 -4.03 3.13
C ALA A 49 12.76 -5.10 3.97
N ASN A 50 11.91 -4.74 4.90
CA ASN A 50 11.25 -5.65 5.82
C ASN A 50 9.93 -6.10 5.19
N VAL A 51 9.32 -5.40 4.27
CA VAL A 51 8.24 -5.99 3.39
C VAL A 51 8.85 -6.97 2.38
N VAL A 52 10.13 -6.81 1.97
CA VAL A 52 10.95 -7.83 1.27
C VAL A 52 11.27 -9.10 2.04
N ASN A 53 11.24 -9.06 3.40
CA ASN A 53 11.23 -10.30 4.10
C ASN A 53 9.94 -11.12 3.84
N VAL A 54 8.78 -10.49 3.69
CA VAL A 54 7.40 -11.11 3.59
C VAL A 54 7.03 -11.69 2.24
N CYS A 55 7.67 -11.19 1.17
CA CYS A 55 7.81 -12.05 -0.08
C CYS A 55 8.45 -13.42 0.12
N GLY A 56 9.30 -13.46 1.12
CA GLY A 56 10.13 -14.60 1.43
C GLY A 56 9.60 -15.47 2.51
N ASN A 57 8.49 -15.10 3.19
CA ASN A 57 7.68 -15.82 4.13
C ASN A 57 6.67 -16.70 3.33
N GLN A 58 6.34 -17.86 3.90
CA GLN A 58 5.65 -18.88 3.11
C GLN A 58 4.50 -18.42 2.25
N SER A 59 4.56 -18.69 0.96
CA SER A 59 3.53 -18.36 -0.04
C SER A 59 2.11 -18.92 0.23
N ILE A 60 1.03 -18.17 0.09
CA ILE A 60 -0.37 -18.45 0.32
C ILE A 60 -1.29 -17.97 -0.86
N ARG A 61 -2.56 -18.30 -0.85
CA ARG A 61 -3.63 -17.80 -1.69
C ARG A 61 -4.48 -16.71 -1.15
N CYS A 62 -4.93 -15.75 -1.98
CA CYS A 62 -5.78 -14.62 -1.43
C CYS A 62 -6.91 -14.19 -2.37
N PRO A 63 -8.02 -13.53 -1.92
CA PRO A 63 -9.22 -13.51 -2.77
C PRO A 63 -9.36 -12.38 -3.80
N HIS A 64 -8.36 -11.64 -4.16
CA HIS A 64 -8.30 -10.75 -5.32
C HIS A 64 -7.07 -10.91 -6.23
N ASN A 65 -6.50 -12.12 -6.19
CA ASN A 65 -5.10 -12.38 -6.66
C ASN A 65 -5.02 -13.40 -7.79
N ARG A 66 -6.17 -13.81 -8.39
CA ARG A 66 -6.18 -14.82 -9.39
C ARG A 66 -5.18 -14.67 -10.56
N THR A 67 -4.82 -13.48 -11.01
CA THR A 67 -3.92 -13.35 -12.23
C THR A 67 -2.47 -13.77 -11.94
N LEU A 68 -2.07 -13.94 -10.66
CA LEU A 68 -0.80 -14.55 -10.22
C LEU A 68 -0.85 -15.70 -9.20
N ASN A 69 -1.97 -15.94 -8.53
CA ASN A 69 -2.17 -17.06 -7.66
C ASN A 69 -1.12 -17.18 -6.60
N ASN A 70 -0.62 -16.05 -6.04
CA ASN A 70 0.48 -16.03 -5.11
C ASN A 70 0.42 -14.76 -4.27
N CYS A 71 0.27 -14.94 -2.96
CA CYS A 71 0.23 -13.86 -2.00
C CYS A 71 0.97 -14.30 -0.73
N HIS A 72 1.11 -13.32 0.14
CA HIS A 72 1.78 -13.37 1.37
C HIS A 72 1.05 -12.64 2.51
N ARG A 73 1.42 -12.92 3.74
CA ARG A 73 1.08 -12.22 4.99
C ARG A 73 2.38 -11.92 5.82
N SER A 74 2.33 -10.87 6.59
CA SER A 74 3.38 -10.48 7.53
C SER A 74 3.65 -11.56 8.59
N ARG A 75 4.80 -11.55 9.33
CA ARG A 75 5.11 -12.55 10.35
C ARG A 75 4.64 -12.15 11.75
N PHE A 76 4.28 -10.89 11.89
CA PHE A 76 3.83 -10.31 13.16
C PHE A 76 2.95 -9.07 12.93
N ARG A 77 2.39 -8.57 14.08
CA ARG A 77 1.58 -7.30 14.08
C ARG A 77 2.55 -6.08 13.87
N VAL A 78 2.01 -4.96 13.31
CA VAL A 78 2.76 -3.69 13.17
C VAL A 78 1.78 -2.56 13.57
N PRO A 79 2.30 -1.41 14.03
CA PRO A 79 1.62 -0.10 13.81
C PRO A 79 1.35 0.31 12.38
N LEU A 80 0.30 1.03 12.20
CA LEU A 80 -0.26 1.43 10.88
C LEU A 80 -1.05 2.70 11.06
N LEU A 81 -1.37 3.24 9.93
CA LEU A 81 -2.36 4.26 9.73
C LEU A 81 -3.15 4.04 8.48
N HIS A 82 -4.50 3.83 8.68
CA HIS A 82 -5.56 3.90 7.70
C HIS A 82 -6.06 5.37 7.53
N CYS A 83 -6.66 5.68 6.39
CA CYS A 83 -7.17 7.03 6.07
C CYS A 83 -8.59 6.85 5.38
N ASP A 84 -9.46 7.76 5.64
CA ASP A 84 -10.97 7.63 5.37
C ASP A 84 -11.64 8.92 4.94
N LEU A 85 -12.61 8.82 4.02
CA LEU A 85 -13.42 9.96 3.57
C LEU A 85 -14.42 10.38 4.64
N ILE A 86 -14.23 11.52 5.32
CA ILE A 86 -15.23 11.95 6.30
C ILE A 86 -16.44 12.65 5.65
N ASN A 87 -16.45 12.89 4.36
CA ASN A 87 -17.57 13.41 3.58
C ASN A 87 -18.03 12.49 2.42
N PRO A 88 -18.66 11.27 2.66
CA PRO A 88 -19.18 10.37 1.57
C PRO A 88 -19.92 10.93 0.38
N GLY A 89 -20.66 11.99 0.52
CA GLY A 89 -21.40 12.53 -0.64
C GLY A 89 -20.56 13.48 -1.47
N ALA A 90 -19.33 13.09 -1.73
CA ALA A 90 -18.38 13.81 -2.60
C ALA A 90 -17.48 12.81 -3.40
N GLN A 91 -16.93 13.21 -4.58
CA GLN A 91 -16.15 12.35 -5.50
C GLN A 91 -15.09 13.26 -6.18
N ASN A 92 -15.23 14.60 -6.17
CA ASN A 92 -14.30 15.54 -6.73
C ASN A 92 -13.51 16.21 -5.60
N ILE A 93 -12.20 16.40 -5.74
CA ILE A 93 -11.32 16.98 -4.71
C ILE A 93 -11.75 18.37 -4.18
N SER A 94 -12.60 19.17 -4.78
CA SER A 94 -13.20 20.41 -4.28
C SER A 94 -14.08 20.29 -3.06
N ASN A 95 -14.54 19.03 -2.75
CA ASN A 95 -15.23 18.67 -1.47
C ASN A 95 -14.75 17.46 -0.67
N CYS A 96 -13.83 16.60 -1.22
CA CYS A 96 -13.16 15.52 -0.56
C CYS A 96 -12.31 15.99 0.69
N ARG A 97 -12.58 15.45 1.88
CA ARG A 97 -11.95 15.66 3.25
C ARG A 97 -11.67 14.29 3.87
N TYR A 98 -10.59 14.18 4.59
CA TYR A 98 -9.97 12.99 5.15
C TYR A 98 -9.80 13.12 6.77
N ALA A 99 -9.76 12.02 7.54
CA ALA A 99 -9.30 11.97 8.96
C ALA A 99 -8.42 10.72 9.16
N ASP A 100 -7.71 10.74 10.35
CA ASP A 100 -6.62 9.84 10.82
C ASP A 100 -7.25 8.53 11.44
N ARG A 101 -6.84 7.36 11.06
CA ARG A 101 -7.25 6.02 11.61
C ARG A 101 -6.06 5.10 12.10
N PRO A 102 -5.24 5.56 13.03
CA PRO A 102 -4.05 4.89 13.51
C PRO A 102 -4.36 3.57 14.26
N GLY A 103 -3.48 2.62 14.41
CA GLY A 103 -3.74 1.32 14.95
C GLY A 103 -2.52 0.34 14.78
N ARG A 104 -2.73 -0.84 15.37
CA ARG A 104 -1.79 -2.01 15.30
C ARG A 104 -2.46 -3.46 14.94
N ARG A 105 -2.18 -3.97 13.74
CA ARG A 105 -2.70 -5.25 13.10
C ARG A 105 -1.63 -6.10 12.34
N PHE A 106 -1.94 -7.34 11.90
CA PHE A 106 -1.20 -7.97 10.80
C PHE A 106 -1.51 -7.34 9.45
N TYR A 107 -0.80 -7.79 8.40
CA TYR A 107 -0.98 -7.30 7.08
C TYR A 107 -0.67 -8.31 6.02
N VAL A 108 -1.29 -8.07 4.88
CA VAL A 108 -1.33 -9.07 3.75
C VAL A 108 -1.06 -8.39 2.46
N VAL A 109 -0.14 -8.90 1.65
CA VAL A 109 0.45 -8.39 0.40
C VAL A 109 0.42 -9.40 -0.73
N ALA A 110 0.88 -9.00 -1.89
CA ALA A 110 1.37 -9.87 -2.99
C ALA A 110 2.72 -9.32 -3.55
N CYS A 111 3.55 -10.23 -4.07
CA CYS A 111 4.86 -9.86 -4.58
C CYS A 111 5.22 -10.31 -6.04
N ASP A 112 6.32 -9.86 -6.62
CA ASP A 112 6.80 -10.16 -7.97
C ASP A 112 8.30 -10.25 -8.07
N ASN A 113 8.86 -10.66 -9.24
CA ASN A 113 10.23 -10.39 -9.54
C ASN A 113 10.57 -8.94 -9.48
N ARG A 114 11.87 -8.63 -9.47
CA ARG A 114 12.43 -7.30 -9.64
C ARG A 114 11.97 -6.59 -10.95
N ASP A 115 11.97 -5.24 -10.96
CA ASP A 115 12.21 -4.32 -12.13
C ASP A 115 13.66 -4.54 -12.72
N PRO A 116 13.87 -4.40 -14.03
CA PRO A 116 15.13 -4.75 -14.63
C PRO A 116 16.33 -4.01 -14.05
N ARG A 117 16.14 -2.72 -13.61
CA ARG A 117 17.24 -1.83 -13.20
C ARG A 117 17.02 -1.21 -11.78
N ASP A 118 15.84 -1.04 -11.18
CA ASP A 118 15.61 -0.36 -9.90
C ASP A 118 15.94 -1.24 -8.66
N SER A 119 16.76 -0.66 -7.80
CA SER A 119 17.12 -1.20 -6.45
C SER A 119 17.61 -2.69 -6.42
N PRO A 120 18.80 -2.96 -6.92
CA PRO A 120 19.33 -4.34 -6.96
C PRO A 120 19.35 -5.20 -5.69
N ARG A 121 19.34 -4.57 -4.54
CA ARG A 121 19.07 -5.24 -3.24
C ARG A 121 17.84 -6.11 -3.07
N TYR A 122 16.86 -5.94 -4.03
CA TYR A 122 15.56 -6.48 -3.93
C TYR A 122 15.26 -7.40 -5.12
N PRO A 123 15.79 -8.62 -5.20
CA PRO A 123 15.52 -9.59 -6.26
C PRO A 123 14.06 -9.93 -6.46
N VAL A 124 13.25 -9.72 -5.44
CA VAL A 124 11.78 -9.73 -5.48
C VAL A 124 11.31 -8.47 -4.84
N VAL A 125 10.10 -8.06 -5.07
CA VAL A 125 9.58 -6.81 -4.55
C VAL A 125 8.04 -6.93 -4.36
N PRO A 126 7.43 -6.33 -3.30
CA PRO A 126 6.04 -6.20 -3.08
C PRO A 126 5.35 -5.20 -4.07
N VAL A 127 4.21 -5.62 -4.59
CA VAL A 127 3.44 -4.96 -5.69
C VAL A 127 2.03 -4.59 -5.31
N HIS A 128 1.52 -5.08 -4.10
CA HIS A 128 0.14 -4.75 -3.66
C HIS A 128 0.00 -5.11 -2.23
N LEU A 129 -0.91 -4.41 -1.59
CA LEU A 129 -1.50 -4.68 -0.26
C LEU A 129 -3.01 -4.70 -0.32
N ASP A 130 -3.63 -5.54 0.44
CA ASP A 130 -5.00 -5.96 0.15
C ASP A 130 -5.89 -5.86 1.38
N THR A 131 -5.38 -5.97 2.60
CA THR A 131 -6.00 -5.90 3.92
C THR A 131 -4.94 -5.73 5.00
N THR A 132 -5.48 -5.45 6.23
CA THR A 132 -4.74 -5.41 7.53
C THR A 132 -5.71 -5.96 8.55
N ILE A 133 -5.30 -7.02 9.32
CA ILE A 133 -6.23 -7.81 10.13
C ILE A 133 -5.81 -8.19 11.58
C1A LVZ B . -4.46 -1.45 -12.02
C2A LVZ B . -5.81 -1.83 -12.56
O1 LVZ B . -4.64 -1.22 -10.54
C3A LVZ B . -3.42 -2.56 -12.07
N9 LVZ B . -3.07 -1.35 -7.89
C1 LVZ B . -3.85 -0.13 -9.93
S19 LVZ B . -1.43 -1.27 -7.91
O1S LVZ B . -1.01 -0.25 -7.02
C2 LVZ B . -3.80 -0.14 -8.36
S29 LVZ B . -6.01 2.91 -13.06
O2S LVZ B . -0.90 -1.01 -9.20
C3 LVZ B . -5.20 0.00 -7.74
O3 LVZ B . -5.00 0.11 -6.36
O3S LVZ B . -1.07 -2.62 -7.47
C4 LVZ B . -5.90 1.25 -8.32
O4 LVZ B . -7.26 0.98 -8.11
O4S LVZ B . -6.59 4.21 -13.27
C5 LVZ B . -5.79 1.35 -9.86
O5 LVZ B . -4.42 1.17 -10.38
O5S LVZ B . -4.60 2.95 -12.71
C6 LVZ B . -6.34 2.61 -10.54
O6 LVZ B . -6.70 2.29 -11.88
O6S LVZ B . -6.19 1.98 -14.14
H1A LVZ B . -4.13 -0.48 -12.39
H2A LVZ B . -6.34 -2.59 -12.01
H2AA LVZ B . -6.44 -0.94 -12.42
H2B LVZ B . -5.83 -2.05 -13.63
H1 LVZ B . -2.84 -0.19 -10.33
H2 LVZ B . -3.25 0.76 -8.04
H3A LVZ B . -3.90 -3.54 -12.15
H3AA LVZ B . -2.84 -2.37 -12.97
H3B LVZ B . -2.71 -2.55 -11.24
H3 LVZ B . -5.77 -0.90 -7.96
H4 LVZ B . -5.46 2.08 -7.78
H5 LVZ B . -6.38 0.54 -10.29
H61 LVZ B . -7.25 2.85 -9.98
H62 LVZ B . -5.70 3.48 -10.53
HN9 LVZ B . -3.23 -2.28 -8.26
HO3 LVZ B . -5.75 0.23 -5.77
C1 IDS B . -7.90 1.82 -7.09
C2 IDS B . -9.38 2.11 -7.45
C3 IDS B . -10.47 1.81 -6.45
C4 IDS B . -10.28 0.61 -5.52
C5 IDS B . -8.83 0.08 -5.54
C6 IDS B . -8.53 -0.75 -4.26
O2 IDS B . -9.49 3.54 -7.73
O3 IDS B . -11.71 1.63 -7.21
O4 IDS B . -10.65 1.00 -4.11
O5 IDS B . -7.93 1.17 -5.77
O6A IDS B . -8.91 -1.96 -4.34
O6B IDS B . -7.86 -0.22 -3.37
S IDS B . -10.07 4.21 -9.09
O1S IDS B . -11.00 5.18 -8.67
O2S IDS B . -10.71 3.11 -9.79
O3S IDS B . -8.94 4.71 -9.79
H1 IDS B . -7.37 2.78 -6.97
H2 IDS B . -9.56 1.42 -8.26
H3 IDS B . -10.57 2.69 -5.80
H4 IDS B . -10.97 -0.19 -5.79
H5 IDS B . -8.79 -0.62 -6.37
HO3 IDS B . -11.52 1.00 -7.91
C1 SGN B . -12.08 0.70 -3.88
C2 SGN B . -12.63 1.44 -2.74
C3 SGN B . -11.83 0.93 -1.53
C4 SGN B . -12.04 -0.55 -1.24
C5 SGN B . -11.57 -1.30 -2.54
C6 SGN B . -11.93 -2.78 -2.35
N2 SGN B . -12.41 2.93 -2.91
O3 SGN B . -12.17 1.73 -0.39
O4 SGN B . -11.47 -0.96 0.06
O5 SGN B . -12.27 -0.76 -3.72
O6 SGN B . -10.89 -3.29 -1.41
S1 SGN B . -13.55 3.66 -3.73
O1S SGN B . -13.38 3.41 -5.13
O2S SGN B . -14.81 3.16 -3.24
O3S SGN B . -13.43 5.08 -3.49
S2 SGN B . -11.21 -4.67 -0.68
O4S SGN B . -12.01 -5.41 -1.63
O5S SGN B . -12.01 -4.29 0.43
O6S SGN B . -9.95 -5.30 -0.43
H1 SGN B . -12.66 1.04 -4.74
H2 SGN B . -13.66 1.16 -2.57
H3 SGN B . -10.77 1.16 -1.64
H4 SGN B . -13.11 -0.69 -1.09
H5 SGN B . -10.51 -1.19 -2.75
H61 SGN B . -12.94 -3.00 -2.03
H62 SGN B . -11.84 -3.29 -3.31
HN21 SGN B . -11.58 3.12 -3.47
HO3 SGN B . -13.13 1.76 -0.28
HO4 SGN B . -11.34 -1.90 -0.07
N ARG A 1 2.49 -1.17 -15.96
CA ARG A 1 3.59 -0.27 -15.47
C ARG A 1 3.01 1.13 -15.35
N PRO A 2 3.16 1.77 -14.15
CA PRO A 2 2.78 3.15 -13.90
C PRO A 2 3.54 4.13 -14.87
N PRO A 3 3.05 5.32 -15.06
CA PRO A 3 3.57 6.29 -15.99
C PRO A 3 4.92 6.86 -15.73
N GLN A 4 5.48 6.73 -14.54
CA GLN A 4 6.61 7.45 -14.04
C GLN A 4 7.32 6.59 -12.96
N PHE A 5 7.09 5.33 -12.84
CA PHE A 5 7.62 4.39 -11.85
C PHE A 5 7.73 2.96 -12.19
N THR A 6 8.39 2.19 -11.38
CA THR A 6 8.09 0.75 -11.21
C THR A 6 6.66 0.63 -10.69
N ARG A 7 5.96 -0.45 -10.88
CA ARG A 7 4.94 -0.89 -9.91
C ARG A 7 5.45 -0.96 -8.44
N ALA A 8 6.71 -1.36 -8.15
CA ALA A 8 7.08 -1.52 -6.70
C ALA A 8 7.31 -0.21 -5.97
N GLN A 9 7.89 0.77 -6.62
CA GLN A 9 7.95 2.09 -6.00
C GLN A 9 6.51 2.70 -5.82
N TRP A 10 5.59 2.44 -6.79
CA TRP A 10 4.27 3.07 -6.82
C TRP A 10 3.30 2.41 -5.81
N PHE A 11 3.53 1.10 -5.52
CA PHE A 11 3.06 0.41 -4.26
C PHE A 11 3.57 1.27 -3.04
N ALA A 12 4.90 1.45 -2.89
CA ALA A 12 5.48 2.05 -1.69
C ALA A 12 4.93 3.49 -1.45
N ILE A 13 4.81 4.31 -2.53
CA ILE A 13 4.22 5.66 -2.34
C ILE A 13 2.78 5.56 -1.84
N GLN A 14 2.04 4.53 -2.27
CA GLN A 14 0.63 4.34 -1.81
C GLN A 14 0.54 3.89 -0.33
N HIS A 15 1.38 3.01 0.19
CA HIS A 15 1.18 2.25 1.43
C HIS A 15 2.26 2.19 2.48
N ILE A 16 3.50 2.64 2.30
CA ILE A 16 4.72 2.49 3.21
C ILE A 16 5.26 3.87 3.58
N SER A 17 4.89 4.35 4.79
CA SER A 17 5.15 5.72 5.28
C SER A 17 5.47 5.54 6.79
N LEU A 18 6.73 5.65 7.20
CA LEU A 18 7.21 5.40 8.56
C LEU A 18 6.62 6.38 9.54
N ASN A 19 6.43 7.61 9.11
CA ASN A 19 6.01 8.77 9.88
C ASN A 19 5.22 9.71 8.97
N PRO A 20 3.96 9.30 8.63
CA PRO A 20 3.11 10.07 7.68
C PRO A 20 2.63 11.40 8.30
N PRO A 21 2.09 12.34 7.50
CA PRO A 21 1.25 13.45 7.90
C PRO A 21 -0.27 12.94 8.07
N ARG A 22 -1.10 13.85 8.63
CA ARG A 22 -2.52 13.72 8.84
C ARG A 22 -3.22 13.19 7.56
N CYS A 23 -4.26 12.37 7.66
CA CYS A 23 -4.89 11.80 6.41
C CYS A 23 -5.40 12.77 5.39
N THR A 24 -5.69 13.99 5.76
CA THR A 24 -5.90 15.18 4.86
C THR A 24 -4.79 15.37 3.80
N ILE A 25 -3.58 14.90 4.10
CA ILE A 25 -2.41 15.19 3.29
C ILE A 25 -1.92 13.85 2.79
N ALA A 26 -1.94 12.79 3.60
CA ALA A 26 -1.46 11.49 3.14
C ALA A 26 -2.40 10.96 2.03
N MET A 27 -3.72 11.24 1.92
CA MET A 27 -4.62 10.88 0.82
C MET A 27 -4.22 11.52 -0.46
N ARG A 28 -3.36 12.54 -0.47
CA ARG A 28 -2.88 13.26 -1.68
C ARG A 28 -1.97 12.41 -2.58
N ALA A 29 -1.35 11.33 -2.07
CA ALA A 29 -0.49 10.44 -2.79
C ALA A 29 -1.18 9.72 -3.95
N ILE A 30 -2.47 9.58 -3.89
CA ILE A 30 -3.31 9.06 -5.02
C ILE A 30 -4.45 9.95 -5.41
N ASN A 31 -5.12 10.60 -4.38
CA ASN A 31 -6.28 11.39 -4.52
C ASN A 31 -6.17 12.79 -5.17
N ASN A 32 -4.96 13.36 -5.38
CA ASN A 32 -4.68 14.59 -6.10
C ASN A 32 -3.91 14.19 -7.47
N TYR A 33 -4.14 13.00 -8.08
CA TYR A 33 -3.32 12.30 -9.11
C TYR A 33 -4.32 11.43 -9.93
N ARG A 34 -5.11 10.57 -9.33
CA ARG A 34 -6.27 9.92 -9.95
C ARG A 34 -7.50 10.84 -10.02
N TRP A 35 -8.47 10.48 -10.88
CA TRP A 35 -9.60 11.28 -11.30
C TRP A 35 -10.63 11.54 -10.14
N ARG A 36 -10.50 10.82 -9.01
CA ARG A 36 -11.55 10.81 -7.95
C ARG A 36 -10.94 10.45 -6.61
N CYS A 37 -11.36 11.11 -5.52
CA CYS A 37 -11.13 10.80 -4.10
C CYS A 37 -11.46 9.30 -3.80
N LYS A 38 -10.44 8.41 -3.62
CA LYS A 38 -10.60 7.05 -3.05
C LYS A 38 -11.00 7.13 -1.61
N ASN A 39 -12.10 6.44 -1.29
CA ASN A 39 -12.83 6.45 -0.10
C ASN A 39 -12.11 6.03 1.22
N GLN A 40 -11.34 4.97 1.16
CA GLN A 40 -10.53 4.48 2.25
C GLN A 40 -9.17 4.12 1.70
N ASN A 41 -8.06 4.24 2.48
CA ASN A 41 -6.69 3.79 2.19
C ASN A 41 -5.99 3.45 3.57
N THR A 42 -4.90 2.73 3.52
CA THR A 42 -4.02 2.37 4.70
C THR A 42 -2.47 2.44 4.42
N PHE A 43 -1.77 3.02 5.35
CA PHE A 43 -0.32 3.34 5.27
C PHE A 43 0.41 2.62 6.48
N LEU A 44 1.31 1.70 6.20
CA LEU A 44 2.23 1.02 7.15
C LEU A 44 3.44 1.84 7.59
N ARG A 45 3.68 1.79 8.92
CA ARG A 45 4.80 2.55 9.50
C ARG A 45 6.05 1.57 9.55
N THR A 46 6.56 1.16 8.34
CA THR A 46 7.75 0.24 8.24
C THR A 46 8.71 0.80 7.14
N THR A 47 9.84 0.15 7.01
CA THR A 47 10.79 0.43 5.97
C THR A 47 10.59 -0.58 4.78
N PHE A 48 10.92 -0.23 3.54
CA PHE A 48 10.67 -1.07 2.34
C PHE A 48 11.16 -2.52 2.52
N ALA A 49 12.38 -2.59 2.96
CA ALA A 49 13.15 -3.84 3.08
C ALA A 49 12.53 -4.78 4.10
N ASN A 50 11.86 -4.21 5.09
CA ASN A 50 11.11 -4.98 6.08
C ASN A 50 9.83 -5.60 5.47
N VAL A 51 9.23 -5.01 4.42
CA VAL A 51 8.12 -5.66 3.67
C VAL A 51 8.67 -6.70 2.66
N VAL A 52 9.85 -6.42 2.04
CA VAL A 52 10.53 -7.35 1.14
C VAL A 52 10.77 -8.74 1.81
N ASN A 53 10.99 -8.94 3.11
CA ASN A 53 11.17 -10.23 3.82
C ASN A 53 9.89 -11.05 3.96
N VAL A 54 8.67 -10.49 3.81
CA VAL A 54 7.39 -11.20 3.66
C VAL A 54 7.20 -11.82 2.27
N CYS A 55 7.86 -11.20 1.18
CA CYS A 55 8.13 -11.93 -0.08
C CYS A 55 8.93 -13.23 0.20
N GLY A 56 9.97 -13.10 1.04
CA GLY A 56 10.65 -14.33 1.62
C GLY A 56 9.88 -15.33 2.47
N ASN A 57 8.55 -15.16 2.59
CA ASN A 57 7.69 -16.04 3.50
C ASN A 57 7.11 -17.11 2.64
N GLN A 58 6.39 -18.14 3.19
CA GLN A 58 5.59 -19.04 2.46
C GLN A 58 4.64 -18.28 1.38
N SER A 59 4.31 -18.80 0.25
CA SER A 59 3.30 -18.20 -0.69
C SER A 59 1.93 -18.74 -0.40
N ILE A 60 0.90 -17.90 -0.45
CA ILE A 60 -0.49 -18.32 -0.13
C ILE A 60 -1.53 -17.72 -1.13
N ARG A 61 -2.83 -17.96 -0.85
CA ARG A 61 -3.99 -17.52 -1.65
C ARG A 61 -4.76 -16.46 -0.95
N CYS A 62 -5.37 -15.55 -1.73
CA CYS A 62 -6.07 -14.36 -1.19
C CYS A 62 -7.40 -14.06 -1.85
N PRO A 63 -8.39 -13.47 -1.21
CA PRO A 63 -9.80 -13.44 -1.65
C PRO A 63 -10.02 -12.51 -2.83
N HIS A 64 -9.01 -11.79 -3.36
CA HIS A 64 -9.16 -10.84 -4.49
C HIS A 64 -7.94 -10.82 -5.49
N ASN A 65 -7.33 -12.01 -5.72
CA ASN A 65 -5.89 -12.23 -6.11
C ASN A 65 -5.77 -13.36 -7.13
N ARG A 66 -6.86 -13.98 -7.59
CA ARG A 66 -6.97 -15.12 -8.56
C ARG A 66 -6.41 -14.82 -9.96
N THR A 67 -6.22 -13.56 -10.35
CA THR A 67 -5.61 -13.20 -11.64
C THR A 67 -4.15 -13.55 -11.68
N LEU A 68 -3.38 -13.56 -10.53
CA LEU A 68 -2.07 -14.22 -10.37
C LEU A 68 -1.98 -15.36 -9.31
N ASN A 69 -2.97 -15.56 -8.48
CA ASN A 69 -3.10 -16.66 -7.57
C ASN A 69 -1.84 -16.89 -6.78
N ASN A 70 -1.26 -15.82 -6.22
CA ASN A 70 -0.04 -15.73 -5.42
C ASN A 70 -0.03 -14.43 -4.60
N CYS A 71 0.01 -14.56 -3.32
CA CYS A 71 0.22 -13.50 -2.29
C CYS A 71 1.01 -14.04 -1.09
N HIS A 72 1.37 -13.18 -0.10
CA HIS A 72 2.06 -13.55 1.12
C HIS A 72 1.55 -12.72 2.32
N ARG A 73 1.64 -13.20 3.52
CA ARG A 73 1.21 -12.54 4.77
C ARG A 73 2.37 -12.21 5.71
N SER A 74 2.10 -11.28 6.61
CA SER A 74 3.21 -10.76 7.53
C SER A 74 3.49 -11.73 8.65
N ARG A 75 4.78 -11.87 8.97
CA ARG A 75 5.17 -12.88 10.00
C ARG A 75 4.67 -12.37 11.36
N PHE A 76 4.58 -11.05 11.59
CA PHE A 76 4.34 -10.35 12.86
C PHE A 76 3.31 -9.26 12.52
N ARG A 77 3.01 -8.41 13.52
CA ARG A 77 2.27 -7.18 13.43
C ARG A 77 3.19 -5.99 13.22
N VAL A 78 2.69 -4.87 12.78
CA VAL A 78 3.41 -3.62 12.50
C VAL A 78 2.45 -2.49 12.78
N PRO A 79 2.82 -1.33 13.27
CA PRO A 79 1.92 -0.22 13.31
C PRO A 79 1.52 0.35 11.89
N LEU A 80 0.37 1.01 11.88
CA LEU A 80 -0.24 1.44 10.61
C LEU A 80 -1.07 2.66 10.88
N LEU A 81 -1.77 3.14 9.89
CA LEU A 81 -2.69 4.25 9.74
C LEU A 81 -3.75 4.07 8.65
N HIS A 82 -5.04 3.85 9.02
CA HIS A 82 -6.20 3.92 8.11
C HIS A 82 -6.66 5.39 7.90
N CYS A 83 -7.25 5.72 6.75
CA CYS A 83 -7.74 7.06 6.48
C CYS A 83 -9.06 7.07 5.79
N ASP A 84 -9.94 7.99 6.06
CA ASP A 84 -11.39 7.80 5.81
C ASP A 84 -12.03 9.06 5.29
N LEU A 85 -12.66 9.07 4.09
CA LEU A 85 -13.43 10.14 3.51
C LEU A 85 -14.72 10.42 4.37
N ILE A 86 -14.69 11.34 5.32
CA ILE A 86 -15.85 11.81 6.08
C ILE A 86 -16.94 12.59 5.32
N ASN A 87 -16.98 12.46 3.94
CA ASN A 87 -18.05 13.02 3.13
C ASN A 87 -18.37 12.17 1.92
N PRO A 88 -19.46 11.40 1.93
CA PRO A 88 -19.76 10.49 0.84
C PRO A 88 -20.19 11.14 -0.49
N GLY A 89 -20.69 12.38 -0.53
CA GLY A 89 -20.96 13.17 -1.75
C GLY A 89 -19.81 13.95 -2.34
N ALA A 90 -18.60 13.90 -1.65
CA ALA A 90 -17.47 14.55 -2.30
C ALA A 90 -16.82 13.67 -3.41
N GLN A 91 -16.54 14.13 -4.66
CA GLN A 91 -15.78 13.37 -5.68
C GLN A 91 -14.50 14.06 -6.20
N ASN A 92 -14.45 15.38 -6.02
CA ASN A 92 -13.27 16.12 -6.59
C ASN A 92 -12.62 17.00 -5.58
N ILE A 93 -11.33 17.28 -5.75
CA ILE A 93 -10.37 17.76 -4.71
C ILE A 93 -10.75 19.17 -4.19
N SER A 94 -11.70 19.85 -4.78
CA SER A 94 -12.24 21.18 -4.22
C SER A 94 -13.12 20.90 -2.99
N ASN A 95 -13.62 19.70 -2.81
CA ASN A 95 -14.62 19.47 -1.74
C ASN A 95 -14.43 18.17 -0.99
N CYS A 96 -13.32 17.42 -1.21
CA CYS A 96 -12.86 16.23 -0.51
C CYS A 96 -12.38 16.52 0.90
N ARG A 97 -12.57 15.71 1.94
CA ARG A 97 -12.23 15.85 3.40
C ARG A 97 -12.08 14.54 4.09
N TYR A 98 -11.07 14.46 4.99
CA TYR A 98 -10.54 13.20 5.56
C TYR A 98 -10.34 13.26 7.09
N ALA A 99 -10.10 12.08 7.62
CA ALA A 99 -9.83 11.91 9.01
C ALA A 99 -8.93 10.65 9.24
N ASP A 100 -8.30 10.57 10.43
CA ASP A 100 -7.22 9.68 10.84
C ASP A 100 -7.85 8.53 11.61
N ARG A 101 -7.41 7.27 11.38
CA ARG A 101 -7.65 6.05 12.20
C ARG A 101 -6.42 5.13 12.18
N PRO A 102 -5.41 5.52 12.93
CA PRO A 102 -4.29 4.62 13.34
C PRO A 102 -4.64 3.15 13.69
N GLY A 103 -3.56 2.36 13.69
CA GLY A 103 -3.70 1.10 14.36
C GLY A 103 -2.45 0.22 14.52
N ARG A 104 -2.59 -1.05 14.83
CA ARG A 104 -1.52 -2.10 14.79
C ARG A 104 -2.17 -3.46 14.57
N ARG A 105 -1.83 -4.16 13.52
CA ARG A 105 -2.46 -5.35 12.86
C ARG A 105 -1.41 -6.24 12.12
N PHE A 106 -1.77 -7.46 11.77
CA PHE A 106 -1.04 -8.19 10.68
C PHE A 106 -1.46 -7.64 9.30
N TYR A 107 -0.83 -8.05 8.17
CA TYR A 107 -1.21 -7.57 6.86
C TYR A 107 -0.77 -8.51 5.71
N VAL A 108 -1.43 -8.31 4.50
CA VAL A 108 -1.36 -9.36 3.48
C VAL A 108 -1.17 -8.73 2.08
N VAL A 109 -0.05 -9.07 1.46
CA VAL A 109 0.70 -8.32 0.34
C VAL A 109 0.93 -9.27 -0.81
N ALA A 110 1.26 -8.76 -1.97
CA ALA A 110 1.72 -9.53 -3.10
C ALA A 110 3.09 -8.96 -3.53
N CYS A 111 3.90 -9.82 -4.11
CA CYS A 111 5.23 -9.56 -4.65
C CYS A 111 5.36 -10.05 -6.11
N ASP A 112 6.51 -9.72 -6.61
CA ASP A 112 7.03 -10.04 -7.97
C ASP A 112 8.57 -10.08 -8.08
N ASN A 113 8.99 -10.85 -9.08
CA ASN A 113 10.41 -10.75 -9.55
C ASN A 113 10.89 -9.31 -9.89
N ARG A 114 12.11 -9.00 -9.55
CA ARG A 114 12.88 -7.75 -9.69
C ARG A 114 12.72 -7.07 -11.04
N ASP A 115 12.87 -5.76 -11.18
CA ASP A 115 12.93 -5.09 -12.46
C ASP A 115 14.33 -5.44 -13.05
N PRO A 116 14.44 -5.74 -14.32
CA PRO A 116 15.78 -5.98 -14.89
C PRO A 116 16.69 -4.72 -14.93
N ARG A 117 16.32 -3.54 -14.49
CA ARG A 117 17.28 -2.43 -14.22
C ARG A 117 16.97 -1.66 -12.92
N ASP A 118 15.75 -1.23 -12.69
CA ASP A 118 15.40 -0.40 -11.50
C ASP A 118 15.73 -1.08 -10.13
N SER A 119 16.62 -0.47 -9.35
CA SER A 119 16.68 -0.71 -7.92
C SER A 119 17.12 -2.19 -7.64
N PRO A 120 18.39 -2.53 -7.91
CA PRO A 120 18.95 -3.94 -7.91
C PRO A 120 19.01 -4.65 -6.53
N ARG A 121 19.14 -3.88 -5.46
CA ARG A 121 19.25 -4.50 -4.11
C ARG A 121 18.31 -5.73 -3.82
N TYR A 122 17.10 -5.69 -4.34
CA TYR A 122 16.09 -6.70 -4.01
C TYR A 122 15.87 -7.70 -5.21
N PRO A 123 15.92 -9.02 -4.95
CA PRO A 123 15.61 -10.01 -6.02
C PRO A 123 14.07 -10.18 -6.24
N VAL A 124 13.30 -9.73 -5.29
CA VAL A 124 11.81 -9.76 -5.15
C VAL A 124 11.28 -8.55 -4.44
N VAL A 125 10.12 -7.99 -4.86
CA VAL A 125 9.61 -6.64 -4.51
C VAL A 125 8.08 -6.78 -4.33
N PRO A 126 7.53 -6.01 -3.38
CA PRO A 126 6.07 -5.99 -3.10
C PRO A 126 5.41 -5.12 -4.21
N VAL A 127 4.20 -5.47 -4.59
CA VAL A 127 3.39 -4.75 -5.63
C VAL A 127 1.90 -4.40 -5.13
N HIS A 128 1.45 -4.99 -4.02
CA HIS A 128 0.05 -4.89 -3.58
C HIS A 128 -0.16 -5.08 -2.07
N LEU A 129 -1.28 -4.53 -1.47
CA LEU A 129 -1.71 -4.76 -0.02
C LEU A 129 -3.24 -4.92 -0.08
N ASP A 130 -3.77 -6.11 0.10
CA ASP A 130 -5.20 -6.51 -0.02
C ASP A 130 -6.01 -6.12 1.24
N THR A 131 -5.45 -6.22 2.54
CA THR A 131 -6.14 -5.88 3.84
C THR A 131 -5.11 -5.96 4.99
N THR A 132 -5.58 -5.68 6.24
CA THR A 132 -4.75 -5.77 7.51
C THR A 132 -5.74 -6.35 8.53
N ILE A 133 -5.31 -7.11 9.53
CA ILE A 133 -6.18 -7.94 10.46
C ILE A 133 -5.68 -7.93 11.90
C1A LVZ B . -3.66 -0.78 -12.12
C2A LVZ B . -4.18 0.37 -12.90
O1 LVZ B . -4.21 -0.86 -10.79
C3A LVZ B . -4.17 -2.05 -12.81
N9 LVZ B . -3.45 -1.56 -8.07
C1 LVZ B . -4.01 0.22 -9.82
S19 LVZ B . -1.97 -1.29 -7.66
O1S LVZ B . -2.00 -0.56 -6.39
C2 LVZ B . -4.23 -0.29 -8.41
S29 LVZ B . -6.07 4.12 -11.91
O2S LVZ B . -1.26 -0.55 -8.70
C3 LVZ B . -5.73 -0.48 -8.09
O3 LVZ B . -5.68 -0.78 -6.67
O3S LVZ B . -1.39 -2.61 -7.42
C4 LVZ B . -6.58 0.81 -8.41
O4 LVZ B . -7.96 0.52 -8.18
O4S LVZ B . -6.95 5.22 -11.54
C5 LVZ B . -6.32 1.20 -9.84
O5 LVZ B . -4.89 1.42 -10.08
O5S LVZ B . -4.89 4.14 -11.09
C6 LVZ B . -7.03 2.50 -10.09
O6 LVZ B . -6.90 2.93 -11.47
O6S LVZ B . -5.77 3.97 -13.28
H1A LVZ B . -2.57 -0.67 -12.22
H2A LVZ B . -5.24 0.39 -13.16
H2AA LVZ B . -3.99 1.37 -12.50
H2B LVZ B . -3.78 0.26 -13.91
H1 LVZ B . -2.95 0.47 -9.79
H2 LVZ B . -3.86 0.47 -7.72
H3A LVZ B . -5.24 -2.15 -12.66
H3AA LVZ B . -3.98 -2.15 -13.88
H3B LVZ B . -3.76 -2.93 -12.30
H3 LVZ B . -6.16 -1.30 -8.66
H4 LVZ B . -6.17 1.61 -7.81
H5 LVZ B . -6.67 0.43 -10.53
H61 LVZ B . -8.11 2.42 -9.92
H62 LVZ B . -6.76 3.36 -9.46
HN9 LVZ B . -3.35 -2.18 -8.87
HO3 LVZ B . -5.14 -1.57 -6.70
C1 IDS B . -8.69 1.48 -7.35
C2 IDS B . -10.24 1.25 -7.62
C3 IDS B . -10.99 1.39 -6.29
C4 IDS B . -10.41 0.39 -5.23
C5 IDS B . -8.98 0.08 -5.37
C6 IDS B . -8.19 -0.43 -4.14
O2 IDS B . -10.70 2.23 -8.59
O3 IDS B . -12.32 1.02 -6.54
O4 IDS B . -10.71 0.91 -3.91
O5 IDS B . -8.34 1.26 -5.91
O6A IDS B . -8.41 -1.59 -3.71
O6B IDS B . -7.28 0.23 -3.65
S IDS B . -11.54 1.81 -9.88
O1S IDS B . -12.88 2.24 -9.71
O2S IDS B . -10.89 2.56 -10.89
O3S IDS B . -11.37 0.42 -10.13
H1 IDS B . -8.43 2.50 -7.62
H2 IDS B . -10.43 0.28 -8.08
H3 IDS B . -11.10 2.41 -5.94
H4 IDS B . -10.88 -0.59 -5.28
H5 IDS B . -8.91 -0.72 -6.09
HO3 IDS B . -12.81 1.82 -6.30
C1 SGN B . -12.12 0.66 -3.44
C2 SGN B . -12.53 1.65 -2.41
C3 SGN B . -11.85 1.35 -1.11
C4 SGN B . -12.10 -0.07 -0.74
C5 SGN B . -11.63 -1.11 -1.77
C6 SGN B . -12.30 -2.52 -1.44
N2 SGN B . -12.34 3.02 -2.74
O3 SGN B . -12.49 2.19 -0.13
O4 SGN B . -11.49 -0.44 0.43
O5 SGN B . -12.34 -0.71 -2.98
O6 SGN B . -11.76 -3.56 -2.23
S1 SGN B . -13.63 3.75 -3.42
O1S SGN B . -13.75 3.18 -4.73
O2S SGN B . -14.83 3.56 -2.68
O3S SGN B . -13.27 5.14 -3.43
S2 SGN B . -11.73 -5.00 -1.71
O4S SGN B . -11.36 -5.84 -2.81
O5S SGN B . -13.12 -5.22 -1.34
O6S SGN B . -10.78 -5.09 -0.61
H1 SGN B . -12.83 0.93 -4.23
H2 SGN B . -13.58 1.46 -2.15
H3 SGN B . -10.80 1.64 -1.05
H4 SGN B . -13.18 -0.19 -0.63
H5 SGN B . -10.55 -1.10 -1.89
H61 SGN B . -12.18 -2.69 -0.37
H62 SGN B . -13.37 -2.51 -1.62
HN21 SGN B . -11.56 3.07 -3.38
HO3 SGN B . -13.43 2.11 -0.28
HO4 SGN B . -10.67 -0.03 0.68
N ARG A 1 4.02 0.00 -17.23
CA ARG A 1 4.67 0.82 -16.28
C ARG A 1 3.74 1.92 -15.87
N PRO A 2 3.67 2.18 -14.55
CA PRO A 2 3.01 3.35 -14.00
C PRO A 2 3.50 4.70 -14.58
N PRO A 3 2.67 5.74 -14.66
CA PRO A 3 3.08 7.02 -15.31
C PRO A 3 4.45 7.56 -14.92
N GLN A 4 4.99 7.39 -13.74
CA GLN A 4 6.26 8.02 -13.39
C GLN A 4 7.14 7.26 -12.39
N PHE A 5 6.94 5.96 -12.26
CA PHE A 5 7.52 5.06 -11.27
C PHE A 5 7.87 3.69 -11.89
N THR A 6 8.36 2.76 -11.04
CA THR A 6 8.16 1.31 -11.09
C THR A 6 6.96 0.85 -10.27
N ARG A 7 6.47 -0.41 -10.48
CA ARG A 7 5.38 -1.03 -9.77
C ARG A 7 5.61 -0.99 -8.32
N ALA A 8 6.80 -1.44 -7.93
CA ALA A 8 7.16 -1.61 -6.53
C ALA A 8 7.36 -0.33 -5.79
N GLN A 9 7.86 0.73 -6.41
CA GLN A 9 7.92 2.08 -5.87
C GLN A 9 6.50 2.67 -5.62
N TRP A 10 5.73 2.67 -6.66
CA TRP A 10 4.38 3.07 -6.63
C TRP A 10 3.54 2.35 -5.53
N PHE A 11 3.68 1.01 -5.28
CA PHE A 11 3.12 0.30 -4.11
C PHE A 11 3.54 1.03 -2.85
N ALA A 12 4.84 1.19 -2.65
CA ALA A 12 5.34 1.91 -1.44
C ALA A 12 4.81 3.32 -1.10
N ILE A 13 4.86 4.26 -2.06
CA ILE A 13 4.32 5.60 -1.88
C ILE A 13 2.80 5.63 -1.51
N GLN A 14 2.00 4.69 -1.94
CA GLN A 14 0.54 4.44 -1.60
C GLN A 14 0.29 3.72 -0.23
N HIS A 15 1.29 3.03 0.34
CA HIS A 15 1.05 1.94 1.34
C HIS A 15 2.14 1.65 2.35
N ILE A 16 3.33 2.16 2.20
CA ILE A 16 4.50 1.85 3.04
C ILE A 16 5.26 3.10 3.40
N SER A 17 5.04 3.63 4.62
CA SER A 17 5.33 5.00 5.08
C SER A 17 5.61 4.94 6.62
N LEU A 18 6.86 5.02 6.99
CA LEU A 18 7.36 5.02 8.35
C LEU A 18 6.76 6.10 9.27
N ASN A 19 6.55 7.35 8.72
CA ASN A 19 6.15 8.54 9.48
C ASN A 19 5.30 9.43 8.59
N PRO A 20 4.09 9.00 8.27
CA PRO A 20 3.09 9.80 7.52
C PRO A 20 2.52 11.01 8.32
N PRO A 21 2.11 12.06 7.57
CA PRO A 21 1.32 13.17 8.04
C PRO A 21 -0.16 12.81 8.43
N ARG A 22 -1.02 13.80 8.59
CA ARG A 22 -2.45 13.66 8.62
C ARG A 22 -2.86 12.92 7.35
N CYS A 23 -4.02 12.20 7.40
CA CYS A 23 -4.74 11.73 6.21
C CYS A 23 -5.00 12.87 5.16
N THR A 24 -5.33 14.07 5.53
CA THR A 24 -5.33 15.27 4.67
C THR A 24 -4.15 15.54 3.75
N ILE A 25 -2.94 15.08 4.13
CA ILE A 25 -1.81 15.14 3.16
C ILE A 25 -1.62 13.74 2.55
N ALA A 26 -1.61 12.68 3.35
CA ALA A 26 -1.18 11.33 2.91
C ALA A 26 -2.10 10.86 1.77
N MET A 27 -3.41 11.08 1.89
CA MET A 27 -4.30 10.84 0.76
C MET A 27 -3.88 11.58 -0.57
N ARG A 28 -3.35 12.78 -0.54
CA ARG A 28 -3.06 13.56 -1.81
C ARG A 28 -2.24 12.82 -2.89
N ALA A 29 -1.34 11.95 -2.46
CA ALA A 29 -0.42 11.06 -3.23
C ALA A 29 -1.08 10.28 -4.46
N ILE A 30 -2.37 10.05 -4.30
CA ILE A 30 -3.27 9.38 -5.20
C ILE A 30 -4.52 10.30 -5.27
N ASN A 31 -5.04 11.01 -4.29
CA ASN A 31 -6.48 11.52 -4.46
C ASN A 31 -6.51 12.93 -5.19
N ASN A 32 -5.33 13.50 -5.30
CA ASN A 32 -5.00 14.74 -5.95
C ASN A 32 -4.04 14.36 -7.14
N TYR A 33 -3.98 13.05 -7.60
CA TYR A 33 -3.19 12.60 -8.73
C TYR A 33 -3.92 11.56 -9.54
N ARG A 34 -5.08 11.11 -9.17
CA ARG A 34 -6.02 10.32 -9.97
C ARG A 34 -7.25 11.20 -10.22
N TRP A 35 -8.00 11.05 -11.32
CA TRP A 35 -9.15 11.86 -11.67
C TRP A 35 -10.23 12.23 -10.61
N ARG A 36 -10.52 11.35 -9.60
CA ARG A 36 -11.48 11.54 -8.50
C ARG A 36 -10.91 10.89 -7.26
N CYS A 37 -11.21 11.34 -6.01
CA CYS A 37 -10.70 10.87 -4.74
C CYS A 37 -11.13 9.39 -4.45
N LYS A 38 -10.13 8.57 -3.99
CA LYS A 38 -10.38 7.21 -3.35
C LYS A 38 -11.10 7.38 -2.02
N ASN A 39 -12.21 6.71 -1.74
CA ASN A 39 -13.05 6.62 -0.57
C ASN A 39 -12.35 6.21 0.74
N GLN A 40 -11.28 5.25 0.73
CA GLN A 40 -10.50 4.81 1.93
C GLN A 40 -9.10 4.40 1.44
N ASN A 41 -8.04 4.57 2.31
CA ASN A 41 -6.67 4.09 2.11
C ASN A 41 -5.87 3.78 3.46
N THR A 42 -4.89 2.90 3.38
CA THR A 42 -4.15 2.37 4.51
C THR A 42 -2.63 2.46 4.32
N PHE A 43 -1.83 2.91 5.25
CA PHE A 43 -0.38 3.15 5.22
C PHE A 43 0.31 2.37 6.39
N LEU A 44 1.21 1.36 6.13
CA LEU A 44 1.91 0.58 7.12
C LEU A 44 3.23 1.32 7.52
N ARG A 45 3.32 1.52 8.83
CA ARG A 45 4.54 2.13 9.39
C ARG A 45 5.69 1.18 9.63
N THR A 46 6.37 0.84 8.48
CA THR A 46 7.55 -0.07 8.46
C THR A 46 8.47 0.51 7.36
N THR A 47 9.66 -0.09 7.27
CA THR A 47 10.61 0.05 6.08
C THR A 47 10.13 -0.77 4.91
N PHE A 48 10.58 -0.38 3.73
CA PHE A 48 10.33 -1.18 2.48
C PHE A 48 11.05 -2.54 2.42
N ALA A 49 12.32 -2.61 2.93
CA ALA A 49 13.18 -3.87 3.00
C ALA A 49 12.62 -4.94 3.87
N ASN A 50 11.70 -4.58 4.76
CA ASN A 50 11.07 -5.55 5.57
C ASN A 50 9.77 -6.14 5.03
N VAL A 51 9.14 -5.36 4.12
CA VAL A 51 8.09 -5.94 3.26
C VAL A 51 8.71 -6.84 2.17
N VAL A 52 9.95 -6.61 1.73
CA VAL A 52 10.63 -7.59 0.88
C VAL A 52 10.72 -8.88 1.71
N ASN A 53 11.09 -8.83 2.99
CA ASN A 53 11.04 -10.00 3.93
C ASN A 53 9.63 -10.63 4.12
N VAL A 54 8.54 -9.87 3.88
CA VAL A 54 7.19 -10.53 3.80
C VAL A 54 7.08 -11.33 2.40
N CYS A 55 7.59 -10.80 1.27
CA CYS A 55 7.72 -11.45 -0.05
C CYS A 55 8.67 -12.69 -0.05
N GLY A 56 9.57 -12.78 1.01
CA GLY A 56 10.45 -13.89 1.41
C GLY A 56 9.84 -14.98 2.25
N ASN A 57 8.59 -14.80 2.75
CA ASN A 57 7.90 -15.75 3.65
C ASN A 57 7.09 -16.80 2.83
N GLN A 58 6.49 -17.80 3.51
CA GLN A 58 5.80 -19.03 2.92
C GLN A 58 4.73 -18.59 1.93
N SER A 59 4.57 -19.21 0.80
CA SER A 59 3.53 -19.05 -0.25
C SER A 59 2.16 -19.38 0.27
N ILE A 60 1.19 -18.44 0.16
CA ILE A 60 -0.23 -18.71 0.41
C ILE A 60 -1.06 -18.42 -0.81
N ARG A 61 -2.38 -18.68 -0.67
CA ARG A 61 -3.50 -18.27 -1.62
C ARG A 61 -4.51 -17.33 -0.88
N CYS A 62 -5.12 -16.39 -1.56
CA CYS A 62 -5.80 -15.15 -1.20
C CYS A 62 -6.98 -14.68 -2.07
N PRO A 63 -7.93 -13.87 -1.50
CA PRO A 63 -9.18 -13.72 -2.22
C PRO A 63 -9.23 -12.56 -3.25
N HIS A 64 -8.14 -11.83 -3.45
CA HIS A 64 -8.07 -10.61 -4.32
C HIS A 64 -6.86 -10.70 -5.37
N ASN A 65 -6.53 -11.84 -5.95
CA ASN A 65 -5.19 -12.25 -6.32
C ASN A 65 -5.17 -13.13 -7.64
N ARG A 66 -6.31 -13.20 -8.35
CA ARG A 66 -6.61 -14.19 -9.37
C ARG A 66 -5.59 -14.24 -10.53
N THR A 67 -4.98 -13.07 -10.84
CA THR A 67 -3.99 -12.99 -11.96
C THR A 67 -2.74 -13.83 -11.81
N LEU A 68 -2.38 -14.24 -10.60
CA LEU A 68 -1.24 -15.16 -10.43
C LEU A 68 -1.43 -16.22 -9.33
N ASN A 69 -2.49 -16.18 -8.50
CA ASN A 69 -2.77 -17.11 -7.40
C ASN A 69 -1.63 -17.42 -6.40
N ASN A 70 -0.86 -16.38 -6.02
CA ASN A 70 0.11 -16.40 -4.93
C ASN A 70 0.18 -15.13 -4.14
N CYS A 71 0.48 -15.26 -2.85
CA CYS A 71 0.55 -14.17 -1.86
C CYS A 71 1.31 -14.52 -0.56
N HIS A 72 1.64 -13.53 0.23
CA HIS A 72 2.33 -13.75 1.49
C HIS A 72 1.72 -12.87 2.62
N ARG A 73 1.86 -13.31 3.89
CA ARG A 73 1.40 -12.55 5.08
C ARG A 73 2.57 -12.12 6.03
N SER A 74 2.31 -11.06 6.83
CA SER A 74 3.36 -10.45 7.60
C SER A 74 3.79 -11.34 8.71
N ARG A 75 5.15 -11.23 8.94
CA ARG A 75 5.79 -12.11 9.94
C ARG A 75 5.43 -11.84 11.39
N PHE A 76 4.87 -10.64 11.65
CA PHE A 76 4.41 -10.07 12.90
C PHE A 76 3.49 -8.81 12.66
N ARG A 77 2.83 -8.21 13.71
CA ARG A 77 2.05 -6.97 13.59
C ARG A 77 2.93 -5.72 13.46
N VAL A 78 2.37 -4.69 12.78
CA VAL A 78 3.05 -3.40 12.64
C VAL A 78 2.08 -2.26 13.01
N PRO A 79 2.55 -1.13 13.56
CA PRO A 79 1.85 0.10 13.43
C PRO A 79 1.45 0.50 11.95
N LEU A 80 0.38 1.29 11.83
CA LEU A 80 -0.21 1.66 10.53
C LEU A 80 -1.21 2.78 10.80
N LEU A 81 -1.62 3.46 9.70
CA LEU A 81 -2.66 4.43 9.63
C LEU A 81 -3.65 4.07 8.55
N HIS A 82 -4.96 4.31 8.82
CA HIS A 82 -6.05 4.14 7.88
C HIS A 82 -6.63 5.54 7.76
N CYS A 83 -7.21 5.79 6.64
CA CYS A 83 -7.70 7.14 6.22
C CYS A 83 -9.00 7.14 5.45
N ASP A 84 -9.94 8.01 5.87
CA ASP A 84 -11.37 7.85 5.54
C ASP A 84 -11.99 9.11 4.93
N LEU A 85 -12.90 9.01 3.96
CA LEU A 85 -13.69 10.05 3.37
C LEU A 85 -14.95 10.44 4.05
N ILE A 86 -14.69 11.21 5.11
CA ILE A 86 -15.75 11.79 6.09
C ILE A 86 -16.76 12.78 5.55
N ASN A 87 -16.66 13.09 4.23
CA ASN A 87 -17.77 13.73 3.53
C ASN A 87 -18.08 12.87 2.30
N PRO A 88 -18.87 11.76 2.43
CA PRO A 88 -19.39 10.91 1.33
C PRO A 88 -20.10 11.58 0.20
N GLY A 89 -20.51 12.85 0.43
CA GLY A 89 -21.14 13.65 -0.65
C GLY A 89 -20.27 14.17 -1.80
N ALA A 90 -18.96 13.93 -1.89
CA ALA A 90 -18.01 14.45 -2.82
C ALA A 90 -17.16 13.32 -3.47
N GLN A 91 -16.60 13.70 -4.62
CA GLN A 91 -15.45 13.03 -5.23
C GLN A 91 -14.42 13.98 -5.87
N ASN A 92 -14.65 15.32 -6.02
CA ASN A 92 -13.69 16.26 -6.57
C ASN A 92 -12.87 16.99 -5.40
N ILE A 93 -11.52 17.17 -5.57
CA ILE A 93 -10.63 17.61 -4.51
C ILE A 93 -11.04 18.86 -3.78
N SER A 94 -11.85 19.72 -4.36
CA SER A 94 -12.54 20.87 -3.77
C SER A 94 -13.42 20.64 -2.51
N ASN A 95 -13.83 19.46 -2.37
CA ASN A 95 -14.84 19.06 -1.37
C ASN A 95 -14.60 17.62 -0.79
N CYS A 96 -13.65 16.88 -1.28
CA CYS A 96 -13.22 15.69 -0.52
C CYS A 96 -12.64 16.11 0.90
N ARG A 97 -12.95 15.48 2.00
CA ARG A 97 -12.41 15.69 3.37
C ARG A 97 -12.51 14.45 4.19
N TYR A 98 -11.56 14.46 5.09
CA TYR A 98 -10.97 13.26 5.63
C TYR A 98 -10.76 13.24 7.18
N ALA A 99 -10.48 12.03 7.64
CA ALA A 99 -10.21 11.79 9.07
C ALA A 99 -9.31 10.61 9.31
N ASP A 100 -8.70 10.41 10.45
CA ASP A 100 -7.62 9.51 10.78
C ASP A 100 -8.08 8.26 11.47
N ARG A 101 -7.39 7.13 11.23
CA ARG A 101 -7.68 5.81 11.91
C ARG A 101 -6.44 4.98 12.13
N PRO A 102 -5.45 5.37 12.92
CA PRO A 102 -4.32 4.52 13.33
C PRO A 102 -4.54 3.28 14.11
N GLY A 103 -3.49 2.49 14.36
CA GLY A 103 -3.66 1.15 14.87
C GLY A 103 -2.38 0.23 14.65
N ARG A 104 -2.44 -1.02 15.05
CA ARG A 104 -1.39 -1.96 14.89
C ARG A 104 -1.87 -3.42 14.72
N ARG A 105 -1.51 -4.03 13.57
CA ARG A 105 -2.06 -5.34 13.18
C ARG A 105 -1.16 -6.06 12.15
N PHE A 106 -1.39 -7.33 11.75
CA PHE A 106 -0.66 -8.02 10.73
C PHE A 106 -1.05 -7.28 9.37
N TYR A 107 -0.49 -7.73 8.23
CA TYR A 107 -0.85 -7.32 6.89
C TYR A 107 -0.58 -8.40 5.84
N VAL A 108 -1.23 -8.17 4.65
CA VAL A 108 -1.17 -9.07 3.51
C VAL A 108 -0.77 -8.37 2.18
N VAL A 109 0.06 -9.01 1.37
CA VAL A 109 0.58 -8.52 0.09
C VAL A 109 0.73 -9.55 -1.00
N ALA A 110 0.96 -9.10 -2.21
CA ALA A 110 1.41 -9.99 -3.23
C ALA A 110 2.63 -9.22 -3.93
N CYS A 111 3.54 -10.01 -4.55
CA CYS A 111 4.90 -9.71 -5.04
C CYS A 111 5.28 -10.36 -6.38
N ASP A 112 6.55 -10.04 -6.79
CA ASP A 112 6.97 -10.42 -8.11
C ASP A 112 8.52 -10.32 -8.27
N ASN A 113 9.07 -10.94 -9.38
CA ASN A 113 10.52 -10.70 -9.79
C ASN A 113 10.94 -9.25 -10.02
N ARG A 114 12.21 -8.97 -9.67
CA ARG A 114 12.82 -7.66 -9.67
C ARG A 114 12.67 -6.91 -11.06
N ASP A 115 12.65 -5.58 -11.15
CA ASP A 115 12.65 -4.87 -12.42
C ASP A 115 13.98 -4.89 -13.13
N PRO A 116 14.04 -4.65 -14.44
CA PRO A 116 15.29 -4.85 -15.14
C PRO A 116 16.42 -3.82 -14.89
N ARG A 117 16.12 -2.80 -14.15
CA ARG A 117 17.06 -1.70 -13.82
C ARG A 117 17.00 -1.07 -12.45
N ASP A 118 15.76 -0.81 -12.03
CA ASP A 118 15.38 -0.31 -10.68
C ASP A 118 15.81 -1.33 -9.59
N SER A 119 16.27 -0.73 -8.48
CA SER A 119 16.59 -1.25 -7.19
C SER A 119 17.03 -2.73 -7.13
N PRO A 120 18.25 -3.02 -7.59
CA PRO A 120 18.76 -4.39 -7.71
C PRO A 120 19.15 -5.03 -6.40
N ARG A 121 18.80 -4.42 -5.24
CA ARG A 121 18.88 -4.77 -3.77
C ARG A 121 18.05 -6.01 -3.37
N TYR A 122 17.17 -6.52 -4.29
CA TYR A 122 16.24 -7.59 -3.92
C TYR A 122 15.95 -8.60 -5.01
N PRO A 123 15.89 -9.91 -4.74
CA PRO A 123 15.34 -10.90 -5.72
C PRO A 123 13.82 -10.76 -5.92
N VAL A 124 13.03 -10.14 -5.05
CA VAL A 124 11.61 -10.05 -5.15
C VAL A 124 11.12 -8.68 -4.60
N VAL A 125 9.99 -8.16 -4.99
CA VAL A 125 9.43 -6.83 -4.59
C VAL A 125 7.85 -6.89 -4.36
N PRO A 126 7.30 -6.27 -3.38
CA PRO A 126 5.86 -6.09 -3.14
C PRO A 126 5.23 -5.21 -4.19
N VAL A 127 4.08 -5.52 -4.77
CA VAL A 127 3.37 -4.71 -5.75
C VAL A 127 1.90 -4.40 -5.34
N HIS A 128 1.35 -5.07 -4.29
CA HIS A 128 -0.05 -4.80 -3.97
C HIS A 128 -0.39 -5.14 -2.55
N LEU A 129 -1.24 -4.34 -1.96
CA LEU A 129 -1.87 -4.61 -0.64
C LEU A 129 -2.96 -5.66 -0.69
N ASP A 130 -3.53 -6.07 0.43
CA ASP A 130 -4.93 -6.40 0.41
C ASP A 130 -5.72 -5.92 1.64
N THR A 131 -5.07 -6.14 2.78
CA THR A 131 -5.72 -6.13 4.13
C THR A 131 -4.73 -6.12 5.30
N THR A 132 -5.09 -5.60 6.46
CA THR A 132 -4.44 -5.56 7.81
C THR A 132 -5.43 -5.97 8.92
N ILE A 133 -5.10 -6.95 9.78
CA ILE A 133 -6.01 -7.83 10.53
C ILE A 133 -5.42 -8.40 11.86
C1A LVZ B . -3.43 -0.50 -11.93
C2A LVZ B . -4.42 0.36 -12.76
O1 LVZ B . -3.81 -0.53 -10.48
C3A LVZ B . -3.49 -1.89 -12.52
N9 LVZ B . -3.12 -1.03 -7.82
C1 LVZ B . -3.55 0.63 -9.64
S19 LVZ B . -1.55 -0.87 -7.57
O1S LVZ B . -1.46 -0.06 -6.38
C2 LVZ B . -3.73 0.25 -8.14
S29 LVZ B . -6.15 4.22 -12.38
O2S LVZ B . -0.98 -0.20 -8.66
C3 LVZ B . -5.25 0.11 -7.75
O3 LVZ B . -5.38 -0.16 -6.33
O3S LVZ B . -1.00 -2.16 -7.40
C4 LVZ B . -6.10 1.27 -8.21
O4 LVZ B . -7.52 1.00 -8.05
O4S LVZ B . -7.12 5.24 -12.08
C5 LVZ B . -5.92 1.59 -9.71
O5 LVZ B . -4.46 1.82 -9.93
O5S LVZ B . -4.89 4.53 -11.80
C6 LVZ B . -6.69 2.87 -10.18
O6 LVZ B . -6.75 2.93 -11.65
O6S LVZ B . -6.06 3.85 -13.74
H1A LVZ B . -2.41 -0.11 -11.98
H2A LVZ B . -5.47 0.12 -12.57
H2AA LVZ B . -4.33 1.39 -12.41
H2B LVZ B . -4.23 0.39 -13.84
H1 LVZ B . -2.54 0.97 -9.89
H2 LVZ B . -3.30 1.10 -7.60
H3A LVZ B . -2.83 -2.66 -12.14
H3AA LVZ B . -4.51 -2.29 -12.44
H3B LVZ B . -3.28 -1.79 -13.58
H3 LVZ B . -5.59 -0.76 -8.32
H4 LVZ B . -5.80 2.19 -7.69
H5 LVZ B . -6.23 0.77 -10.36
H61 LVZ B . -7.75 2.77 -9.93
H62 LVZ B . -6.39 3.80 -9.71
HN9 LVZ B . -3.18 -1.50 -8.71
HO3 LVZ B . -6.13 -0.72 -6.09
C1 IDS B . -8.15 1.90 -7.03
C2 IDS B . -9.66 1.81 -7.43
C3 IDS B . -10.64 1.62 -6.24
C4 IDS B . -10.12 0.62 -5.17
C5 IDS B . -8.59 0.29 -5.28
C6 IDS B . -7.89 -0.38 -4.08
O2 IDS B . -10.01 3.06 -8.12
O3 IDS B . -11.83 1.09 -6.85
O4 IDS B . -10.53 1.08 -3.84
O5 IDS B . -7.92 1.57 -5.64
O6A IDS B . -8.54 -1.23 -3.46
O6B IDS B . -6.77 -0.06 -3.66
S IDS B . -10.86 2.89 -9.44
O1S IDS B . -12.24 2.76 -9.06
O2S IDS B . -10.68 4.20 -10.04
O3S IDS B . -10.25 1.92 -10.29
H1 IDS B . -7.73 2.90 -7.21
H2 IDS B . -9.77 0.99 -8.14
H3 IDS B . -10.84 2.54 -5.68
H4 IDS B . -10.50 -0.40 -5.26
H5 IDS B . -8.48 -0.39 -6.12
HO3 IDS B . -12.10 1.29 -7.75
C1 SGN B . -12.01 0.91 -3.58
C2 SGN B . -12.45 1.83 -2.44
C3 SGN B . -11.86 1.35 -1.12
C4 SGN B . -12.20 -0.10 -0.80
C5 SGN B . -11.83 -1.03 -1.94
C6 SGN B . -12.59 -2.38 -1.71
N2 SGN B . -12.31 3.23 -2.77
O3 SGN B . -12.53 2.12 -0.14
O4 SGN B . -11.33 -0.43 0.26
O5 SGN B . -12.24 -0.51 -3.23
O6 SGN B . -11.95 -3.39 -2.59
S1 SGN B . -13.42 3.79 -3.87
O1S SGN B . -13.16 3.11 -5.05
O2S SGN B . -14.75 3.51 -3.38
O3S SGN B . -13.22 5.18 -3.93
S2 SGN B . -11.78 -4.84 -2.01
O4S SGN B . -11.75 -5.73 -3.18
O5S SGN B . -12.91 -5.17 -1.20
O6S SGN B . -10.55 -4.96 -1.26
H1 SGN B . -12.46 1.10 -4.55
H2 SGN B . -13.51 1.67 -2.27
H3 SGN B . -10.78 1.59 -1.12
H4 SGN B . -13.27 -0.15 -0.58
H5 SGN B . -10.76 -1.19 -1.97
H61 SGN B . -12.60 -2.79 -0.71
H62 SGN B . -13.64 -2.38 -2.01
HN21 SGN B . -11.41 3.52 -3.12
HO3 SGN B . -13.43 1.75 -0.09
HO4 SGN B . -10.44 -0.13 0.05
N ARG A 1 4.65 -1.84 -15.49
CA ARG A 1 5.29 -0.70 -14.80
C ARG A 1 4.49 0.60 -15.03
N PRO A 2 4.00 1.24 -13.99
CA PRO A 2 3.19 2.48 -14.07
C PRO A 2 3.81 3.70 -14.80
N PRO A 3 3.05 4.83 -15.05
CA PRO A 3 3.49 6.05 -15.84
C PRO A 3 4.92 6.62 -15.57
N GLN A 4 5.39 6.60 -14.34
CA GLN A 4 6.58 7.33 -13.93
C GLN A 4 7.41 6.60 -12.77
N PHE A 5 7.06 5.41 -12.34
CA PHE A 5 7.46 4.78 -11.08
C PHE A 5 7.64 3.25 -11.44
N THR A 6 8.57 2.55 -10.78
CA THR A 6 8.45 1.13 -10.77
C THR A 6 7.18 0.76 -10.07
N ARG A 7 6.80 -0.57 -10.32
CA ARG A 7 5.64 -1.12 -9.62
C ARG A 7 5.80 -1.15 -8.11
N ALA A 8 6.97 -1.65 -7.67
CA ALA A 8 7.59 -1.79 -6.34
C ALA A 8 7.76 -0.37 -5.66
N GLN A 9 7.99 0.71 -6.41
CA GLN A 9 8.01 2.13 -5.95
C GLN A 9 6.61 2.75 -5.83
N TRP A 10 5.62 2.37 -6.68
CA TRP A 10 4.22 2.86 -6.64
C TRP A 10 3.35 2.22 -5.56
N PHE A 11 3.65 0.94 -5.24
CA PHE A 11 3.27 0.37 -3.96
C PHE A 11 3.84 1.08 -2.72
N ALA A 12 5.08 1.63 -2.79
CA ALA A 12 5.59 2.37 -1.65
C ALA A 12 4.88 3.78 -1.43
N ILE A 13 4.81 4.64 -2.49
CA ILE A 13 4.04 5.85 -2.52
C ILE A 13 2.60 5.64 -2.00
N GLN A 14 1.94 4.51 -2.40
CA GLN A 14 0.54 4.25 -1.91
C GLN A 14 0.30 3.60 -0.50
N HIS A 15 1.40 3.02 0.09
CA HIS A 15 1.20 2.15 1.24
C HIS A 15 2.30 2.24 2.37
N ILE A 16 3.47 2.93 2.14
CA ILE A 16 4.67 2.90 3.01
C ILE A 16 5.26 4.23 3.48
N SER A 17 5.22 4.50 4.78
CA SER A 17 5.64 5.72 5.47
C SER A 17 5.85 5.32 6.98
N LEU A 18 7.13 5.29 7.40
CA LEU A 18 7.56 4.89 8.75
C LEU A 18 7.14 5.85 9.80
N ASN A 19 6.72 7.01 9.45
CA ASN A 19 6.34 8.05 10.40
C ASN A 19 5.35 9.05 9.58
N PRO A 20 4.13 8.65 9.20
CA PRO A 20 3.41 9.38 8.13
C PRO A 20 2.92 10.81 8.54
N PRO A 21 2.45 11.59 7.51
CA PRO A 21 1.69 12.83 7.67
C PRO A 21 0.29 12.54 8.13
N ARG A 22 -0.45 13.61 8.38
CA ARG A 22 -1.86 13.54 8.69
C ARG A 22 -2.63 12.96 7.43
N CYS A 23 -3.64 12.11 7.64
CA CYS A 23 -4.41 11.53 6.54
C CYS A 23 -4.84 12.52 5.45
N THR A 24 -5.18 13.75 5.83
CA THR A 24 -5.54 14.89 5.03
C THR A 24 -4.47 15.35 3.99
N ILE A 25 -3.39 14.61 3.98
CA ILE A 25 -2.18 14.80 3.16
C ILE A 25 -1.70 13.52 2.62
N ALA A 26 -1.90 12.40 3.26
CA ALA A 26 -1.53 11.05 2.78
C ALA A 26 -2.46 10.57 1.66
N MET A 27 -3.79 10.78 1.80
CA MET A 27 -4.76 10.62 0.71
C MET A 27 -4.38 11.35 -0.58
N ARG A 28 -3.77 12.51 -0.56
CA ARG A 28 -3.42 13.21 -1.79
C ARG A 28 -2.43 12.48 -2.70
N ALA A 29 -1.72 11.60 -2.03
CA ALA A 29 -0.83 10.59 -2.69
C ALA A 29 -1.44 9.68 -3.77
N ILE A 30 -2.76 9.48 -3.73
CA ILE A 30 -3.50 8.93 -4.82
C ILE A 30 -4.64 9.89 -5.28
N ASN A 31 -5.42 10.46 -4.41
CA ASN A 31 -6.61 11.10 -4.92
C ASN A 31 -6.40 12.57 -5.53
N ASN A 32 -5.21 13.09 -5.50
CA ASN A 32 -4.80 14.31 -6.32
C ASN A 32 -4.11 13.84 -7.63
N TYR A 33 -4.19 12.58 -7.93
CA TYR A 33 -3.62 11.83 -9.06
C TYR A 33 -4.57 10.88 -9.85
N ARG A 34 -5.57 10.20 -9.24
CA ARG A 34 -6.73 9.53 -9.98
C ARG A 34 -7.82 10.59 -10.28
N TRP A 35 -8.76 10.19 -11.11
CA TRP A 35 -9.81 11.13 -11.60
C TRP A 35 -10.84 11.50 -10.52
N ARG A 36 -10.82 10.71 -9.41
CA ARG A 36 -11.83 10.83 -8.34
C ARG A 36 -11.29 10.38 -7.01
N CYS A 37 -11.89 10.84 -5.88
CA CYS A 37 -11.39 10.40 -4.57
C CYS A 37 -11.67 8.92 -4.25
N LYS A 38 -10.62 8.12 -4.04
CA LYS A 38 -10.62 6.88 -3.30
C LYS A 38 -11.12 7.02 -1.82
N ASN A 39 -12.15 6.28 -1.44
CA ASN A 39 -12.89 6.36 -0.22
C ASN A 39 -11.95 6.14 0.94
N GLN A 40 -11.10 5.11 0.85
CA GLN A 40 -10.23 4.62 1.95
C GLN A 40 -8.91 4.13 1.34
N ASN A 41 -7.85 4.22 2.12
CA ASN A 41 -6.56 3.68 1.91
C ASN A 41 -5.87 3.48 3.28
N THR A 42 -4.85 2.68 3.41
CA THR A 42 -4.05 2.44 4.57
C THR A 42 -2.61 2.51 4.26
N PHE A 43 -1.89 3.23 5.16
CA PHE A 43 -0.52 3.56 5.25
C PHE A 43 0.17 2.87 6.43
N LEU A 44 1.10 1.90 6.10
CA LEU A 44 1.92 1.14 7.03
C LEU A 44 3.09 1.90 7.73
N ARG A 45 3.21 1.85 9.01
CA ARG A 45 4.45 2.40 9.66
C ARG A 45 5.62 1.41 9.58
N THR A 46 6.25 1.32 8.39
CA THR A 46 7.28 0.36 8.06
C THR A 46 8.07 0.93 6.87
N THR A 47 9.13 0.13 6.56
CA THR A 47 10.14 0.34 5.50
C THR A 47 10.18 -0.69 4.41
N PHE A 48 10.54 -0.35 3.21
CA PHE A 48 10.52 -1.20 1.97
C PHE A 48 11.34 -2.51 2.07
N ALA A 49 12.51 -2.44 2.73
CA ALA A 49 13.38 -3.63 2.95
C ALA A 49 12.74 -4.62 3.97
N ASN A 50 11.81 -4.19 4.78
CA ASN A 50 11.06 -5.05 5.72
C ASN A 50 10.02 -5.98 5.05
N VAL A 51 9.25 -5.37 4.11
CA VAL A 51 8.28 -5.98 3.23
C VAL A 51 8.84 -6.94 2.16
N VAL A 52 10.08 -6.77 1.69
CA VAL A 52 10.69 -7.82 0.87
C VAL A 52 10.92 -9.13 1.64
N ASN A 53 11.18 -8.99 2.98
CA ASN A 53 11.14 -10.15 3.83
C ASN A 53 9.68 -10.75 4.04
N VAL A 54 8.62 -10.07 3.75
CA VAL A 54 7.29 -10.63 3.62
C VAL A 54 7.11 -11.31 2.24
N CYS A 55 7.64 -10.76 1.13
CA CYS A 55 7.73 -11.45 -0.21
C CYS A 55 8.47 -12.79 -0.30
N GLY A 56 9.35 -13.02 0.68
CA GLY A 56 10.22 -14.20 0.98
C GLY A 56 9.66 -15.06 2.15
N ASN A 57 8.64 -14.60 2.84
CA ASN A 57 7.65 -15.50 3.53
C ASN A 57 7.09 -16.53 2.62
N GLN A 58 6.69 -17.71 3.18
CA GLN A 58 5.96 -18.76 2.41
C GLN A 58 4.96 -18.25 1.43
N SER A 59 4.81 -19.00 0.37
CA SER A 59 3.73 -18.77 -0.63
C SER A 59 2.42 -19.30 -0.13
N ILE A 60 1.41 -18.47 -0.24
CA ILE A 60 0.00 -18.73 0.03
C ILE A 60 -0.76 -18.20 -1.20
N ARG A 61 -2.07 -18.20 -1.07
CA ARG A 61 -3.10 -17.76 -2.01
C ARG A 61 -4.32 -17.05 -1.37
N CYS A 62 -4.90 -16.05 -2.09
CA CYS A 62 -5.74 -15.00 -1.49
C CYS A 62 -7.15 -14.79 -2.28
N PRO A 63 -8.19 -14.23 -1.68
CA PRO A 63 -9.42 -13.90 -2.40
C PRO A 63 -9.48 -12.93 -3.58
N HIS A 64 -8.45 -12.08 -3.72
CA HIS A 64 -8.46 -10.96 -4.63
C HIS A 64 -7.14 -10.93 -5.49
N ASN A 65 -6.84 -11.99 -6.24
CA ASN A 65 -5.52 -12.40 -6.65
C ASN A 65 -5.35 -13.16 -7.97
N ARG A 66 -6.46 -13.43 -8.69
CA ARG A 66 -6.67 -14.20 -9.92
C ARG A 66 -5.71 -13.84 -11.07
N THR A 67 -5.05 -12.69 -11.11
CA THR A 67 -3.93 -12.39 -12.01
C THR A 67 -2.70 -13.35 -11.80
N LEU A 68 -2.48 -13.98 -10.62
CA LEU A 68 -1.30 -14.82 -10.33
C LEU A 68 -1.56 -16.13 -9.46
N ASN A 69 -2.75 -16.16 -8.78
CA ASN A 69 -3.09 -17.12 -7.78
C ASN A 69 -2.02 -17.31 -6.58
N ASN A 70 -1.32 -16.23 -6.19
CA ASN A 70 -0.29 -16.27 -5.10
C ASN A 70 -0.24 -14.99 -4.33
N CYS A 71 -0.08 -15.12 -3.03
CA CYS A 71 0.13 -14.00 -2.12
C CYS A 71 1.17 -14.37 -0.99
N HIS A 72 1.40 -13.41 -0.10
CA HIS A 72 2.18 -13.63 1.12
C HIS A 72 1.60 -12.71 2.23
N ARG A 73 1.65 -13.18 3.48
CA ARG A 73 1.16 -12.41 4.65
C ARG A 73 2.23 -12.18 5.71
N SER A 74 2.10 -11.13 6.51
CA SER A 74 3.18 -10.69 7.33
C SER A 74 3.41 -11.70 8.44
N ARG A 75 4.57 -11.52 9.11
CA ARG A 75 5.05 -12.39 10.24
C ARG A 75 4.61 -11.85 11.56
N PHE A 76 4.43 -10.54 11.59
CA PHE A 76 4.07 -9.81 12.79
C PHE A 76 3.12 -8.65 12.50
N ARG A 77 2.62 -8.00 13.54
CA ARG A 77 1.87 -6.80 13.47
C ARG A 77 2.86 -5.61 13.50
N VAL A 78 2.45 -4.46 12.97
CA VAL A 78 3.19 -3.17 12.99
C VAL A 78 2.13 -2.02 13.19
N PRO A 79 2.50 -0.83 13.80
CA PRO A 79 1.67 0.35 13.75
C PRO A 79 1.32 0.74 12.32
N LEU A 80 0.09 1.32 12.15
CA LEU A 80 -0.40 1.74 10.86
C LEU A 80 -1.37 2.95 10.91
N LEU A 81 -1.59 3.66 9.83
CA LEU A 81 -2.55 4.77 9.80
C LEU A 81 -3.49 4.54 8.58
N HIS A 82 -4.75 4.14 8.93
CA HIS A 82 -5.91 4.05 8.07
C HIS A 82 -6.51 5.43 7.79
N CYS A 83 -7.05 5.69 6.62
CA CYS A 83 -7.42 7.07 6.24
C CYS A 83 -8.80 7.03 5.57
N ASP A 84 -9.60 8.09 5.77
CA ASP A 84 -11.08 7.91 5.73
C ASP A 84 -11.76 9.19 5.19
N LEU A 85 -12.42 9.06 3.97
CA LEU A 85 -13.28 10.15 3.44
C LEU A 85 -14.37 10.39 4.42
N ILE A 86 -14.20 11.33 5.34
CA ILE A 86 -15.29 11.69 6.26
C ILE A 86 -16.57 12.27 5.57
N ASN A 87 -16.44 12.54 4.31
CA ASN A 87 -17.50 12.98 3.42
C ASN A 87 -17.88 11.94 2.33
N PRO A 88 -18.34 10.71 2.61
CA PRO A 88 -18.69 9.76 1.50
C PRO A 88 -19.75 10.30 0.54
N GLY A 89 -20.49 11.37 0.93
CA GLY A 89 -21.36 12.17 0.11
C GLY A 89 -20.85 12.59 -1.22
N ALA A 90 -19.54 12.46 -1.38
CA ALA A 90 -18.80 13.15 -2.46
C ALA A 90 -17.58 12.27 -3.10
N GLN A 91 -16.97 12.81 -4.18
CA GLN A 91 -15.88 12.20 -4.91
C GLN A 91 -15.00 13.20 -5.70
N ASN A 92 -15.46 14.41 -6.02
CA ASN A 92 -14.56 15.53 -6.27
C ASN A 92 -13.61 15.92 -5.05
N ILE A 93 -12.31 16.02 -5.25
CA ILE A 93 -11.32 16.72 -4.42
C ILE A 93 -11.77 18.08 -3.94
N SER A 94 -12.50 18.82 -4.77
CA SER A 94 -13.11 20.13 -4.35
C SER A 94 -14.15 20.05 -3.24
N ASN A 95 -14.54 18.84 -2.84
CA ASN A 95 -15.41 18.56 -1.69
C ASN A 95 -15.09 17.32 -0.76
N CYS A 96 -14.10 16.49 -1.17
CA CYS A 96 -13.55 15.46 -0.31
C CYS A 96 -12.80 15.99 0.96
N ARG A 97 -12.90 15.27 2.14
CA ARG A 97 -12.22 15.66 3.35
C ARG A 97 -11.77 14.34 4.02
N TYR A 98 -10.67 14.32 4.83
CA TYR A 98 -10.15 13.08 5.54
C TYR A 98 -9.80 13.32 7.00
N ALA A 99 -9.58 12.18 7.72
CA ALA A 99 -9.31 12.08 9.13
C ALA A 99 -8.39 10.91 9.43
N ASP A 100 -7.59 11.01 10.46
CA ASP A 100 -6.64 9.97 10.90
C ASP A 100 -7.33 8.81 11.64
N ARG A 101 -6.84 7.59 11.45
CA ARG A 101 -7.36 6.34 12.12
C ARG A 101 -6.19 5.44 12.38
N PRO A 102 -5.49 5.47 13.53
CA PRO A 102 -4.38 4.58 13.89
C PRO A 102 -4.87 3.16 14.14
N GLY A 103 -3.92 2.20 14.30
CA GLY A 103 -4.09 0.78 14.70
C GLY A 103 -2.76 0.13 14.70
N ARG A 104 -2.74 -1.13 15.10
CA ARG A 104 -1.56 -1.94 14.98
C ARG A 104 -1.85 -3.44 14.64
N ARG A 105 -1.79 -3.88 13.36
CA ARG A 105 -2.34 -5.15 12.75
C ARG A 105 -1.33 -5.84 11.84
N PHE A 106 -1.56 -7.18 11.58
CA PHE A 106 -0.95 -7.92 10.54
C PHE A 106 -1.59 -7.42 9.18
N TYR A 107 -0.82 -7.67 8.11
CA TYR A 107 -1.12 -7.27 6.74
C TYR A 107 -0.72 -8.33 5.71
N VAL A 108 -1.23 -8.13 4.49
CA VAL A 108 -1.18 -9.13 3.40
C VAL A 108 -0.93 -8.50 2.01
N VAL A 109 -0.09 -9.12 1.19
CA VAL A 109 0.43 -8.51 -0.08
C VAL A 109 0.56 -9.50 -1.31
N ALA A 110 0.60 -8.88 -2.48
CA ALA A 110 1.16 -9.62 -3.60
C ALA A 110 2.61 -9.16 -3.88
N CYS A 111 3.51 -10.02 -4.36
CA CYS A 111 4.83 -9.66 -4.61
C CYS A 111 5.08 -10.07 -6.10
N ASP A 112 6.23 -9.58 -6.63
CA ASP A 112 6.64 -9.79 -8.04
C ASP A 112 8.15 -9.94 -8.20
N ASN A 113 8.66 -10.35 -9.37
CA ASN A 113 10.09 -10.25 -9.62
C ASN A 113 10.58 -8.77 -9.68
N ARG A 114 11.80 -8.41 -9.26
CA ARG A 114 12.56 -7.14 -9.48
C ARG A 114 12.49 -6.52 -10.92
N ASP A 115 12.31 -5.23 -11.09
CA ASP A 115 12.44 -4.45 -12.36
C ASP A 115 13.79 -4.81 -13.01
N PRO A 116 13.90 -4.83 -14.33
CA PRO A 116 15.13 -5.06 -15.04
C PRO A 116 16.34 -4.18 -14.61
N ARG A 117 16.15 -2.98 -14.09
CA ARG A 117 17.20 -1.97 -13.96
C ARG A 117 17.27 -1.34 -12.52
N ASP A 118 16.10 -1.16 -11.90
CA ASP A 118 16.03 -0.40 -10.62
C ASP A 118 16.08 -1.38 -9.47
N SER A 119 16.75 -1.11 -8.37
CA SER A 119 16.85 -1.96 -7.18
C SER A 119 17.02 -3.48 -7.35
N PRO A 120 18.18 -3.95 -7.82
CA PRO A 120 18.38 -5.39 -8.03
C PRO A 120 18.61 -6.32 -6.80
N ARG A 121 19.19 -5.79 -5.69
CA ARG A 121 19.68 -6.61 -4.56
C ARG A 121 18.54 -7.36 -3.84
N TYR A 122 17.35 -6.96 -4.15
CA TYR A 122 16.09 -7.57 -3.71
C TYR A 122 15.71 -8.61 -4.78
N PRO A 123 15.69 -9.96 -4.46
CA PRO A 123 15.43 -10.93 -5.52
C PRO A 123 13.94 -10.81 -5.98
N VAL A 124 13.03 -10.21 -5.18
CA VAL A 124 11.56 -10.13 -5.36
C VAL A 124 11.16 -8.84 -4.64
N VAL A 125 9.97 -8.24 -4.92
CA VAL A 125 9.45 -6.95 -4.50
C VAL A 125 7.95 -6.90 -4.26
N PRO A 126 7.45 -6.16 -3.22
CA PRO A 126 6.02 -5.99 -2.89
C PRO A 126 5.38 -5.12 -3.95
N VAL A 127 4.13 -5.34 -4.35
CA VAL A 127 3.51 -4.68 -5.52
C VAL A 127 1.95 -4.33 -5.29
N HIS A 128 1.31 -4.97 -4.32
CA HIS A 128 -0.09 -4.70 -3.94
C HIS A 128 -0.32 -4.97 -2.39
N LEU A 129 -1.08 -4.12 -1.77
CA LEU A 129 -1.60 -4.29 -0.36
C LEU A 129 -3.07 -4.63 -0.43
N ASP A 130 -3.48 -5.77 0.14
CA ASP A 130 -4.84 -6.16 0.16
C ASP A 130 -5.65 -5.81 1.42
N THR A 131 -5.17 -6.14 2.65
CA THR A 131 -5.99 -5.86 3.87
C THR A 131 -5.05 -5.93 5.09
N THR A 132 -5.50 -5.46 6.25
CA THR A 132 -4.89 -5.52 7.54
C THR A 132 -5.90 -6.00 8.66
N ILE A 133 -5.54 -7.04 9.54
CA ILE A 133 -6.45 -7.81 10.37
C ILE A 133 -5.85 -7.95 11.77
C1A LVZ B . -3.61 -1.00 -11.70
C2A LVZ B . -4.45 -0.24 -12.63
O1 LVZ B . -4.10 -1.08 -10.30
C3A LVZ B . -3.48 -2.49 -12.10
N9 LVZ B . -3.31 -1.58 -7.66
C1 LVZ B . -3.85 0.06 -9.49
S19 LVZ B . -1.73 -1.38 -7.45
O1S LVZ B . -1.61 -0.36 -6.47
C2 LVZ B . -4.05 -0.31 -8.04
S29 LVZ B . -6.68 4.06 -11.51
O2S LVZ B . -1.04 -1.02 -8.66
C3 LVZ B . -5.49 -0.61 -7.71
O3 LVZ B . -5.57 -0.90 -6.29
O3S LVZ B . -1.28 -2.59 -6.90
C4 LVZ B . -6.35 0.62 -7.88
O4 LVZ B . -7.77 0.35 -7.72
O4S LVZ B . -7.97 4.51 -11.05
C5 LVZ B . -6.16 0.94 -9.42
O5 LVZ B . -4.72 1.14 -9.81
O5S LVZ B . -5.61 4.77 -10.93
C6 LVZ B . -7.00 2.12 -9.87
O6 LVZ B . -6.61 2.52 -11.14
O6S LVZ B . -6.61 4.03 -12.93
H1A LVZ B . -2.58 -0.61 -11.69
H2A LVZ B . -5.48 -0.58 -12.70
H2AA LVZ B . -4.54 0.82 -12.38
H2B LVZ B . -4.04 -0.30 -13.63
H1 LVZ B . -2.81 0.36 -9.69
H2 LVZ B . -3.61 0.52 -7.48
H3A LVZ B . -3.31 -2.58 -13.17
H3AA LVZ B . -2.62 -2.85 -11.51
H3B LVZ B . -4.44 -2.97 -11.92
H3 LVZ B . -5.97 -1.42 -8.24
H4 LVZ B . -6.07 1.55 -7.39
H5 LVZ B . -6.47 0.02 -9.94
H61 LVZ B . -8.03 1.75 -9.90
H62 LVZ B . -7.02 2.96 -9.18
HN9 LVZ B . -3.23 -2.13 -8.50
HO3 LVZ B . -6.49 -0.81 -6.05
C1 IDS B . -8.57 1.20 -6.87
C2 IDS B . -10.00 1.04 -7.29
C3 IDS B . -11.00 0.98 -6.17
C4 IDS B . -10.52 0.12 -5.01
C5 IDS B . -9.03 -0.29 -5.03
C6 IDS B . -8.47 -0.96 -3.77
O2 IDS B . -10.26 2.23 -8.14
O3 IDS B . -12.28 0.51 -6.66
O4 IDS B . -10.94 0.66 -3.75
O5 IDS B . -8.36 0.93 -5.43
O6A IDS B . -8.85 -2.15 -3.55
O6B IDS B . -7.58 -0.33 -3.10
S IDS B . -11.04 2.12 -9.47
O1S IDS B . -12.35 1.78 -9.08
O2S IDS B . -10.99 3.35 -10.28
O3S IDS B . -10.41 1.06 -10.20
H1 IDS B . -8.27 2.24 -7.02
H2 IDS B . -10.05 0.12 -7.89
H3 IDS B . -11.20 2.00 -5.85
H4 IDS B . -11.11 -0.77 -5.18
H5 IDS B . -8.85 -1.05 -5.78
HO3 IDS B . -12.51 0.99 -7.46
C1 SGN B . -12.41 0.52 -3.43
C2 SGN B . -12.79 1.49 -2.34
C3 SGN B . -11.98 1.13 -1.06
C4 SGN B . -12.27 -0.25 -0.63
C5 SGN B . -12.11 -1.27 -1.74
C6 SGN B . -12.78 -2.60 -1.39
N2 SGN B . -12.61 2.92 -2.67
O3 SGN B . -12.44 2.03 0.00
O4 SGN B . -11.21 -0.58 0.33
O5 SGN B . -12.71 -0.76 -3.02
O6 SGN B . -12.35 -3.64 -2.33
S1 SGN B . -13.61 3.52 -3.79
O1S SGN B . -13.18 3.33 -5.12
O2S SGN B . -14.95 3.00 -3.62
O3S SGN B . -13.55 4.94 -3.48
S2 SGN B . -11.23 -4.74 -2.05
O4S SGN B . -10.63 -5.12 -3.34
O5S SGN B . -11.87 -5.90 -1.37
O6S SGN B . -10.29 -4.10 -1.16
H1 SGN B . -13.00 0.82 -4.30
H2 SGN B . -13.85 1.29 -2.19
H3 SGN B . -10.92 1.36 -1.24
H4 SGN B . -13.28 -0.30 -0.23
H5 SGN B . -11.04 -1.39 -1.96
H61 SGN B . -12.47 -2.78 -0.37
H62 SGN B . -13.85 -2.41 -1.37
HN21 SGN B . -11.67 3.18 -2.92
HO3 SGN B . -12.30 2.93 -0.32
HO4 SGN B . -11.19 0.16 0.94
N ARG A 1 5.32 -0.16 -16.97
CA ARG A 1 5.79 0.84 -15.95
C ARG A 1 4.69 1.86 -15.72
N PRO A 2 4.46 2.25 -14.48
CA PRO A 2 3.61 3.38 -14.16
C PRO A 2 4.01 4.73 -14.81
N PRO A 3 3.05 5.74 -14.82
CA PRO A 3 3.27 7.16 -15.36
C PRO A 3 4.53 7.87 -14.83
N GLN A 4 5.00 7.64 -13.59
CA GLN A 4 6.15 8.34 -13.01
C GLN A 4 6.93 7.39 -12.13
N PHE A 5 6.54 6.15 -11.89
CA PHE A 5 7.22 5.32 -10.85
C PHE A 5 7.54 3.94 -11.37
N THR A 6 8.34 3.10 -10.65
CA THR A 6 8.22 1.60 -10.83
C THR A 6 7.06 1.15 -10.02
N ARG A 7 6.79 -0.14 -10.11
CA ARG A 7 5.74 -0.82 -9.37
C ARG A 7 6.02 -0.86 -7.85
N ALA A 8 7.32 -1.02 -7.46
CA ALA A 8 7.79 -1.07 -6.07
C ALA A 8 7.84 0.35 -5.41
N GLN A 9 8.16 1.38 -6.21
CA GLN A 9 8.06 2.83 -5.88
C GLN A 9 6.59 3.21 -5.65
N TRP A 10 5.68 2.77 -6.53
CA TRP A 10 4.22 3.11 -6.36
C TRP A 10 3.64 2.36 -5.14
N PHE A 11 4.11 1.15 -4.86
CA PHE A 11 3.62 0.43 -3.64
C PHE A 11 4.07 1.05 -2.34
N ALA A 12 5.28 1.65 -2.29
CA ALA A 12 5.75 2.60 -1.22
C ALA A 12 4.73 3.76 -1.01
N ILE A 13 4.76 4.64 -2.00
CA ILE A 13 4.10 5.94 -1.98
C ILE A 13 2.66 5.79 -1.45
N GLN A 14 1.96 4.67 -1.92
CA GLN A 14 0.54 4.43 -1.60
C GLN A 14 0.31 3.80 -0.19
N HIS A 15 1.33 3.19 0.47
CA HIS A 15 1.14 2.18 1.52
C HIS A 15 2.27 1.94 2.57
N ILE A 16 3.51 2.47 2.41
CA ILE A 16 4.57 2.21 3.39
C ILE A 16 5.17 3.58 3.68
N SER A 17 5.20 4.12 4.93
CA SER A 17 5.90 5.26 5.39
C SER A 17 6.08 5.15 6.93
N LEU A 18 7.33 5.35 7.36
CA LEU A 18 7.71 5.11 8.83
C LEU A 18 7.17 6.21 9.74
N ASN A 19 7.09 7.46 9.29
CA ASN A 19 6.34 8.54 10.01
C ASN A 19 5.44 9.40 9.08
N PRO A 20 4.29 8.91 8.65
CA PRO A 20 3.56 9.68 7.57
C PRO A 20 2.88 10.99 8.08
N PRO A 21 2.54 11.81 7.08
CA PRO A 21 1.68 12.95 7.41
C PRO A 21 0.30 12.46 7.73
N ARG A 22 -0.63 13.37 8.12
CA ARG A 22 -2.06 13.15 8.35
C ARG A 22 -2.81 12.78 7.05
N CYS A 23 -3.98 12.18 7.27
CA CYS A 23 -4.82 11.76 6.15
C CYS A 23 -5.25 12.89 5.17
N THR A 24 -5.54 14.06 5.71
CA THR A 24 -5.56 15.30 4.95
C THR A 24 -4.56 15.53 3.83
N ILE A 25 -3.35 14.97 3.95
CA ILE A 25 -2.24 15.04 2.98
C ILE A 25 -1.85 13.65 2.41
N ALA A 26 -1.87 12.53 3.11
CA ALA A 26 -1.59 11.21 2.47
C ALA A 26 -2.69 10.74 1.47
N MET A 27 -3.93 11.28 1.58
CA MET A 27 -4.93 10.93 0.63
C MET A 27 -4.66 11.49 -0.77
N ARG A 28 -3.97 12.63 -0.85
CA ARG A 28 -3.58 13.39 -2.09
C ARG A 28 -2.73 12.54 -3.04
N ALA A 29 -1.81 11.65 -2.55
CA ALA A 29 -0.99 10.72 -3.37
C ALA A 29 -1.87 9.90 -4.35
N ILE A 30 -3.16 9.68 -4.02
CA ILE A 30 -4.15 9.12 -4.91
C ILE A 30 -5.13 10.19 -5.29
N ASN A 31 -5.92 10.83 -4.42
CA ASN A 31 -7.00 11.68 -4.76
C ASN A 31 -6.65 13.02 -5.51
N ASN A 32 -5.37 13.37 -5.66
CA ASN A 32 -4.92 14.57 -6.43
C ASN A 32 -4.07 14.11 -7.62
N TYR A 33 -4.17 12.80 -7.96
CA TYR A 33 -3.35 12.08 -8.88
C TYR A 33 -4.17 11.12 -9.78
N ARG A 34 -5.25 10.48 -9.23
CA ARG A 34 -6.24 9.75 -9.92
C ARG A 34 -7.49 10.60 -10.23
N TRP A 35 -8.31 10.12 -11.14
CA TRP A 35 -9.25 10.95 -11.85
C TRP A 35 -10.41 11.53 -10.97
N ARG A 36 -10.66 10.88 -9.79
CA ARG A 36 -11.69 11.18 -8.79
C ARG A 36 -11.25 10.90 -7.32
N CYS A 37 -11.94 11.42 -6.28
CA CYS A 37 -11.62 10.92 -4.91
C CYS A 37 -11.91 9.38 -4.64
N LYS A 38 -10.91 8.65 -4.28
CA LYS A 38 -11.01 7.27 -3.55
C LYS A 38 -11.50 7.50 -2.08
N ASN A 39 -12.37 6.65 -1.62
CA ASN A 39 -12.93 6.77 -0.27
C ASN A 39 -11.94 6.43 0.85
N GLN A 40 -11.14 5.39 0.74
CA GLN A 40 -10.38 4.92 1.89
C GLN A 40 -9.01 4.27 1.54
N ASN A 41 -8.06 4.20 2.51
CA ASN A 41 -6.72 3.65 2.22
C ASN A 41 -5.91 3.44 3.52
N THR A 42 -5.08 2.39 3.60
CA THR A 42 -4.27 2.03 4.73
C THR A 42 -2.78 2.22 4.40
N PHE A 43 -1.98 2.62 5.37
CA PHE A 43 -0.48 2.82 5.29
C PHE A 43 0.15 2.17 6.48
N LEU A 44 1.38 1.55 6.29
CA LEU A 44 2.12 0.86 7.35
C LEU A 44 3.32 1.67 7.75
N ARG A 45 3.61 1.73 9.08
CA ARG A 45 4.82 2.32 9.65
C ARG A 45 5.93 1.24 9.75
N THR A 46 6.62 1.13 8.63
CA THR A 46 7.56 0.06 8.42
C THR A 46 8.53 0.44 7.32
N THR A 47 9.31 -0.52 6.80
CA THR A 47 10.51 -0.29 5.95
C THR A 47 10.47 -1.28 4.77
N PHE A 48 11.16 -0.97 3.70
CA PHE A 48 10.87 -1.75 2.49
C PHE A 48 11.39 -3.24 2.58
N ALA A 49 12.69 -3.42 2.85
CA ALA A 49 13.36 -4.74 2.96
C ALA A 49 12.74 -5.61 4.09
N ASN A 50 12.05 -4.97 5.05
CA ASN A 50 11.08 -5.69 5.95
C ASN A 50 9.81 -6.28 5.20
N VAL A 51 9.28 -5.63 4.18
CA VAL A 51 8.08 -6.17 3.42
C VAL A 51 8.62 -7.14 2.35
N VAL A 52 9.85 -6.99 1.84
CA VAL A 52 10.56 -8.05 1.01
C VAL A 52 10.70 -9.31 1.79
N ASN A 53 11.02 -9.33 3.12
CA ASN A 53 11.18 -10.63 3.87
C ASN A 53 9.75 -11.37 4.02
N VAL A 54 8.61 -10.64 3.66
CA VAL A 54 7.25 -11.16 3.59
C VAL A 54 6.84 -11.75 2.20
N CYS A 55 7.39 -11.21 1.08
CA CYS A 55 7.49 -11.96 -0.20
C CYS A 55 8.38 -13.24 -0.06
N GLY A 56 9.29 -13.20 0.93
CA GLY A 56 10.18 -14.31 1.26
C GLY A 56 9.67 -15.22 2.36
N ASN A 57 8.68 -14.82 3.16
CA ASN A 57 7.87 -15.71 3.93
C ASN A 57 7.18 -16.61 2.81
N GLN A 58 6.66 -17.75 3.28
CA GLN A 58 6.01 -18.78 2.45
C GLN A 58 4.83 -18.27 1.61
N SER A 59 4.59 -18.82 0.42
CA SER A 59 3.40 -18.51 -0.39
C SER A 59 2.07 -18.90 0.17
N ILE A 60 1.07 -18.16 -0.23
CA ILE A 60 -0.35 -18.45 -0.01
C ILE A 60 -1.13 -17.83 -1.16
N ARG A 61 -2.47 -17.93 -1.29
CA ARG A 61 -3.29 -17.23 -2.29
C ARG A 61 -4.55 -16.62 -1.65
N CYS A 62 -4.95 -15.44 -2.15
CA CYS A 62 -5.88 -14.54 -1.44
C CYS A 62 -7.32 -14.31 -2.12
N PRO A 63 -8.31 -13.69 -1.54
CA PRO A 63 -9.73 -13.58 -2.10
C PRO A 63 -9.96 -12.44 -3.12
N HIS A 64 -8.97 -11.66 -3.41
CA HIS A 64 -9.07 -10.52 -4.29
C HIS A 64 -7.91 -10.53 -5.29
N ASN A 65 -7.29 -11.72 -5.56
CA ASN A 65 -5.89 -11.90 -6.12
C ASN A 65 -5.78 -12.83 -7.33
N ARG A 66 -6.94 -13.26 -7.85
CA ARG A 66 -7.12 -14.19 -8.95
C ARG A 66 -6.21 -13.98 -10.14
N THR A 67 -5.90 -12.72 -10.48
CA THR A 67 -5.04 -12.23 -11.59
C THR A 67 -3.66 -12.92 -11.59
N LEU A 68 -3.10 -13.14 -10.42
CA LEU A 68 -1.84 -13.85 -10.21
C LEU A 68 -1.91 -14.99 -9.18
N ASN A 69 -3.01 -15.11 -8.43
CA ASN A 69 -3.26 -16.30 -7.67
C ASN A 69 -2.14 -16.67 -6.64
N ASN A 70 -1.34 -15.72 -6.15
CA ASN A 70 -0.22 -15.87 -5.28
C ASN A 70 -0.10 -14.56 -4.47
N CYS A 71 0.15 -14.73 -3.15
CA CYS A 71 0.15 -13.63 -2.16
C CYS A 71 1.03 -14.00 -0.94
N HIS A 72 1.21 -13.16 0.06
CA HIS A 72 1.91 -13.43 1.26
C HIS A 72 1.34 -12.53 2.40
N ARG A 73 1.51 -13.03 3.60
CA ARG A 73 1.16 -12.27 4.83
C ARG A 73 2.35 -12.17 5.77
N SER A 74 2.34 -11.12 6.56
CA SER A 74 3.48 -10.77 7.50
C SER A 74 3.68 -11.78 8.62
N ARG A 75 4.87 -11.67 9.27
CA ARG A 75 5.33 -12.64 10.27
C ARG A 75 5.16 -12.18 11.71
N PHE A 76 4.98 -10.86 11.84
CA PHE A 76 4.63 -10.14 13.05
C PHE A 76 3.55 -9.00 12.76
N ARG A 77 2.99 -8.42 13.82
CA ARG A 77 2.25 -7.15 13.79
C ARG A 77 3.18 -5.93 13.47
N VAL A 78 2.69 -4.92 12.83
CA VAL A 78 3.38 -3.61 12.55
C VAL A 78 2.50 -2.39 12.91
N PRO A 79 2.98 -1.20 13.24
CA PRO A 79 2.04 -0.08 13.32
C PRO A 79 1.54 0.35 11.99
N LEU A 80 0.45 1.06 12.07
CA LEU A 80 -0.21 1.57 10.85
C LEU A 80 -1.10 2.84 11.05
N LEU A 81 -1.61 3.31 9.91
CA LEU A 81 -2.64 4.30 9.72
C LEU A 81 -3.71 3.80 8.68
N HIS A 82 -4.99 4.06 8.87
CA HIS A 82 -6.02 3.99 7.84
C HIS A 82 -6.62 5.39 7.75
N CYS A 83 -7.20 5.65 6.57
CA CYS A 83 -7.66 7.01 6.22
C CYS A 83 -9.06 6.89 5.75
N ASP A 84 -9.92 7.87 6.05
CA ASP A 84 -11.32 7.86 5.87
C ASP A 84 -11.82 9.10 5.11
N LEU A 85 -12.45 8.98 3.93
CA LEU A 85 -13.13 10.14 3.31
C LEU A 85 -14.37 10.55 4.11
N ILE A 86 -14.30 11.65 4.80
CA ILE A 86 -15.38 12.10 5.68
C ILE A 86 -16.53 12.81 4.86
N ASN A 87 -16.46 12.73 3.53
CA ASN A 87 -17.58 13.31 2.64
C ASN A 87 -18.06 12.26 1.55
N PRO A 88 -18.70 11.15 2.01
CA PRO A 88 -18.74 9.83 1.27
C PRO A 88 -19.36 9.79 -0.10
N GLY A 89 -20.17 10.82 -0.53
CA GLY A 89 -20.83 11.11 -1.86
C GLY A 89 -20.19 12.15 -2.69
N ALA A 90 -19.31 13.02 -2.17
CA ALA A 90 -18.28 13.86 -2.97
C ALA A 90 -17.32 12.98 -3.79
N GLN A 91 -16.85 13.51 -4.93
CA GLN A 91 -16.07 12.87 -5.93
C GLN A 91 -15.02 13.87 -6.56
N ASN A 92 -14.92 15.09 -6.09
CA ASN A 92 -13.94 16.16 -6.45
C ASN A 92 -13.26 16.70 -5.24
N ILE A 93 -11.95 16.75 -5.29
CA ILE A 93 -11.07 17.40 -4.28
C ILE A 93 -11.37 18.90 -4.01
N SER A 94 -12.14 19.66 -4.82
CA SER A 94 -12.75 20.92 -4.36
C SER A 94 -13.66 20.81 -3.06
N ASN A 95 -14.08 19.57 -2.66
CA ASN A 95 -14.89 19.43 -1.44
C ASN A 95 -14.61 18.05 -0.71
N CYS A 96 -13.83 17.14 -1.22
CA CYS A 96 -13.45 15.95 -0.42
C CYS A 96 -12.55 16.30 0.84
N ARG A 97 -12.85 15.77 2.00
CA ARG A 97 -12.03 15.90 3.22
C ARG A 97 -11.80 14.49 3.86
N TYR A 98 -10.81 14.37 4.77
CA TYR A 98 -10.25 13.11 5.31
C TYR A 98 -10.10 13.12 6.85
N ALA A 99 -9.95 11.97 7.46
CA ALA A 99 -9.36 11.89 8.83
C ALA A 99 -8.48 10.65 8.98
N ASP A 100 -7.96 10.42 10.23
CA ASP A 100 -6.86 9.45 10.60
C ASP A 100 -7.43 8.41 11.55
N ARG A 101 -7.01 7.23 11.33
CA ARG A 101 -7.11 6.11 12.30
C ARG A 101 -5.78 5.30 12.51
N PRO A 102 -4.82 5.74 13.41
CA PRO A 102 -3.68 4.98 13.88
C PRO A 102 -4.04 3.65 14.53
N GLY A 103 -3.19 2.62 14.28
CA GLY A 103 -3.39 1.24 14.80
C GLY A 103 -2.14 0.36 14.59
N ARG A 104 -2.34 -0.97 14.73
CA ARG A 104 -1.15 -1.87 14.83
C ARG A 104 -1.59 -3.32 14.47
N ARG A 105 -1.23 -3.80 13.27
CA ARG A 105 -1.76 -5.07 12.74
C ARG A 105 -0.78 -5.94 11.98
N PHE A 106 -1.26 -7.15 11.74
CA PHE A 106 -0.71 -7.99 10.56
C PHE A 106 -1.21 -7.42 9.19
N TYR A 107 -0.59 -7.86 8.10
CA TYR A 107 -1.05 -7.48 6.75
C TYR A 107 -0.82 -8.55 5.68
N VAL A 108 -1.34 -8.35 4.50
CA VAL A 108 -1.47 -9.24 3.26
C VAL A 108 -1.16 -8.42 2.00
N VAL A 109 -0.08 -8.88 1.27
CA VAL A 109 0.43 -8.32 0.07
C VAL A 109 0.59 -9.43 -1.05
N ALA A 110 0.77 -9.03 -2.30
CA ALA A 110 1.24 -9.79 -3.45
C ALA A 110 2.53 -9.21 -4.04
N CYS A 111 3.28 -10.14 -4.65
CA CYS A 111 4.69 -9.93 -5.00
C CYS A 111 5.05 -10.57 -6.35
N ASP A 112 6.13 -10.05 -6.91
CA ASP A 112 6.49 -10.38 -8.27
C ASP A 112 8.05 -10.31 -8.52
N ASN A 113 8.47 -10.61 -9.76
CA ASN A 113 9.87 -10.50 -10.21
C ASN A 113 10.31 -9.01 -10.22
N ARG A 114 11.58 -8.67 -9.95
CA ARG A 114 12.19 -7.30 -9.94
C ARG A 114 11.88 -6.61 -11.24
N ASP A 115 11.93 -5.26 -11.14
CA ASP A 115 12.06 -4.34 -12.29
C ASP A 115 13.45 -4.63 -13.02
N PRO A 116 13.49 -4.50 -14.39
CA PRO A 116 14.79 -4.57 -15.20
C PRO A 116 15.94 -3.59 -14.77
N ARG A 117 15.86 -2.45 -14.04
CA ARG A 117 17.11 -1.73 -13.60
C ARG A 117 17.09 -1.18 -12.16
N ASP A 118 15.86 -0.91 -11.55
CA ASP A 118 15.72 -0.39 -10.17
C ASP A 118 15.99 -1.52 -9.13
N SER A 119 16.57 -1.12 -7.98
CA SER A 119 16.76 -1.98 -6.75
C SER A 119 17.27 -3.44 -6.98
N PRO A 120 18.51 -3.63 -7.46
CA PRO A 120 18.95 -5.01 -7.89
C PRO A 120 19.25 -6.13 -6.84
N ARG A 121 19.34 -5.75 -5.56
CA ARG A 121 19.61 -6.73 -4.51
C ARG A 121 18.38 -7.68 -4.27
N TYR A 122 17.15 -7.31 -4.64
CA TYR A 122 15.97 -8.08 -4.28
C TYR A 122 15.34 -8.78 -5.52
N PRO A 123 15.62 -10.04 -5.85
CA PRO A 123 15.07 -10.72 -6.99
C PRO A 123 13.53 -10.85 -7.06
N VAL A 124 12.85 -10.77 -5.88
CA VAL A 124 11.41 -10.64 -5.73
C VAL A 124 11.03 -9.47 -4.79
N VAL A 125 9.88 -8.74 -5.07
CA VAL A 125 9.45 -7.44 -4.43
C VAL A 125 7.93 -7.34 -4.37
N PRO A 126 7.47 -6.55 -3.40
CA PRO A 126 6.00 -6.31 -3.23
C PRO A 126 5.52 -5.44 -4.27
N VAL A 127 4.24 -5.69 -4.73
CA VAL A 127 3.60 -4.89 -5.83
C VAL A 127 2.13 -4.42 -5.45
N HIS A 128 1.50 -4.99 -4.43
CA HIS A 128 0.11 -4.82 -3.90
C HIS A 128 -0.19 -5.10 -2.45
N LEU A 129 -1.24 -4.51 -1.87
CA LEU A 129 -1.67 -4.63 -0.43
C LEU A 129 -3.17 -4.76 -0.47
N ASP A 130 -3.72 -5.59 0.39
CA ASP A 130 -5.12 -5.99 0.34
C ASP A 130 -6.04 -5.72 1.60
N THR A 131 -5.39 -5.86 2.74
CA THR A 131 -6.01 -5.87 4.05
C THR A 131 -4.98 -5.55 5.18
N THR A 132 -5.33 -5.32 6.46
CA THR A 132 -4.62 -5.45 7.76
C THR A 132 -5.46 -5.92 8.97
N ILE A 133 -4.98 -6.77 9.91
CA ILE A 133 -5.76 -7.72 10.77
C ILE A 133 -5.15 -7.74 12.15
C1A LVZ B . -3.98 -1.33 -11.34
C2A LVZ B . -5.15 -1.60 -12.26
O1 LVZ B . -4.51 -1.17 -9.99
C3A LVZ B . -2.92 -2.44 -11.45
N9 LVZ B . -2.97 -1.23 -7.45
C1 LVZ B . -3.87 0.12 -9.43
S19 LVZ B . -1.44 -0.92 -7.44
O1S LVZ B . -1.18 -0.05 -6.33
C2 LVZ B . -3.75 -0.02 -7.92
S29 LVZ B . -6.13 4.27 -11.60
O2S LVZ B . -0.99 -0.36 -8.64
C3 LVZ B . -5.14 -0.11 -7.46
O3 LVZ B . -5.19 -0.04 -6.01
O3S LVZ B . -0.85 -2.23 -7.18
C4 LVZ B . -6.10 0.96 -7.90
O4 LVZ B . -7.44 0.41 -7.59
O4S LVZ B . -7.23 5.09 -11.05
C5 LVZ B . -6.05 1.23 -9.46
O5 LVZ B . -4.59 1.33 -9.78
O5S LVZ B . -4.86 4.50 -10.93
C6 LVZ B . -6.84 2.47 -9.80
O6 LVZ B . -6.54 2.83 -11.20
O6S LVZ B . -5.89 4.42 -13.03
H1A LVZ B . -3.62 -0.39 -11.78
H2A LVZ B . -5.24 -2.65 -12.50
H2AA LVZ B . -6.14 -1.24 -11.95
H2B LVZ B . -4.97 -1.19 -13.25
H1 LVZ B . -2.87 0.29 -9.83
H2 LVZ B . -3.41 0.90 -7.44
H3A LVZ B . -3.37 -3.44 -11.42
H3AA LVZ B . -2.38 -2.40 -12.39
H3B LVZ B . -2.15 -2.43 -10.69
H3 LVZ B . -5.56 -1.09 -7.67
H4 LVZ B . -5.88 1.80 -7.24
H5 LVZ B . -6.37 0.39 -10.08
H61 LVZ B . -7.92 2.33 -9.71
H62 LVZ B . -6.56 3.31 -9.16
HN9 LVZ B . -3.11 -1.90 -8.19
HO3 LVZ B . -6.07 0.03 -5.64
C1 IDS B . -8.17 1.23 -6.61
C2 IDS B . -9.64 0.88 -6.82
C3 IDS B . -10.57 0.94 -5.56
C4 IDS B . -9.98 0.10 -4.39
C5 IDS B . -8.44 -0.16 -4.40
C6 IDS B . -7.85 -0.43 -3.01
O2 IDS B . -10.19 1.72 -7.87
O3 IDS B . -11.72 0.34 -5.96
O4 IDS B . -10.42 0.77 -3.18
O5 IDS B . -7.79 0.98 -5.20
O6A IDS B . -8.30 -1.21 -2.15
O6B IDS B . -6.81 0.25 -2.77
S IDS B . -10.64 1.17 -9.21
O1S IDS B . -11.62 0.14 -8.98
O2S IDS B . -11.21 2.31 -9.93
O3S IDS B . -9.53 0.64 -9.94
H1 IDS B . -8.02 2.29 -6.82
H2 IDS B . -9.67 -0.16 -7.15
H3 IDS B . -10.82 1.87 -5.06
H4 IDS B . -10.46 -0.87 -4.44
H5 IDS B . -8.24 -1.01 -5.04
HO3 IDS B . -12.31 0.99 -5.58
C1 SGN B . -11.84 0.62 -2.78
C2 SGN B . -12.31 1.78 -1.90
C3 SGN B . -11.78 1.63 -0.51
C4 SGN B . -12.03 0.21 0.10
C5 SGN B . -11.54 -0.90 -0.84
C6 SGN B . -11.97 -2.31 -0.26
N2 SGN B . -12.19 3.12 -2.55
O3 SGN B . -12.57 2.55 0.25
O4 SGN B . -11.27 0.05 1.32
O5 SGN B . -12.04 -0.66 -2.18
O6 SGN B . -11.12 -3.26 -0.94
S1 SGN B . -13.42 3.46 -3.51
O1S SGN B . -13.28 2.88 -4.79
O2S SGN B . -14.63 2.92 -2.93
O3S SGN B . -13.51 4.87 -3.64
S2 SGN B . -11.58 -4.75 -1.04
O4S SGN B . -10.66 -5.32 -1.95
O5S SGN B . -12.95 -4.74 -1.50
O6S SGN B . -11.41 -5.21 0.36
H1 SGN B . -12.48 0.76 -3.66
H2 SGN B . -13.37 1.58 -1.78
H3 SGN B . -10.71 1.86 -0.48
H4 SGN B . -13.07 0.17 0.41
H5 SGN B . -10.45 -0.82 -0.75
H61 SGN B . -11.74 -2.23 0.80
H62 SGN B . -13.05 -2.43 -0.38
HN21 SGN B . -11.38 3.10 -3.15
HO3 SGN B . -13.47 2.64 -0.06
HO4 SGN B . -11.22 0.81 1.89
N ARG A 1 4.53 -0.09 -16.66
CA ARG A 1 5.33 0.88 -15.82
C ARG A 1 4.62 2.15 -15.63
N PRO A 2 4.37 2.57 -14.35
CA PRO A 2 3.76 3.91 -14.10
C PRO A 2 4.65 5.00 -14.70
N PRO A 3 4.12 6.19 -15.03
CA PRO A 3 4.74 7.36 -15.69
C PRO A 3 6.03 8.01 -15.10
N GLN A 4 6.24 7.94 -13.77
CA GLN A 4 7.48 8.48 -13.17
C GLN A 4 8.00 7.67 -11.96
N PHE A 5 7.37 6.59 -11.61
CA PHE A 5 7.83 5.62 -10.61
C PHE A 5 8.17 4.22 -11.25
N THR A 6 8.76 3.33 -10.43
CA THR A 6 8.75 1.85 -10.66
C THR A 6 7.53 1.26 -9.94
N ARG A 7 7.02 0.04 -10.31
CA ARG A 7 5.82 -0.53 -9.71
C ARG A 7 5.97 -0.76 -8.18
N ALA A 8 7.09 -1.30 -7.70
CA ALA A 8 7.51 -1.38 -6.29
C ALA A 8 7.48 -0.07 -5.49
N GLN A 9 7.86 1.05 -6.17
CA GLN A 9 7.81 2.45 -5.65
C GLN A 9 6.39 2.91 -5.47
N TRP A 10 5.60 2.71 -6.57
CA TRP A 10 4.27 3.22 -6.60
C TRP A 10 3.36 2.46 -5.61
N PHE A 11 3.61 1.15 -5.43
CA PHE A 11 3.05 0.34 -4.34
C PHE A 11 3.26 1.01 -2.95
N ALA A 12 4.47 1.32 -2.61
CA ALA A 12 4.97 1.90 -1.36
C ALA A 12 4.46 3.34 -1.18
N ILE A 13 4.53 4.13 -2.28
CA ILE A 13 4.00 5.49 -2.20
C ILE A 13 2.47 5.52 -1.90
N GLN A 14 1.81 4.45 -2.32
CA GLN A 14 0.38 4.19 -1.97
C GLN A 14 0.13 3.55 -0.63
N HIS A 15 1.00 2.74 -0.06
CA HIS A 15 0.67 1.87 1.06
C HIS A 15 1.76 1.62 2.16
N ILE A 16 2.99 2.09 1.98
CA ILE A 16 4.17 1.81 2.80
C ILE A 16 4.93 3.10 3.06
N SER A 17 4.91 3.68 4.30
CA SER A 17 5.47 4.95 4.71
C SER A 17 5.81 4.88 6.23
N LEU A 18 7.06 4.88 6.71
CA LEU A 18 7.48 4.74 8.13
C LEU A 18 6.92 5.83 9.08
N ASN A 19 6.80 7.07 8.69
CA ASN A 19 6.74 8.27 9.48
C ASN A 19 5.75 9.28 8.81
N PRO A 20 4.52 8.81 8.42
CA PRO A 20 3.64 9.57 7.58
C PRO A 20 2.98 10.77 8.24
N PRO A 21 2.51 11.77 7.42
CA PRO A 21 1.67 12.90 7.86
C PRO A 21 0.25 12.37 8.27
N ARG A 22 -0.57 13.31 8.75
CA ARG A 22 -2.09 13.02 8.80
C ARG A 22 -2.67 12.67 7.44
N CYS A 23 -3.80 11.93 7.37
CA CYS A 23 -4.61 11.67 6.23
C CYS A 23 -5.09 12.86 5.47
N THR A 24 -5.36 14.01 6.03
CA THR A 24 -5.43 15.28 5.31
C THR A 24 -4.34 15.45 4.16
N ILE A 25 -3.21 14.76 4.20
CA ILE A 25 -2.03 15.02 3.38
C ILE A 25 -1.63 13.68 2.75
N ALA A 26 -1.77 12.55 3.42
CA ALA A 26 -1.46 11.25 2.91
C ALA A 26 -2.42 10.86 1.72
N MET A 27 -3.69 11.35 1.83
CA MET A 27 -4.75 11.05 0.87
C MET A 27 -4.49 11.86 -0.43
N ARG A 28 -3.65 12.97 -0.46
CA ARG A 28 -3.21 13.66 -1.68
C ARG A 28 -2.34 12.72 -2.56
N ALA A 29 -1.56 11.77 -2.00
CA ALA A 29 -0.89 10.71 -2.70
C ALA A 29 -1.61 9.84 -3.73
N ILE A 30 -2.93 9.78 -3.56
CA ILE A 30 -3.78 9.11 -4.49
C ILE A 30 -4.89 9.99 -5.09
N ASN A 31 -5.54 10.93 -4.37
CA ASN A 31 -6.68 11.78 -4.85
C ASN A 31 -6.39 12.96 -5.76
N ASN A 32 -5.11 13.18 -6.08
CA ASN A 32 -4.68 14.05 -7.13
C ASN A 32 -3.78 13.40 -8.29
N TYR A 33 -3.49 12.13 -8.04
CA TYR A 33 -2.99 11.27 -9.08
C TYR A 33 -4.10 10.79 -10.05
N ARG A 34 -5.44 10.68 -9.63
CA ARG A 34 -6.52 10.00 -10.37
C ARG A 34 -7.78 10.83 -10.37
N TRP A 35 -8.76 10.53 -11.22
CA TRP A 35 -9.97 11.32 -11.48
C TRP A 35 -10.87 11.72 -10.37
N ARG A 36 -11.04 11.03 -9.25
CA ARG A 36 -11.94 11.25 -8.04
C ARG A 36 -11.24 10.98 -6.71
N CYS A 37 -11.80 11.61 -5.63
CA CYS A 37 -11.64 11.16 -4.26
C CYS A 37 -11.75 9.64 -4.02
N LYS A 38 -10.69 8.92 -3.63
CA LYS A 38 -10.67 7.70 -2.90
C LYS A 38 -11.46 7.82 -1.62
N ASN A 39 -12.39 6.94 -1.29
CA ASN A 39 -13.15 6.93 -0.10
C ASN A 39 -12.39 6.35 1.10
N GLN A 40 -11.49 5.40 0.86
CA GLN A 40 -10.70 4.76 1.92
C GLN A 40 -9.31 4.50 1.28
N ASN A 41 -8.29 4.38 2.15
CA ASN A 41 -6.93 3.93 1.79
C ASN A 41 -6.23 3.51 3.12
N THR A 42 -5.32 2.48 3.08
CA THR A 42 -4.54 1.96 4.23
C THR A 42 -3.05 2.14 3.91
N PHE A 43 -2.27 2.69 4.80
CA PHE A 43 -0.85 2.88 4.79
C PHE A 43 -0.10 2.17 5.97
N LEU A 44 1.02 1.44 5.80
CA LEU A 44 1.77 0.72 6.86
C LEU A 44 3.19 1.38 7.17
N ARG A 45 3.55 1.38 8.47
CA ARG A 45 4.80 2.06 9.00
C ARG A 45 6.00 1.07 9.18
N THR A 46 6.51 0.59 8.04
CA THR A 46 7.75 -0.23 7.89
C THR A 46 8.57 0.13 6.60
N THR A 47 9.86 -0.23 6.66
CA THR A 47 10.72 -0.08 5.45
C THR A 47 10.50 -1.06 4.26
N PHE A 48 10.74 -0.63 3.04
CA PHE A 48 10.37 -1.43 1.83
C PHE A 48 11.00 -2.87 1.89
N ALA A 49 12.24 -2.98 2.33
CA ALA A 49 13.04 -4.18 2.42
C ALA A 49 12.71 -5.14 3.56
N ASN A 50 12.03 -4.66 4.61
CA ASN A 50 11.39 -5.44 5.63
C ASN A 50 10.12 -6.09 5.04
N VAL A 51 9.33 -5.39 4.16
CA VAL A 51 8.36 -6.10 3.37
C VAL A 51 8.94 -7.11 2.39
N VAL A 52 10.13 -6.88 1.87
CA VAL A 52 10.69 -7.93 1.01
C VAL A 52 10.86 -9.27 1.74
N ASN A 53 11.27 -9.21 2.96
CA ASN A 53 11.27 -10.43 3.83
C ASN A 53 9.88 -11.05 4.09
N VAL A 54 8.79 -10.24 4.02
CA VAL A 54 7.41 -10.74 3.96
C VAL A 54 7.15 -11.51 2.64
N CYS A 55 7.64 -11.00 1.47
CA CYS A 55 7.47 -11.82 0.26
C CYS A 55 8.24 -13.13 0.45
N GLY A 56 9.40 -13.08 1.15
CA GLY A 56 10.20 -14.25 1.50
C GLY A 56 9.36 -15.27 2.40
N ASN A 57 8.27 -14.87 3.08
CA ASN A 57 7.47 -15.76 3.98
C ASN A 57 6.63 -16.72 3.20
N GLN A 58 6.03 -17.74 3.87
CA GLN A 58 5.25 -18.87 3.18
C GLN A 58 4.32 -18.47 2.15
N SER A 59 4.20 -19.22 1.02
CA SER A 59 3.23 -18.92 -0.02
C SER A 59 1.80 -19.47 0.26
N ILE A 60 0.75 -18.59 0.11
CA ILE A 60 -0.71 -18.99 0.32
C ILE A 60 -1.53 -18.37 -0.78
N ARG A 61 -2.86 -18.34 -0.65
CA ARG A 61 -3.83 -17.61 -1.50
C ARG A 61 -4.81 -16.72 -0.73
N CYS A 62 -5.67 -15.99 -1.42
CA CYS A 62 -6.27 -14.75 -0.98
C CYS A 62 -7.54 -14.47 -1.73
N PRO A 63 -8.48 -13.69 -1.12
CA PRO A 63 -9.83 -13.58 -1.59
C PRO A 63 -10.00 -12.80 -2.92
N HIS A 64 -9.07 -11.91 -3.27
CA HIS A 64 -9.06 -10.95 -4.43
C HIS A 64 -7.73 -11.03 -5.21
N ASN A 65 -7.25 -12.23 -5.45
CA ASN A 65 -5.89 -12.54 -5.87
C ASN A 65 -5.79 -13.37 -7.13
N ARG A 66 -6.97 -13.66 -7.81
CA ARG A 66 -7.01 -14.66 -8.88
C ARG A 66 -6.14 -14.24 -10.03
N THR A 67 -5.65 -12.96 -10.21
CA THR A 67 -4.54 -12.63 -11.21
C THR A 67 -3.15 -13.39 -11.10
N LEU A 68 -2.98 -14.19 -10.05
CA LEU A 68 -1.84 -15.03 -9.76
C LEU A 68 -2.05 -16.11 -8.79
N ASN A 69 -3.12 -16.12 -7.98
CA ASN A 69 -3.39 -17.18 -6.98
C ASN A 69 -2.24 -17.39 -5.99
N ASN A 70 -1.51 -16.31 -5.66
CA ASN A 70 -0.46 -16.33 -4.69
C ASN A 70 -0.29 -14.92 -3.93
N CYS A 71 -0.22 -14.94 -2.60
CA CYS A 71 0.16 -13.85 -1.69
C CYS A 71 1.03 -14.46 -0.62
N HIS A 72 1.52 -13.63 0.34
CA HIS A 72 2.32 -13.82 1.60
C HIS A 72 1.76 -12.87 2.73
N ARG A 73 2.03 -13.14 4.01
CA ARG A 73 1.54 -12.32 5.13
C ARG A 73 2.62 -12.05 6.15
N SER A 74 2.64 -10.86 6.77
CA SER A 74 3.69 -10.30 7.59
C SER A 74 4.09 -11.19 8.83
N ARG A 75 5.41 -11.20 9.18
CA ARG A 75 6.01 -12.05 10.27
C ARG A 75 5.67 -11.60 11.66
N PHE A 76 5.19 -10.36 11.82
CA PHE A 76 4.85 -9.59 13.02
C PHE A 76 3.87 -8.43 12.71
N ARG A 77 3.26 -7.81 13.76
CA ARG A 77 2.38 -6.65 13.54
C ARG A 77 3.18 -5.41 13.35
N VAL A 78 2.61 -4.42 12.59
CA VAL A 78 3.23 -3.09 12.34
C VAL A 78 2.30 -2.08 12.86
N PRO A 79 2.79 -0.89 13.26
CA PRO A 79 1.96 0.27 13.30
C PRO A 79 1.51 0.63 11.91
N LEU A 80 0.39 1.27 11.75
CA LEU A 80 -0.21 1.80 10.51
C LEU A 80 -1.11 3.07 10.67
N LEU A 81 -1.61 3.52 9.54
CA LEU A 81 -2.51 4.63 9.39
C LEU A 81 -3.55 4.24 8.31
N HIS A 82 -4.77 3.86 8.71
CA HIS A 82 -5.93 4.03 7.86
C HIS A 82 -6.48 5.49 7.79
N CYS A 83 -6.84 5.84 6.54
CA CYS A 83 -7.31 7.14 6.15
C CYS A 83 -8.69 6.99 5.48
N ASP A 84 -9.57 7.90 5.83
CA ASP A 84 -11.03 7.94 5.63
C ASP A 84 -11.59 9.30 5.05
N LEU A 85 -12.39 9.21 3.94
CA LEU A 85 -13.10 10.39 3.43
C LEU A 85 -14.40 10.72 4.21
N ILE A 86 -14.45 11.90 4.79
CA ILE A 86 -15.45 12.23 5.81
C ILE A 86 -16.87 12.23 5.38
N ASN A 87 -17.18 12.08 4.09
CA ASN A 87 -18.52 12.09 3.48
C ASN A 87 -18.52 11.06 2.30
N PRO A 88 -19.18 9.90 2.51
CA PRO A 88 -19.52 9.02 1.39
C PRO A 88 -20.07 9.73 0.09
N GLY A 89 -20.83 10.81 0.27
CA GLY A 89 -21.40 11.59 -0.85
C GLY A 89 -20.44 12.56 -1.64
N ALA A 90 -19.22 12.79 -1.13
CA ALA A 90 -18.13 13.59 -1.82
C ALA A 90 -17.39 12.92 -2.96
N GLN A 91 -17.00 13.63 -3.98
CA GLN A 91 -16.23 12.90 -5.09
C GLN A 91 -15.15 13.82 -5.69
N ASN A 92 -15.40 15.13 -5.75
CA ASN A 92 -14.51 16.18 -6.22
C ASN A 92 -13.73 16.74 -5.02
N ILE A 93 -12.39 16.81 -5.23
CA ILE A 93 -11.41 17.48 -4.30
C ILE A 93 -11.70 18.94 -4.01
N SER A 94 -12.44 19.67 -4.89
CA SER A 94 -12.96 21.02 -4.44
C SER A 94 -13.84 20.98 -3.16
N ASN A 95 -14.20 19.75 -2.71
CA ASN A 95 -15.16 19.47 -1.68
C ASN A 95 -14.75 18.40 -0.59
N CYS A 96 -14.04 17.38 -0.95
CA CYS A 96 -13.44 16.28 -0.14
C CYS A 96 -12.56 16.67 1.06
N ARG A 97 -12.82 16.05 2.20
CA ARG A 97 -12.17 16.22 3.56
C ARG A 97 -11.83 14.93 4.30
N TYR A 98 -10.80 14.83 5.18
CA TYR A 98 -10.10 13.57 5.37
C TYR A 98 -9.76 13.43 6.86
N ALA A 99 -9.74 12.19 7.34
CA ALA A 99 -9.47 11.93 8.77
C ALA A 99 -8.70 10.60 9.02
N ASP A 100 -8.02 10.56 10.19
CA ASP A 100 -7.09 9.54 10.71
C ASP A 100 -7.68 8.40 11.55
N ARG A 101 -7.19 7.20 11.30
CA ARG A 101 -7.51 5.96 12.10
C ARG A 101 -6.29 5.06 12.26
N PRO A 102 -5.30 5.47 13.10
CA PRO A 102 -4.05 4.72 13.36
C PRO A 102 -4.41 3.40 14.05
N GLY A 103 -3.51 2.45 14.12
CA GLY A 103 -3.69 1.14 14.72
C GLY A 103 -2.43 0.29 14.63
N ARG A 104 -2.50 -1.00 14.90
CA ARG A 104 -1.43 -1.95 14.78
C ARG A 104 -1.94 -3.35 14.57
N ARG A 105 -1.45 -4.03 13.57
CA ARG A 105 -1.96 -5.22 12.91
C ARG A 105 -0.95 -5.93 12.00
N PHE A 106 -1.07 -7.21 11.73
CA PHE A 106 -0.36 -7.87 10.53
C PHE A 106 -0.94 -7.35 9.19
N TYR A 107 -0.36 -7.78 8.09
CA TYR A 107 -0.86 -7.44 6.76
C TYR A 107 -0.43 -8.46 5.69
N VAL A 108 -1.10 -8.47 4.50
CA VAL A 108 -1.17 -9.51 3.47
C VAL A 108 -0.92 -8.87 2.08
N VAL A 109 0.18 -9.27 1.37
CA VAL A 109 0.71 -8.72 0.10
C VAL A 109 1.06 -9.81 -0.98
N ALA A 110 0.97 -9.42 -2.24
CA ALA A 110 1.46 -10.13 -3.40
C ALA A 110 2.73 -9.50 -3.89
N CYS A 111 3.40 -10.23 -4.76
CA CYS A 111 4.86 -9.98 -4.98
C CYS A 111 5.30 -10.59 -6.35
N ASP A 112 6.31 -9.98 -7.03
CA ASP A 112 6.52 -10.14 -8.49
C ASP A 112 8.02 -9.85 -8.70
N ASN A 113 8.39 -10.17 -9.94
CA ASN A 113 9.81 -9.96 -10.36
C ASN A 113 10.38 -8.52 -10.21
N ARG A 114 11.63 -8.42 -9.75
CA ARG A 114 12.48 -7.19 -9.76
C ARG A 114 12.36 -6.41 -11.09
N ASP A 115 12.31 -5.13 -11.00
CA ASP A 115 12.53 -4.11 -12.06
C ASP A 115 13.86 -4.38 -12.85
N PRO A 116 13.94 -4.07 -14.13
CA PRO A 116 15.14 -4.29 -14.91
C PRO A 116 16.42 -3.56 -14.45
N ARG A 117 16.38 -2.49 -13.65
CA ARG A 117 17.55 -1.77 -13.15
C ARG A 117 17.39 -1.47 -11.66
N ASP A 118 16.23 -1.19 -11.11
CA ASP A 118 16.04 -0.69 -9.74
C ASP A 118 16.19 -1.73 -8.66
N SER A 119 16.82 -1.35 -7.50
CA SER A 119 17.06 -2.23 -6.42
C SER A 119 17.44 -3.72 -6.74
N PRO A 120 18.55 -4.02 -7.50
CA PRO A 120 19.07 -5.38 -7.82
C PRO A 120 19.25 -6.31 -6.62
N ARG A 121 19.54 -5.80 -5.43
CA ARG A 121 19.66 -6.51 -4.13
C ARG A 121 18.56 -7.52 -3.81
N TYR A 122 17.34 -7.31 -4.38
CA TYR A 122 16.03 -7.96 -4.17
C TYR A 122 15.38 -8.84 -5.31
N PRO A 123 15.64 -10.19 -5.41
CA PRO A 123 15.10 -11.00 -6.56
C PRO A 123 13.63 -10.79 -6.84
N VAL A 124 12.81 -10.55 -5.80
CA VAL A 124 11.43 -10.29 -5.94
C VAL A 124 11.00 -9.01 -5.21
N VAL A 125 10.00 -8.26 -5.64
CA VAL A 125 9.45 -7.07 -4.93
C VAL A 125 7.93 -7.09 -4.69
N PRO A 126 7.41 -6.59 -3.54
CA PRO A 126 5.98 -6.47 -3.26
C PRO A 126 5.35 -5.31 -4.10
N VAL A 127 4.24 -5.52 -4.81
CA VAL A 127 3.52 -4.73 -5.79
C VAL A 127 1.98 -4.55 -5.52
N HIS A 128 1.31 -5.37 -4.64
CA HIS A 128 -0.07 -5.14 -4.26
C HIS A 128 -0.35 -5.58 -2.75
N LEU A 129 -1.39 -5.05 -2.08
CA LEU A 129 -1.81 -5.25 -0.71
C LEU A 129 -3.39 -5.32 -0.64
N ASP A 130 -3.81 -6.35 0.01
CA ASP A 130 -5.26 -6.67 0.13
C ASP A 130 -5.85 -6.48 1.49
N THR A 131 -5.12 -6.82 2.63
CA THR A 131 -5.75 -6.65 3.99
C THR A 131 -4.77 -6.44 5.12
N THR A 132 -5.37 -6.00 6.27
CA THR A 132 -4.69 -5.98 7.59
C THR A 132 -5.58 -6.76 8.63
N ILE A 133 -4.95 -7.53 9.50
CA ILE A 133 -5.59 -8.44 10.41
C ILE A 133 -4.96 -8.53 11.83
C1A LVZ B . -3.74 0.02 -13.04
C2A LVZ B . -4.98 -0.49 -13.77
O1 LVZ B . -3.81 -0.42 -11.68
C3A LVZ B . -2.38 -0.44 -13.56
N9 LVZ B . -2.79 -1.20 -8.81
C1 LVZ B . -3.46 0.54 -10.65
S19 LVZ B . -1.22 -0.98 -8.45
O1S LVZ B . -1.09 -0.32 -7.20
C2 LVZ B . -3.54 0.04 -9.16
S29 LVZ B . -5.71 4.32 -12.61
O2S LVZ B . -0.57 -0.43 -9.57
C3 LVZ B . -5.01 -0.27 -8.73
O3 LVZ B . -5.02 -0.47 -7.29
O3S LVZ B . -0.82 -2.35 -8.26
C4 LVZ B . -5.89 0.99 -9.03
O4 LVZ B . -7.29 0.56 -8.88
O4S LVZ B . -6.80 5.18 -12.19
C5 LVZ B . -5.74 1.36 -10.47
O5 LVZ B . -4.40 1.65 -10.76
O5S LVZ B . -4.45 4.55 -11.94
C6 LVZ B . -6.56 2.56 -10.88
O6 LVZ B . -6.17 2.92 -12.25
O6S LVZ B . -5.67 4.30 -14.04
H1A LVZ B . -3.73 1.11 -13.14
H2A LVZ B . -4.80 -1.57 -13.74
H2AA LVZ B . -5.91 -0.22 -13.24
H2B LVZ B . -5.02 -0.15 -14.80
H1 LVZ B . -2.41 0.83 -10.79
H2 LVZ B . -3.11 0.84 -8.57
H3A LVZ B . -2.39 -1.50 -13.78
H3AA LVZ B . -2.27 0.14 -14.48
H3B LVZ B . -1.53 -0.22 -12.91
H3 LVZ B . -5.43 -1.09 -9.30
H4 LVZ B . -5.54 1.73 -8.31
H5 LVZ B . -6.09 0.49 -11.03
H61 LVZ B . -7.63 2.36 -10.92
H62 LVZ B . -6.40 3.36 -10.17
HN9 LVZ B . -2.66 -1.86 -9.56
HO3 LVZ B . -5.89 -0.22 -6.99
C1 IDS B . -8.03 1.56 -8.12
C2 IDS B . -9.52 1.39 -8.33
C3 IDS B . -10.18 1.44 -6.94
C4 IDS B . -9.68 0.41 -5.98
C5 IDS B . -8.16 0.30 -6.05
C6 IDS B . -7.35 0.06 -4.70
O2 IDS B . -9.99 2.60 -9.04
O3 IDS B . -11.55 1.24 -7.20
O4 IDS B . -10.03 0.90 -4.58
O5 IDS B . -7.72 1.55 -6.69
O6A IDS B . -7.63 -0.97 -4.08
O6B IDS B . -6.38 0.70 -4.47
S IDS B . -11.10 2.66 -10.14
O1S IDS B . -11.30 3.99 -10.64
O2S IDS B . -10.55 1.76 -11.09
O3S IDS B . -12.29 2.21 -9.48
H1 IDS B . -7.67 2.55 -8.43
H2 IDS B . -9.74 0.49 -8.92
H3 IDS B . -10.08 2.44 -6.52
H4 IDS B . -10.13 -0.58 -6.16
H5 IDS B . -7.84 -0.49 -6.73
HO3 IDS B . -11.84 1.89 -7.85
C1 SGN B . -11.39 0.54 -4.04
C2 SGN B . -11.50 1.24 -2.71
C3 SGN B . -10.56 0.68 -1.60
C4 SGN B . -10.82 -0.82 -1.51
C5 SGN B . -10.77 -1.63 -2.88
C6 SGN B . -11.51 -2.99 -2.66
N2 SGN B . -11.31 2.76 -2.91
O3 SGN B . -10.89 1.37 -0.43
O4 SGN B . -9.91 -1.40 -0.57
O5 SGN B . -11.52 -0.91 -3.88
O6 SGN B . -10.65 -4.02 -3.12
S1 SGN B . -12.78 3.49 -3.36
O1S SGN B . -13.09 2.92 -4.70
O2S SGN B . -13.81 3.15 -2.38
O3S SGN B . -12.60 4.91 -3.39
S2 SGN B . -10.57 -5.29 -2.27
O4S SGN B . -9.75 -6.19 -3.01
O5S SGN B . -11.98 -5.79 -2.22
O6S SGN B . -9.98 -4.88 -1.07
H1 SGN B . -12.25 0.87 -4.64
H2 SGN B . -12.53 1.14 -2.38
H3 SGN B . -9.52 0.91 -1.85
H4 SGN B . -11.83 -0.94 -1.11
H5 SGN B . -9.73 -1.77 -3.18
H61 SGN B . -11.78 -3.14 -1.62
H62 SGN B . -12.42 -3.08 -3.23
HN21 SGN B . -10.74 2.82 -3.73
HO3 SGN B . -11.09 2.31 -0.47
HO4 SGN B . -9.75 -0.78 0.15
N ARG A 1 2.79 -0.14 -16.97
CA ARG A 1 3.69 0.32 -15.85
C ARG A 1 3.21 1.69 -15.37
N PRO A 2 3.15 2.02 -14.03
CA PRO A 2 2.62 3.28 -13.43
C PRO A 2 3.21 4.52 -14.22
N PRO A 3 2.54 5.61 -14.44
CA PRO A 3 2.99 6.71 -15.32
C PRO A 3 4.43 7.13 -15.27
N GLN A 4 5.11 6.99 -14.15
CA GLN A 4 6.40 7.56 -13.76
C GLN A 4 7.27 6.94 -12.66
N PHE A 5 7.00 5.66 -12.25
CA PHE A 5 7.80 4.94 -11.21
C PHE A 5 7.92 3.45 -11.60
N THR A 6 8.74 2.73 -10.86
CA THR A 6 8.65 1.17 -10.76
C THR A 6 7.38 0.64 -10.17
N ARG A 7 6.92 -0.59 -10.39
CA ARG A 7 5.68 -1.03 -9.73
C ARG A 7 5.80 -1.13 -8.21
N ALA A 8 7.03 -1.43 -7.64
CA ALA A 8 7.33 -1.48 -6.22
C ALA A 8 7.49 -0.09 -5.67
N GLN A 9 7.96 0.89 -6.47
CA GLN A 9 8.07 2.33 -5.99
C GLN A 9 6.64 2.82 -5.81
N TRP A 10 5.82 2.65 -6.85
CA TRP A 10 4.37 2.95 -6.79
C TRP A 10 3.57 2.34 -5.55
N PHE A 11 3.71 1.09 -5.30
CA PHE A 11 3.13 0.46 -4.06
C PHE A 11 3.47 1.23 -2.77
N ALA A 12 4.77 1.64 -2.46
CA ALA A 12 5.28 2.47 -1.37
C ALA A 12 4.56 3.78 -1.32
N ILE A 13 4.63 4.56 -2.40
CA ILE A 13 3.98 5.92 -2.46
C ILE A 13 2.47 5.98 -1.94
N GLN A 14 1.73 4.86 -2.15
CA GLN A 14 0.33 4.65 -1.78
C GLN A 14 0.20 3.92 -0.47
N HIS A 15 1.19 3.16 -0.01
CA HIS A 15 1.02 2.20 1.05
C HIS A 15 2.19 2.00 2.04
N ILE A 16 3.47 2.26 1.81
CA ILE A 16 4.55 2.20 2.82
C ILE A 16 4.98 3.62 3.25
N SER A 17 4.78 3.90 4.54
CA SER A 17 4.94 5.20 5.19
C SER A 17 5.52 4.90 6.56
N LEU A 18 6.86 4.99 6.65
CA LEU A 18 7.51 4.63 7.95
C LEU A 18 6.95 5.45 9.12
N ASN A 19 6.61 6.66 8.88
CA ASN A 19 6.28 7.70 9.81
C ASN A 19 5.29 8.79 9.20
N PRO A 20 4.00 8.49 9.16
CA PRO A 20 3.15 9.16 8.24
C PRO A 20 2.91 10.60 8.50
N PRO A 21 2.42 11.37 7.46
CA PRO A 21 1.76 12.64 7.61
C PRO A 21 0.27 12.46 7.86
N ARG A 22 -0.44 13.50 8.22
CA ARG A 22 -1.87 13.54 8.47
C ARG A 22 -2.71 13.04 7.22
N CYS A 23 -3.87 12.36 7.39
CA CYS A 23 -4.62 11.84 6.31
C CYS A 23 -4.99 12.92 5.18
N THR A 24 -5.24 14.20 5.53
CA THR A 24 -5.35 15.48 4.70
C THR A 24 -4.19 15.74 3.76
N ILE A 25 -3.05 15.06 3.96
CA ILE A 25 -1.91 15.01 3.09
C ILE A 25 -1.62 13.57 2.58
N ALA A 26 -1.73 12.56 3.41
CA ALA A 26 -1.49 11.13 2.99
C ALA A 26 -2.34 10.72 1.81
N MET A 27 -3.64 11.08 1.88
CA MET A 27 -4.51 10.80 0.76
C MET A 27 -4.16 11.51 -0.55
N ARG A 28 -3.45 12.66 -0.58
CA ARG A 28 -3.21 13.52 -1.78
C ARG A 28 -2.31 12.82 -2.83
N ALA A 29 -1.54 11.83 -2.38
CA ALA A 29 -0.75 10.89 -3.19
C ALA A 29 -1.51 9.96 -4.11
N ILE A 30 -2.81 9.90 -3.88
CA ILE A 30 -3.79 9.24 -4.78
C ILE A 30 -4.98 10.14 -5.22
N ASN A 31 -5.63 10.81 -4.27
CA ASN A 31 -6.93 11.53 -4.42
C ASN A 31 -6.75 12.91 -5.13
N ASN A 32 -5.49 13.26 -5.53
CA ASN A 32 -5.14 14.46 -6.26
C ASN A 32 -4.27 14.14 -7.51
N TYR A 33 -4.16 12.84 -7.78
CA TYR A 33 -3.28 12.21 -8.83
C TYR A 33 -4.02 11.07 -9.66
N ARG A 34 -5.38 11.12 -9.63
CA ARG A 34 -6.41 10.18 -10.08
C ARG A 34 -7.68 10.94 -10.29
N TRP A 35 -8.53 10.52 -11.25
CA TRP A 35 -9.69 11.33 -11.58
C TRP A 35 -10.74 11.61 -10.46
N ARG A 36 -10.70 10.85 -9.35
CA ARG A 36 -11.71 11.01 -8.24
C ARG A 36 -11.04 10.89 -6.85
N CYS A 37 -11.74 11.42 -5.80
CA CYS A 37 -11.48 10.97 -4.38
C CYS A 37 -11.89 9.53 -4.18
N LYS A 38 -10.91 8.71 -3.69
CA LYS A 38 -11.11 7.35 -3.18
C LYS A 38 -11.53 7.43 -1.73
N ASN A 39 -12.35 6.49 -1.20
CA ASN A 39 -13.15 6.48 0.03
C ASN A 39 -12.20 6.21 1.17
N GLN A 40 -11.67 5.02 1.21
CA GLN A 40 -10.73 4.49 2.27
C GLN A 40 -9.32 4.16 1.75
N ASN A 41 -8.28 4.30 2.59
CA ASN A 41 -6.97 3.73 2.27
C ASN A 41 -6.20 3.53 3.57
N THR A 42 -5.15 2.77 3.53
CA THR A 42 -4.21 2.28 4.55
C THR A 42 -2.72 2.46 4.07
N PHE A 43 -1.83 2.78 5.03
CA PHE A 43 -0.37 3.07 4.88
C PHE A 43 0.28 2.49 6.23
N LEU A 44 1.43 1.75 6.01
CA LEU A 44 2.05 0.78 7.02
C LEU A 44 3.45 1.19 7.41
N ARG A 45 3.69 1.15 8.71
CA ARG A 45 4.97 1.69 9.30
C ARG A 45 6.10 0.73 9.42
N THR A 46 6.85 0.61 8.34
CA THR A 46 7.84 -0.52 8.15
C THR A 46 8.80 -0.01 7.05
N THR A 47 9.92 -0.72 6.74
CA THR A 47 10.81 -0.37 5.67
C THR A 47 10.73 -1.33 4.46
N PHE A 48 11.37 -1.05 3.33
CA PHE A 48 11.22 -1.83 2.11
C PHE A 48 11.97 -3.13 2.25
N ALA A 49 13.18 -3.13 2.87
CA ALA A 49 13.88 -4.35 3.27
C ALA A 49 13.16 -5.32 4.22
N ASN A 50 11.99 -4.94 4.78
CA ASN A 50 11.12 -5.70 5.67
C ASN A 50 9.99 -6.38 4.85
N VAL A 51 9.31 -5.56 4.05
CA VAL A 51 8.30 -6.09 3.05
C VAL A 51 8.92 -7.07 2.07
N VAL A 52 10.21 -6.95 1.85
CA VAL A 52 10.91 -7.94 0.98
C VAL A 52 11.02 -9.31 1.62
N ASN A 53 11.44 -9.38 2.88
CA ASN A 53 11.49 -10.64 3.65
C ASN A 53 10.11 -11.15 3.82
N VAL A 54 9.02 -10.40 3.51
CA VAL A 54 7.65 -10.91 3.43
C VAL A 54 7.29 -11.51 2.09
N CYS A 55 7.93 -10.97 1.00
CA CYS A 55 7.83 -11.79 -0.24
C CYS A 55 8.62 -13.09 -0.07
N GLY A 56 9.72 -13.17 0.73
CA GLY A 56 10.55 -14.34 1.02
C GLY A 56 9.93 -15.31 2.00
N ASN A 57 8.75 -15.00 2.60
CA ASN A 57 7.96 -15.73 3.52
C ASN A 57 7.13 -16.88 2.89
N GLN A 58 6.47 -17.73 3.66
CA GLN A 58 5.59 -18.78 3.15
C GLN A 58 4.48 -18.19 2.22
N SER A 59 4.10 -18.98 1.20
CA SER A 59 3.13 -18.63 0.09
C SER A 59 1.72 -19.03 0.47
N ILE A 60 0.74 -18.14 0.42
CA ILE A 60 -0.68 -18.49 0.54
C ILE A 60 -1.45 -18.12 -0.73
N ARG A 61 -2.75 -18.24 -0.78
CA ARG A 61 -3.70 -17.67 -1.81
C ARG A 61 -4.76 -16.80 -1.16
N CYS A 62 -5.09 -15.79 -1.97
CA CYS A 62 -5.93 -14.67 -1.52
C CYS A 62 -7.11 -14.45 -2.53
N PRO A 63 -8.05 -13.48 -2.31
CA PRO A 63 -9.32 -13.42 -3.00
C PRO A 63 -9.33 -12.73 -4.32
N HIS A 64 -8.19 -12.09 -4.66
CA HIS A 64 -7.94 -11.18 -5.79
C HIS A 64 -6.58 -11.38 -6.41
N ASN A 65 -6.18 -12.65 -6.33
CA ASN A 65 -4.80 -13.17 -6.41
C ASN A 65 -4.66 -14.29 -7.46
N ARG A 66 -5.73 -14.64 -8.16
CA ARG A 66 -5.84 -15.74 -9.20
C ARG A 66 -4.91 -15.59 -10.39
N THR A 67 -4.65 -14.36 -10.73
CA THR A 67 -3.56 -14.06 -11.74
C THR A 67 -2.18 -14.65 -11.33
N LEU A 68 -1.94 -15.13 -10.10
CA LEU A 68 -0.74 -15.91 -9.74
C LEU A 68 -0.91 -16.99 -8.65
N ASN A 69 -2.05 -17.07 -8.03
CA ASN A 69 -2.24 -18.04 -6.93
C ASN A 69 -1.27 -17.96 -5.77
N ASN A 70 -0.73 -16.80 -5.49
CA ASN A 70 0.44 -16.64 -4.60
C ASN A 70 0.32 -15.16 -4.01
N CYS A 71 0.15 -15.20 -2.71
CA CYS A 71 0.22 -14.04 -1.82
C CYS A 71 0.97 -14.33 -0.52
N HIS A 72 1.28 -13.25 0.26
CA HIS A 72 2.04 -13.39 1.47
C HIS A 72 1.43 -12.48 2.53
N ARG A 73 1.64 -12.79 3.84
CA ARG A 73 1.30 -11.99 4.98
C ARG A 73 2.64 -11.68 5.68
N SER A 74 2.47 -10.80 6.68
CA SER A 74 3.45 -10.28 7.62
C SER A 74 3.98 -11.37 8.53
N ARG A 75 5.12 -11.13 9.17
CA ARG A 75 5.77 -12.02 10.14
C ARG A 75 5.40 -11.53 11.53
N PHE A 76 4.76 -10.38 11.68
CA PHE A 76 4.36 -9.73 12.88
C PHE A 76 3.31 -8.63 12.60
N ARG A 77 2.78 -7.97 13.71
CA ARG A 77 2.01 -6.75 13.57
C ARG A 77 3.00 -5.52 13.46
N VAL A 78 2.43 -4.42 12.98
CA VAL A 78 3.01 -3.04 12.98
C VAL A 78 1.94 -2.05 13.28
N PRO A 79 2.28 -0.91 13.87
CA PRO A 79 1.42 0.26 13.81
C PRO A 79 1.27 0.82 12.36
N LEU A 80 0.20 1.52 12.06
CA LEU A 80 -0.14 1.96 10.76
C LEU A 80 -1.07 3.22 10.73
N LEU A 81 -1.43 3.79 9.55
CA LEU A 81 -2.33 4.90 9.42
C LEU A 81 -3.45 4.50 8.35
N HIS A 82 -4.67 4.30 8.84
CA HIS A 82 -5.85 4.32 8.03
C HIS A 82 -6.40 5.76 7.80
N CYS A 83 -7.24 5.89 6.77
CA CYS A 83 -7.77 7.19 6.31
C CYS A 83 -9.10 7.13 5.60
N ASP A 84 -9.88 8.21 5.75
CA ASP A 84 -11.30 8.07 5.82
C ASP A 84 -12.03 9.30 5.27
N LEU A 85 -12.66 9.10 4.12
CA LEU A 85 -13.59 10.12 3.59
C LEU A 85 -14.87 10.23 4.46
N ILE A 86 -14.88 11.18 5.41
CA ILE A 86 -16.01 11.34 6.43
C ILE A 86 -17.45 11.52 5.87
N ASN A 87 -17.67 11.74 4.55
CA ASN A 87 -18.95 11.73 3.80
C ASN A 87 -18.76 11.01 2.43
N PRO A 88 -18.90 9.66 2.41
CA PRO A 88 -18.55 8.75 1.32
C PRO A 88 -19.07 9.16 -0.11
N GLY A 89 -20.18 9.93 -0.13
CA GLY A 89 -20.85 10.48 -1.29
C GLY A 89 -20.05 11.59 -1.97
N ALA A 90 -19.11 12.22 -1.33
CA ALA A 90 -18.15 13.11 -2.06
C ALA A 90 -17.11 12.41 -2.94
N GLN A 91 -16.68 13.03 -4.09
CA GLN A 91 -15.88 12.49 -5.14
C GLN A 91 -14.99 13.52 -5.85
N ASN A 92 -15.25 14.83 -5.75
CA ASN A 92 -14.43 15.92 -6.33
C ASN A 92 -13.65 16.50 -5.14
N ILE A 93 -12.38 16.86 -5.36
CA ILE A 93 -11.48 17.42 -4.31
C ILE A 93 -11.86 18.84 -3.68
N SER A 94 -12.91 19.54 -4.16
CA SER A 94 -13.35 20.77 -3.60
C SER A 94 -14.28 20.50 -2.42
N ASN A 95 -14.49 19.23 -2.12
CA ASN A 95 -15.55 18.73 -1.13
C ASN A 95 -15.18 17.37 -0.44
N CYS A 96 -14.13 16.63 -0.90
CA CYS A 96 -13.48 15.55 -0.08
C CYS A 96 -12.70 16.18 1.07
N ARG A 97 -12.64 15.40 2.16
CA ARG A 97 -12.18 15.70 3.53
C ARG A 97 -11.94 14.37 4.32
N TYR A 98 -10.95 14.45 5.16
CA TYR A 98 -10.35 13.27 5.78
C TYR A 98 -10.05 13.41 7.28
N ALA A 99 -9.72 12.27 7.88
CA ALA A 99 -9.63 12.18 9.35
C ALA A 99 -8.82 11.01 9.78
N ASP A 100 -7.93 11.12 10.68
CA ASP A 100 -6.86 10.14 10.99
C ASP A 100 -7.40 8.94 11.78
N ARG A 101 -7.10 7.70 11.29
CA ARG A 101 -7.43 6.42 11.98
C ARG A 101 -6.16 5.62 12.27
N PRO A 102 -5.22 6.03 13.15
CA PRO A 102 -4.04 5.14 13.51
C PRO A 102 -4.45 3.80 13.99
N GLY A 103 -3.73 2.76 13.59
CA GLY A 103 -3.97 1.41 14.14
C GLY A 103 -2.69 0.54 14.38
N ARG A 104 -2.93 -0.75 14.65
CA ARG A 104 -2.01 -1.84 14.92
C ARG A 104 -2.61 -3.13 14.44
N ARG A 105 -2.04 -3.77 13.41
CA ARG A 105 -2.67 -4.97 12.77
C ARG A 105 -1.57 -5.75 12.05
N PHE A 106 -1.91 -6.97 11.68
CA PHE A 106 -1.14 -7.76 10.63
C PHE A 106 -1.55 -7.35 9.19
N TYR A 107 -0.88 -7.70 8.13
CA TYR A 107 -1.09 -7.32 6.73
C TYR A 107 -0.96 -8.50 5.70
N VAL A 108 -1.56 -8.29 4.54
CA VAL A 108 -1.74 -9.32 3.52
C VAL A 108 -1.55 -8.73 2.15
N VAL A 109 -0.59 -9.16 1.34
CA VAL A 109 0.13 -8.45 0.20
C VAL A 109 0.52 -9.44 -0.86
N ALA A 110 1.19 -8.90 -1.92
CA ALA A 110 1.57 -9.56 -3.19
C ALA A 110 2.77 -8.94 -3.87
N CYS A 111 3.47 -9.77 -4.66
CA CYS A 111 4.82 -9.61 -5.03
C CYS A 111 5.04 -9.83 -6.47
N ASP A 112 6.19 -9.45 -7.01
CA ASP A 112 6.64 -9.65 -8.36
C ASP A 112 8.13 -9.85 -8.46
N ASN A 113 8.58 -10.28 -9.63
CA ASN A 113 10.02 -10.45 -9.91
C ASN A 113 10.69 -9.07 -9.91
N ARG A 114 12.02 -8.95 -9.74
CA ARG A 114 12.76 -7.68 -9.89
C ARG A 114 12.46 -6.87 -11.18
N ASP A 115 12.66 -5.54 -11.03
CA ASP A 115 12.65 -4.57 -12.11
C ASP A 115 13.90 -4.66 -13.03
N PRO A 116 13.77 -4.46 -14.36
CA PRO A 116 14.87 -4.62 -15.38
C PRO A 116 16.07 -3.68 -15.20
N ARG A 117 15.97 -2.65 -14.26
CA ARG A 117 16.98 -1.69 -13.91
C ARG A 117 17.01 -1.29 -12.42
N ASP A 118 15.93 -1.37 -11.69
CA ASP A 118 15.90 -0.63 -10.36
C ASP A 118 16.09 -1.62 -9.16
N SER A 119 16.74 -1.13 -8.10
CA SER A 119 17.04 -1.90 -6.87
C SER A 119 17.72 -3.28 -7.00
N PRO A 120 18.86 -3.43 -7.60
CA PRO A 120 19.60 -4.76 -7.68
C PRO A 120 19.88 -5.52 -6.37
N ARG A 121 19.80 -4.88 -5.21
CA ARG A 121 19.85 -5.50 -3.93
C ARG A 121 18.93 -6.75 -3.81
N TYR A 122 17.85 -6.92 -4.62
CA TYR A 122 16.76 -7.82 -4.24
C TYR A 122 16.22 -8.65 -5.47
N PRO A 123 15.89 -9.96 -5.41
CA PRO A 123 15.40 -10.73 -6.52
C PRO A 123 13.89 -10.50 -6.82
N VAL A 124 13.15 -10.17 -5.73
CA VAL A 124 11.69 -10.01 -5.67
C VAL A 124 11.36 -8.68 -4.94
N VAL A 125 10.15 -8.15 -5.16
CA VAL A 125 9.77 -6.82 -4.64
C VAL A 125 8.26 -6.95 -4.22
N PRO A 126 7.77 -6.33 -3.15
CA PRO A 126 6.30 -6.21 -2.95
C PRO A 126 5.63 -5.15 -3.89
N VAL A 127 4.41 -5.37 -4.34
CA VAL A 127 3.77 -4.53 -5.41
C VAL A 127 2.25 -4.23 -5.10
N HIS A 128 1.52 -4.94 -4.28
CA HIS A 128 0.11 -4.72 -3.92
C HIS A 128 -0.17 -5.17 -2.48
N LEU A 129 -1.37 -4.83 -1.99
CA LEU A 129 -1.85 -5.03 -0.63
C LEU A 129 -3.35 -5.32 -0.61
N ASP A 130 -3.87 -6.49 0.01
CA ASP A 130 -5.25 -6.93 -0.08
C ASP A 130 -6.04 -6.59 1.18
N THR A 131 -5.43 -6.64 2.35
CA THR A 131 -6.13 -6.51 3.64
C THR A 131 -5.24 -6.28 4.85
N THR A 132 -5.80 -5.91 6.09
CA THR A 132 -5.16 -6.05 7.45
C THR A 132 -6.20 -6.47 8.51
N ILE A 133 -5.71 -7.17 9.56
CA ILE A 133 -6.43 -7.97 10.55
C ILE A 133 -5.69 -7.85 11.89
C1A LVZ B . -3.46 -0.58 -12.24
C2A LVZ B . -4.42 0.28 -12.99
O1 LVZ B . -3.98 -0.63 -10.85
C3A LVZ B . -3.46 -1.99 -12.68
N9 LVZ B . -2.92 -1.32 -8.33
C1 LVZ B . -3.58 0.43 -9.91
S19 LVZ B . -1.39 -1.08 -8.05
O1S LVZ B . -1.26 -0.23 -6.96
C2 LVZ B . -3.69 -0.10 -8.48
S29 LVZ B . -5.84 4.55 -11.73
O2S LVZ B . -0.78 -0.66 -9.30
C3 LVZ B . -5.09 -0.28 -7.97
O3 LVZ B . -5.02 -0.45 -6.53
O3S LVZ B . -0.96 -2.44 -7.71
C4 LVZ B . -5.97 0.93 -8.33
O4 LVZ B . -7.42 0.62 -8.08
O4S LVZ B . -6.98 5.37 -11.39
C5 LVZ B . -5.87 1.40 -9.72
O5 LVZ B . -4.40 1.59 -10.07
O5S LVZ B . -4.79 4.66 -10.75
C6 LVZ B . -6.55 2.70 -10.18
O6 LVZ B . -6.38 3.10 -11.56
O6S LVZ B . -5.42 4.65 -13.11
H1A LVZ B . -2.42 -0.25 -12.28
H2A LVZ B . -5.42 0.02 -12.64
H2AA LVZ B . -4.12 1.31 -12.77
H2B LVZ B . -4.27 0.03 -14.04
H1 LVZ B . -2.56 0.78 -10.09
H2 LVZ B . -3.18 0.66 -7.90
H3A LVZ B . -4.46 -2.39 -12.58
H3AA LVZ B . -3.27 -2.00 -13.76
H3B LVZ B . -2.71 -2.64 -12.22
H3 LVZ B . -5.48 -1.19 -8.44
H4 LVZ B . -5.70 1.78 -7.71
H5 LVZ B . -6.22 0.58 -10.34
H61 LVZ B . -7.61 2.51 -10.02
H62 LVZ B . -6.39 3.50 -9.46
HN9 LVZ B . -2.97 -1.79 -9.23
HO3 LVZ B . -5.92 -0.30 -6.28
C1 IDS B . -8.17 1.69 -7.25
C2 IDS B . -9.63 1.46 -7.47
C3 IDS B . -10.44 1.37 -6.12
C4 IDS B . -9.93 0.32 -5.10
C5 IDS B . -8.34 0.22 -5.23
C6 IDS B . -7.53 -0.28 -3.99
O2 IDS B . -10.07 2.51 -8.38
O3 IDS B . -11.80 0.99 -6.50
O4 IDS B . -10.27 0.70 -3.80
O5 IDS B . -7.88 1.50 -5.80
O6A IDS B . -7.83 -1.45 -3.62
O6B IDS B . -6.70 0.44 -3.46
S IDS B . -11.08 2.25 -9.53
O1S IDS B . -12.42 2.24 -8.92
O2S IDS B . -10.99 3.37 -10.47
O3S IDS B . -10.74 0.97 -10.10
H1 IDS B . -7.86 2.72 -7.42
H2 IDS B . -9.80 0.55 -8.03
H3 IDS B . -10.42 2.32 -5.59
H4 IDS B . -10.43 -0.64 -5.21
H5 IDS B . -8.27 -0.57 -5.97
HO3 IDS B . -12.01 1.57 -7.23
C1 SGN B . -11.67 0.37 -3.34
C2 SGN B . -12.10 1.15 -2.06
C3 SGN B . -11.32 0.77 -0.82
C4 SGN B . -11.28 -0.70 -0.60
C5 SGN B . -10.96 -1.50 -1.92
C6 SGN B . -11.24 -2.94 -1.66
N2 SGN B . -12.11 2.66 -2.25
O3 SGN B . -11.99 1.28 0.29
O4 SGN B . -10.19 -0.91 0.38
O5 SGN B . -11.75 -1.08 -3.06
O6 SGN B . -11.00 -3.74 -2.87
S1 SGN B . -13.48 3.20 -3.06
O1S SGN B . -13.26 2.67 -4.34
O2S SGN B . -14.63 2.66 -2.32
O3S SGN B . -13.40 4.67 -3.05
S2 SGN B . -11.46 -5.23 -2.91
O4S SGN B . -10.91 -5.74 -4.12
O5S SGN B . -12.90 -5.27 -2.89
O6S SGN B . -10.91 -5.91 -1.75
H1 SGN B . -12.37 0.57 -4.17
H2 SGN B . -13.04 0.80 -1.64
H3 SGN B . -10.33 1.21 -1.00
H4 SGN B . -12.22 -1.06 -0.17
H5 SGN B . -9.91 -1.40 -2.21
H61 SGN B . -10.53 -3.28 -0.91
H62 SGN B . -12.24 -3.16 -1.31
HN21 SGN B . -11.38 2.99 -2.86
HO3 SGN B . -12.29 2.19 0.22
HO4 SGN B . -9.34 -0.87 -0.07
N ARG A 1 3.99 -1.01 -16.30
CA ARG A 1 4.71 0.18 -15.82
C ARG A 1 3.90 1.47 -15.61
N PRO A 2 3.84 2.04 -14.35
CA PRO A 2 3.39 3.45 -14.09
C PRO A 2 4.16 4.39 -14.98
N PRO A 3 3.58 5.56 -15.40
CA PRO A 3 4.10 6.50 -16.38
C PRO A 3 5.44 7.20 -15.96
N GLN A 4 5.75 7.17 -14.68
CA GLN A 4 6.84 7.95 -14.02
C GLN A 4 7.57 7.20 -12.89
N PHE A 5 7.40 5.86 -12.65
CA PHE A 5 7.93 5.05 -11.48
C PHE A 5 8.31 3.62 -11.87
N THR A 6 9.00 2.86 -11.02
CA THR A 6 8.89 1.41 -11.00
C THR A 6 7.50 0.95 -10.51
N ARG A 7 7.09 -0.36 -10.72
CA ARG A 7 5.88 -0.98 -10.01
C ARG A 7 6.08 -0.82 -8.49
N ALA A 8 7.24 -1.24 -7.91
CA ALA A 8 7.22 -1.34 -6.42
C ALA A 8 7.36 0.05 -5.75
N GLN A 9 8.01 1.00 -6.42
CA GLN A 9 8.00 2.47 -6.04
C GLN A 9 6.54 2.97 -5.99
N TRP A 10 5.75 2.62 -7.03
CA TRP A 10 4.41 3.20 -7.13
C TRP A 10 3.52 2.52 -6.07
N PHE A 11 3.78 1.22 -5.76
CA PHE A 11 3.27 0.63 -4.50
C PHE A 11 3.56 1.34 -3.13
N ALA A 12 4.78 1.68 -2.93
CA ALA A 12 5.27 2.27 -1.63
C ALA A 12 4.77 3.71 -1.38
N ILE A 13 4.67 4.47 -2.46
CA ILE A 13 3.93 5.74 -2.59
C ILE A 13 2.44 5.73 -2.19
N GLN A 14 1.69 4.56 -2.36
CA GLN A 14 0.23 4.42 -2.12
C GLN A 14 0.05 3.67 -0.72
N HIS A 15 1.04 2.99 -0.18
CA HIS A 15 0.78 2.08 0.97
C HIS A 15 1.94 2.01 2.00
N ILE A 16 3.03 2.75 2.02
CA ILE A 16 4.12 2.55 2.99
C ILE A 16 4.72 3.90 3.40
N SER A 17 4.57 4.25 4.70
CA SER A 17 5.06 5.48 5.31
C SER A 17 5.34 5.41 6.83
N LEU A 18 6.72 5.44 7.05
CA LEU A 18 7.35 5.27 8.36
C LEU A 18 6.95 6.35 9.35
N ASN A 19 7.23 7.67 9.06
CA ASN A 19 6.71 8.79 9.95
C ASN A 19 5.79 9.64 9.09
N PRO A 20 4.55 9.27 8.88
CA PRO A 20 3.57 9.74 7.89
C PRO A 20 2.93 11.08 8.35
N PRO A 21 2.42 11.91 7.47
CA PRO A 21 1.60 13.09 7.78
C PRO A 21 0.12 12.74 7.94
N ARG A 22 -0.63 13.69 8.33
CA ARG A 22 -2.11 13.50 8.49
C ARG A 22 -2.78 13.03 7.16
N CYS A 23 -3.89 12.32 7.33
CA CYS A 23 -4.59 11.67 6.20
C CYS A 23 -5.14 12.62 5.20
N THR A 24 -5.33 13.85 5.55
CA THR A 24 -5.56 14.99 4.62
C THR A 24 -4.42 15.18 3.60
N ILE A 25 -3.18 15.01 4.07
CA ILE A 25 -1.95 15.17 3.25
C ILE A 25 -1.61 13.84 2.57
N ALA A 26 -1.90 12.67 3.23
CA ALA A 26 -1.54 11.29 2.78
C ALA A 26 -2.31 11.03 1.45
N MET A 27 -3.63 11.34 1.49
CA MET A 27 -4.63 10.92 0.50
C MET A 27 -4.39 11.67 -0.82
N ARG A 28 -3.70 12.82 -0.72
CA ARG A 28 -3.22 13.52 -1.99
C ARG A 28 -2.30 12.61 -2.89
N ALA A 29 -1.47 11.67 -2.41
CA ALA A 29 -0.78 10.62 -3.19
C ALA A 29 -1.54 9.96 -4.29
N ILE A 30 -2.87 9.84 -4.10
CA ILE A 30 -3.74 9.21 -5.11
C ILE A 30 -4.89 10.24 -5.58
N ASN A 31 -5.62 10.91 -4.60
CA ASN A 31 -6.79 11.74 -4.84
C ASN A 31 -6.49 13.08 -5.50
N ASN A 32 -5.29 13.50 -5.48
CA ASN A 32 -4.78 14.63 -6.29
C ASN A 32 -4.08 14.13 -7.57
N TYR A 33 -4.32 12.94 -8.01
CA TYR A 33 -3.60 12.29 -9.13
C TYR A 33 -4.51 11.41 -10.02
N ARG A 34 -5.83 11.19 -9.69
CA ARG A 34 -6.81 10.35 -10.39
C ARG A 34 -8.22 11.05 -10.53
N TRP A 35 -9.13 10.66 -11.44
CA TRP A 35 -10.37 11.34 -11.82
C TRP A 35 -11.48 11.58 -10.75
N ARG A 36 -11.47 10.73 -9.68
CA ARG A 36 -12.36 10.92 -8.50
C ARG A 36 -11.64 10.52 -7.14
N CYS A 37 -12.16 11.04 -6.02
CA CYS A 37 -11.81 10.64 -4.65
C CYS A 37 -12.10 9.11 -4.32
N LYS A 38 -11.06 8.35 -4.28
CA LYS A 38 -10.99 7.09 -3.55
C LYS A 38 -11.42 7.29 -2.09
N ASN A 39 -12.40 6.48 -1.65
CA ASN A 39 -13.02 6.43 -0.35
C ASN A 39 -12.07 6.33 0.84
N GLN A 40 -11.16 5.39 0.73
CA GLN A 40 -10.42 4.93 1.87
C GLN A 40 -8.99 4.49 1.33
N ASN A 41 -8.02 4.47 2.25
CA ASN A 41 -6.64 3.96 2.08
C ASN A 41 -5.95 3.54 3.42
N THR A 42 -5.08 2.59 3.36
CA THR A 42 -4.19 2.18 4.40
C THR A 42 -2.71 2.43 4.09
N PHE A 43 -1.94 2.73 5.11
CA PHE A 43 -0.49 3.04 5.04
C PHE A 43 0.27 2.39 6.17
N LEU A 44 1.46 1.83 5.90
CA LEU A 44 2.11 0.98 6.87
C LEU A 44 3.37 1.65 7.35
N ARG A 45 3.56 1.68 8.73
CA ARG A 45 4.72 2.36 9.44
C ARG A 45 5.89 1.44 9.65
N THR A 46 6.45 0.94 8.55
CA THR A 46 7.36 -0.26 8.51
C THR A 46 8.52 0.01 7.48
N THR A 47 9.18 -1.00 6.93
CA THR A 47 10.18 -0.76 5.93
C THR A 47 10.05 -1.75 4.74
N PHE A 48 10.47 -1.23 3.56
CA PHE A 48 10.48 -2.12 2.38
C PHE A 48 11.19 -3.49 2.68
N ALA A 49 12.36 -3.42 3.33
CA ALA A 49 13.14 -4.63 3.77
C ALA A 49 12.40 -5.75 4.50
N ASN A 50 11.56 -5.41 5.47
CA ASN A 50 10.67 -6.29 6.13
C ASN A 50 9.63 -6.90 5.20
N VAL A 51 8.99 -6.03 4.38
CA VAL A 51 8.04 -6.52 3.33
C VAL A 51 8.67 -7.51 2.35
N VAL A 52 9.92 -7.45 1.94
CA VAL A 52 10.56 -8.45 0.99
C VAL A 52 10.85 -9.70 1.78
N ASN A 53 11.20 -9.52 3.07
CA ASN A 53 11.44 -10.71 3.92
C ASN A 53 10.07 -11.46 4.08
N VAL A 54 8.94 -10.76 4.07
CA VAL A 54 7.50 -11.30 4.02
C VAL A 54 7.18 -11.86 2.63
N CYS A 55 7.58 -11.39 1.45
CA CYS A 55 7.64 -12.17 0.17
C CYS A 55 8.28 -13.53 0.32
N GLY A 56 9.19 -13.66 1.35
CA GLY A 56 9.87 -14.88 1.58
C GLY A 56 9.21 -15.74 2.75
N ASN A 57 8.04 -15.34 3.19
CA ASN A 57 7.21 -16.22 4.06
C ASN A 57 6.26 -17.14 3.34
N GLN A 58 5.67 -18.04 4.06
CA GLN A 58 4.67 -19.00 3.60
C GLN A 58 3.81 -18.46 2.44
N SER A 59 3.75 -19.15 1.34
CA SER A 59 3.07 -18.76 0.05
C SER A 59 1.64 -19.28 -0.01
N ILE A 60 0.59 -18.47 -0.13
CA ILE A 60 -0.78 -18.87 0.05
C ILE A 60 -1.66 -18.31 -1.10
N ARG A 61 -2.87 -18.76 -1.32
CA ARG A 61 -3.75 -17.97 -2.12
C ARG A 61 -4.54 -16.87 -1.29
N CYS A 62 -5.07 -15.82 -1.95
CA CYS A 62 -5.93 -14.82 -1.26
C CYS A 62 -7.21 -14.50 -2.01
N PRO A 63 -8.27 -14.16 -1.33
CA PRO A 63 -9.61 -13.88 -1.89
C PRO A 63 -9.68 -12.96 -3.15
N HIS A 64 -8.72 -12.15 -3.45
CA HIS A 64 -8.65 -11.33 -4.77
C HIS A 64 -7.28 -11.43 -5.39
N ASN A 65 -6.91 -12.61 -5.88
CA ASN A 65 -5.50 -12.97 -6.14
C ASN A 65 -5.24 -13.90 -7.39
N ARG A 66 -6.37 -14.36 -7.95
CA ARG A 66 -6.26 -15.45 -8.97
C ARG A 66 -5.47 -15.23 -10.22
N THR A 67 -4.91 -14.06 -10.49
CA THR A 67 -3.91 -13.86 -11.56
C THR A 67 -2.61 -14.67 -11.30
N LEU A 68 -2.06 -14.64 -10.08
CA LEU A 68 -0.76 -15.23 -9.70
C LEU A 68 -0.73 -16.27 -8.56
N ASN A 69 -1.89 -16.37 -7.90
CA ASN A 69 -2.30 -17.37 -6.88
C ASN A 69 -1.20 -17.56 -5.73
N ASN A 70 -0.57 -16.45 -5.47
CA ASN A 70 0.60 -16.29 -4.61
C ASN A 70 0.48 -14.90 -3.95
N CYS A 71 0.23 -14.98 -2.59
CA CYS A 71 0.24 -13.85 -1.63
C CYS A 71 1.03 -14.28 -0.32
N HIS A 72 1.30 -13.38 0.61
CA HIS A 72 1.98 -13.57 1.88
C HIS A 72 1.38 -12.61 2.96
N ARG A 73 1.50 -13.09 4.25
CA ARG A 73 1.20 -12.22 5.43
C ARG A 73 2.32 -12.07 6.39
N SER A 74 2.44 -10.99 7.21
CA SER A 74 3.60 -10.61 7.98
C SER A 74 3.81 -11.52 9.16
N ARG A 75 5.06 -12.05 9.33
CA ARG A 75 5.49 -12.87 10.52
C ARG A 75 5.14 -12.32 11.93
N PHE A 76 4.86 -10.97 11.98
CA PHE A 76 4.69 -10.22 13.18
C PHE A 76 3.91 -8.98 12.77
N ARG A 77 3.10 -8.49 13.78
CA ARG A 77 2.44 -7.19 13.62
C ARG A 77 3.43 -6.07 13.41
N VAL A 78 2.97 -4.95 12.82
CA VAL A 78 3.64 -3.70 12.56
C VAL A 78 2.64 -2.55 12.84
N PRO A 79 3.16 -1.35 13.14
CA PRO A 79 2.20 -0.18 13.24
C PRO A 79 1.71 0.25 11.90
N LEU A 80 0.53 0.90 11.83
CA LEU A 80 -0.06 1.29 10.54
C LEU A 80 -1.03 2.46 10.77
N LEU A 81 -1.58 3.06 9.75
CA LEU A 81 -2.51 4.18 9.66
C LEU A 81 -3.48 3.97 8.55
N HIS A 82 -4.78 4.28 8.75
CA HIS A 82 -5.82 4.20 7.79
C HIS A 82 -6.64 5.50 7.66
N CYS A 83 -7.04 5.85 6.44
CA CYS A 83 -7.75 7.12 6.18
C CYS A 83 -9.15 6.89 5.60
N ASP A 84 -10.04 7.83 5.78
CA ASP A 84 -11.50 7.79 5.59
C ASP A 84 -12.10 9.13 5.15
N LEU A 85 -12.68 9.16 3.96
CA LEU A 85 -13.40 10.27 3.31
C LEU A 85 -14.67 10.65 4.11
N ILE A 86 -14.51 11.53 5.10
CA ILE A 86 -15.49 11.89 6.15
C ILE A 86 -16.95 12.26 5.66
N ASN A 87 -17.15 12.66 4.39
CA ASN A 87 -18.49 12.52 3.74
C ASN A 87 -18.22 12.03 2.32
N PRO A 88 -18.54 10.77 1.93
CA PRO A 88 -18.53 10.28 0.53
C PRO A 88 -19.51 11.02 -0.48
N GLY A 89 -20.30 11.98 0.01
CA GLY A 89 -21.02 12.90 -0.94
C GLY A 89 -20.14 13.84 -1.81
N ALA A 90 -18.91 14.05 -1.37
CA ALA A 90 -17.93 14.60 -2.29
C ALA A 90 -17.16 13.65 -3.32
N GLN A 91 -16.75 14.20 -4.41
CA GLN A 91 -16.09 13.48 -5.50
C GLN A 91 -14.93 14.21 -6.07
N ASN A 92 -14.68 15.43 -5.59
CA ASN A 92 -13.69 16.36 -6.09
C ASN A 92 -12.93 17.09 -4.95
N ILE A 93 -11.70 17.38 -5.30
CA ILE A 93 -10.79 17.89 -4.35
C ILE A 93 -11.05 19.42 -3.95
N SER A 94 -11.98 20.12 -4.54
CA SER A 94 -12.53 21.32 -3.92
C SER A 94 -13.48 21.03 -2.77
N ASN A 95 -13.97 19.82 -2.56
CA ASN A 95 -14.83 19.45 -1.39
C ASN A 95 -14.60 18.17 -0.65
N CYS A 96 -13.73 17.32 -1.18
CA CYS A 96 -13.30 16.06 -0.52
C CYS A 96 -12.52 16.42 0.77
N ARG A 97 -12.69 15.60 1.82
CA ARG A 97 -12.06 15.77 3.20
C ARG A 97 -11.81 14.42 3.85
N TYR A 98 -10.81 14.27 4.77
CA TYR A 98 -10.43 12.93 5.31
C TYR A 98 -9.95 12.96 6.79
N ALA A 99 -10.10 11.86 7.52
CA ALA A 99 -9.68 11.76 8.94
C ALA A 99 -8.87 10.45 9.16
N ASP A 100 -8.18 10.38 10.29
CA ASP A 100 -7.01 9.55 10.58
C ASP A 100 -7.30 8.40 11.49
N ARG A 101 -7.00 7.13 11.13
CA ARG A 101 -7.32 5.96 11.93
C ARG A 101 -6.00 5.16 12.14
N PRO A 102 -5.10 5.54 13.14
CA PRO A 102 -4.04 4.58 13.55
C PRO A 102 -4.55 3.14 13.77
N GLY A 103 -3.52 2.30 13.91
CA GLY A 103 -3.70 0.87 14.27
C GLY A 103 -2.39 0.23 14.22
N ARG A 104 -2.34 -1.09 14.57
CA ARG A 104 -1.21 -1.96 14.75
C ARG A 104 -1.61 -3.40 14.66
N ARG A 105 -1.32 -4.02 13.49
CA ARG A 105 -1.87 -5.27 12.91
C ARG A 105 -0.83 -6.02 12.00
N PHE A 106 -1.06 -7.25 11.51
CA PHE A 106 -0.34 -7.77 10.37
C PHE A 106 -0.83 -7.00 9.06
N TYR A 107 -0.15 -7.35 7.96
CA TYR A 107 -0.60 -6.96 6.59
C TYR A 107 -0.54 -8.13 5.61
N VAL A 108 -1.29 -8.09 4.52
CA VAL A 108 -1.39 -9.19 3.56
C VAL A 108 -1.15 -8.70 2.13
N VAL A 109 -0.06 -9.10 1.48
CA VAL A 109 0.47 -8.41 0.31
C VAL A 109 0.85 -9.30 -0.85
N ALA A 110 1.01 -8.71 -2.03
CA ALA A 110 1.51 -9.36 -3.23
C ALA A 110 2.90 -8.82 -3.64
N CYS A 111 3.70 -9.66 -4.31
CA CYS A 111 5.14 -9.46 -4.71
C CYS A 111 5.38 -9.94 -6.17
N ASP A 112 6.47 -9.43 -6.86
CA ASP A 112 6.74 -9.50 -8.31
C ASP A 112 8.32 -9.45 -8.54
N ASN A 113 8.66 -9.69 -9.79
CA ASN A 113 9.97 -9.70 -10.32
C ASN A 113 10.56 -8.30 -10.14
N ARG A 114 11.88 -8.26 -9.89
CA ARG A 114 12.78 -7.02 -9.69
C ARG A 114 12.73 -6.07 -10.91
N ASP A 115 12.83 -4.73 -10.69
CA ASP A 115 13.08 -3.80 -11.77
C ASP A 115 14.44 -4.11 -12.41
N PRO A 116 14.58 -3.84 -13.78
CA PRO A 116 15.88 -3.92 -14.55
C PRO A 116 17.08 -3.13 -13.93
N ARG A 117 16.89 -2.06 -13.12
CA ARG A 117 17.88 -1.09 -12.77
C ARG A 117 17.63 -0.57 -11.36
N ASP A 118 16.42 -0.53 -10.80
CA ASP A 118 16.24 -0.13 -9.40
C ASP A 118 16.44 -1.24 -8.32
N SER A 119 16.98 -0.83 -7.19
CA SER A 119 17.15 -1.50 -5.89
C SER A 119 17.74 -2.90 -5.96
N PRO A 120 18.99 -3.04 -6.57
CA PRO A 120 19.59 -4.40 -6.61
C PRO A 120 19.72 -5.19 -5.30
N ARG A 121 19.51 -4.57 -4.10
CA ARG A 121 19.53 -5.20 -2.78
C ARG A 121 18.54 -6.41 -2.74
N TYR A 122 17.52 -6.48 -3.65
CA TYR A 122 16.30 -7.43 -3.56
C TYR A 122 16.05 -8.25 -4.84
N PRO A 123 15.80 -9.60 -4.75
CA PRO A 123 15.43 -10.44 -5.88
C PRO A 123 14.02 -10.18 -6.44
N VAL A 124 13.10 -9.82 -5.52
CA VAL A 124 11.61 -9.68 -5.69
C VAL A 124 11.23 -8.52 -4.73
N VAL A 125 10.16 -7.83 -5.08
CA VAL A 125 9.65 -6.59 -4.49
C VAL A 125 8.09 -6.73 -4.23
N PRO A 126 7.48 -6.28 -3.12
CA PRO A 126 6.05 -6.10 -2.89
C PRO A 126 5.58 -5.09 -3.91
N VAL A 127 4.31 -5.22 -4.35
CA VAL A 127 3.65 -4.41 -5.48
C VAL A 127 2.09 -4.19 -5.26
N HIS A 128 1.49 -4.74 -4.26
CA HIS A 128 0.05 -4.58 -3.96
C HIS A 128 -0.20 -5.01 -2.47
N LEU A 129 -1.30 -4.50 -1.92
CA LEU A 129 -1.80 -4.79 -0.52
C LEU A 129 -3.29 -5.20 -0.69
N ASP A 130 -3.83 -6.12 0.18
CA ASP A 130 -5.26 -6.51 0.17
C ASP A 130 -6.03 -6.30 1.54
N THR A 131 -5.50 -6.73 2.68
CA THR A 131 -6.17 -6.48 3.96
C THR A 131 -5.10 -6.37 5.03
N THR A 132 -5.53 -5.96 6.22
CA THR A 132 -4.74 -6.03 7.43
C THR A 132 -5.72 -6.43 8.59
N ILE A 133 -5.22 -7.28 9.45
CA ILE A 133 -5.93 -7.98 10.50
C ILE A 133 -5.08 -8.21 11.78
C1A LVZ B . -4.07 0.28 -12.46
C2A LVZ B . -4.92 -0.57 -13.34
O1 LVZ B . -4.05 -0.31 -11.10
C3A LVZ B . -2.62 0.48 -13.08
N9 LVZ B . -2.97 -1.06 -8.39
C1 LVZ B . -3.61 0.67 -10.09
S19 LVZ B . -1.37 -1.00 -8.40
O1S LVZ B . -0.97 0.17 -7.66
C2 LVZ B . -3.69 0.24 -8.60
S29 LVZ B . -6.07 4.46 -12.41
O2S LVZ B . -0.90 -0.96 -9.73
C3 LVZ B . -5.11 0.14 -8.18
O3 LVZ B . -5.26 -0.18 -6.85
O3S LVZ B . -0.94 -2.21 -7.70
C4 LVZ B . -6.00 1.41 -8.51
O4 LVZ B . -7.41 0.96 -8.45
O4S LVZ B . -7.33 5.01 -12.09
C5 LVZ B . -5.76 1.99 -9.91
O5 LVZ B . -4.30 2.00 -10.12
O5S LVZ B . -5.11 5.39 -12.85
C6 LVZ B . -6.37 3.33 -10.02
O6 LVZ B . -5.57 3.96 -11.07
O6S LVZ B . -6.10 3.27 -13.20
H1A LVZ B . -4.56 1.26 -12.43
H2A LVZ B . -4.41 -1.54 -13.32
H2AA LVZ B . -5.87 -0.72 -12.83
H2B LVZ B . -4.97 -0.23 -14.37
H1 LVZ B . -2.56 0.79 -10.34
H2 LVZ B . -3.33 1.00 -7.91
H3A LVZ B . -1.93 0.95 -12.37
H3AA LVZ B . -2.16 -0.44 -13.44
H3B LVZ B . -2.62 1.09 -13.99
H3 LVZ B . -5.54 -0.70 -8.72
H4 LVZ B . -5.75 2.17 -7.78
H5 LVZ B . -6.16 1.38 -10.71
H61 LVZ B . -7.42 3.25 -10.30
H62 LVZ B . -6.35 3.93 -9.12
HN9 LVZ B . -3.26 -1.85 -8.95
HO3 LVZ B . -6.19 -0.25 -6.63
C1 IDS B . -8.31 1.62 -7.55
C2 IDS B . -9.70 1.13 -7.78
C3 IDS B . -10.51 0.79 -6.52
C4 IDS B . -9.81 0.02 -5.48
C5 IDS B . -8.22 0.12 -5.65
C6 IDS B . -7.35 -0.28 -4.40
O2 IDS B . -10.53 2.05 -8.53
O3 IDS B . -11.63 -0.04 -6.98
O4 IDS B . -10.18 0.49 -4.14
O5 IDS B . -7.88 1.53 -6.12
O6A IDS B . -7.59 -1.35 -3.76
O6B IDS B . -6.42 0.47 -4.12
S IDS B . -11.07 1.85 -10.03
O1S IDS B . -12.33 2.53 -10.02
O2S IDS B . -11.19 0.41 -10.21
O3S IDS B . -10.11 2.52 -10.91
H1 IDS B . -8.31 2.68 -7.82
H2 IDS B . -9.50 0.17 -8.26
H3 IDS B . -10.98 1.67 -6.09
H4 IDS B . -9.99 -1.04 -5.62
H5 IDS B . -7.98 -0.56 -6.47
HO3 IDS B . -12.27 0.65 -7.22
C1 SGN B . -11.51 0.11 -3.67
C2 SGN B . -11.99 1.02 -2.50
C3 SGN B . -11.16 0.70 -1.28
C4 SGN B . -11.29 -0.81 -0.93
C5 SGN B . -10.95 -1.75 -2.13
C6 SGN B . -11.40 -3.16 -1.94
N2 SGN B . -11.82 2.42 -2.89
O3 SGN B . -11.63 1.35 -0.10
O4 SGN B . -10.39 -1.13 0.14
O5 SGN B . -11.66 -1.29 -3.30
O6 SGN B . -10.91 -4.02 -3.02
S1 SGN B . -13.28 3.04 -3.31
O1S SGN B . -13.03 4.36 -3.82
O2S SGN B . -13.84 2.23 -4.36
O3S SGN B . -14.13 2.94 -2.16
S2 SGN B . -11.12 -5.55 -2.91
O4S SGN B . -10.68 -6.22 -4.10
O5S SGN B . -12.52 -5.66 -2.66
O6S SGN B . -10.24 -5.85 -1.77
H1 SGN B . -12.17 0.23 -4.53
H2 SGN B . -13.04 0.81 -2.29
H3 SGN B . -10.12 0.99 -1.37
H4 SGN B . -12.30 -1.07 -0.63
H5 SGN B . -9.88 -1.63 -2.34
H61 SGN B . -10.87 -3.54 -1.06
H62 SGN B . -12.48 -3.25 -1.86
HN21 SGN B . -11.50 2.30 -3.85
HO3 SGN B . -12.55 1.62 -0.23
HO4 SGN B . -9.56 -0.79 -0.20
N ARG A 1 3.38 -0.12 -16.90
CA ARG A 1 4.30 0.63 -15.97
C ARG A 1 3.82 2.04 -15.53
N PRO A 2 3.70 2.35 -14.22
CA PRO A 2 3.29 3.70 -13.77
C PRO A 2 4.21 4.77 -14.37
N PRO A 3 3.62 5.94 -14.63
CA PRO A 3 4.27 6.86 -15.55
C PRO A 3 5.65 7.28 -15.20
N GLN A 4 5.98 7.24 -13.90
CA GLN A 4 7.26 7.72 -13.37
C GLN A 4 8.00 6.74 -12.32
N PHE A 5 7.45 5.62 -11.98
CA PHE A 5 7.96 4.72 -10.94
C PHE A 5 7.91 3.21 -11.49
N THR A 6 8.51 2.35 -10.73
CA THR A 6 8.17 0.91 -10.79
C THR A 6 6.87 0.62 -10.05
N ARG A 7 6.31 -0.53 -10.32
CA ARG A 7 5.11 -1.04 -9.55
C ARG A 7 5.46 -1.07 -8.03
N ALA A 8 6.70 -1.58 -7.77
CA ALA A 8 7.19 -1.70 -6.35
C ALA A 8 7.48 -0.34 -5.70
N GLN A 9 8.04 0.67 -6.42
CA GLN A 9 8.13 2.00 -5.90
C GLN A 9 6.74 2.58 -5.63
N TRP A 10 5.87 2.53 -6.66
CA TRP A 10 4.45 2.98 -6.55
C TRP A 10 3.60 2.35 -5.47
N PHE A 11 3.78 1.13 -5.17
CA PHE A 11 3.38 0.42 -3.92
C PHE A 11 3.90 1.23 -2.67
N ALA A 12 5.15 1.60 -2.60
CA ALA A 12 5.72 2.29 -1.37
C ALA A 12 5.24 3.69 -1.21
N ILE A 13 4.99 4.41 -2.31
CA ILE A 13 4.35 5.77 -2.19
C ILE A 13 2.83 5.58 -2.00
N GLN A 14 2.15 4.48 -2.41
CA GLN A 14 0.73 4.32 -2.04
C GLN A 14 0.56 3.78 -0.60
N HIS A 15 1.61 3.14 0.00
CA HIS A 15 1.52 2.25 1.16
C HIS A 15 2.68 2.04 2.25
N ILE A 16 3.81 2.66 2.11
CA ILE A 16 4.97 2.60 2.98
C ILE A 16 5.21 4.08 3.48
N SER A 17 5.44 4.15 4.77
CA SER A 17 5.79 5.46 5.45
C SER A 17 6.66 5.21 6.68
N LEU A 18 7.10 6.23 7.41
CA LEU A 18 7.71 6.16 8.75
C LEU A 18 7.35 7.35 9.64
N ASN A 19 7.06 8.53 9.04
CA ASN A 19 6.53 9.76 9.68
C ASN A 19 5.28 10.26 8.95
N PRO A 20 4.12 9.56 8.76
CA PRO A 20 3.14 9.95 7.80
C PRO A 20 2.47 11.32 8.24
N PRO A 21 1.89 12.15 7.31
CA PRO A 21 1.07 13.28 7.73
C PRO A 21 -0.30 12.91 8.36
N ARG A 22 -1.04 13.90 8.79
CA ARG A 22 -2.50 13.89 8.73
C ARG A 22 -3.08 13.27 7.44
N CYS A 23 -4.25 12.64 7.53
CA CYS A 23 -5.02 12.01 6.42
C CYS A 23 -5.56 13.08 5.48
N THR A 24 -5.61 14.34 5.86
CA THR A 24 -5.89 15.57 5.14
C THR A 24 -4.85 15.73 3.98
N ILE A 25 -3.60 15.22 4.07
CA ILE A 25 -2.55 15.29 3.12
C ILE A 25 -2.21 13.85 2.65
N ALA A 26 -2.17 12.88 3.58
CA ALA A 26 -1.84 11.42 3.27
C ALA A 26 -2.69 10.78 2.12
N MET A 27 -3.90 11.36 1.88
CA MET A 27 -4.73 10.92 0.70
C MET A 27 -4.41 11.65 -0.59
N ARG A 28 -3.87 12.89 -0.57
CA ARG A 28 -3.64 13.62 -1.81
C ARG A 28 -2.67 12.92 -2.80
N ALA A 29 -1.74 12.14 -2.30
CA ALA A 29 -0.91 11.17 -3.04
C ALA A 29 -1.66 10.32 -4.10
N ILE A 30 -2.97 10.00 -3.86
CA ILE A 30 -3.89 9.30 -4.85
C ILE A 30 -5.02 10.19 -5.27
N ASN A 31 -5.59 10.95 -4.34
CA ASN A 31 -6.94 11.53 -4.57
C ASN A 31 -6.89 12.79 -5.34
N ASN A 32 -5.70 13.40 -5.47
CA ASN A 32 -5.47 14.50 -6.38
C ASN A 32 -4.82 14.11 -7.72
N TYR A 33 -4.36 12.87 -7.79
CA TYR A 33 -3.50 12.18 -8.77
C TYR A 33 -4.38 11.33 -9.69
N ARG A 34 -5.68 11.25 -9.38
CA ARG A 34 -6.71 10.34 -9.96
C ARG A 34 -8.09 11.02 -10.18
N TRP A 35 -8.95 10.45 -10.99
CA TRP A 35 -10.12 11.25 -11.48
C TRP A 35 -11.21 11.56 -10.42
N ARG A 36 -11.44 10.77 -9.35
CA ARG A 36 -12.22 11.23 -8.19
C ARG A 36 -11.56 10.85 -6.92
N CYS A 37 -12.15 11.29 -5.78
CA CYS A 37 -11.59 10.98 -4.43
C CYS A 37 -12.00 9.53 -4.03
N LYS A 38 -11.01 8.64 -3.80
CA LYS A 38 -11.15 7.31 -3.24
C LYS A 38 -11.57 7.32 -1.78
N ASN A 39 -12.32 6.26 -1.42
CA ASN A 39 -13.01 6.24 -0.13
C ASN A 39 -12.05 5.97 1.12
N GLN A 40 -11.22 4.94 1.08
CA GLN A 40 -10.33 4.65 2.12
C GLN A 40 -8.90 4.29 1.60
N ASN A 41 -7.85 4.47 2.42
CA ASN A 41 -6.62 3.79 2.12
C ASN A 41 -5.93 3.44 3.44
N THR A 42 -4.82 2.68 3.35
CA THR A 42 -3.86 2.33 4.46
C THR A 42 -2.35 2.51 4.06
N PHE A 43 -1.54 3.14 4.91
CA PHE A 43 -0.14 3.44 4.86
C PHE A 43 0.59 2.83 6.13
N LEU A 44 1.22 1.64 6.00
CA LEU A 44 2.10 1.03 7.00
C LEU A 44 3.30 1.87 7.32
N ARG A 45 3.62 1.99 8.58
CA ARG A 45 4.88 2.61 9.14
C ARG A 45 5.89 1.39 9.33
N THR A 46 6.48 0.87 8.24
CA THR A 46 7.59 -0.17 8.28
C THR A 46 8.51 -0.02 7.08
N THR A 47 9.66 -0.77 7.09
CA THR A 47 10.71 -0.76 6.04
C THR A 47 10.30 -1.57 4.86
N PHE A 48 10.69 -1.19 3.63
CA PHE A 48 10.54 -2.00 2.39
C PHE A 48 11.25 -3.41 2.53
N ALA A 49 12.38 -3.44 3.23
CA ALA A 49 13.10 -4.65 3.54
C ALA A 49 12.39 -5.73 4.39
N ASN A 50 11.51 -5.40 5.31
CA ASN A 50 10.63 -6.37 5.96
C ASN A 50 9.53 -6.99 4.97
N VAL A 51 8.75 -6.17 4.28
CA VAL A 51 7.76 -6.60 3.25
C VAL A 51 8.46 -7.50 2.17
N VAL A 52 9.65 -7.12 1.83
CA VAL A 52 10.48 -7.83 0.80
C VAL A 52 10.98 -9.15 1.27
N ASN A 53 11.34 -9.26 2.53
CA ASN A 53 11.47 -10.55 3.20
C ASN A 53 10.16 -11.46 3.27
N VAL A 54 9.00 -10.78 3.33
CA VAL A 54 7.65 -11.42 3.39
C VAL A 54 7.23 -11.95 2.01
N CYS A 55 7.86 -11.44 0.96
CA CYS A 55 7.78 -12.15 -0.32
C CYS A 55 8.36 -13.56 -0.39
N GLY A 56 9.19 -13.96 0.62
CA GLY A 56 9.72 -15.28 0.74
C GLY A 56 9.09 -16.08 1.89
N ASN A 57 7.95 -15.70 2.43
CA ASN A 57 7.20 -16.45 3.41
C ASN A 57 6.41 -17.56 2.68
N GLN A 58 5.74 -18.56 3.36
CA GLN A 58 4.81 -19.55 2.79
C GLN A 58 4.06 -19.00 1.56
N SER A 59 4.05 -19.65 0.41
CA SER A 59 3.45 -19.10 -0.87
C SER A 59 1.95 -19.63 -0.95
N ILE A 60 1.18 -19.01 -0.08
CA ILE A 60 -0.26 -19.09 0.11
C ILE A 60 -1.05 -18.41 -0.97
N ARG A 61 -2.42 -18.42 -0.85
CA ARG A 61 -3.34 -17.89 -1.91
C ARG A 61 -4.48 -17.06 -1.36
N CYS A 62 -4.96 -16.09 -2.05
CA CYS A 62 -5.91 -15.09 -1.49
C CYS A 62 -7.04 -14.83 -2.50
N PRO A 63 -8.13 -14.19 -2.03
CA PRO A 63 -9.32 -13.94 -2.88
C PRO A 63 -9.14 -13.03 -4.10
N HIS A 64 -8.04 -12.23 -4.15
CA HIS A 64 -7.80 -11.31 -5.30
C HIS A 64 -6.44 -11.50 -6.00
N ASN A 65 -6.08 -12.73 -6.28
CA ASN A 65 -4.71 -13.25 -6.61
C ASN A 65 -4.71 -14.48 -7.57
N ARG A 66 -5.90 -14.90 -8.05
CA ARG A 66 -5.96 -16.03 -9.03
C ARG A 66 -5.00 -15.97 -10.23
N THR A 67 -4.62 -14.71 -10.63
CA THR A 67 -3.82 -14.46 -11.86
C THR A 67 -2.35 -14.92 -11.70
N LEU A 68 -1.82 -15.05 -10.46
CA LEU A 68 -0.59 -15.79 -10.17
C LEU A 68 -0.64 -16.86 -9.10
N ASN A 69 -1.62 -16.75 -8.20
CA ASN A 69 -1.99 -17.75 -7.20
C ASN A 69 -0.82 -17.93 -6.20
N ASN A 70 -0.11 -16.84 -5.92
CA ASN A 70 0.98 -16.59 -4.95
C ASN A 70 0.76 -15.27 -4.26
N CYS A 71 0.54 -15.26 -2.97
CA CYS A 71 0.41 -14.10 -1.98
C CYS A 71 0.94 -14.56 -0.63
N HIS A 72 1.10 -13.66 0.34
CA HIS A 72 1.71 -13.89 1.69
C HIS A 72 1.01 -12.94 2.72
N ARG A 73 0.92 -13.40 3.97
CA ARG A 73 0.71 -12.49 5.13
C ARG A 73 1.98 -12.43 6.05
N SER A 74 1.88 -11.44 7.00
CA SER A 74 3.04 -10.92 7.73
C SER A 74 3.48 -12.02 8.74
N ARG A 75 4.61 -11.77 9.45
CA ARG A 75 5.13 -12.52 10.58
C ARG A 75 4.79 -11.95 11.97
N PHE A 76 4.77 -10.65 12.02
CA PHE A 76 4.69 -9.77 13.27
C PHE A 76 3.86 -8.47 12.82
N ARG A 77 3.15 -7.79 13.80
CA ARG A 77 2.45 -6.49 13.61
C ARG A 77 3.35 -5.27 13.62
N VAL A 78 2.83 -4.31 12.86
CA VAL A 78 3.47 -2.96 12.63
C VAL A 78 2.51 -1.88 12.87
N PRO A 79 2.99 -0.66 13.13
CA PRO A 79 2.07 0.47 13.18
C PRO A 79 1.62 0.87 11.78
N LEU A 80 0.54 1.55 11.67
CA LEU A 80 0.03 2.05 10.36
C LEU A 80 -0.84 3.22 10.56
N LEU A 81 -1.15 3.82 9.43
CA LEU A 81 -2.24 4.72 9.22
C LEU A 81 -3.36 4.28 8.30
N HIS A 82 -4.60 4.29 8.66
CA HIS A 82 -5.80 4.18 7.80
C HIS A 82 -6.50 5.53 7.64
N CYS A 83 -7.10 5.87 6.46
CA CYS A 83 -7.67 7.20 6.22
C CYS A 83 -9.08 7.15 5.56
N ASP A 84 -10.00 8.05 5.73
CA ASP A 84 -11.41 7.76 5.83
C ASP A 84 -12.18 8.98 5.34
N LEU A 85 -12.65 8.88 4.08
CA LEU A 85 -13.46 9.95 3.44
C LEU A 85 -14.79 10.11 4.19
N ILE A 86 -15.08 11.32 4.59
CA ILE A 86 -16.29 11.57 5.42
C ILE A 86 -17.60 11.24 4.76
N ASN A 87 -17.74 11.49 3.49
CA ASN A 87 -19.04 11.30 2.79
C ASN A 87 -18.81 10.89 1.36
N PRO A 88 -19.18 9.64 0.94
CA PRO A 88 -18.96 9.17 -0.45
C PRO A 88 -19.53 10.11 -1.46
N GLY A 89 -20.56 10.95 -1.23
CA GLY A 89 -20.91 12.12 -2.10
C GLY A 89 -19.84 12.94 -2.72
N ALA A 90 -18.78 13.28 -2.07
CA ALA A 90 -17.84 14.33 -2.52
C ALA A 90 -16.92 13.85 -3.62
N GLN A 91 -16.57 14.70 -4.56
CA GLN A 91 -15.75 14.32 -5.76
C GLN A 91 -14.81 15.36 -6.27
N ASN A 92 -14.90 16.56 -5.77
CA ASN A 92 -13.92 17.64 -5.97
C ASN A 92 -12.89 17.73 -4.87
N ILE A 93 -11.54 17.70 -5.08
CA ILE A 93 -10.49 17.76 -4.04
C ILE A 93 -10.70 18.78 -2.92
N SER A 94 -11.32 19.85 -3.33
CA SER A 94 -11.66 21.10 -2.63
C SER A 94 -12.61 20.86 -1.44
N ASN A 95 -13.60 20.02 -1.66
CA ASN A 95 -14.62 19.66 -0.79
C ASN A 95 -14.41 18.25 -0.18
N CYS A 96 -13.78 17.29 -0.85
CA CYS A 96 -13.39 16.07 -0.11
C CYS A 96 -12.58 16.35 1.21
N ARG A 97 -13.10 15.68 2.28
CA ARG A 97 -12.45 15.80 3.63
C ARG A 97 -12.31 14.41 4.29
N TYR A 98 -11.29 14.36 5.09
CA TYR A 98 -10.77 13.12 5.62
C TYR A 98 -10.45 13.10 7.13
N ALA A 99 -10.43 11.88 7.65
CA ALA A 99 -10.28 11.61 9.08
C ALA A 99 -9.10 10.65 9.32
N ASP A 100 -8.53 10.74 10.46
CA ASP A 100 -7.26 10.20 10.91
C ASP A 100 -7.50 9.05 11.81
N ARG A 101 -7.08 7.83 11.40
CA ARG A 101 -7.25 6.55 12.12
C ARG A 101 -5.82 5.90 12.13
N PRO A 102 -4.89 6.37 12.97
CA PRO A 102 -3.68 5.59 13.22
C PRO A 102 -4.04 4.41 14.11
N GLY A 103 -3.08 3.50 14.17
CA GLY A 103 -3.21 2.15 14.89
C GLY A 103 -2.05 1.26 14.53
N ARG A 104 -2.30 -0.10 14.74
CA ARG A 104 -1.36 -1.21 14.58
C ARG A 104 -2.00 -2.49 14.10
N ARG A 105 -1.55 -3.22 13.06
CA ARG A 105 -2.15 -4.47 12.58
C ARG A 105 -1.10 -5.37 11.86
N PHE A 106 -1.45 -6.66 11.74
CA PHE A 106 -0.79 -7.38 10.66
C PHE A 106 -0.98 -6.87 9.21
N TYR A 107 -0.34 -7.48 8.22
CA TYR A 107 -0.69 -7.22 6.80
C TYR A 107 -0.74 -8.46 5.84
N VAL A 108 -1.39 -8.28 4.66
CA VAL A 108 -1.45 -9.38 3.61
C VAL A 108 -1.09 -8.69 2.32
N VAL A 109 -0.18 -9.26 1.55
CA VAL A 109 0.62 -8.69 0.42
C VAL A 109 0.65 -9.61 -0.79
N ALA A 110 0.74 -9.07 -2.04
CA ALA A 110 1.15 -9.82 -3.25
C ALA A 110 2.52 -9.33 -3.75
N CYS A 111 3.29 -10.18 -4.38
CA CYS A 111 4.64 -9.80 -4.84
C CYS A 111 4.89 -10.13 -6.33
N ASP A 112 5.93 -9.53 -6.94
CA ASP A 112 6.31 -9.81 -8.30
C ASP A 112 7.88 -9.87 -8.45
N ASN A 113 8.38 -10.10 -9.65
CA ASN A 113 9.85 -10.17 -9.90
C ASN A 113 10.62 -8.78 -9.93
N ARG A 114 11.95 -8.82 -9.81
CA ARG A 114 12.73 -7.55 -9.86
C ARG A 114 12.54 -6.85 -11.23
N ASP A 115 12.48 -5.54 -11.19
CA ASP A 115 12.97 -4.80 -12.35
C ASP A 115 14.46 -4.92 -12.61
N PRO A 116 14.89 -4.69 -13.83
CA PRO A 116 16.34 -4.79 -14.18
C PRO A 116 17.24 -3.96 -13.19
N ARG A 117 16.85 -2.83 -12.64
CA ARG A 117 17.70 -1.80 -12.08
C ARG A 117 17.32 -1.30 -10.73
N ASP A 118 16.03 -1.43 -10.31
CA ASP A 118 15.41 -0.95 -9.09
C ASP A 118 15.68 -2.02 -7.99
N SER A 119 15.98 -1.49 -6.80
CA SER A 119 16.21 -2.16 -5.53
C SER A 119 17.01 -3.46 -5.74
N PRO A 120 18.22 -3.43 -6.26
CA PRO A 120 18.93 -4.59 -6.71
C PRO A 120 19.56 -5.46 -5.57
N ARG A 121 19.22 -5.20 -4.32
CA ARG A 121 19.65 -6.11 -3.17
C ARG A 121 18.69 -7.36 -3.20
N TYR A 122 17.57 -7.37 -3.92
CA TYR A 122 16.48 -8.30 -3.80
C TYR A 122 16.04 -8.94 -5.09
N PRO A 123 15.85 -10.30 -5.24
CA PRO A 123 15.38 -10.87 -6.54
C PRO A 123 13.92 -10.55 -6.83
N VAL A 124 13.15 -10.12 -5.80
CA VAL A 124 11.64 -9.90 -5.85
C VAL A 124 11.13 -8.80 -4.91
N VAL A 125 9.90 -8.35 -5.09
CA VAL A 125 9.47 -7.08 -4.56
C VAL A 125 7.94 -7.05 -4.36
N PRO A 126 7.39 -6.48 -3.23
CA PRO A 126 6.05 -6.25 -3.01
C PRO A 126 5.40 -5.36 -4.10
N VAL A 127 4.14 -5.69 -4.49
CA VAL A 127 3.40 -4.94 -5.50
C VAL A 127 1.88 -4.64 -5.24
N HIS A 128 1.23 -5.36 -4.30
CA HIS A 128 -0.13 -5.05 -3.90
C HIS A 128 -0.41 -5.26 -2.43
N LEU A 129 -1.41 -4.66 -1.82
CA LEU A 129 -1.80 -4.83 -0.45
C LEU A 129 -3.24 -5.44 -0.38
N ASP A 130 -3.55 -6.54 0.33
CA ASP A 130 -4.88 -7.20 0.13
C ASP A 130 -5.81 -6.86 1.33
N THR A 131 -5.24 -6.76 2.53
CA THR A 131 -5.83 -6.08 3.67
C THR A 131 -4.84 -5.84 4.82
N THR A 132 -5.31 -5.32 5.98
CA THR A 132 -4.60 -5.40 7.34
C THR A 132 -5.55 -5.80 8.54
N ILE A 133 -5.12 -6.60 9.59
CA ILE A 133 -5.96 -7.33 10.56
C ILE A 133 -5.47 -7.20 12.01
C1A LVZ B . -3.91 -0.86 -11.87
C2A LVZ B . -3.45 0.32 -12.70
O1 LVZ B . -4.40 -0.56 -10.57
C3A LVZ B . -4.85 -1.88 -12.48
N9 LVZ B . -3.11 -1.27 -7.94
C1 LVZ B . -3.73 0.48 -9.73
S19 LVZ B . -1.46 -1.26 -7.92
O1S LVZ B . -1.09 -0.33 -6.90
C2 LVZ B . -3.73 0.06 -8.31
S29 LVZ B . -6.55 4.16 -11.97
O2S LVZ B . -0.99 -0.92 -9.24
C3 LVZ B . -5.04 0.09 -7.60
O3 LVZ B . -4.96 0.16 -6.15
O3S LVZ B . -1.12 -2.59 -7.53
C4 LVZ B . -5.89 1.24 -7.99
O4 LVZ B . -7.27 0.71 -7.82
O4S LVZ B . -7.73 4.99 -11.75
C5 LVZ B . -5.82 1.69 -9.41
O5 LVZ B . -4.43 1.70 -9.90
O5S LVZ B . -5.49 4.87 -12.73
C6 LVZ B . -6.58 2.96 -9.63
O6 LVZ B . -5.88 3.82 -10.61
O6S LVZ B . -6.87 2.87 -12.50
H1A LVZ B . -3.04 -1.53 -11.80
H2A LVZ B . -2.63 0.86 -12.23
H2AA LVZ B . -3.07 0.03 -13.68
H2B LVZ B . -4.36 0.89 -12.89
H1 LVZ B . -2.70 0.68 -10.02
H2 LVZ B . -3.06 0.83 -7.89
H3A LVZ B . -4.69 -2.91 -12.15
H3AA LVZ B . -5.84 -1.58 -12.13
H3B LVZ B . -4.77 -1.92 -13.57
H3 LVZ B . -5.60 -0.79 -7.92
H4 LVZ B . -5.67 2.09 -7.34
H5 LVZ B . -6.33 0.96 -10.04
H61 LVZ B . -7.60 2.76 -9.95
H62 LVZ B . -6.71 3.55 -8.73
HN9 LVZ B . -3.31 -1.99 -8.63
HO3 LVZ B . -5.88 0.27 -5.87
C1 IDS B . -8.25 1.45 -7.01
C2 IDS B . -9.65 0.86 -7.23
C3 IDS B . -10.39 0.73 -5.85
C4 IDS B . -9.63 0.04 -4.75
C5 IDS B . -8.10 0.07 -4.92
C6 IDS B . -7.14 -0.10 -3.72
O2 IDS B . -10.48 1.83 -7.91
O3 IDS B . -11.54 -0.03 -6.21
O4 IDS B . -9.97 0.74 -3.46
O5 IDS B . -7.95 1.42 -5.54
O6A IDS B . -7.21 -1.12 -3.04
O6B IDS B . -6.24 0.77 -3.53
S IDS B . -10.99 1.81 -9.36
O1S IDS B . -12.26 1.10 -9.43
O2S IDS B . -11.02 3.21 -9.78
O3S IDS B . -10.01 1.13 -10.14
H1 IDS B . -8.23 2.46 -7.42
H2 IDS B . -9.65 -0.08 -7.77
H3 IDS B . -10.69 1.73 -5.55
H4 IDS B . -9.86 -1.02 -4.62
H5 IDS B . -7.87 -0.76 -5.58
HO3 IDS B . -11.35 -0.83 -6.71
C1 SGN B . -11.26 0.28 -3.00
C2 SGN B . -11.90 1.30 -2.02
C3 SGN B . -11.31 1.35 -0.59
C4 SGN B . -11.07 -0.03 -0.04
C5 SGN B . -10.47 -1.03 -1.02
C6 SGN B . -10.53 -2.48 -0.62
N2 SGN B . -11.86 2.67 -2.54
O3 SGN B . -12.12 2.09 0.27
O4 SGN B . -10.22 0.10 1.15
O5 SGN B . -11.18 -1.01 -2.34
O6 SGN B . -9.63 -3.25 -1.55
S1 SGN B . -13.18 3.10 -3.41
O1S SGN B . -13.21 2.29 -4.57
O2S SGN B . -14.40 2.86 -2.61
O3S SGN B . -13.08 4.53 -3.67
S2 SGN B . -10.04 -4.72 -1.82
O4S SGN B . -11.19 -4.57 -2.70
O5S SGN B . -8.91 -5.27 -2.53
O6S SGN B . -10.44 -5.44 -0.62
H1 SGN B . -11.93 0.25 -3.86
H2 SGN B . -12.92 0.93 -1.96
H3 SGN B . -10.31 1.77 -0.45
H4 SGN B . -11.99 -0.43 0.39
H5 SGN B . -9.43 -0.74 -1.15
H61 SGN B . -10.16 -2.67 0.39
H62 SGN B . -11.57 -2.81 -0.72
HN21 SGN B . -11.02 2.72 -3.09
HO3 SGN B . -12.65 2.70 -0.26
HO4 SGN B . -9.96 -0.79 1.42
N ARG A 1 2.68 -0.77 -17.74
CA ARG A 1 3.71 -0.06 -16.95
C ARG A 1 3.40 1.44 -16.77
N PRO A 2 3.43 1.95 -15.48
CA PRO A 2 3.16 3.38 -15.30
C PRO A 2 4.22 4.31 -15.98
N PRO A 3 3.90 5.57 -16.14
CA PRO A 3 4.70 6.47 -16.94
C PRO A 3 6.05 7.00 -16.38
N GLN A 4 6.09 6.98 -15.03
CA GLN A 4 7.27 7.41 -14.19
C GLN A 4 7.66 6.60 -12.94
N PHE A 5 7.01 5.49 -12.68
CA PHE A 5 7.34 4.56 -11.54
C PHE A 5 7.11 3.11 -11.98
N THR A 6 7.85 2.18 -11.33
CA THR A 6 7.50 0.75 -11.41
C THR A 6 6.33 0.47 -10.52
N ARG A 7 5.61 -0.67 -10.69
CA ARG A 7 4.46 -0.99 -9.81
C ARG A 7 4.98 -1.15 -8.36
N ALA A 8 6.19 -1.61 -8.08
CA ALA A 8 6.76 -1.70 -6.75
C ALA A 8 7.13 -0.27 -6.10
N GLN A 9 7.44 0.75 -6.90
CA GLN A 9 7.58 2.13 -6.56
C GLN A 9 6.16 2.78 -6.33
N TRP A 10 5.15 2.34 -7.13
CA TRP A 10 3.73 2.78 -6.93
C TRP A 10 3.01 2.23 -5.71
N PHE A 11 3.12 0.92 -5.48
CA PHE A 11 2.93 0.23 -4.24
C PHE A 11 3.35 1.00 -2.98
N ALA A 12 4.57 1.42 -2.93
CA ALA A 12 5.17 2.12 -1.80
C ALA A 12 4.52 3.51 -1.57
N ILE A 13 4.47 4.29 -2.69
CA ILE A 13 4.00 5.68 -2.63
C ILE A 13 2.52 5.71 -2.08
N GLN A 14 1.74 4.64 -2.27
CA GLN A 14 0.39 4.54 -1.70
C GLN A 14 0.25 3.94 -0.25
N HIS A 15 1.21 3.14 0.23
CA HIS A 15 1.05 2.31 1.42
C HIS A 15 2.28 2.31 2.36
N ILE A 16 3.48 2.77 2.04
CA ILE A 16 4.72 2.61 2.78
C ILE A 16 5.28 3.96 3.33
N SER A 17 5.67 3.87 4.62
CA SER A 17 5.83 5.03 5.50
C SER A 17 6.72 4.67 6.76
N LEU A 18 6.84 5.68 7.60
CA LEU A 18 7.46 5.64 8.91
C LEU A 18 7.00 6.78 9.84
N ASN A 19 6.51 7.90 9.44
CA ASN A 19 6.04 8.98 10.35
C ASN A 19 5.02 9.87 9.51
N PRO A 20 3.76 9.36 9.22
CA PRO A 20 2.91 9.99 8.21
C PRO A 20 2.31 11.35 8.71
N PRO A 21 2.04 12.25 7.78
CA PRO A 21 1.29 13.44 8.12
C PRO A 21 -0.21 13.10 8.42
N ARG A 22 -1.06 14.05 8.86
CA ARG A 22 -2.45 13.86 9.07
C ARG A 22 -3.11 13.42 7.76
N CYS A 23 -4.28 12.65 7.86
CA CYS A 23 -5.07 12.12 6.81
C CYS A 23 -5.43 13.15 5.72
N THR A 24 -5.63 14.39 6.10
CA THR A 24 -5.81 15.65 5.32
C THR A 24 -4.69 15.74 4.27
N ILE A 25 -3.44 15.55 4.57
CA ILE A 25 -2.28 15.65 3.63
C ILE A 25 -1.94 14.32 2.89
N ALA A 26 -2.08 13.20 3.56
CA ALA A 26 -1.66 11.84 3.06
C ALA A 26 -2.60 11.25 2.00
N MET A 27 -4.00 11.40 2.14
CA MET A 27 -4.95 11.02 1.11
C MET A 27 -4.78 11.84 -0.17
N ARG A 28 -4.06 12.97 -0.12
CA ARG A 28 -3.58 13.63 -1.40
C ARG A 28 -2.53 12.79 -2.20
N ALA A 29 -1.85 11.79 -1.61
CA ALA A 29 -1.03 10.92 -2.37
C ALA A 29 -1.76 10.17 -3.51
N ILE A 30 -3.05 9.79 -3.22
CA ILE A 30 -3.96 9.17 -4.26
C ILE A 30 -4.89 10.30 -4.84
N ASN A 31 -5.71 10.95 -4.02
CA ASN A 31 -6.84 11.63 -4.57
C ASN A 31 -6.51 12.98 -5.29
N ASN A 32 -5.27 13.51 -5.12
CA ASN A 32 -4.63 14.55 -5.86
C ASN A 32 -3.56 14.12 -6.91
N TYR A 33 -3.72 12.91 -7.44
CA TYR A 33 -2.74 12.29 -8.40
C TYR A 33 -3.60 11.49 -9.37
N ARG A 34 -4.67 10.82 -8.95
CA ARG A 34 -5.62 10.22 -9.86
C ARG A 34 -6.71 11.28 -10.29
N TRP A 35 -7.45 11.00 -11.37
CA TRP A 35 -8.52 11.76 -11.82
C TRP A 35 -9.72 12.06 -10.95
N ARG A 36 -10.10 11.20 -9.97
CA ARG A 36 -11.11 11.41 -8.93
C ARG A 36 -10.65 11.02 -7.52
N CYS A 37 -11.46 11.38 -6.54
CA CYS A 37 -11.37 10.85 -5.15
C CYS A 37 -11.51 9.31 -4.98
N LYS A 38 -11.26 8.84 -3.74
CA LYS A 38 -11.42 7.51 -3.14
C LYS A 38 -11.74 7.62 -1.68
N ASN A 39 -12.58 6.68 -1.21
CA ASN A 39 -13.04 6.55 0.11
C ASN A 39 -12.11 6.18 1.25
N GLN A 40 -11.29 5.14 1.08
CA GLN A 40 -10.44 4.71 2.21
C GLN A 40 -9.08 4.29 1.62
N ASN A 41 -8.05 4.47 2.43
CA ASN A 41 -6.68 3.87 2.32
C ASN A 41 -5.98 3.69 3.67
N THR A 42 -5.18 2.66 3.68
CA THR A 42 -4.31 2.38 4.85
C THR A 42 -2.82 2.54 4.42
N PHE A 43 -2.00 3.09 5.32
CA PHE A 43 -0.57 3.28 5.19
C PHE A 43 0.24 2.61 6.38
N LEU A 44 1.48 2.18 6.20
CA LEU A 44 2.17 1.29 7.17
C LEU A 44 3.63 1.71 7.45
N ARG A 45 3.95 1.74 8.74
CA ARG A 45 5.14 2.17 9.33
C ARG A 45 6.09 1.04 9.53
N THR A 46 6.70 0.69 8.40
CA THR A 46 7.68 -0.41 8.21
C THR A 46 8.70 -0.21 7.06
N THR A 47 9.78 -0.90 7.12
CA THR A 47 10.83 -0.86 6.08
C THR A 47 10.40 -1.63 4.83
N PHE A 48 10.44 -1.07 3.61
CA PHE A 48 10.26 -1.69 2.32
C PHE A 48 10.99 -3.05 2.33
N ALA A 49 12.18 -3.12 2.89
CA ALA A 49 12.99 -4.30 3.20
C ALA A 49 12.29 -5.41 3.98
N ASN A 50 11.56 -5.16 5.01
CA ASN A 50 10.82 -6.17 5.71
C ASN A 50 9.65 -6.69 4.84
N VAL A 51 8.99 -5.87 4.02
CA VAL A 51 7.87 -6.22 3.08
C VAL A 51 8.39 -7.10 1.89
N VAL A 52 9.62 -6.82 1.42
CA VAL A 52 10.39 -7.80 0.58
C VAL A 52 10.74 -9.16 1.30
N ASN A 53 11.24 -9.09 2.51
CA ASN A 53 11.30 -10.30 3.38
C ASN A 53 9.91 -11.05 3.51
N VAL A 54 8.75 -10.34 3.56
CA VAL A 54 7.42 -11.09 3.61
C VAL A 54 7.07 -11.74 2.23
N CYS A 55 7.39 -11.09 1.12
CA CYS A 55 7.56 -11.79 -0.15
C CYS A 55 8.64 -12.97 -0.21
N GLY A 56 9.49 -13.15 0.83
CA GLY A 56 10.51 -14.21 1.04
C GLY A 56 9.88 -15.42 1.85
N ASN A 57 8.83 -15.05 2.65
CA ASN A 57 7.98 -16.10 3.32
C ASN A 57 7.16 -17.10 2.41
N GLN A 58 6.68 -18.18 2.96
CA GLN A 58 5.80 -19.22 2.36
C GLN A 58 4.77 -18.65 1.34
N SER A 59 4.65 -19.39 0.21
CA SER A 59 3.60 -19.05 -0.85
C SER A 59 2.20 -19.41 -0.42
N ILE A 60 1.24 -18.50 -0.56
CA ILE A 60 -0.16 -18.84 -0.28
C ILE A 60 -1.05 -18.24 -1.38
N ARG A 61 -2.33 -18.16 -1.10
CA ARG A 61 -3.29 -17.66 -2.16
C ARG A 61 -4.48 -16.86 -1.48
N CYS A 62 -5.11 -15.93 -2.16
CA CYS A 62 -5.75 -14.74 -1.47
C CYS A 62 -7.11 -14.33 -2.22
N PRO A 63 -8.11 -13.72 -1.54
CA PRO A 63 -9.35 -13.28 -2.20
C PRO A 63 -9.35 -12.37 -3.43
N HIS A 64 -8.17 -11.79 -3.82
CA HIS A 64 -8.07 -10.97 -5.01
C HIS A 64 -6.82 -11.42 -5.89
N ASN A 65 -6.40 -12.72 -5.78
CA ASN A 65 -5.07 -13.17 -6.36
C ASN A 65 -5.10 -14.43 -7.25
N ARG A 66 -6.29 -15.13 -7.36
CA ARG A 66 -6.55 -16.22 -8.31
C ARG A 66 -6.09 -15.98 -9.79
N THR A 67 -5.83 -14.72 -10.20
CA THR A 67 -4.97 -14.39 -11.30
C THR A 67 -3.63 -15.21 -11.35
N LEU A 68 -2.92 -15.58 -10.26
CA LEU A 68 -1.71 -16.48 -10.28
C LEU A 68 -1.55 -17.29 -9.04
N ASN A 69 -2.48 -17.21 -8.08
CA ASN A 69 -2.49 -17.89 -6.82
C ASN A 69 -1.15 -17.90 -6.11
N ASN A 70 -0.48 -16.74 -6.01
CA ASN A 70 0.69 -16.50 -5.11
C ASN A 70 0.58 -15.17 -4.35
N CYS A 71 0.51 -15.16 -3.05
CA CYS A 71 0.49 -14.03 -2.14
C CYS A 71 1.25 -14.43 -0.86
N HIS A 72 1.31 -13.53 0.12
CA HIS A 72 2.08 -13.67 1.36
C HIS A 72 1.46 -12.99 2.48
N ARG A 73 2.01 -13.29 3.69
CA ARG A 73 1.47 -12.62 4.92
C ARG A 73 2.58 -12.39 5.92
N SER A 74 2.34 -11.33 6.72
CA SER A 74 3.40 -10.82 7.61
C SER A 74 3.82 -11.81 8.71
N ARG A 75 5.02 -11.71 9.23
CA ARG A 75 5.53 -12.50 10.33
C ARG A 75 5.16 -11.95 11.72
N PHE A 76 5.18 -10.62 11.84
CA PHE A 76 4.97 -9.73 12.96
C PHE A 76 4.19 -8.46 12.45
N ARG A 77 3.39 -7.78 13.30
CA ARG A 77 2.63 -6.56 12.98
C ARG A 77 3.39 -5.25 12.83
N VAL A 78 2.67 -4.22 12.27
CA VAL A 78 3.25 -2.88 12.15
C VAL A 78 2.23 -1.83 12.59
N PRO A 79 2.75 -0.73 13.16
CA PRO A 79 1.87 0.44 13.35
C PRO A 79 1.36 0.93 12.01
N LEU A 80 0.09 1.35 11.93
CA LEU A 80 -0.49 1.86 10.67
C LEU A 80 -1.40 3.04 10.86
N LEU A 81 -1.64 3.80 9.78
CA LEU A 81 -2.56 4.95 9.60
C LEU A 81 -3.62 4.62 8.59
N HIS A 82 -4.91 4.73 8.89
CA HIS A 82 -6.04 4.51 8.02
C HIS A 82 -6.80 5.90 7.92
N CYS A 83 -7.19 6.18 6.72
CA CYS A 83 -7.93 7.36 6.34
C CYS A 83 -9.32 7.00 5.87
N ASP A 84 -10.17 7.99 5.91
CA ASP A 84 -11.66 7.78 5.98
C ASP A 84 -12.33 9.09 5.45
N LEU A 85 -13.08 9.02 4.30
CA LEU A 85 -13.70 10.16 3.67
C LEU A 85 -15.09 10.49 4.20
N ILE A 86 -15.31 11.76 4.56
CA ILE A 86 -16.64 12.16 5.11
C ILE A 86 -17.95 11.63 4.42
N ASN A 87 -17.99 11.59 3.07
CA ASN A 87 -19.02 11.12 2.14
C ASN A 87 -18.45 10.39 0.96
N PRO A 88 -18.60 9.06 0.81
CA PRO A 88 -18.36 8.21 -0.40
C PRO A 88 -18.81 8.70 -1.83
N GLY A 89 -19.81 9.58 -1.94
CA GLY A 89 -20.35 10.04 -3.20
C GLY A 89 -19.67 11.37 -3.68
N ALA A 90 -18.58 11.74 -3.09
CA ALA A 90 -17.74 12.93 -3.46
C ALA A 90 -16.53 12.50 -4.32
N GLN A 91 -16.12 13.39 -5.26
CA GLN A 91 -15.37 13.05 -6.49
C GLN A 91 -14.19 14.08 -6.67
N ASN A 92 -14.28 15.21 -5.93
CA ASN A 92 -13.48 16.42 -6.20
C ASN A 92 -12.44 16.77 -5.04
N ILE A 93 -11.18 17.14 -5.29
CA ILE A 93 -10.18 17.60 -4.25
C ILE A 93 -10.64 18.62 -3.21
N SER A 94 -11.31 19.62 -3.72
CA SER A 94 -11.92 20.74 -3.03
C SER A 94 -13.27 20.43 -2.42
N ASN A 95 -13.71 19.14 -2.29
CA ASN A 95 -14.94 18.72 -1.64
C ASN A 95 -14.62 17.49 -0.78
N CYS A 96 -13.73 16.51 -1.15
CA CYS A 96 -13.35 15.43 -0.33
C CYS A 96 -12.56 15.89 0.91
N ARG A 97 -12.76 15.29 2.09
CA ARG A 97 -12.13 15.51 3.37
C ARG A 97 -12.08 14.27 4.20
N TYR A 98 -11.17 14.24 5.13
CA TYR A 98 -10.72 13.02 5.80
C TYR A 98 -10.47 13.13 7.31
N ALA A 99 -10.56 11.98 8.01
CA ALA A 99 -10.19 11.93 9.46
C ALA A 99 -9.11 10.91 9.74
N ASP A 100 -8.29 11.06 10.80
CA ASP A 100 -7.25 10.01 11.12
C ASP A 100 -7.85 8.83 11.85
N ARG A 101 -7.28 7.64 11.57
CA ARG A 101 -7.39 6.48 12.37
C ARG A 101 -6.12 5.64 12.48
N PRO A 102 -5.09 6.07 13.25
CA PRO A 102 -3.89 5.33 13.70
C PRO A 102 -4.19 3.96 14.36
N GLY A 103 -3.39 2.92 14.18
CA GLY A 103 -3.73 1.51 14.51
C GLY A 103 -2.40 0.73 14.62
N ARG A 104 -2.57 -0.57 14.83
CA ARG A 104 -1.45 -1.62 14.62
C ARG A 104 -2.11 -2.98 14.34
N ARG A 105 -1.83 -3.59 13.14
CA ARG A 105 -2.32 -4.89 12.71
C ARG A 105 -1.25 -5.68 12.04
N PHE A 106 -1.64 -6.95 11.68
CA PHE A 106 -0.85 -7.82 10.76
C PHE A 106 -1.30 -7.49 9.32
N TYR A 107 -0.59 -7.95 8.28
CA TYR A 107 -0.92 -7.60 6.88
C TYR A 107 -0.59 -8.68 5.87
N VAL A 108 -1.11 -8.52 4.64
CA VAL A 108 -1.05 -9.50 3.51
C VAL A 108 -0.66 -8.70 2.23
N VAL A 109 0.14 -9.34 1.37
CA VAL A 109 0.62 -8.70 0.13
C VAL A 109 0.64 -9.72 -1.02
N ALA A 110 0.74 -9.25 -2.28
CA ALA A 110 1.16 -10.08 -3.40
C ALA A 110 2.42 -9.34 -3.92
N CYS A 111 3.31 -10.12 -4.54
CA CYS A 111 4.69 -9.84 -4.79
C CYS A 111 5.17 -10.29 -6.21
N ASP A 112 6.27 -9.71 -6.74
CA ASP A 112 6.80 -10.17 -8.03
C ASP A 112 8.34 -10.28 -8.12
N ASN A 113 8.93 -10.80 -9.19
CA ASN A 113 10.40 -10.76 -9.49
C ASN A 113 10.85 -9.33 -9.82
N ARG A 114 12.13 -9.04 -9.68
CA ARG A 114 12.72 -7.70 -9.87
C ARG A 114 12.67 -7.11 -11.29
N ASP A 115 13.09 -5.86 -11.35
CA ASP A 115 13.47 -5.17 -12.59
C ASP A 115 14.98 -4.77 -12.65
N PRO A 116 15.72 -4.97 -13.71
CA PRO A 116 17.19 -4.53 -13.79
C PRO A 116 17.68 -3.10 -13.37
N ARG A 117 16.75 -2.13 -13.17
CA ARG A 117 17.02 -0.69 -12.91
C ARG A 117 16.24 -0.12 -11.80
N ASP A 118 15.72 -1.07 -11.01
CA ASP A 118 15.02 -0.68 -9.79
C ASP A 118 15.28 -1.59 -8.62
N SER A 119 15.31 -0.98 -7.41
CA SER A 119 15.59 -1.58 -6.08
C SER A 119 16.73 -2.66 -6.14
N PRO A 120 17.97 -2.27 -6.63
CA PRO A 120 19.09 -3.11 -6.92
C PRO A 120 19.60 -3.98 -5.79
N ARG A 121 19.27 -3.61 -4.55
CA ARG A 121 19.61 -4.40 -3.32
C ARG A 121 18.84 -5.79 -3.16
N TYR A 122 17.74 -6.06 -3.87
CA TYR A 122 16.82 -7.22 -3.48
C TYR A 122 16.54 -8.19 -4.58
N PRO A 123 16.32 -9.49 -4.34
CA PRO A 123 15.94 -10.39 -5.42
C PRO A 123 14.43 -10.31 -5.83
N VAL A 124 13.51 -9.86 -4.97
CA VAL A 124 12.04 -9.79 -5.25
C VAL A 124 11.46 -8.45 -4.73
N VAL A 125 10.25 -8.02 -5.26
CA VAL A 125 9.50 -6.87 -4.73
C VAL A 125 7.98 -7.12 -4.33
N PRO A 126 7.39 -6.45 -3.38
CA PRO A 126 5.96 -6.34 -3.11
C PRO A 126 5.28 -5.43 -4.15
N VAL A 127 4.04 -5.76 -4.45
CA VAL A 127 3.29 -5.01 -5.57
C VAL A 127 1.80 -4.66 -5.25
N HIS A 128 1.21 -5.27 -4.19
CA HIS A 128 -0.17 -4.89 -3.68
C HIS A 128 -0.49 -5.37 -2.25
N LEU A 129 -0.91 -4.48 -1.34
CA LEU A 129 -1.41 -4.73 0.03
C LEU A 129 -2.85 -5.26 -0.20
N ASP A 130 -3.05 -6.46 0.22
CA ASP A 130 -4.40 -7.05 0.19
C ASP A 130 -5.30 -6.78 1.39
N THR A 131 -4.88 -6.93 2.64
CA THR A 131 -5.62 -6.64 3.84
C THR A 131 -4.75 -6.49 5.06
N THR A 132 -5.42 -6.08 6.17
CA THR A 132 -4.80 -6.10 7.48
C THR A 132 -5.71 -6.84 8.40
N ILE A 133 -5.13 -7.34 9.50
CA ILE A 133 -5.89 -8.25 10.46
C ILE A 133 -5.43 -8.07 11.91
C1A LVZ B . -3.52 -1.25 -11.74
C2A LVZ B . -4.63 -0.98 -12.77
O1 LVZ B . -4.01 -0.92 -10.38
C3A LVZ B . -3.04 -2.74 -11.78
N9 LVZ B . -2.80 -0.92 -7.83
C1 LVZ B . -3.44 0.35 -9.92
S19 LVZ B . -1.12 -0.89 -7.98
O1S LVZ B . -0.66 0.15 -7.07
C2 LVZ B . -3.42 0.31 -8.41
S29 LVZ B . -6.70 4.87 -11.42
O2S LVZ B . -0.72 -0.82 -9.37
C3 LVZ B . -4.90 0.35 -7.82
O3 LVZ B . -4.76 0.57 -6.39
O3S LVZ B . -0.79 -2.19 -7.47
C4 LVZ B . -5.86 1.42 -8.42
O4 LVZ B . -7.28 0.95 -8.06
O4S LVZ B . -7.99 5.26 -10.86
C5 LVZ B . -5.80 1.33 -9.97
O5 LVZ B . -4.27 1.55 -10.36
O5S LVZ B . -5.77 5.94 -11.43
C6 LVZ B . -6.57 2.33 -10.84
O6 LVZ B . -6.08 3.72 -10.61
O6S LVZ B . -6.84 4.29 -12.73
H1A LVZ B . -2.65 -0.67 -12.06
H2A LVZ B . -4.20 -1.09 -13.76
H2AA LVZ B . -5.40 -1.74 -12.66
H2B LVZ B . -5.10 0.00 -12.63
H1 LVZ B . -2.44 0.52 -10.32
H2 LVZ B . -2.90 1.20 -8.04
H3A LVZ B . -2.42 -2.91 -10.90
H3AA LVZ B . -3.85 -3.46 -11.74
H3B LVZ B . -2.49 -3.02 -12.69
H3 LVZ B . -5.43 -0.60 -7.90
H4 LVZ B . -5.75 2.42 -8.01
H5 LVZ B . -6.09 0.32 -10.25
H61 LVZ B . -6.58 2.05 -11.90
H62 LVZ B . -7.60 2.34 -10.50
HN9 LVZ B . -2.94 -1.58 -8.59
HO3 LVZ B . -5.63 0.76 -6.03
C1 IDS B . -7.99 1.82 -7.13
C2 IDS B . -9.39 1.25 -7.23
C3 IDS B . -10.18 1.31 -5.84
C4 IDS B . -9.43 0.47 -4.77
C5 IDS B . -7.88 0.47 -5.05
C6 IDS B . -6.95 0.32 -3.73
O2 IDS B . -10.15 2.13 -8.15
O3 IDS B . -11.47 0.73 -6.02
O4 IDS B . -9.87 0.92 -3.49
O5 IDS B . -7.43 1.70 -5.79
O6A IDS B . -7.27 -0.42 -2.75
O6B IDS B . -5.77 0.81 -3.80
S IDS B . -10.95 1.64 -9.42
O1S IDS B . -11.95 0.67 -9.03
O2S IDS B . -11.56 2.75 -10.05
O3S IDS B . -9.92 0.98 -10.23
H1 IDS B . -7.95 2.88 -7.41
H2 IDS B . -9.29 0.27 -7.69
H3 IDS B . -10.33 2.31 -5.41
H4 IDS B . -9.69 -0.58 -4.89
H5 IDS B . -7.59 -0.35 -5.70
HO3 IDS B . -12.11 1.03 -5.36
C1 SGN B . -11.19 0.52 -3.05
C2 SGN B . -11.86 1.54 -2.10
C3 SGN B . -11.29 1.62 -0.68
C4 SGN B . -11.00 0.22 -0.19
C5 SGN B . -10.43 -0.86 -1.14
C6 SGN B . -10.56 -2.32 -0.65
N2 SGN B . -12.00 2.83 -2.69
O3 SGN B . -12.29 2.22 0.17
O4 SGN B . -10.14 0.39 0.98
O5 SGN B . -11.13 -0.78 -2.43
O6 SGN B . -9.47 -3.01 -1.25
S1 SGN B . -13.49 3.08 -3.31
O1S SGN B . -13.43 4.44 -3.71
O2S SGN B . -13.57 2.17 -4.44
O3S SGN B . -14.46 2.80 -2.33
S2 SGN B . -9.70 -4.50 -1.57
O4S SGN B . -10.66 -4.65 -2.62
O5S SGN B . -10.23 -5.23 -0.43
O6S SGN B . -8.40 -5.01 -1.92
H1 SGN B . -11.79 0.34 -3.94
H2 SGN B . -12.87 1.12 -2.06
H3 SGN B . -10.37 2.22 -0.66
H4 SGN B . -11.98 -0.16 0.07
H5 SGN B . -9.39 -0.60 -1.32
H61 SGN B . -10.40 -2.37 0.42
H62 SGN B . -11.50 -2.77 -0.96
HN21 SGN B . -11.42 2.80 -3.52
HO3 SGN B . -11.92 2.50 1.02
HO4 SGN B . -10.47 1.08 1.55
#